data_6ROP
#
_entry.id   6ROP
#
_cell.length_a   147.440
_cell.length_b   354.110
_cell.length_c   218.580
_cell.angle_alpha   90.00
_cell.angle_beta   90.00
_cell.angle_gamma   90.00
#
_symmetry.space_group_name_H-M   'C 2 2 21'
#
loop_
_entity.id
_entity.type
_entity.pdbx_description
1 polymer 'Fatty acid synthase'
2 non-polymer 'OCTANOIC ACID (CAPRYLIC ACID)'
3 non-polymer 'OCTANOYL-COENZYME A'
#
_entity_poly.entity_id   1
_entity_poly.type   'polypeptide(L)'
_entity_poly.pdbx_seq_one_letter_code
;SEEVVIAGMSGKLPESENLQEFWANLIGGVDMVTDDDRRWKAGLYGLPKRSGKLKDLSKFDASFFGVHPKQAHTMDPQLR
LLLEVSYEAIVDGGINPASLRGTNTGVWVGVSGSEASEALSRDPETLLGYSMVGCQRAMMANRLSFFFDFKGPSIALDTA
CSSSLLALQNAYQAIRSGECPAALVGGINLLLKPNTSVQFMKLGMLSPDGTCRSFDDSGSGYCRSEAVVAVLLTKKSLAR
RVYATILNAGTNTDGSKEQGVTFPSGEVQEQLICSLYQPAGLAPESLEYIEAHGTGTKVGDPQELNGITRSLCAFRQAPL
LIGSTKSNMGHPEPASGLAALTKVLLSLEHGVWAPNLHFHNPNPEIPALLDGRLQVVDRPLPVRGGNVGINSFGFGGSNV
HVILQPNTRQAPAPTAHAALPHLLHASGRTLEAVQDLLEQGRQHSQDLAFVSMLNDIAATPTAAMPFRGYTVLGVEGRVQ
EVQQVSTNKRPLWFICSGMGTQWRGMGLSLMRLDSFRESILRSDEAVKPLGVKVSDLLLSTDERTFDDIVHAFVSLTAIQ
IALIDLLTSVGLKPDGIIGHSLGEVACGYADGCLSQREAVLAAYWRGQCIKDAHLPPGSMAAVGLSWEECKQRCPAGVVP
ACHNSEDTVTISGPQAAVNEFVEQLKQEGVFAKEVRTGGLAFHSYFMEGIAPTLLQALKKVIREPRPRSARWLSTSIPEA
QWQSSLARTSSAEYNVNNLVSPVLFQEALWHIPEHAVVLEIAPHALLQAVLKRGVKSSCTIIPLMKRDHKDNLEFFLTNL
GKVHLTGINVNPNALFPPVEFPAPRGTPLISPHIKWDHSQTWDVPVAEDFPN
;
_entity_poly.pdbx_strand_id   A,B,C,D
#
# COMPACT_ATOMS: atom_id res chain seq x y z
N SER A 1 -32.98 -14.23 -23.15
CA SER A 1 -33.48 -13.76 -24.48
C SER A 1 -32.81 -14.59 -25.57
N GLU A 2 -33.10 -15.89 -25.58
CA GLU A 2 -32.69 -16.88 -26.61
C GLU A 2 -33.50 -18.16 -26.38
N GLU A 3 -34.28 -18.59 -27.38
CA GLU A 3 -35.30 -19.65 -27.23
C GLU A 3 -34.62 -21.02 -27.27
N VAL A 4 -34.83 -21.87 -26.27
CA VAL A 4 -34.07 -23.14 -26.11
C VAL A 4 -35.05 -24.29 -26.37
N VAL A 5 -34.65 -25.24 -27.21
CA VAL A 5 -35.50 -26.41 -27.55
C VAL A 5 -34.75 -27.71 -27.28
N ILE A 6 -35.51 -28.78 -27.04
CA ILE A 6 -35.01 -30.18 -26.98
C ILE A 6 -35.10 -30.73 -28.39
N ALA A 7 -33.95 -30.97 -29.01
CA ALA A 7 -33.77 -31.23 -30.45
C ALA A 7 -33.73 -32.74 -30.73
N GLY A 8 -33.13 -33.49 -29.82
CA GLY A 8 -32.79 -34.89 -30.07
C GLY A 8 -32.57 -35.62 -28.77
N MET A 9 -32.93 -36.90 -28.75
CA MET A 9 -32.84 -37.74 -27.56
C MET A 9 -32.58 -39.17 -28.01
N SER A 10 -31.89 -39.93 -27.16
CA SER A 10 -31.68 -41.38 -27.28
C SER A 10 -31.47 -41.90 -25.88
N GLY A 11 -31.54 -43.20 -25.68
CA GLY A 11 -31.27 -43.80 -24.36
C GLY A 11 -31.26 -45.31 -24.41
N LYS A 12 -30.66 -45.91 -23.38
CA LYS A 12 -30.92 -47.31 -22.97
C LYS A 12 -31.47 -47.29 -21.54
N LEU A 13 -32.61 -47.94 -21.32
CA LEU A 13 -33.30 -48.02 -20.00
C LEU A 13 -33.63 -49.47 -19.72
N PRO A 14 -34.10 -49.83 -18.53
CA PRO A 14 -34.27 -51.24 -18.19
C PRO A 14 -35.14 -51.96 -19.22
N GLU A 15 -34.65 -53.12 -19.68
CA GLU A 15 -35.27 -54.00 -20.69
C GLU A 15 -35.55 -53.23 -22.00
N SER A 16 -34.81 -52.15 -22.26
CA SER A 16 -35.07 -51.24 -23.40
C SER A 16 -33.74 -50.81 -24.02
N GLU A 17 -33.33 -51.49 -25.09
CA GLU A 17 -32.05 -51.29 -25.83
C GLU A 17 -32.06 -49.91 -26.52
N ASN A 18 -33.23 -49.29 -26.69
CA ASN A 18 -33.39 -47.95 -27.30
C ASN A 18 -34.75 -47.36 -26.91
N LEU A 19 -35.10 -46.15 -27.37
CA LEU A 19 -36.33 -45.43 -26.94
C LEU A 19 -37.58 -46.02 -27.58
N GLN A 20 -37.49 -46.74 -28.70
CA GLN A 20 -38.69 -47.44 -29.23
C GLN A 20 -39.04 -48.60 -28.28
N GLU A 21 -38.07 -49.43 -27.89
CA GLU A 21 -38.34 -50.51 -26.92
C GLU A 21 -38.89 -49.90 -25.61
N PHE A 22 -38.30 -48.81 -25.10
CA PHE A 22 -38.75 -48.10 -23.88
C PHE A 22 -40.21 -47.66 -24.07
N TRP A 23 -40.55 -47.07 -25.21
CA TRP A 23 -41.93 -46.61 -25.48
C TRP A 23 -42.89 -47.81 -25.53
N ALA A 24 -42.45 -48.94 -26.07
CA ALA A 24 -43.28 -50.14 -26.21
C ALA A 24 -43.67 -50.65 -24.82
N ASN A 25 -42.69 -50.72 -23.91
CA ASN A 25 -42.86 -51.10 -22.47
C ASN A 25 -43.80 -50.10 -21.76
N LEU A 26 -43.70 -48.81 -22.07
CA LEU A 26 -44.48 -47.74 -21.38
C LEU A 26 -45.94 -47.86 -21.80
N ILE A 27 -46.23 -47.74 -23.10
CA ILE A 27 -47.65 -47.71 -23.56
C ILE A 27 -48.23 -49.12 -23.40
N GLY A 28 -47.41 -50.16 -23.50
CA GLY A 28 -47.78 -51.57 -23.22
C GLY A 28 -48.04 -51.89 -21.76
N GLY A 29 -47.65 -51.02 -20.82
CA GLY A 29 -47.73 -51.31 -19.37
C GLY A 29 -46.96 -52.56 -18.99
N VAL A 30 -45.77 -52.70 -19.51
CA VAL A 30 -44.80 -53.76 -19.17
C VAL A 30 -43.91 -53.21 -18.06
N ASP A 31 -43.88 -53.89 -16.91
CA ASP A 31 -42.92 -53.63 -15.80
C ASP A 31 -41.52 -53.96 -16.35
N MET A 32 -40.57 -53.01 -16.27
CA MET A 32 -39.20 -53.16 -16.82
C MET A 32 -38.22 -53.55 -15.69
N VAL A 33 -38.74 -53.61 -14.46
CA VAL A 33 -38.00 -54.13 -13.27
C VAL A 33 -38.05 -55.65 -13.37
N THR A 34 -36.95 -56.33 -13.03
CA THR A 34 -36.73 -57.79 -13.21
C THR A 34 -36.03 -58.34 -11.98
N ASP A 35 -35.90 -59.66 -11.84
CA ASP A 35 -35.33 -60.27 -10.63
C ASP A 35 -34.30 -61.34 -10.99
N ASP A 36 -33.81 -61.32 -12.22
CA ASP A 36 -32.75 -62.24 -12.67
C ASP A 36 -31.43 -61.83 -11.98
N ASP A 37 -30.35 -62.54 -12.31
CA ASP A 37 -29.05 -62.51 -11.58
C ASP A 37 -28.03 -61.70 -12.36
N ARG A 38 -28.46 -60.84 -13.27
CA ARG A 38 -27.56 -60.18 -14.25
C ARG A 38 -26.38 -59.50 -13.54
N ARG A 39 -26.65 -58.79 -12.45
CA ARG A 39 -25.61 -57.97 -11.79
C ARG A 39 -25.01 -58.73 -10.60
N TRP A 40 -25.84 -59.42 -9.84
CA TRP A 40 -25.39 -60.18 -8.65
C TRP A 40 -26.50 -61.13 -8.21
N LYS A 41 -26.17 -62.28 -7.60
CA LYS A 41 -27.16 -63.29 -7.14
C LYS A 41 -28.33 -62.57 -6.44
N ALA A 42 -29.58 -62.77 -6.84
CA ALA A 42 -30.73 -62.02 -6.28
C ALA A 42 -30.90 -62.42 -4.82
N GLY A 43 -31.12 -61.45 -3.94
CA GLY A 43 -31.29 -61.70 -2.50
C GLY A 43 -29.99 -61.57 -1.72
N LEU A 44 -28.85 -61.61 -2.40
CA LEU A 44 -27.51 -61.39 -1.79
C LEU A 44 -27.63 -60.31 -0.70
N TYR A 45 -27.12 -60.58 0.50
CA TYR A 45 -27.04 -59.62 1.63
C TYR A 45 -28.45 -59.19 2.07
N GLY A 46 -29.48 -59.94 1.66
CA GLY A 46 -30.88 -59.62 1.99
C GLY A 46 -31.43 -58.47 1.15
N LEU A 47 -30.79 -58.21 0.01
CA LEU A 47 -31.19 -57.10 -0.90
C LEU A 47 -32.48 -57.49 -1.61
N PRO A 48 -33.31 -56.52 -2.06
CA PRO A 48 -34.42 -56.82 -2.95
C PRO A 48 -33.87 -57.58 -4.18
N LYS A 49 -34.66 -58.53 -4.66
CA LYS A 49 -34.35 -59.36 -5.85
C LYS A 49 -34.55 -58.50 -7.09
N ARG A 50 -35.43 -57.50 -6.99
CA ARG A 50 -35.91 -56.65 -8.10
C ARG A 50 -35.10 -55.35 -8.20
N SER A 51 -34.76 -54.99 -9.43
CA SER A 51 -34.02 -53.77 -9.83
C SER A 51 -34.22 -53.62 -11.34
N GLY A 52 -34.21 -52.39 -11.87
CA GLY A 52 -34.29 -52.10 -13.31
C GLY A 52 -32.93 -52.22 -13.93
N LYS A 53 -32.73 -53.07 -14.95
CA LYS A 53 -31.36 -53.28 -15.51
C LYS A 53 -31.35 -53.20 -17.04
N LEU A 54 -30.19 -52.81 -17.58
CA LEU A 54 -29.96 -52.74 -19.05
C LEU A 54 -29.79 -54.17 -19.57
N LYS A 55 -30.35 -54.43 -20.75
CA LYS A 55 -30.19 -55.75 -21.41
C LYS A 55 -28.70 -56.10 -21.53
N ASP A 56 -27.82 -55.13 -21.76
CA ASP A 56 -26.39 -55.39 -22.08
C ASP A 56 -25.48 -54.20 -21.76
N LEU A 57 -24.30 -54.49 -21.21
CA LEU A 57 -23.24 -53.48 -20.93
C LEU A 57 -21.98 -53.76 -21.75
N SER A 58 -21.90 -54.89 -22.45
CA SER A 58 -20.66 -55.43 -23.06
C SER A 58 -20.36 -54.87 -24.47
N LYS A 59 -21.27 -54.11 -25.09
CA LYS A 59 -21.13 -53.69 -26.51
C LYS A 59 -20.74 -52.21 -26.61
N PHE A 60 -19.79 -51.91 -27.49
CA PHE A 60 -19.26 -50.54 -27.76
C PHE A 60 -18.48 -50.55 -29.08
N ASP A 61 -18.95 -49.80 -30.08
CA ASP A 61 -18.23 -49.66 -31.37
C ASP A 61 -16.92 -48.90 -31.12
N ALA A 62 -16.00 -49.50 -30.37
CA ALA A 62 -14.74 -48.91 -29.91
C ALA A 62 -14.09 -48.09 -31.02
N SER A 63 -14.03 -48.61 -32.22
CA SER A 63 -13.12 -48.03 -33.25
C SER A 63 -13.78 -46.82 -33.93
N PHE A 64 -15.12 -46.73 -33.97
CA PHE A 64 -15.80 -45.50 -34.44
C PHE A 64 -15.45 -44.33 -33.52
N PHE A 65 -15.24 -44.60 -32.22
CA PHE A 65 -15.10 -43.55 -31.15
C PHE A 65 -13.63 -43.30 -30.84
N GLY A 66 -12.74 -43.88 -31.64
CA GLY A 66 -11.29 -43.66 -31.53
C GLY A 66 -10.76 -44.21 -30.23
N VAL A 67 -11.32 -45.32 -29.77
CA VAL A 67 -10.91 -46.02 -28.52
C VAL A 67 -10.24 -47.33 -28.89
N HIS A 68 -8.97 -47.48 -28.51
CA HIS A 68 -8.16 -48.69 -28.77
C HIS A 68 -8.63 -49.74 -27.78
N PRO A 69 -8.52 -51.05 -28.13
CA PRO A 69 -9.18 -52.10 -27.36
C PRO A 69 -8.71 -52.22 -25.91
N LYS A 70 -7.41 -52.10 -25.64
CA LYS A 70 -6.90 -52.12 -24.24
C LYS A 70 -7.69 -51.05 -23.45
N GLN A 71 -7.93 -49.86 -24.05
CA GLN A 71 -8.61 -48.73 -23.36
C GLN A 71 -10.11 -49.02 -23.18
N ALA A 72 -10.77 -49.61 -24.19
CA ALA A 72 -12.21 -49.96 -24.15
C ALA A 72 -12.49 -50.97 -23.03
N HIS A 73 -11.59 -51.91 -22.74
CA HIS A 73 -11.84 -52.95 -21.70
C HIS A 73 -11.77 -52.31 -20.32
N THR A 74 -11.21 -51.10 -20.21
CA THR A 74 -10.94 -50.42 -18.92
C THR A 74 -11.61 -49.04 -18.92
N MET A 75 -12.71 -48.93 -19.67
CA MET A 75 -13.56 -47.72 -19.77
C MET A 75 -14.89 -48.08 -19.11
N ASP A 76 -15.33 -47.30 -18.12
CA ASP A 76 -16.67 -47.40 -17.48
C ASP A 76 -17.69 -47.70 -18.57
N PRO A 77 -18.45 -48.81 -18.49
CA PRO A 77 -19.56 -49.02 -19.41
C PRO A 77 -20.45 -47.77 -19.50
N GLN A 78 -20.64 -47.05 -18.40
CA GLN A 78 -21.40 -45.77 -18.42
C GLN A 78 -20.95 -44.94 -19.63
N LEU A 79 -19.65 -44.79 -19.81
CA LEU A 79 -19.09 -43.88 -20.85
C LEU A 79 -19.25 -44.54 -22.22
N ARG A 80 -18.75 -45.77 -22.39
CA ARG A 80 -18.96 -46.60 -23.61
C ARG A 80 -20.40 -46.44 -24.10
N LEU A 81 -21.39 -46.56 -23.21
CA LEU A 81 -22.82 -46.49 -23.61
C LEU A 81 -23.18 -45.04 -23.96
N LEU A 82 -22.67 -44.06 -23.20
CA LEU A 82 -23.03 -42.61 -23.33
C LEU A 82 -22.48 -42.03 -24.65
N LEU A 83 -21.33 -42.51 -25.12
CA LEU A 83 -20.76 -42.08 -26.41
C LEU A 83 -21.75 -42.46 -27.51
N GLU A 84 -22.16 -43.73 -27.54
CA GLU A 84 -23.15 -44.28 -28.52
C GLU A 84 -24.46 -43.50 -28.37
N VAL A 85 -24.96 -43.35 -27.16
CA VAL A 85 -26.28 -42.70 -26.90
C VAL A 85 -26.18 -41.23 -27.30
N SER A 86 -25.02 -40.60 -27.08
CA SER A 86 -24.81 -39.16 -27.41
C SER A 86 -24.83 -38.95 -28.92
N TYR A 87 -24.08 -39.77 -29.66
CA TYR A 87 -24.13 -39.76 -31.15
C TYR A 87 -25.61 -39.92 -31.55
N GLU A 88 -26.27 -40.93 -30.99
CA GLU A 88 -27.66 -41.29 -31.36
C GLU A 88 -28.52 -40.02 -31.24
N ALA A 89 -28.34 -39.27 -30.15
CA ALA A 89 -29.23 -38.16 -29.74
C ALA A 89 -29.08 -36.98 -30.70
N ILE A 90 -27.85 -36.69 -31.11
CA ILE A 90 -27.56 -35.59 -32.05
C ILE A 90 -28.24 -35.88 -33.40
N VAL A 91 -27.88 -36.98 -34.07
CA VAL A 91 -28.45 -37.33 -35.41
C VAL A 91 -29.96 -37.47 -35.26
N ASP A 92 -30.44 -37.84 -34.07
CA ASP A 92 -31.90 -38.01 -33.88
C ASP A 92 -32.56 -36.66 -34.16
N GLY A 93 -31.86 -35.57 -33.88
CA GLY A 93 -32.38 -34.21 -34.04
C GLY A 93 -32.36 -33.78 -35.49
N GLY A 94 -31.81 -34.63 -36.36
CA GLY A 94 -31.62 -34.35 -37.79
C GLY A 94 -30.48 -33.37 -37.96
N ILE A 95 -29.49 -33.51 -37.10
CA ILE A 95 -28.31 -32.60 -37.10
C ILE A 95 -27.06 -33.45 -37.36
N ASN A 96 -26.30 -33.06 -38.38
CA ASN A 96 -25.02 -33.72 -38.69
C ASN A 96 -24.03 -33.26 -37.64
N PRO A 97 -23.51 -34.17 -36.81
CA PRO A 97 -22.54 -33.79 -35.79
C PRO A 97 -21.44 -32.83 -36.32
N ALA A 98 -21.02 -33.00 -37.57
CA ALA A 98 -19.98 -32.16 -38.23
C ALA A 98 -20.32 -30.68 -38.02
N SER A 99 -21.60 -30.31 -38.12
CA SER A 99 -22.06 -28.90 -38.00
C SER A 99 -21.77 -28.32 -36.62
N LEU A 100 -21.55 -29.16 -35.59
CA LEU A 100 -21.32 -28.67 -34.21
C LEU A 100 -19.84 -28.76 -33.81
N ARG A 101 -18.97 -29.40 -34.59
CA ARG A 101 -17.52 -29.47 -34.27
C ARG A 101 -16.90 -28.06 -34.28
N GLY A 102 -16.05 -27.77 -33.30
CA GLY A 102 -15.35 -26.49 -33.16
C GLY A 102 -16.21 -25.39 -32.56
N THR A 103 -17.51 -25.60 -32.39
CA THR A 103 -18.44 -24.64 -31.75
C THR A 103 -18.27 -24.66 -30.23
N ASN A 104 -18.88 -23.68 -29.56
CA ASN A 104 -18.87 -23.54 -28.07
C ASN A 104 -20.05 -24.32 -27.47
N THR A 105 -20.37 -25.48 -28.07
CA THR A 105 -21.37 -26.45 -27.59
C THR A 105 -20.87 -27.02 -26.27
N GLY A 106 -21.74 -27.02 -25.26
CA GLY A 106 -21.41 -27.48 -23.89
C GLY A 106 -21.89 -28.89 -23.62
N VAL A 107 -21.25 -29.56 -22.67
CA VAL A 107 -21.65 -30.92 -22.22
C VAL A 107 -21.87 -30.82 -20.72
N TRP A 108 -23.01 -31.31 -20.24
CA TRP A 108 -23.32 -31.45 -18.80
C TRP A 108 -23.83 -32.87 -18.54
N VAL A 109 -23.21 -33.59 -17.62
CA VAL A 109 -23.57 -35.00 -17.34
C VAL A 109 -23.89 -35.15 -15.86
N GLY A 110 -25.11 -35.52 -15.53
CA GLY A 110 -25.48 -36.04 -14.19
C GLY A 110 -24.88 -37.42 -14.02
N VAL A 111 -24.03 -37.62 -13.02
CA VAL A 111 -23.45 -38.95 -12.72
C VAL A 111 -23.10 -38.94 -11.23
N SER A 112 -23.44 -40.01 -10.52
CA SER A 112 -23.29 -40.09 -9.03
C SER A 112 -22.38 -41.24 -8.63
N GLY A 113 -21.83 -42.00 -9.55
CA GLY A 113 -20.94 -43.11 -9.15
C GLY A 113 -20.16 -43.70 -10.31
N SER A 114 -18.91 -44.05 -10.06
CA SER A 114 -18.13 -44.95 -10.94
C SER A 114 -17.71 -46.14 -10.08
N GLU A 115 -18.68 -47.03 -9.87
CA GLU A 115 -18.42 -48.41 -9.43
C GLU A 115 -17.29 -48.99 -10.30
N ALA A 116 -17.30 -48.83 -11.62
CA ALA A 116 -16.26 -49.44 -12.49
C ALA A 116 -14.86 -49.01 -12.05
N SER A 117 -14.66 -47.74 -11.70
CA SER A 117 -13.32 -47.18 -11.36
C SER A 117 -12.76 -47.86 -10.10
N GLU A 118 -13.61 -48.32 -9.18
CA GLU A 118 -13.17 -49.06 -7.97
C GLU A 118 -12.69 -50.46 -8.40
N ALA A 119 -13.49 -51.12 -9.23
CA ALA A 119 -13.24 -52.46 -9.80
C ALA A 119 -11.86 -52.49 -10.45
N LEU A 120 -11.56 -51.50 -11.29
CA LEU A 120 -10.41 -51.54 -12.25
C LEU A 120 -9.15 -50.96 -11.60
N SER A 121 -9.26 -50.42 -10.38
CA SER A 121 -8.11 -49.90 -9.59
C SER A 121 -7.78 -50.82 -8.40
N ARG A 122 -8.39 -52.00 -8.27
CA ARG A 122 -8.21 -52.85 -7.04
C ARG A 122 -6.81 -53.49 -6.95
N ASP A 123 -6.16 -53.87 -8.06
CA ASP A 123 -4.84 -54.56 -8.02
C ASP A 123 -3.74 -53.65 -8.53
N PRO A 124 -2.94 -53.04 -7.64
CA PRO A 124 -1.84 -52.19 -8.07
C PRO A 124 -0.91 -52.81 -9.11
N GLU A 125 -0.58 -54.09 -8.98
CA GLU A 125 0.49 -54.71 -9.83
C GLU A 125 0.01 -54.80 -11.28
N THR A 126 -1.27 -55.05 -11.54
CA THR A 126 -1.78 -55.28 -12.92
C THR A 126 -2.79 -54.22 -13.37
N LEU A 127 -3.01 -53.13 -12.64
CA LEU A 127 -4.00 -52.13 -13.11
C LEU A 127 -3.37 -51.35 -14.27
N LEU A 128 -4.21 -50.64 -15.00
CA LEU A 128 -3.80 -49.82 -16.17
C LEU A 128 -4.07 -48.34 -15.88
N GLY A 129 -3.11 -47.47 -16.22
CA GLY A 129 -3.32 -46.02 -16.32
C GLY A 129 -4.58 -45.68 -17.09
N TYR A 130 -4.85 -46.35 -18.21
CA TYR A 130 -6.02 -46.04 -19.09
C TYR A 130 -7.30 -46.14 -18.24
N SER A 131 -7.26 -46.82 -17.10
CA SER A 131 -8.45 -46.99 -16.21
C SER A 131 -8.82 -45.65 -15.53
N MET A 132 -7.84 -44.83 -15.15
CA MET A 132 -8.04 -43.42 -14.73
C MET A 132 -8.72 -42.65 -15.87
N VAL A 133 -8.21 -42.80 -17.09
CA VAL A 133 -8.64 -42.05 -18.30
C VAL A 133 -10.06 -42.47 -18.70
N GLY A 134 -10.47 -43.68 -18.34
CA GLY A 134 -11.75 -44.26 -18.79
C GLY A 134 -12.81 -44.27 -17.70
N CYS A 135 -12.52 -43.84 -16.47
CA CYS A 135 -13.46 -43.96 -15.33
C CYS A 135 -13.56 -42.70 -14.47
N GLN A 136 -12.64 -41.75 -14.56
CA GLN A 136 -12.65 -40.54 -13.69
C GLN A 136 -13.89 -39.72 -14.10
N ARG A 137 -14.73 -39.28 -13.17
CA ARG A 137 -16.05 -38.71 -13.50
C ARG A 137 -15.94 -37.56 -14.52
N ALA A 138 -14.93 -36.69 -14.43
CA ALA A 138 -14.79 -35.56 -15.36
C ALA A 138 -14.88 -36.10 -16.78
N MET A 139 -14.37 -37.29 -17.01
CA MET A 139 -14.29 -37.87 -18.37
C MET A 139 -15.69 -38.23 -18.85
N MET A 140 -16.63 -38.61 -17.98
CA MET A 140 -18.02 -38.91 -18.41
C MET A 140 -18.54 -37.75 -19.27
N ALA A 141 -17.96 -36.54 -19.13
CA ALA A 141 -18.29 -35.39 -19.99
C ALA A 141 -17.10 -35.02 -20.87
N ASN A 142 -15.88 -35.03 -20.32
CA ASN A 142 -14.68 -34.58 -21.08
C ASN A 142 -14.48 -35.45 -22.34
N ARG A 143 -14.73 -36.75 -22.25
CA ARG A 143 -14.59 -37.66 -23.42
C ARG A 143 -15.59 -37.29 -24.50
N LEU A 144 -16.82 -36.94 -24.11
CA LEU A 144 -17.85 -36.49 -25.07
C LEU A 144 -17.28 -35.28 -25.79
N SER A 145 -16.83 -34.28 -25.03
CA SER A 145 -16.30 -33.00 -25.58
C SER A 145 -15.18 -33.32 -26.57
N PHE A 146 -14.30 -34.27 -26.22
CA PHE A 146 -13.11 -34.66 -27.01
C PHE A 146 -13.53 -35.29 -28.33
N PHE A 147 -14.50 -36.20 -28.29
CA PHE A 147 -14.85 -36.98 -29.49
C PHE A 147 -15.58 -36.08 -30.50
N PHE A 148 -16.49 -35.23 -30.02
CA PHE A 148 -17.39 -34.41 -30.86
C PHE A 148 -16.77 -33.04 -31.16
N ASP A 149 -15.53 -32.79 -30.69
CA ASP A 149 -14.86 -31.46 -30.76
C ASP A 149 -15.79 -30.35 -30.28
N PHE A 150 -16.50 -30.55 -29.17
CA PHE A 150 -17.29 -29.51 -28.48
C PHE A 150 -16.38 -28.73 -27.52
N LYS A 151 -16.41 -27.40 -27.58
CA LYS A 151 -15.39 -26.57 -26.90
C LYS A 151 -16.01 -25.67 -25.83
N GLY A 152 -17.34 -25.69 -25.69
CA GLY A 152 -18.01 -25.06 -24.54
C GLY A 152 -17.68 -25.77 -23.23
N PRO A 153 -18.40 -25.44 -22.15
CA PRO A 153 -18.19 -26.07 -20.85
C PRO A 153 -18.40 -27.58 -20.94
N SER A 154 -17.61 -28.36 -20.20
CA SER A 154 -17.69 -29.85 -20.15
C SER A 154 -17.56 -30.29 -18.70
N ILE A 155 -18.71 -30.54 -18.05
CA ILE A 155 -18.89 -30.61 -16.57
C ILE A 155 -19.67 -31.88 -16.21
N ALA A 156 -19.15 -32.63 -15.25
CA ALA A 156 -19.83 -33.78 -14.64
C ALA A 156 -20.38 -33.31 -13.31
N LEU A 157 -21.68 -33.41 -13.06
CA LEU A 157 -22.17 -32.88 -11.77
C LEU A 157 -22.96 -33.94 -10.99
N ASP A 158 -22.78 -33.89 -9.67
CA ASP A 158 -23.49 -34.75 -8.69
C ASP A 158 -24.29 -33.84 -7.76
N THR A 159 -25.61 -34.00 -7.82
CA THR A 159 -26.58 -33.53 -6.82
C THR A 159 -27.46 -34.75 -6.50
N ALA A 160 -26.87 -35.93 -6.53
CA ALA A 160 -27.57 -37.22 -6.37
C ALA A 160 -28.69 -37.30 -7.41
N CYS A 161 -29.93 -37.56 -7.02
CA CYS A 161 -31.04 -37.98 -7.92
C CYS A 161 -31.45 -36.87 -8.90
N SER A 162 -31.24 -35.60 -8.53
CA SER A 162 -31.58 -34.40 -9.33
C SER A 162 -30.47 -34.08 -10.35
N SER A 163 -29.37 -34.85 -10.38
CA SER A 163 -28.15 -34.50 -11.13
C SER A 163 -28.48 -34.28 -12.63
N SER A 164 -29.20 -35.21 -13.29
CA SER A 164 -29.36 -35.16 -14.77
C SER A 164 -30.32 -34.02 -15.13
N LEU A 165 -31.39 -33.78 -14.35
CA LEU A 165 -32.30 -32.63 -14.63
C LEU A 165 -31.57 -31.33 -14.34
N LEU A 166 -30.65 -31.31 -13.39
CA LEU A 166 -29.83 -30.11 -13.14
C LEU A 166 -28.93 -29.85 -14.35
N ALA A 167 -28.31 -30.91 -14.88
CA ALA A 167 -27.54 -30.85 -16.14
C ALA A 167 -28.43 -30.19 -17.20
N LEU A 168 -29.68 -30.61 -17.34
CA LEU A 168 -30.64 -29.94 -18.27
C LEU A 168 -30.73 -28.43 -17.95
N GLN A 169 -30.95 -28.09 -16.68
CA GLN A 169 -31.21 -26.70 -16.22
C GLN A 169 -29.97 -25.84 -16.49
N ASN A 170 -28.77 -26.40 -16.35
CA ASN A 170 -27.50 -25.69 -16.64
C ASN A 170 -27.35 -25.50 -18.16
N ALA A 171 -27.49 -26.56 -18.96
CA ALA A 171 -27.37 -26.45 -20.44
C ALA A 171 -28.36 -25.40 -20.92
N TYR A 172 -29.60 -25.47 -20.42
CA TYR A 172 -30.66 -24.47 -20.69
C TYR A 172 -30.14 -23.05 -20.41
N GLN A 173 -29.71 -22.76 -19.17
CA GLN A 173 -29.17 -21.42 -18.77
C GLN A 173 -28.08 -20.96 -19.75
N ALA A 174 -27.11 -21.83 -20.05
CA ALA A 174 -25.95 -21.54 -20.93
C ALA A 174 -26.42 -21.17 -22.35
N ILE A 175 -27.54 -21.74 -22.79
CA ILE A 175 -28.05 -21.44 -24.16
C ILE A 175 -28.93 -20.19 -24.10
N ARG A 176 -29.72 -20.01 -23.03
CA ARG A 176 -30.69 -18.88 -22.93
C ARG A 176 -29.87 -17.59 -23.01
N SER A 177 -28.64 -17.66 -22.47
CA SER A 177 -27.73 -16.52 -22.22
C SER A 177 -26.89 -16.21 -23.45
N GLY A 178 -26.75 -17.17 -24.37
CA GLY A 178 -25.88 -17.04 -25.55
C GLY A 178 -24.51 -17.64 -25.31
N GLU A 179 -24.18 -18.12 -24.11
CA GLU A 179 -22.84 -18.71 -23.90
C GLU A 179 -22.63 -19.85 -24.90
N CYS A 180 -23.67 -20.65 -25.14
CA CYS A 180 -23.59 -21.87 -25.97
C CYS A 180 -24.67 -21.86 -27.04
N PRO A 181 -24.32 -22.25 -28.29
CA PRO A 181 -25.30 -22.44 -29.37
C PRO A 181 -26.13 -23.69 -29.15
N ALA A 182 -25.58 -24.67 -28.42
CA ALA A 182 -26.14 -26.04 -28.29
C ALA A 182 -25.50 -26.71 -27.08
N ALA A 183 -26.01 -27.87 -26.69
CA ALA A 183 -25.57 -28.56 -25.46
C ALA A 183 -26.04 -30.00 -25.51
N LEU A 184 -25.13 -30.93 -25.26
CA LEU A 184 -25.41 -32.36 -25.03
C LEU A 184 -25.53 -32.59 -23.51
N VAL A 185 -26.66 -33.14 -23.05
CA VAL A 185 -26.97 -33.31 -21.61
C VAL A 185 -27.18 -34.80 -21.34
N GLY A 186 -26.39 -35.41 -20.45
CA GLY A 186 -26.43 -36.86 -20.19
C GLY A 186 -26.84 -37.19 -18.76
N GLY A 187 -27.45 -38.36 -18.55
CA GLY A 187 -27.68 -39.00 -17.24
C GLY A 187 -27.22 -40.45 -17.28
N ILE A 188 -26.38 -40.88 -16.35
CA ILE A 188 -25.89 -42.29 -16.32
C ILE A 188 -26.00 -42.86 -14.91
N ASN A 189 -26.37 -44.13 -14.84
CA ASN A 189 -26.45 -44.89 -13.58
C ASN A 189 -26.37 -46.38 -13.88
N LEU A 190 -25.49 -47.09 -13.18
CA LEU A 190 -25.38 -48.57 -13.24
C LEU A 190 -25.37 -49.16 -11.82
N LEU A 191 -25.70 -50.43 -11.75
CA LEU A 191 -25.79 -51.25 -10.52
C LEU A 191 -24.77 -52.38 -10.63
N LEU A 192 -23.48 -52.09 -10.59
CA LEU A 192 -22.42 -53.13 -10.66
C LEU A 192 -22.07 -53.62 -9.25
N LYS A 193 -22.11 -52.74 -8.24
CA LYS A 193 -21.58 -52.99 -6.87
C LYS A 193 -22.72 -53.22 -5.88
N PRO A 194 -22.91 -54.44 -5.34
CA PRO A 194 -24.02 -54.71 -4.44
C PRO A 194 -23.94 -53.94 -3.12
N ASN A 195 -22.73 -53.61 -2.66
CA ASN A 195 -22.51 -52.98 -1.32
C ASN A 195 -23.26 -51.63 -1.32
N THR A 196 -23.38 -51.01 -2.49
CA THR A 196 -24.09 -49.73 -2.67
C THR A 196 -25.58 -49.90 -2.37
N SER A 197 -26.18 -51.01 -2.79
CA SER A 197 -27.62 -51.29 -2.51
C SER A 197 -27.78 -51.50 -1.00
N VAL A 198 -26.80 -52.14 -0.36
CA VAL A 198 -26.89 -52.51 1.08
C VAL A 198 -26.97 -51.21 1.88
N GLN A 199 -26.05 -50.28 1.60
CA GLN A 199 -26.10 -48.88 2.12
C GLN A 199 -27.54 -48.37 2.02
N PHE A 200 -28.12 -48.30 0.81
CA PHE A 200 -29.45 -47.67 0.64
C PHE A 200 -30.52 -48.44 1.41
N MET A 201 -30.42 -49.77 1.42
CA MET A 201 -31.37 -50.62 2.17
C MET A 201 -31.36 -50.23 3.65
N LYS A 202 -30.17 -50.18 4.25
CA LYS A 202 -29.96 -49.85 5.69
C LYS A 202 -30.40 -48.42 5.98
N LEU A 203 -30.25 -47.47 5.06
CA LEU A 203 -30.86 -46.12 5.23
C LEU A 203 -32.39 -46.21 5.17
N GLY A 204 -32.95 -47.34 4.80
CA GLY A 204 -34.41 -47.51 4.74
C GLY A 204 -35.02 -46.92 3.48
N MET A 205 -34.23 -46.77 2.40
CA MET A 205 -34.65 -46.02 1.18
C MET A 205 -35.22 -46.94 0.10
N LEU A 206 -35.05 -48.27 0.23
CA LEU A 206 -35.38 -49.30 -0.79
C LEU A 206 -36.60 -50.07 -0.34
N SER A 207 -37.66 -50.09 -1.16
CA SER A 207 -38.80 -51.01 -0.98
C SER A 207 -38.30 -52.45 -1.07
N PRO A 208 -38.68 -53.31 -0.10
CA PRO A 208 -38.26 -54.71 -0.12
C PRO A 208 -38.69 -55.42 -1.42
N ASP A 209 -39.81 -55.01 -1.99
CA ASP A 209 -40.43 -55.62 -3.20
C ASP A 209 -39.89 -55.01 -4.50
N GLY A 210 -38.89 -54.14 -4.43
CA GLY A 210 -38.28 -53.51 -5.62
C GLY A 210 -39.31 -52.81 -6.50
N THR A 211 -40.20 -52.01 -5.93
CA THR A 211 -41.24 -51.30 -6.73
C THR A 211 -41.38 -49.86 -6.23
N CYS A 212 -41.21 -48.89 -7.11
CA CYS A 212 -41.65 -47.49 -6.85
C CYS A 212 -43.17 -47.46 -7.06
N ARG A 213 -43.92 -47.64 -5.98
CA ARG A 213 -45.40 -47.60 -6.02
C ARG A 213 -45.85 -46.14 -5.97
N SER A 214 -45.54 -45.38 -7.00
CA SER A 214 -45.74 -43.91 -7.01
C SER A 214 -47.18 -43.56 -6.63
N PHE A 215 -47.34 -42.71 -5.61
CA PHE A 215 -48.60 -42.02 -5.21
C PHE A 215 -49.49 -42.94 -4.38
N ASP A 216 -49.07 -44.18 -4.14
CA ASP A 216 -49.91 -45.24 -3.51
C ASP A 216 -49.63 -45.30 -2.00
N ASP A 217 -50.68 -45.41 -1.21
CA ASP A 217 -50.67 -45.82 0.22
C ASP A 217 -49.46 -46.70 0.58
N SER A 218 -49.16 -47.76 -0.18
CA SER A 218 -48.19 -48.81 0.25
C SER A 218 -46.75 -48.41 -0.11
N GLY A 219 -46.55 -47.25 -0.72
CA GLY A 219 -45.20 -46.74 -1.02
C GLY A 219 -44.31 -46.80 0.20
N SER A 220 -43.26 -47.62 0.15
CA SER A 220 -42.34 -47.92 1.26
C SER A 220 -40.87 -47.87 0.83
N GLY A 221 -40.54 -47.09 -0.20
CA GLY A 221 -39.18 -47.04 -0.74
C GLY A 221 -39.15 -47.18 -2.25
N TYR A 222 -37.96 -47.14 -2.84
CA TYR A 222 -37.78 -47.13 -4.32
C TYR A 222 -37.10 -48.44 -4.79
N CYS A 223 -37.24 -48.66 -6.09
CA CYS A 223 -36.53 -49.69 -6.88
C CYS A 223 -35.31 -49.05 -7.54
N ARG A 224 -34.09 -49.49 -7.20
CA ARG A 224 -32.88 -48.98 -7.90
C ARG A 224 -32.88 -49.48 -9.35
N SER A 225 -32.44 -48.65 -10.28
CA SER A 225 -32.45 -48.93 -11.73
C SER A 225 -31.24 -48.31 -12.40
N GLU A 226 -30.94 -48.84 -13.57
CA GLU A 226 -29.92 -48.31 -14.50
C GLU A 226 -30.58 -47.42 -15.58
N ALA A 227 -29.79 -46.51 -16.13
CA ALA A 227 -30.20 -45.68 -17.28
C ALA A 227 -28.97 -45.09 -17.93
N VAL A 228 -28.98 -44.99 -19.25
CA VAL A 228 -28.06 -44.12 -20.02
C VAL A 228 -28.93 -43.27 -20.92
N VAL A 229 -28.95 -41.96 -20.73
CA VAL A 229 -29.83 -41.05 -21.52
C VAL A 229 -29.05 -39.81 -21.93
N ALA A 230 -29.17 -39.44 -23.20
CA ALA A 230 -28.55 -38.26 -23.80
C ALA A 230 -29.65 -37.45 -24.45
N VAL A 231 -29.51 -36.13 -24.37
CA VAL A 231 -30.47 -35.16 -24.94
C VAL A 231 -29.66 -34.02 -25.58
N LEU A 232 -29.91 -33.71 -26.85
CA LEU A 232 -29.35 -32.51 -27.50
C LEU A 232 -30.35 -31.36 -27.32
N LEU A 233 -29.89 -30.24 -26.78
CA LEU A 233 -30.58 -28.92 -26.81
C LEU A 233 -29.87 -28.04 -27.83
N THR A 234 -30.63 -27.19 -28.52
CA THR A 234 -30.07 -26.12 -29.37
C THR A 234 -30.93 -24.87 -29.19
N LYS A 235 -30.40 -23.73 -29.64
CA LYS A 235 -31.19 -22.49 -29.83
C LYS A 235 -32.13 -22.79 -30.99
N LYS A 236 -33.36 -22.24 -31.01
CA LYS A 236 -34.39 -22.64 -32.01
C LYS A 236 -33.82 -22.51 -33.43
N SER A 237 -33.10 -21.43 -33.71
CA SER A 237 -32.54 -21.12 -35.05
C SER A 237 -31.80 -22.33 -35.65
N LEU A 238 -31.17 -23.20 -34.84
CA LEU A 238 -30.35 -24.33 -35.35
C LEU A 238 -31.16 -25.62 -35.42
N ALA A 239 -32.33 -25.66 -34.79
CA ALA A 239 -33.14 -26.89 -34.65
C ALA A 239 -33.74 -27.27 -36.01
N ARG A 240 -33.88 -28.57 -36.24
CA ARG A 240 -34.75 -29.14 -37.30
C ARG A 240 -35.88 -29.85 -36.57
N ARG A 241 -35.60 -30.96 -35.89
CA ARG A 241 -36.59 -31.60 -34.99
C ARG A 241 -36.67 -30.78 -33.70
N VAL A 242 -37.88 -30.60 -33.19
CA VAL A 242 -38.18 -29.94 -31.89
C VAL A 242 -39.27 -30.72 -31.14
N TYR A 243 -38.86 -31.54 -30.18
CA TYR A 243 -39.74 -32.28 -29.24
C TYR A 243 -40.54 -31.26 -28.42
N ALA A 244 -39.85 -30.33 -27.79
CA ALA A 244 -40.47 -29.27 -26.97
C ALA A 244 -39.52 -28.08 -26.85
N THR A 245 -40.07 -26.96 -26.41
CA THR A 245 -39.33 -25.75 -26.02
C THR A 245 -39.31 -25.71 -24.50
N ILE A 246 -38.20 -25.26 -23.92
CA ILE A 246 -38.07 -25.11 -22.44
C ILE A 246 -38.57 -23.70 -22.12
N LEU A 247 -39.81 -23.56 -21.66
CA LEU A 247 -40.34 -22.25 -21.24
C LEU A 247 -39.52 -21.73 -20.07
N ASN A 248 -39.06 -22.58 -19.17
CA ASN A 248 -38.38 -22.15 -17.93
C ASN A 248 -37.90 -23.35 -17.13
N ALA A 249 -36.78 -23.22 -16.43
CA ALA A 249 -36.19 -24.26 -15.55
C ALA A 249 -35.51 -23.57 -14.37
N GLY A 250 -35.32 -24.25 -13.25
CA GLY A 250 -34.55 -23.69 -12.12
C GLY A 250 -34.25 -24.71 -11.05
N THR A 251 -33.39 -24.35 -10.11
CA THR A 251 -33.03 -25.21 -8.95
C THR A 251 -32.91 -24.33 -7.70
N ASN A 252 -33.35 -24.87 -6.58
CA ASN A 252 -33.04 -24.35 -5.22
C ASN A 252 -32.54 -25.54 -4.39
N THR A 253 -32.28 -25.30 -3.10
CA THR A 253 -31.86 -26.35 -2.13
C THR A 253 -32.69 -26.18 -0.84
N ASP A 254 -33.09 -27.27 -0.18
CA ASP A 254 -34.00 -27.23 1.00
C ASP A 254 -33.35 -26.40 2.11
N GLY A 255 -32.04 -26.50 2.25
CA GLY A 255 -31.32 -25.82 3.33
C GLY A 255 -31.49 -26.57 4.64
N SER A 256 -31.71 -25.85 5.74
CA SER A 256 -31.85 -26.40 7.12
C SER A 256 -33.24 -27.00 7.31
N LYS A 257 -33.28 -28.21 7.87
CA LYS A 257 -34.52 -28.99 8.15
C LYS A 257 -34.39 -29.71 9.51
N GLU A 258 -35.32 -29.48 10.43
CA GLU A 258 -35.33 -30.17 11.76
C GLU A 258 -35.20 -31.67 11.50
N GLN A 259 -35.97 -32.20 10.55
CA GLN A 259 -36.20 -33.66 10.42
C GLN A 259 -34.90 -34.35 10.00
N GLY A 260 -33.93 -33.66 9.40
CA GLY A 260 -32.67 -34.27 8.94
C GLY A 260 -32.36 -33.99 7.49
N VAL A 261 -31.13 -34.25 7.04
CA VAL A 261 -30.65 -33.71 5.73
C VAL A 261 -31.43 -34.37 4.57
N THR A 262 -31.82 -35.65 4.73
CA THR A 262 -32.48 -36.48 3.69
C THR A 262 -34.01 -36.48 3.83
N PHE A 263 -34.61 -35.65 4.69
CA PHE A 263 -36.09 -35.48 4.71
C PHE A 263 -36.41 -34.48 3.61
N PRO A 264 -37.21 -34.85 2.58
CA PRO A 264 -37.55 -33.92 1.50
C PRO A 264 -38.50 -32.78 1.92
N SER A 265 -38.04 -31.52 1.87
CA SER A 265 -38.90 -30.36 2.23
C SER A 265 -39.83 -30.02 1.08
N GLY A 266 -41.11 -30.38 1.18
CA GLY A 266 -42.16 -29.97 0.23
C GLY A 266 -42.35 -28.46 0.20
N GLU A 267 -42.17 -27.77 1.34
CA GLU A 267 -42.29 -26.30 1.43
C GLU A 267 -41.28 -25.68 0.45
N VAL A 268 -40.05 -26.15 0.47
CA VAL A 268 -38.99 -25.58 -0.40
C VAL A 268 -39.22 -26.02 -1.85
N GLN A 269 -39.65 -27.26 -2.08
CA GLN A 269 -40.03 -27.74 -3.43
C GLN A 269 -41.10 -26.78 -3.99
N GLU A 270 -42.10 -26.46 -3.17
CA GLU A 270 -43.20 -25.52 -3.52
C GLU A 270 -42.60 -24.16 -3.86
N GLN A 271 -41.70 -23.63 -3.03
CA GLN A 271 -41.02 -22.32 -3.27
C GLN A 271 -40.45 -22.33 -4.69
N LEU A 272 -39.71 -23.38 -5.07
CA LEU A 272 -39.07 -23.53 -6.42
C LEU A 272 -40.12 -23.41 -7.53
N ILE A 273 -41.23 -24.13 -7.41
CA ILE A 273 -42.24 -24.16 -8.51
C ILE A 273 -42.85 -22.76 -8.60
N CYS A 274 -43.20 -22.16 -7.45
CA CYS A 274 -43.83 -20.82 -7.38
C CYS A 274 -42.96 -19.79 -8.09
N SER A 275 -41.63 -19.96 -8.00
CA SER A 275 -40.62 -19.00 -8.51
C SER A 275 -40.58 -19.01 -10.04
N LEU A 276 -41.06 -20.08 -10.70
CA LEU A 276 -40.84 -20.35 -12.15
C LEU A 276 -42.12 -20.09 -12.97
N TYR A 277 -43.30 -20.04 -12.37
CA TYR A 277 -44.62 -19.98 -13.08
C TYR A 277 -45.10 -18.52 -13.15
N GLN A 278 -45.87 -18.04 -12.17
CA GLN A 278 -46.47 -16.69 -12.24
C GLN A 278 -45.34 -15.66 -12.44
N PRO A 279 -44.27 -15.65 -11.63
CA PRO A 279 -43.21 -14.65 -11.76
C PRO A 279 -42.58 -14.53 -13.16
N ALA A 280 -42.67 -15.56 -14.00
CA ALA A 280 -42.07 -15.59 -15.36
C ALA A 280 -43.17 -15.34 -16.40
N GLY A 281 -44.43 -15.31 -15.97
CA GLY A 281 -45.58 -15.02 -16.84
C GLY A 281 -46.22 -16.27 -17.39
N LEU A 282 -46.14 -17.39 -16.65
CA LEU A 282 -46.63 -18.72 -17.07
C LEU A 282 -47.65 -19.20 -16.04
N ALA A 283 -48.87 -19.45 -16.46
CA ALA A 283 -49.96 -19.81 -15.55
C ALA A 283 -49.91 -21.30 -15.25
N PRO A 284 -50.01 -21.72 -13.98
CA PRO A 284 -50.33 -23.12 -13.67
C PRO A 284 -51.50 -23.67 -14.52
N GLU A 285 -52.45 -22.82 -14.90
CA GLU A 285 -53.61 -23.21 -15.74
C GLU A 285 -53.11 -23.89 -17.03
N SER A 286 -51.94 -23.51 -17.57
CA SER A 286 -51.48 -23.95 -18.91
C SER A 286 -50.84 -25.33 -18.86
N LEU A 287 -50.63 -25.89 -17.65
CA LEU A 287 -50.13 -27.28 -17.48
C LEU A 287 -51.22 -28.28 -17.87
N GLU A 288 -50.93 -29.22 -18.76
CA GLU A 288 -51.76 -30.44 -18.92
C GLU A 288 -51.32 -31.50 -17.91
N TYR A 289 -50.02 -31.69 -17.77
CA TYR A 289 -49.43 -32.89 -17.10
C TYR A 289 -48.23 -32.43 -16.27
N ILE A 290 -48.06 -33.01 -15.08
CA ILE A 290 -46.79 -32.91 -14.32
C ILE A 290 -46.21 -34.31 -14.11
N GLU A 291 -44.96 -34.49 -14.54
CA GLU A 291 -44.11 -35.65 -14.17
C GLU A 291 -43.53 -35.37 -12.81
N ALA A 292 -44.14 -35.91 -11.76
CA ALA A 292 -43.62 -35.89 -10.37
C ALA A 292 -42.35 -36.75 -10.33
N HIS A 293 -41.48 -36.45 -9.36
CA HIS A 293 -40.31 -37.26 -8.95
C HIS A 293 -40.85 -38.65 -8.64
N GLY A 294 -41.88 -38.71 -7.80
CA GLY A 294 -42.74 -39.90 -7.58
C GLY A 294 -41.96 -41.18 -7.31
N THR A 295 -41.14 -41.23 -6.27
CA THR A 295 -40.32 -42.42 -5.90
C THR A 295 -41.14 -43.43 -5.10
N GLY A 296 -42.30 -43.03 -4.55
CA GLY A 296 -43.20 -43.92 -3.80
C GLY A 296 -42.72 -44.15 -2.38
N THR A 297 -42.52 -43.07 -1.61
CA THR A 297 -41.92 -43.08 -0.25
C THR A 297 -42.87 -42.44 0.77
N LYS A 298 -42.86 -42.94 2.02
CA LYS A 298 -43.78 -42.51 3.11
C LYS A 298 -43.83 -40.98 3.13
N VAL A 299 -42.66 -40.35 3.04
CA VAL A 299 -42.47 -38.89 3.24
C VAL A 299 -42.42 -38.21 1.88
N GLY A 300 -41.57 -38.69 0.97
CA GLY A 300 -41.31 -38.01 -0.31
C GLY A 300 -42.60 -37.65 -1.02
N ASP A 301 -43.43 -38.65 -1.27
CA ASP A 301 -44.63 -38.58 -2.15
C ASP A 301 -45.60 -37.52 -1.59
N PRO A 302 -45.99 -37.54 -0.29
CA PRO A 302 -46.88 -36.49 0.22
C PRO A 302 -46.25 -35.09 0.21
N GLN A 303 -45.00 -34.98 0.66
CA GLN A 303 -44.27 -33.68 0.63
C GLN A 303 -44.35 -33.12 -0.78
N GLU A 304 -44.08 -33.96 -1.78
CA GLU A 304 -44.00 -33.55 -3.22
C GLU A 304 -45.36 -33.10 -3.75
N LEU A 305 -46.38 -33.94 -3.62
CA LEU A 305 -47.70 -33.68 -4.25
C LEU A 305 -48.40 -32.58 -3.48
N ASN A 306 -48.22 -32.49 -2.16
CA ASN A 306 -48.85 -31.42 -1.37
C ASN A 306 -48.21 -30.09 -1.87
N GLY A 307 -46.91 -30.13 -2.13
CA GLY A 307 -46.18 -29.00 -2.77
C GLY A 307 -46.85 -28.62 -4.07
N ILE A 308 -47.05 -29.62 -4.95
CA ILE A 308 -47.67 -29.47 -6.30
C ILE A 308 -49.08 -28.90 -6.13
N THR A 309 -49.77 -29.31 -5.06
CA THR A 309 -51.15 -28.88 -4.73
C THR A 309 -51.12 -27.39 -4.39
N ARG A 310 -50.23 -26.96 -3.51
CA ARG A 310 -50.13 -25.56 -3.02
C ARG A 310 -49.58 -24.64 -4.11
N SER A 311 -48.62 -25.10 -4.92
CA SER A 311 -47.91 -24.28 -5.94
C SER A 311 -48.71 -24.15 -7.25
N LEU A 312 -49.53 -25.14 -7.63
CA LEU A 312 -50.14 -25.24 -9.01
C LEU A 312 -51.65 -25.50 -8.97
N CYS A 313 -52.12 -26.53 -8.26
CA CYS A 313 -53.55 -26.93 -8.25
C CYS A 313 -54.38 -25.76 -7.68
N ALA A 314 -53.88 -25.20 -6.59
CA ALA A 314 -54.36 -23.99 -5.89
C ALA A 314 -54.67 -22.83 -6.86
N PHE A 315 -54.03 -22.76 -8.03
CA PHE A 315 -54.26 -21.69 -9.04
C PHE A 315 -54.82 -22.29 -10.34
N ARG A 316 -55.62 -23.37 -10.26
CA ARG A 316 -56.21 -24.07 -11.42
C ARG A 316 -57.69 -24.40 -11.17
N GLN A 317 -58.48 -24.55 -12.24
CA GLN A 317 -59.87 -25.05 -12.19
C GLN A 317 -59.90 -26.55 -12.57
N ALA A 318 -59.31 -26.93 -13.70
CA ALA A 318 -59.27 -28.33 -14.21
C ALA A 318 -58.36 -29.18 -13.33
N PRO A 319 -58.58 -30.52 -13.26
CA PRO A 319 -57.63 -31.42 -12.61
C PRO A 319 -56.29 -31.42 -13.36
N LEU A 320 -55.20 -31.70 -12.64
CA LEU A 320 -53.82 -31.81 -13.17
C LEU A 320 -53.50 -33.30 -13.33
N LEU A 321 -53.28 -33.74 -14.57
CA LEU A 321 -52.78 -35.11 -14.82
C LEU A 321 -51.43 -35.24 -14.13
N ILE A 322 -51.19 -36.29 -13.37
CA ILE A 322 -49.85 -36.51 -12.77
C ILE A 322 -49.40 -37.93 -13.09
N GLY A 323 -48.09 -38.16 -13.10
CA GLY A 323 -47.51 -39.49 -13.33
C GLY A 323 -46.06 -39.50 -12.94
N SER A 324 -45.46 -40.69 -12.87
CA SER A 324 -44.02 -40.92 -12.62
C SER A 324 -43.55 -42.18 -13.36
N THR A 325 -42.62 -41.98 -14.30
CA THR A 325 -41.83 -43.04 -14.98
C THR A 325 -41.28 -44.05 -13.96
N LYS A 326 -41.03 -43.63 -12.72
CA LYS A 326 -40.38 -44.56 -11.77
C LYS A 326 -41.29 -45.78 -11.54
N SER A 327 -42.61 -45.60 -11.61
CA SER A 327 -43.58 -46.73 -11.50
C SER A 327 -43.25 -47.79 -12.56
N ASN A 328 -42.86 -47.35 -13.75
CA ASN A 328 -42.68 -48.24 -14.91
C ASN A 328 -41.32 -48.97 -14.86
N MET A 329 -40.23 -48.32 -14.46
CA MET A 329 -38.85 -48.84 -14.71
C MET A 329 -37.93 -48.66 -13.50
N GLY A 330 -38.44 -48.11 -12.40
CA GLY A 330 -37.64 -47.84 -11.21
C GLY A 330 -36.93 -46.49 -11.27
N HIS A 331 -36.18 -46.22 -10.21
CA HIS A 331 -35.50 -44.95 -9.95
C HIS A 331 -34.08 -45.20 -10.44
N PRO A 332 -33.64 -44.51 -11.52
CA PRO A 332 -32.26 -44.61 -11.97
C PRO A 332 -31.46 -43.42 -11.37
N GLU A 333 -31.86 -43.02 -10.17
CA GLU A 333 -31.06 -42.14 -9.29
C GLU A 333 -30.73 -40.88 -10.09
N PRO A 334 -29.47 -40.53 -10.39
CA PRO A 334 -29.16 -39.25 -11.02
C PRO A 334 -29.71 -39.11 -12.47
N ALA A 335 -29.82 -40.24 -13.16
CA ALA A 335 -30.42 -40.34 -14.50
C ALA A 335 -31.94 -40.17 -14.44
N SER A 336 -32.57 -40.13 -13.26
CA SER A 336 -34.06 -40.01 -13.11
C SER A 336 -34.64 -38.88 -13.97
N GLY A 337 -34.07 -37.69 -13.91
CA GLY A 337 -34.61 -36.52 -14.62
C GLY A 337 -34.74 -36.78 -16.11
N LEU A 338 -33.67 -37.29 -16.74
CA LEU A 338 -33.68 -37.47 -18.22
C LEU A 338 -34.49 -38.70 -18.63
N ALA A 339 -34.55 -39.76 -17.82
CA ALA A 339 -35.49 -40.90 -18.03
C ALA A 339 -36.93 -40.37 -18.05
N ALA A 340 -37.34 -39.67 -16.99
CA ALA A 340 -38.66 -39.03 -16.91
C ALA A 340 -38.91 -38.17 -18.15
N LEU A 341 -37.92 -37.36 -18.53
CA LEU A 341 -38.05 -36.50 -19.71
C LEU A 341 -38.44 -37.36 -20.93
N THR A 342 -37.70 -38.42 -21.27
CA THR A 342 -37.96 -39.23 -22.50
C THR A 342 -39.39 -39.80 -22.45
N LYS A 343 -39.86 -40.32 -21.31
CA LYS A 343 -41.28 -40.77 -21.15
C LYS A 343 -42.24 -39.63 -21.55
N VAL A 344 -41.99 -38.41 -21.08
CA VAL A 344 -42.83 -37.24 -21.41
C VAL A 344 -42.80 -36.93 -22.92
N LEU A 345 -41.64 -37.00 -23.57
CA LEU A 345 -41.54 -36.59 -25.01
C LEU A 345 -42.09 -37.72 -25.90
N LEU A 346 -41.83 -38.98 -25.57
CA LEU A 346 -42.39 -40.10 -26.36
C LEU A 346 -43.92 -40.04 -26.27
N SER A 347 -44.47 -39.79 -25.10
CA SER A 347 -45.92 -39.65 -24.92
C SER A 347 -46.45 -38.57 -25.88
N LEU A 348 -45.76 -37.42 -25.92
CA LEU A 348 -46.20 -36.25 -26.71
C LEU A 348 -46.10 -36.61 -28.20
N GLU A 349 -44.99 -37.20 -28.61
CA GLU A 349 -44.79 -37.60 -30.03
C GLU A 349 -45.84 -38.63 -30.45
N HIS A 350 -46.37 -39.45 -29.55
CA HIS A 350 -47.35 -40.49 -29.91
C HIS A 350 -48.78 -40.01 -29.64
N GLY A 351 -48.96 -38.81 -29.08
CA GLY A 351 -50.29 -38.26 -28.74
C GLY A 351 -51.00 -39.04 -27.65
N VAL A 352 -50.29 -39.78 -26.81
CA VAL A 352 -50.91 -40.50 -25.65
C VAL A 352 -49.93 -40.57 -24.47
N TRP A 353 -50.42 -40.29 -23.26
CA TRP A 353 -49.69 -40.41 -21.98
C TRP A 353 -49.57 -41.89 -21.65
N ALA A 354 -48.34 -42.42 -21.52
CA ALA A 354 -48.12 -43.76 -20.95
C ALA A 354 -48.53 -43.71 -19.49
N PRO A 355 -49.18 -44.76 -18.99
CA PRO A 355 -49.67 -44.79 -17.62
C PRO A 355 -48.65 -45.35 -16.62
N ASN A 356 -48.86 -44.99 -15.36
CA ASN A 356 -48.09 -45.50 -14.20
C ASN A 356 -48.46 -46.97 -14.04
N LEU A 357 -47.57 -47.74 -13.43
CA LEU A 357 -47.90 -49.06 -12.85
C LEU A 357 -48.06 -48.89 -11.36
N HIS A 358 -48.65 -49.87 -10.70
CA HIS A 358 -48.72 -50.04 -9.22
C HIS A 358 -49.59 -48.99 -8.49
N PHE A 359 -50.47 -48.27 -9.18
CA PHE A 359 -51.39 -47.29 -8.55
C PHE A 359 -52.73 -47.97 -8.25
N HIS A 360 -52.86 -48.49 -7.03
CA HIS A 360 -54.07 -49.20 -6.59
C HIS A 360 -54.86 -48.25 -5.68
N ASN A 361 -54.33 -47.95 -4.48
CA ASN A 361 -55.03 -47.17 -3.42
C ASN A 361 -54.31 -45.84 -3.21
N PRO A 362 -54.95 -44.68 -3.43
CA PRO A 362 -54.26 -43.40 -3.26
C PRO A 362 -53.77 -43.17 -1.82
N ASN A 363 -52.71 -42.37 -1.70
CA ASN A 363 -52.05 -42.09 -0.41
C ASN A 363 -52.92 -41.12 0.36
N PRO A 364 -53.54 -41.52 1.47
CA PRO A 364 -54.58 -40.69 2.10
C PRO A 364 -54.05 -39.37 2.69
N GLU A 365 -52.72 -39.21 2.82
CA GLU A 365 -52.04 -37.99 3.32
C GLU A 365 -51.97 -36.94 2.21
N ILE A 366 -52.63 -37.17 1.08
CA ILE A 366 -52.55 -36.31 -0.14
C ILE A 366 -53.98 -35.97 -0.56
N PRO A 367 -54.63 -34.98 0.08
CA PRO A 367 -56.00 -34.59 -0.25
C PRO A 367 -56.31 -34.59 -1.75
N ALA A 368 -55.45 -33.97 -2.56
CA ALA A 368 -55.75 -33.69 -4.00
C ALA A 368 -55.87 -34.97 -4.82
N LEU A 369 -55.40 -36.12 -4.31
CA LEU A 369 -55.63 -37.45 -4.95
C LEU A 369 -57.06 -37.89 -4.70
N LEU A 370 -57.57 -37.67 -3.49
CA LEU A 370 -58.92 -38.10 -3.06
C LEU A 370 -60.01 -37.18 -3.64
N ASP A 371 -59.75 -35.90 -3.85
CA ASP A 371 -60.78 -34.96 -4.38
C ASP A 371 -60.55 -34.70 -5.88
N GLY A 372 -59.61 -35.41 -6.52
CA GLY A 372 -59.44 -35.40 -7.99
C GLY A 372 -58.92 -34.08 -8.55
N ARG A 373 -58.21 -33.28 -7.76
CA ARG A 373 -57.48 -32.05 -8.22
C ARG A 373 -56.19 -32.48 -8.92
N LEU A 374 -55.55 -33.53 -8.38
CA LEU A 374 -54.48 -34.32 -9.03
C LEU A 374 -55.08 -35.64 -9.53
N GLN A 375 -54.94 -35.96 -10.81
CA GLN A 375 -55.53 -37.16 -11.45
C GLN A 375 -54.40 -38.01 -12.01
N VAL A 376 -54.08 -39.08 -11.30
CA VAL A 376 -52.99 -40.00 -11.69
C VAL A 376 -53.35 -40.61 -13.05
N VAL A 377 -52.41 -40.61 -13.99
CA VAL A 377 -52.59 -41.35 -15.28
C VAL A 377 -52.29 -42.83 -15.01
N ASP A 378 -53.32 -43.61 -14.72
CA ASP A 378 -53.21 -45.06 -14.41
C ASP A 378 -53.62 -45.88 -15.64
N ARG A 379 -54.08 -45.21 -16.71
CA ARG A 379 -54.60 -45.83 -17.95
C ARG A 379 -54.34 -44.88 -19.12
N PRO A 380 -53.86 -45.36 -20.29
CA PRO A 380 -53.49 -44.45 -21.38
C PRO A 380 -54.57 -43.40 -21.62
N LEU A 381 -54.24 -42.11 -21.60
CA LEU A 381 -55.17 -41.01 -21.97
C LEU A 381 -54.64 -40.30 -23.21
N PRO A 382 -55.51 -39.73 -24.06
CA PRO A 382 -55.07 -38.87 -25.14
C PRO A 382 -54.43 -37.62 -24.56
N VAL A 383 -53.43 -37.08 -25.25
CA VAL A 383 -52.82 -35.76 -25.00
C VAL A 383 -53.74 -34.68 -25.58
N ARG A 384 -54.31 -33.83 -24.71
CA ARG A 384 -55.35 -32.85 -25.08
C ARG A 384 -54.75 -31.46 -25.36
N GLY A 385 -53.51 -31.21 -24.94
CA GLY A 385 -52.82 -29.93 -25.22
C GLY A 385 -52.52 -29.21 -23.92
N GLY A 386 -51.41 -28.48 -23.86
CA GLY A 386 -50.96 -27.76 -22.66
C GLY A 386 -49.48 -27.95 -22.38
N ASN A 387 -48.93 -27.14 -21.47
CA ASN A 387 -47.51 -27.23 -21.04
C ASN A 387 -47.35 -28.45 -20.13
N VAL A 388 -46.10 -28.85 -19.91
CA VAL A 388 -45.72 -30.01 -19.08
C VAL A 388 -44.63 -29.57 -18.10
N GLY A 389 -44.77 -29.93 -16.82
CA GLY A 389 -43.76 -29.74 -15.77
C GLY A 389 -43.07 -31.05 -15.43
N ILE A 390 -41.83 -30.99 -14.96
CA ILE A 390 -41.04 -32.17 -14.50
C ILE A 390 -40.29 -31.76 -13.22
N ASN A 391 -40.42 -32.58 -12.17
CA ASN A 391 -39.70 -32.46 -10.88
C ASN A 391 -38.58 -33.50 -10.81
N SER A 392 -37.43 -33.13 -10.24
CA SER A 392 -36.35 -34.08 -9.86
C SER A 392 -35.68 -33.54 -8.58
N PHE A 393 -35.62 -34.37 -7.54
CA PHE A 393 -35.11 -34.05 -6.19
C PHE A 393 -34.01 -35.03 -5.81
N GLY A 394 -32.91 -34.52 -5.24
CA GLY A 394 -31.84 -35.31 -4.59
C GLY A 394 -32.03 -35.41 -3.06
N PHE A 395 -31.41 -36.42 -2.47
CA PHE A 395 -31.54 -36.73 -1.02
C PHE A 395 -30.79 -35.68 -0.21
N GLY A 396 -29.88 -34.90 -0.82
CA GLY A 396 -29.14 -33.82 -0.14
C GLY A 396 -29.91 -32.52 -0.09
N GLY A 397 -31.02 -32.43 -0.81
CA GLY A 397 -31.86 -31.22 -0.80
C GLY A 397 -31.95 -30.52 -2.14
N SER A 398 -31.17 -30.90 -3.16
CA SER A 398 -31.17 -30.19 -4.47
C SER A 398 -32.50 -30.47 -5.19
N ASN A 399 -33.20 -29.42 -5.57
CA ASN A 399 -34.46 -29.56 -6.34
C ASN A 399 -34.29 -28.89 -7.70
N VAL A 400 -34.91 -29.48 -8.70
CA VAL A 400 -34.93 -28.93 -10.08
C VAL A 400 -36.35 -29.11 -10.61
N HIS A 401 -36.77 -28.13 -11.40
CA HIS A 401 -38.08 -28.14 -12.08
C HIS A 401 -37.92 -27.45 -13.44
N VAL A 402 -38.59 -28.01 -14.44
CA VAL A 402 -38.45 -27.65 -15.87
C VAL A 402 -39.85 -27.56 -16.45
N ILE A 403 -40.20 -26.46 -17.13
CA ILE A 403 -41.48 -26.28 -17.83
C ILE A 403 -41.22 -26.48 -19.32
N LEU A 404 -42.05 -27.31 -19.97
CA LEU A 404 -41.96 -27.61 -21.42
C LEU A 404 -43.24 -27.15 -22.09
N GLN A 405 -43.06 -26.53 -23.25
CA GLN A 405 -44.10 -26.22 -24.25
C GLN A 405 -43.93 -27.23 -25.36
N PRO A 406 -44.79 -28.27 -25.44
CA PRO A 406 -44.70 -29.26 -26.50
C PRO A 406 -44.88 -28.65 -27.89
N ASN A 407 -44.17 -29.22 -28.87
CA ASN A 407 -44.26 -28.85 -30.30
C ASN A 407 -45.50 -29.49 -30.88
N THR A 408 -46.36 -28.72 -31.55
CA THR A 408 -47.68 -29.19 -32.05
C THR A 408 -47.86 -28.87 -33.54
N ARG A 409 -46.77 -28.63 -34.25
CA ARG A 409 -46.84 -28.34 -35.71
C ARG A 409 -47.33 -29.60 -36.42
N GLN A 410 -48.40 -29.47 -37.21
CA GLN A 410 -48.90 -30.49 -38.16
C GLN A 410 -48.09 -30.33 -39.45
N ALA A 411 -47.97 -31.36 -40.29
CA ALA A 411 -47.34 -31.27 -41.63
C ALA A 411 -48.32 -30.54 -42.55
N PRO A 412 -47.87 -29.96 -43.67
CA PRO A 412 -48.76 -29.20 -44.54
C PRO A 412 -49.53 -30.12 -45.50
N ALA A 413 -50.60 -29.60 -46.11
CA ALA A 413 -51.45 -30.32 -47.09
C ALA A 413 -50.55 -30.85 -48.21
N PRO A 414 -50.71 -32.14 -48.65
CA PRO A 414 -49.93 -32.64 -49.79
C PRO A 414 -50.15 -31.76 -51.05
N THR A 415 -49.11 -31.56 -51.87
CA THR A 415 -49.16 -30.80 -53.15
C THR A 415 -49.04 -31.78 -54.34
N ALA A 416 -49.30 -31.30 -55.55
CA ALA A 416 -49.17 -32.06 -56.81
C ALA A 416 -47.69 -32.16 -57.22
N HIS A 417 -46.87 -31.17 -56.83
CA HIS A 417 -45.43 -31.05 -57.20
C HIS A 417 -44.53 -31.93 -56.32
N ALA A 418 -45.03 -32.46 -55.19
CA ALA A 418 -44.28 -33.33 -54.24
C ALA A 418 -44.52 -34.81 -54.57
N ALA A 419 -45.56 -35.12 -55.37
CA ALA A 419 -45.85 -36.46 -55.94
C ALA A 419 -44.67 -36.91 -56.84
N LEU A 420 -43.71 -36.01 -57.06
CA LEU A 420 -42.33 -36.27 -57.57
C LEU A 420 -41.70 -37.40 -56.78
N PRO A 421 -40.82 -38.22 -57.39
CA PRO A 421 -39.97 -39.12 -56.62
C PRO A 421 -38.87 -38.33 -55.91
N HIS A 422 -38.54 -38.75 -54.68
CA HIS A 422 -37.45 -38.21 -53.81
C HIS A 422 -36.31 -39.23 -53.75
N LEU A 423 -35.13 -38.79 -53.34
CA LEU A 423 -33.91 -39.64 -53.19
C LEU A 423 -33.48 -39.59 -51.71
N LEU A 424 -33.17 -40.75 -51.13
CA LEU A 424 -32.76 -40.89 -49.71
C LEU A 424 -31.33 -41.45 -49.62
N HIS A 425 -30.40 -40.72 -49.00
CA HIS A 425 -29.03 -41.25 -48.74
C HIS A 425 -28.95 -41.76 -47.31
N ALA A 426 -27.97 -42.60 -47.05
CA ALA A 426 -27.68 -43.13 -45.72
C ALA A 426 -26.23 -43.60 -45.72
N SER A 427 -25.53 -43.36 -44.62
CA SER A 427 -24.23 -44.01 -44.33
C SER A 427 -24.38 -44.77 -43.02
N GLY A 428 -23.41 -45.64 -42.71
CA GLY A 428 -23.56 -46.65 -41.65
C GLY A 428 -22.26 -47.35 -41.33
N ARG A 429 -22.24 -48.02 -40.18
CA ARG A 429 -21.06 -48.78 -39.67
C ARG A 429 -21.07 -50.18 -40.26
N THR A 430 -22.24 -50.61 -40.74
CA THR A 430 -22.50 -51.98 -41.22
C THR A 430 -23.55 -51.97 -42.33
N LEU A 431 -23.63 -53.06 -43.07
CA LEU A 431 -24.65 -53.26 -44.12
C LEU A 431 -26.03 -52.98 -43.52
N GLU A 432 -26.33 -53.55 -42.34
CA GLU A 432 -27.65 -53.49 -41.65
C GLU A 432 -27.94 -52.05 -41.24
N ALA A 433 -26.89 -51.33 -40.81
CA ALA A 433 -26.95 -49.89 -40.47
C ALA A 433 -27.59 -49.10 -41.62
N VAL A 434 -27.15 -49.37 -42.86
CA VAL A 434 -27.63 -48.64 -44.06
C VAL A 434 -29.01 -49.18 -44.43
N GLN A 435 -29.19 -50.49 -44.51
CA GLN A 435 -30.46 -51.13 -44.95
C GLN A 435 -31.61 -50.63 -44.08
N ASP A 436 -31.37 -50.47 -42.78
CA ASP A 436 -32.42 -50.14 -41.78
C ASP A 436 -32.88 -48.70 -42.00
N LEU A 437 -31.93 -47.77 -42.19
CA LEU A 437 -32.25 -46.34 -42.42
C LEU A 437 -33.03 -46.18 -43.73
N LEU A 438 -32.64 -46.94 -44.76
CA LEU A 438 -33.28 -46.88 -46.10
C LEU A 438 -34.67 -47.51 -46.00
N GLU A 439 -34.82 -48.57 -45.18
CA GLU A 439 -36.13 -49.22 -44.93
C GLU A 439 -37.05 -48.22 -44.21
N GLN A 440 -36.53 -47.39 -43.30
CA GLN A 440 -37.31 -46.33 -42.59
C GLN A 440 -37.77 -45.28 -43.60
N GLY A 441 -36.93 -45.01 -44.61
CA GLY A 441 -37.28 -44.11 -45.72
C GLY A 441 -38.53 -44.60 -46.44
N ARG A 442 -38.44 -45.83 -46.97
CA ARG A 442 -39.54 -46.47 -47.73
C ARG A 442 -40.81 -46.37 -46.89
N GLN A 443 -40.74 -46.80 -45.64
CA GLN A 443 -41.91 -46.88 -44.73
C GLN A 443 -42.54 -45.49 -44.54
N HIS A 444 -41.77 -44.40 -44.59
CA HIS A 444 -42.20 -43.02 -44.24
C HIS A 444 -41.91 -42.04 -45.39
N SER A 445 -41.96 -42.53 -46.62
CA SER A 445 -41.56 -41.76 -47.84
C SER A 445 -42.34 -40.46 -47.98
N GLN A 446 -43.59 -40.43 -47.56
CA GLN A 446 -44.45 -39.22 -47.71
C GLN A 446 -44.00 -38.13 -46.71
N ASP A 447 -43.31 -38.50 -45.63
CA ASP A 447 -42.82 -37.55 -44.59
C ASP A 447 -41.62 -36.78 -45.13
N LEU A 448 -41.87 -35.53 -45.56
CA LEU A 448 -40.85 -34.70 -46.24
C LEU A 448 -39.74 -34.33 -45.25
N ALA A 449 -40.11 -33.93 -44.03
CA ALA A 449 -39.20 -33.60 -42.92
C ALA A 449 -38.28 -34.79 -42.56
N PHE A 450 -38.84 -35.97 -42.34
CA PHE A 450 -38.10 -37.21 -41.99
C PHE A 450 -36.98 -37.48 -43.01
N VAL A 451 -37.34 -37.55 -44.30
CA VAL A 451 -36.41 -37.81 -45.45
C VAL A 451 -35.35 -36.70 -45.49
N SER A 452 -35.78 -35.43 -45.47
CA SER A 452 -34.90 -34.23 -45.47
C SER A 452 -33.85 -34.44 -44.39
N MET A 453 -34.31 -34.78 -43.19
CA MET A 453 -33.47 -34.96 -41.98
C MET A 453 -32.54 -36.16 -42.14
N LEU A 454 -33.03 -37.29 -42.68
CA LEU A 454 -32.14 -38.47 -42.90
C LEU A 454 -31.06 -38.09 -43.89
N ASN A 455 -31.36 -37.20 -44.85
CA ASN A 455 -30.36 -36.82 -45.88
C ASN A 455 -29.25 -36.03 -45.20
N ASP A 456 -29.61 -35.15 -44.25
CA ASP A 456 -28.65 -34.25 -43.57
C ASP A 456 -27.62 -35.06 -42.80
N ILE A 457 -28.01 -36.21 -42.24
CA ILE A 457 -27.10 -36.99 -41.34
C ILE A 457 -26.26 -37.96 -42.16
N ALA A 458 -26.53 -38.12 -43.45
CA ALA A 458 -25.85 -39.10 -44.34
C ALA A 458 -24.46 -38.59 -44.75
N ALA A 459 -24.28 -37.29 -44.86
CA ALA A 459 -22.97 -36.69 -45.19
C ALA A 459 -21.95 -36.93 -44.05
N THR A 460 -21.08 -37.92 -44.15
CA THR A 460 -20.16 -38.30 -43.04
C THR A 460 -18.78 -38.68 -43.57
N PRO A 461 -17.67 -38.38 -42.84
CA PRO A 461 -16.36 -38.94 -43.16
C PRO A 461 -16.38 -40.47 -43.36
N THR A 462 -15.70 -40.97 -44.40
CA THR A 462 -15.86 -42.38 -44.88
C THR A 462 -15.03 -43.34 -44.03
N ALA A 463 -13.98 -42.88 -43.35
CA ALA A 463 -13.19 -43.74 -42.44
C ALA A 463 -14.07 -44.12 -41.25
N ALA A 464 -15.08 -43.31 -40.93
CA ALA A 464 -15.97 -43.50 -39.76
C ALA A 464 -17.21 -44.30 -40.16
N MET A 465 -17.82 -43.98 -41.31
CA MET A 465 -19.07 -44.62 -41.78
C MET A 465 -18.82 -45.33 -43.11
N PRO A 466 -18.17 -46.52 -43.10
CA PRO A 466 -17.61 -47.11 -44.31
C PRO A 466 -18.64 -47.79 -45.23
N PHE A 467 -19.92 -47.84 -44.86
CA PHE A 467 -21.02 -48.37 -45.71
C PHE A 467 -21.94 -47.21 -46.11
N ARG A 468 -22.26 -47.10 -47.40
CA ARG A 468 -23.23 -46.10 -47.90
C ARG A 468 -24.28 -46.83 -48.72
N GLY A 469 -25.45 -46.22 -48.82
CA GLY A 469 -26.58 -46.68 -49.64
C GLY A 469 -27.44 -45.51 -50.05
N TYR A 470 -28.23 -45.68 -51.10
CA TYR A 470 -29.33 -44.76 -51.45
C TYR A 470 -30.51 -45.66 -51.78
N THR A 471 -31.68 -45.03 -51.93
CA THR A 471 -32.91 -45.62 -52.51
C THR A 471 -33.71 -44.47 -53.12
N VAL A 472 -34.44 -44.72 -54.20
CA VAL A 472 -35.38 -43.71 -54.76
C VAL A 472 -36.78 -44.03 -54.24
N LEU A 473 -37.42 -43.03 -53.65
CA LEU A 473 -38.79 -43.14 -53.10
C LEU A 473 -39.75 -42.67 -54.19
N GLY A 474 -40.99 -43.13 -54.17
CA GLY A 474 -42.06 -42.59 -55.01
C GLY A 474 -42.01 -43.18 -56.41
N VAL A 475 -41.38 -44.36 -56.57
CA VAL A 475 -41.28 -45.03 -57.90
C VAL A 475 -41.59 -46.52 -57.75
N GLU A 476 -42.25 -47.07 -58.78
CA GLU A 476 -42.94 -48.40 -58.81
C GLU A 476 -42.00 -49.48 -58.28
N GLY A 477 -40.75 -49.55 -58.74
CA GLY A 477 -39.85 -50.66 -58.41
C GLY A 477 -39.25 -50.58 -57.01
N ARG A 478 -38.11 -51.25 -56.84
CA ARG A 478 -37.23 -51.21 -55.65
C ARG A 478 -35.85 -50.77 -56.12
N VAL A 479 -35.69 -49.46 -56.31
CA VAL A 479 -34.37 -48.82 -56.60
C VAL A 479 -33.62 -48.65 -55.28
N GLN A 480 -32.56 -49.44 -55.09
CA GLN A 480 -31.69 -49.39 -53.89
C GLN A 480 -30.35 -50.09 -54.19
N GLU A 481 -29.25 -49.45 -53.84
CA GLU A 481 -27.93 -50.10 -53.74
C GLU A 481 -27.34 -49.72 -52.38
N VAL A 482 -26.33 -50.48 -51.95
CA VAL A 482 -25.55 -50.29 -50.70
C VAL A 482 -24.17 -50.91 -50.92
N GLN A 483 -23.08 -50.30 -50.46
CA GLN A 483 -21.74 -50.93 -50.58
C GLN A 483 -20.69 -50.31 -49.63
N GLN A 484 -19.59 -51.04 -49.45
CA GLN A 484 -18.32 -50.56 -48.87
C GLN A 484 -17.95 -49.27 -49.60
N VAL A 485 -17.06 -48.46 -49.03
CA VAL A 485 -16.63 -47.16 -49.60
C VAL A 485 -15.13 -47.07 -49.39
N SER A 486 -14.50 -46.12 -50.10
CA SER A 486 -13.10 -46.15 -50.56
C SER A 486 -12.15 -45.85 -49.38
N THR A 487 -12.38 -44.73 -48.70
CA THR A 487 -11.45 -44.03 -47.77
C THR A 487 -10.71 -42.92 -48.54
N ASN A 488 -9.81 -43.26 -49.47
CA ASN A 488 -9.07 -42.24 -50.27
C ASN A 488 -10.09 -41.27 -50.85
N LYS A 489 -9.72 -39.99 -50.96
CA LYS A 489 -10.62 -38.94 -51.47
C LYS A 489 -10.71 -39.13 -52.98
N ARG A 490 -11.88 -38.78 -53.54
CA ARG A 490 -12.29 -39.17 -54.91
C ARG A 490 -12.58 -37.90 -55.69
N PRO A 491 -11.67 -37.50 -56.60
CA PRO A 491 -11.84 -36.27 -57.37
C PRO A 491 -13.04 -36.44 -58.32
N LEU A 492 -13.82 -35.38 -58.48
CA LEU A 492 -15.04 -35.37 -59.34
C LEU A 492 -14.69 -34.71 -60.67
N TRP A 493 -14.86 -35.44 -61.78
CA TRP A 493 -14.66 -34.98 -63.18
C TRP A 493 -16.00 -34.88 -63.92
N PHE A 494 -16.28 -33.72 -64.49
CA PHE A 494 -17.40 -33.51 -65.45
C PHE A 494 -16.90 -33.72 -66.88
N ILE A 495 -17.46 -34.69 -67.59
CA ILE A 495 -17.34 -34.81 -69.08
C ILE A 495 -18.60 -34.24 -69.73
N CYS A 496 -18.51 -33.10 -70.41
CA CYS A 496 -19.63 -32.57 -71.25
C CYS A 496 -19.52 -33.20 -72.65
N SER A 497 -20.42 -34.14 -72.96
CA SER A 497 -20.47 -34.83 -74.28
C SER A 497 -20.87 -33.84 -75.36
N GLY A 498 -20.77 -34.29 -76.62
CA GLY A 498 -21.03 -33.50 -77.83
C GLY A 498 -22.33 -33.89 -78.50
N MET A 499 -22.25 -34.26 -79.78
CA MET A 499 -23.40 -34.40 -80.71
C MET A 499 -23.77 -35.88 -80.85
N GLY A 500 -25.05 -36.14 -81.14
CA GLY A 500 -25.59 -37.50 -81.27
C GLY A 500 -26.31 -37.90 -80.00
N THR A 501 -26.32 -37.00 -79.02
CA THR A 501 -26.96 -37.17 -77.69
C THR A 501 -28.39 -36.64 -77.73
N GLN A 502 -28.84 -36.05 -78.85
CA GLN A 502 -30.22 -35.48 -78.97
C GLN A 502 -31.23 -36.63 -79.18
N TRP A 503 -32.48 -36.37 -78.80
CA TRP A 503 -33.64 -37.30 -78.89
C TRP A 503 -34.93 -36.51 -78.63
N ARG A 504 -36.07 -36.99 -79.15
CA ARG A 504 -37.36 -36.25 -79.13
C ARG A 504 -37.94 -36.28 -77.71
N GLY A 505 -38.32 -35.10 -77.19
CA GLY A 505 -38.86 -34.91 -75.83
C GLY A 505 -37.81 -35.02 -74.74
N MET A 506 -36.52 -34.81 -75.06
CA MET A 506 -35.40 -34.93 -74.11
C MET A 506 -35.50 -33.82 -73.06
N GLY A 507 -35.32 -34.17 -71.78
CA GLY A 507 -35.35 -33.24 -70.65
C GLY A 507 -36.76 -32.87 -70.20
N LEU A 508 -37.80 -33.44 -70.81
CA LEU A 508 -39.20 -33.19 -70.40
C LEU A 508 -39.41 -33.70 -68.97
N SER A 509 -38.91 -34.91 -68.70
CA SER A 509 -38.92 -35.57 -67.37
C SER A 509 -38.38 -34.62 -66.28
N LEU A 510 -37.16 -34.11 -66.49
CA LEU A 510 -36.43 -33.25 -65.50
C LEU A 510 -37.08 -31.86 -65.37
N MET A 511 -38.06 -31.47 -66.19
CA MET A 511 -38.61 -30.08 -66.14
C MET A 511 -39.48 -29.91 -64.88
N ARG A 512 -39.71 -31.01 -64.14
CA ARG A 512 -40.44 -31.03 -62.84
C ARG A 512 -39.55 -30.51 -61.70
N LEU A 513 -38.25 -30.80 -61.72
CA LEU A 513 -37.28 -30.13 -60.80
C LEU A 513 -37.21 -28.66 -61.19
N ASP A 514 -37.04 -27.77 -60.22
CA ASP A 514 -37.30 -26.33 -60.43
C ASP A 514 -36.00 -25.67 -60.88
N SER A 515 -34.86 -26.05 -60.28
CA SER A 515 -33.51 -25.57 -60.69
C SER A 515 -33.25 -25.83 -62.18
N PHE A 516 -33.73 -26.98 -62.70
CA PHE A 516 -33.58 -27.39 -64.11
C PHE A 516 -34.46 -26.53 -65.01
N ARG A 517 -35.77 -26.53 -64.75
CA ARG A 517 -36.80 -25.69 -65.43
C ARG A 517 -36.36 -24.22 -65.43
N GLU A 518 -35.73 -23.74 -64.37
CA GLU A 518 -35.36 -22.31 -64.23
C GLU A 518 -34.13 -22.03 -65.09
N SER A 519 -33.21 -22.99 -65.21
CA SER A 519 -32.05 -22.92 -66.13
C SER A 519 -32.58 -22.83 -67.58
N ILE A 520 -33.52 -23.71 -67.95
CA ILE A 520 -34.09 -23.72 -69.34
C ILE A 520 -34.77 -22.38 -69.61
N LEU A 521 -35.42 -21.78 -68.61
CA LEU A 521 -36.13 -20.48 -68.79
C LEU A 521 -35.13 -19.35 -69.01
N ARG A 522 -33.98 -19.39 -68.32
CA ARG A 522 -32.88 -18.40 -68.51
C ARG A 522 -32.33 -18.56 -69.93
N SER A 523 -32.10 -19.80 -70.37
CA SER A 523 -31.57 -20.16 -71.71
C SER A 523 -32.53 -19.60 -72.77
N ASP A 524 -33.85 -19.80 -72.61
CA ASP A 524 -34.95 -19.25 -73.47
C ASP A 524 -34.82 -17.72 -73.58
N GLU A 525 -34.36 -17.05 -72.51
CA GLU A 525 -34.25 -15.56 -72.44
C GLU A 525 -33.11 -15.06 -73.32
N ALA A 526 -32.13 -15.92 -73.63
CA ALA A 526 -30.95 -15.58 -74.46
C ALA A 526 -31.39 -15.50 -75.93
N VAL A 527 -32.21 -16.45 -76.36
CA VAL A 527 -32.52 -16.73 -77.79
C VAL A 527 -33.94 -16.26 -78.12
N LYS A 528 -34.64 -15.63 -77.18
CA LYS A 528 -35.95 -14.95 -77.44
C LYS A 528 -35.75 -14.00 -78.63
N PRO A 529 -34.82 -13.01 -78.56
CA PRO A 529 -34.57 -12.12 -79.69
C PRO A 529 -34.42 -12.89 -81.01
N LEU A 530 -33.58 -13.93 -81.04
CA LEU A 530 -33.24 -14.69 -82.27
C LEU A 530 -34.41 -15.60 -82.70
N GLY A 531 -35.58 -15.48 -82.06
CA GLY A 531 -36.84 -16.12 -82.48
C GLY A 531 -36.85 -17.64 -82.31
N VAL A 532 -36.47 -18.14 -81.13
CA VAL A 532 -36.58 -19.59 -80.77
C VAL A 532 -36.67 -19.69 -79.24
N LYS A 533 -37.38 -20.71 -78.75
CA LYS A 533 -37.56 -21.02 -77.31
C LYS A 533 -37.15 -22.48 -77.09
N VAL A 534 -36.22 -22.73 -76.17
CA VAL A 534 -35.69 -24.11 -75.92
C VAL A 534 -36.82 -24.97 -75.32
N SER A 535 -37.63 -24.40 -74.42
CA SER A 535 -38.77 -25.09 -73.78
C SER A 535 -39.65 -25.72 -74.87
N ASP A 536 -40.03 -24.93 -75.88
CA ASP A 536 -40.94 -25.34 -76.99
C ASP A 536 -40.33 -26.48 -77.80
N LEU A 537 -39.01 -26.43 -78.06
CA LEU A 537 -38.25 -27.47 -78.81
C LEU A 537 -38.24 -28.80 -78.04
N LEU A 538 -38.06 -28.73 -76.71
CA LEU A 538 -38.10 -29.91 -75.83
C LEU A 538 -39.52 -30.49 -75.88
N LEU A 539 -40.53 -29.61 -75.97
CA LEU A 539 -41.99 -29.92 -75.94
C LEU A 539 -42.52 -30.35 -77.31
N SER A 540 -41.66 -30.69 -78.28
CA SER A 540 -42.06 -30.85 -79.70
C SER A 540 -42.54 -32.28 -80.01
N THR A 541 -43.83 -32.40 -80.34
CA THR A 541 -44.45 -33.60 -80.99
C THR A 541 -43.59 -34.00 -82.21
N ASP A 542 -43.07 -32.99 -82.93
CA ASP A 542 -42.37 -33.06 -84.25
C ASP A 542 -41.03 -33.83 -84.14
N GLU A 543 -40.95 -35.02 -84.76
CA GLU A 543 -39.82 -35.97 -84.74
C GLU A 543 -38.50 -35.33 -85.22
N ARG A 544 -38.55 -34.37 -86.16
CA ARG A 544 -37.35 -33.88 -86.92
C ARG A 544 -36.93 -32.49 -86.45
N THR A 545 -37.42 -32.04 -85.28
CA THR A 545 -37.06 -30.74 -84.66
C THR A 545 -35.54 -30.63 -84.50
N PHE A 546 -34.93 -31.66 -83.92
CA PHE A 546 -33.47 -31.74 -83.62
C PHE A 546 -32.71 -32.32 -84.83
N ASP A 547 -33.31 -32.24 -86.03
CA ASP A 547 -32.58 -32.50 -87.29
C ASP A 547 -32.00 -31.17 -87.77
N ASP A 548 -32.66 -30.04 -87.45
CA ASP A 548 -32.11 -28.66 -87.65
C ASP A 548 -30.92 -28.46 -86.73
N ILE A 549 -29.77 -28.06 -87.28
CA ILE A 549 -28.46 -27.94 -86.57
C ILE A 549 -28.56 -26.90 -85.43
N VAL A 550 -29.22 -25.76 -85.64
CA VAL A 550 -29.37 -24.71 -84.59
C VAL A 550 -30.20 -25.27 -83.43
N HIS A 551 -31.34 -25.90 -83.72
CA HIS A 551 -32.23 -26.52 -82.71
C HIS A 551 -31.40 -27.45 -81.80
N ALA A 552 -30.51 -28.25 -82.37
CA ALA A 552 -29.71 -29.28 -81.64
C ALA A 552 -28.64 -28.60 -80.80
N PHE A 553 -27.92 -27.65 -81.38
CA PHE A 553 -26.75 -26.97 -80.75
C PHE A 553 -27.24 -26.21 -79.51
N VAL A 554 -28.30 -25.41 -79.66
CA VAL A 554 -28.86 -24.56 -78.58
C VAL A 554 -29.44 -25.44 -77.48
N SER A 555 -30.15 -26.51 -77.84
CA SER A 555 -30.83 -27.45 -76.90
C SER A 555 -29.83 -28.34 -76.15
N LEU A 556 -28.79 -28.86 -76.79
CA LEU A 556 -27.80 -29.76 -76.13
C LEU A 556 -27.03 -28.92 -75.12
N THR A 557 -26.60 -27.74 -75.52
CA THR A 557 -25.91 -26.79 -74.60
C THR A 557 -26.89 -26.44 -73.49
N ALA A 558 -28.09 -25.92 -73.80
CA ALA A 558 -29.13 -25.51 -72.83
C ALA A 558 -29.31 -26.54 -71.71
N ILE A 559 -29.40 -27.81 -72.09
CA ILE A 559 -29.64 -28.95 -71.17
C ILE A 559 -28.36 -29.20 -70.36
N GLN A 560 -27.19 -29.14 -71.01
CA GLN A 560 -25.90 -29.38 -70.32
C GLN A 560 -25.75 -28.34 -69.21
N ILE A 561 -26.17 -27.10 -69.46
CA ILE A 561 -26.13 -26.01 -68.44
C ILE A 561 -27.12 -26.37 -67.31
N ALA A 562 -28.33 -26.82 -67.65
CA ALA A 562 -29.39 -27.15 -66.69
C ALA A 562 -28.93 -28.31 -65.80
N LEU A 563 -28.30 -29.33 -66.38
CA LEU A 563 -27.70 -30.42 -65.57
C LEU A 563 -26.62 -29.85 -64.66
N ILE A 564 -25.72 -29.00 -65.16
CA ILE A 564 -24.63 -28.43 -64.32
C ILE A 564 -25.28 -27.61 -63.18
N ASP A 565 -26.38 -26.90 -63.49
CA ASP A 565 -27.16 -26.10 -62.49
C ASP A 565 -27.71 -27.04 -61.40
N LEU A 566 -28.25 -28.21 -61.74
CA LEU A 566 -28.73 -29.18 -60.72
C LEU A 566 -27.55 -29.64 -59.85
N LEU A 567 -26.51 -30.18 -60.47
CA LEU A 567 -25.32 -30.71 -59.75
C LEU A 567 -24.78 -29.64 -58.77
N THR A 568 -24.69 -28.40 -59.22
CA THR A 568 -24.16 -27.30 -58.39
C THR A 568 -25.07 -27.14 -57.16
N SER A 569 -26.40 -27.23 -57.33
CA SER A 569 -27.39 -26.99 -56.26
C SER A 569 -27.31 -28.10 -55.19
N VAL A 570 -26.81 -29.28 -55.53
CA VAL A 570 -26.69 -30.42 -54.57
C VAL A 570 -25.26 -30.44 -54.04
N GLY A 571 -24.46 -29.43 -54.38
CA GLY A 571 -23.12 -29.16 -53.79
C GLY A 571 -21.94 -29.69 -54.58
N LEU A 572 -22.15 -30.25 -55.79
CA LEU A 572 -21.07 -30.90 -56.58
C LEU A 572 -20.35 -29.85 -57.44
N LYS A 573 -19.09 -29.58 -57.08
CA LYS A 573 -18.15 -28.68 -57.81
C LYS A 573 -17.09 -29.56 -58.49
N PRO A 574 -16.82 -29.39 -59.79
CA PRO A 574 -15.93 -30.32 -60.47
C PRO A 574 -14.48 -30.00 -60.10
N ASP A 575 -13.67 -31.04 -59.98
CA ASP A 575 -12.19 -30.93 -59.85
C ASP A 575 -11.60 -30.80 -61.25
N GLY A 576 -12.14 -31.56 -62.20
CA GLY A 576 -11.75 -31.50 -63.63
C GLY A 576 -12.96 -31.47 -64.56
N ILE A 577 -12.82 -30.67 -65.62
CA ILE A 577 -13.83 -30.49 -66.69
C ILE A 577 -13.16 -30.86 -68.01
N ILE A 578 -13.73 -31.80 -68.77
CA ILE A 578 -13.26 -32.20 -70.13
C ILE A 578 -14.44 -32.14 -71.10
N GLY A 579 -14.30 -31.44 -72.22
CA GLY A 579 -15.35 -31.36 -73.27
C GLY A 579 -15.05 -32.22 -74.50
N HIS A 580 -16.09 -32.59 -75.24
CA HIS A 580 -16.03 -33.25 -76.58
C HIS A 580 -16.86 -32.45 -77.60
N SER A 581 -16.23 -31.69 -78.51
CA SER A 581 -16.89 -30.97 -79.63
C SER A 581 -17.72 -29.80 -79.06
N LEU A 582 -19.00 -29.70 -79.44
CA LEU A 582 -20.01 -28.79 -78.84
C LEU A 582 -19.88 -28.77 -77.31
N GLY A 583 -19.44 -29.88 -76.71
CA GLY A 583 -19.21 -30.04 -75.28
C GLY A 583 -18.47 -28.85 -74.68
N GLU A 584 -17.47 -28.31 -75.39
CA GLU A 584 -16.51 -27.32 -74.84
C GLU A 584 -17.22 -26.00 -74.52
N VAL A 585 -18.46 -25.82 -74.99
CA VAL A 585 -19.29 -24.63 -74.67
C VAL A 585 -19.79 -24.77 -73.23
N ALA A 586 -20.49 -25.85 -72.89
CA ALA A 586 -20.93 -26.19 -71.51
C ALA A 586 -19.73 -26.19 -70.56
N CYS A 587 -18.64 -26.87 -70.92
CA CYS A 587 -17.36 -26.85 -70.16
C CYS A 587 -17.01 -25.42 -69.72
N GLY A 588 -17.00 -24.48 -70.67
CA GLY A 588 -16.82 -23.04 -70.40
C GLY A 588 -17.64 -22.60 -69.20
N TYR A 589 -18.97 -22.84 -69.24
CA TYR A 589 -19.95 -22.47 -68.19
C TYR A 589 -19.60 -23.17 -66.86
N ALA A 590 -19.49 -24.50 -66.87
CA ALA A 590 -19.01 -25.30 -65.71
C ALA A 590 -17.81 -24.59 -65.08
N ASP A 591 -16.80 -24.24 -65.88
CA ASP A 591 -15.52 -23.66 -65.43
C ASP A 591 -15.67 -22.18 -65.05
N GLY A 592 -16.84 -21.58 -65.25
CA GLY A 592 -17.10 -20.17 -64.89
C GLY A 592 -16.40 -19.16 -65.79
N CYS A 593 -15.95 -19.54 -67.00
CA CYS A 593 -15.42 -18.64 -68.08
C CYS A 593 -16.55 -18.01 -68.88
N LEU A 594 -17.55 -18.81 -69.24
CA LEU A 594 -18.72 -18.34 -70.02
C LEU A 594 -19.88 -18.13 -69.05
N SER A 595 -20.51 -16.95 -69.09
CA SER A 595 -21.84 -16.74 -68.49
C SER A 595 -22.79 -17.78 -69.12
N GLN A 596 -24.03 -17.84 -68.66
CA GLN A 596 -25.06 -18.73 -69.29
C GLN A 596 -25.50 -18.15 -70.63
N ARG A 597 -25.65 -16.83 -70.75
CA ARG A 597 -26.17 -16.19 -72.00
C ARG A 597 -25.10 -16.34 -73.10
N GLU A 598 -23.83 -16.17 -72.74
CA GLU A 598 -22.67 -16.34 -73.66
C GLU A 598 -22.74 -17.76 -74.19
N ALA A 599 -22.74 -18.75 -73.29
CA ALA A 599 -22.69 -20.18 -73.65
C ALA A 599 -23.85 -20.52 -74.59
N VAL A 600 -25.07 -20.12 -74.25
CA VAL A 600 -26.26 -20.50 -75.05
C VAL A 600 -26.16 -19.78 -76.40
N LEU A 601 -25.87 -18.48 -76.42
CA LEU A 601 -25.74 -17.72 -77.69
C LEU A 601 -24.61 -18.31 -78.54
N ALA A 602 -23.40 -18.46 -78.00
CA ALA A 602 -22.28 -19.18 -78.66
C ALA A 602 -22.82 -20.39 -79.44
N ALA A 603 -23.64 -21.23 -78.82
CA ALA A 603 -24.17 -22.49 -79.41
C ALA A 603 -25.09 -22.15 -80.59
N TYR A 604 -25.96 -21.15 -80.43
CA TYR A 604 -26.92 -20.71 -81.47
C TYR A 604 -26.11 -20.33 -82.72
N TRP A 605 -25.16 -19.40 -82.57
CA TRP A 605 -24.35 -18.83 -83.68
C TRP A 605 -23.46 -19.91 -84.29
N ARG A 606 -22.83 -20.77 -83.50
CA ARG A 606 -22.08 -21.92 -84.06
C ARG A 606 -23.01 -22.64 -85.03
N GLY A 607 -24.28 -22.78 -84.66
CA GLY A 607 -25.28 -23.43 -85.54
C GLY A 607 -25.63 -22.55 -86.72
N GLN A 608 -26.09 -21.33 -86.44
CA GLN A 608 -26.63 -20.40 -87.47
C GLN A 608 -25.56 -20.18 -88.53
N CYS A 609 -24.30 -20.02 -88.11
CA CYS A 609 -23.16 -19.71 -89.00
C CYS A 609 -22.82 -20.90 -89.89
N ILE A 610 -23.13 -22.14 -89.49
CA ILE A 610 -22.95 -23.37 -90.34
C ILE A 610 -24.12 -23.49 -91.32
N LYS A 611 -25.35 -23.32 -90.86
CA LYS A 611 -26.55 -23.25 -91.74
C LYS A 611 -26.24 -22.33 -92.93
N ASP A 612 -25.95 -21.06 -92.65
CA ASP A 612 -25.85 -19.93 -93.63
C ASP A 612 -24.71 -20.11 -94.64
N ALA A 613 -23.68 -20.88 -94.30
CA ALA A 613 -22.40 -20.95 -95.02
C ALA A 613 -22.39 -22.09 -96.03
N HIS A 614 -21.76 -21.85 -97.19
CA HIS A 614 -21.56 -22.82 -98.28
C HIS A 614 -20.19 -23.46 -98.04
N LEU A 615 -20.12 -24.75 -97.71
CA LEU A 615 -18.88 -25.48 -97.33
C LEU A 615 -18.68 -26.70 -98.22
N PRO A 616 -17.43 -27.00 -98.61
CA PRO A 616 -17.17 -28.15 -99.47
C PRO A 616 -17.76 -29.34 -98.75
N PRO A 617 -18.69 -30.10 -99.37
CA PRO A 617 -19.11 -31.39 -98.84
C PRO A 617 -17.93 -32.30 -98.46
N GLY A 618 -18.03 -32.84 -97.24
CA GLY A 618 -17.37 -34.07 -96.76
C GLY A 618 -18.35 -34.95 -96.00
N SER A 619 -17.88 -36.10 -95.55
CA SER A 619 -18.65 -37.06 -94.71
C SER A 619 -17.83 -37.34 -93.44
N MET A 620 -18.46 -37.95 -92.43
CA MET A 620 -17.77 -38.47 -91.23
C MET A 620 -18.16 -39.95 -91.02
N ALA A 621 -17.20 -40.75 -90.55
CA ALA A 621 -17.38 -42.18 -90.25
C ALA A 621 -16.72 -42.51 -88.91
N ALA A 622 -17.32 -43.45 -88.16
CA ALA A 622 -16.73 -44.11 -86.98
C ALA A 622 -16.01 -45.38 -87.46
N VAL A 623 -14.75 -45.59 -87.04
CA VAL A 623 -13.92 -46.75 -87.50
C VAL A 623 -13.25 -47.42 -86.29
N GLY A 624 -13.31 -48.75 -86.26
CA GLY A 624 -12.72 -49.60 -85.20
C GLY A 624 -11.21 -49.68 -85.32
N LEU A 625 -10.54 -48.53 -85.47
CA LEU A 625 -9.07 -48.39 -85.43
C LEU A 625 -8.68 -47.43 -84.31
N SER A 626 -7.42 -47.47 -83.90
CA SER A 626 -6.80 -46.54 -82.92
C SER A 626 -6.50 -45.22 -83.63
N TRP A 627 -6.16 -44.19 -82.85
CA TRP A 627 -5.63 -42.89 -83.33
C TRP A 627 -4.61 -43.14 -84.44
N GLU A 628 -3.55 -43.90 -84.11
CA GLU A 628 -2.32 -43.96 -84.94
C GLU A 628 -2.62 -44.76 -86.21
N GLU A 629 -2.86 -46.07 -86.09
CA GLU A 629 -2.99 -47.01 -87.24
C GLU A 629 -3.98 -46.46 -88.28
N CYS A 630 -4.92 -45.60 -87.87
CA CYS A 630 -5.86 -44.89 -88.77
C CYS A 630 -5.11 -43.87 -89.64
N LYS A 631 -4.25 -43.03 -89.04
CA LYS A 631 -3.46 -42.01 -89.80
C LYS A 631 -2.65 -42.72 -90.89
N GLN A 632 -2.03 -43.86 -90.56
CA GLN A 632 -1.26 -44.72 -91.49
C GLN A 632 -2.13 -45.07 -92.71
N ARG A 633 -3.22 -45.81 -92.48
CA ARG A 633 -4.05 -46.45 -93.54
C ARG A 633 -5.04 -45.44 -94.14
N CYS A 634 -4.81 -44.13 -94.00
CA CYS A 634 -5.77 -43.07 -94.43
C CYS A 634 -5.43 -42.65 -95.85
N PRO A 635 -6.41 -42.62 -96.80
CA PRO A 635 -6.25 -41.84 -98.04
C PRO A 635 -5.76 -40.42 -97.73
N ALA A 636 -5.38 -39.66 -98.77
CA ALA A 636 -5.33 -38.18 -98.72
C ALA A 636 -6.76 -37.65 -98.93
N GLY A 637 -7.13 -36.60 -98.20
CA GLY A 637 -8.50 -36.04 -98.13
C GLY A 637 -9.17 -36.36 -96.80
N VAL A 638 -8.85 -37.54 -96.23
CA VAL A 638 -9.48 -38.14 -95.02
C VAL A 638 -8.57 -37.91 -93.82
N VAL A 639 -9.08 -37.34 -92.74
CA VAL A 639 -8.31 -37.02 -91.49
C VAL A 639 -9.03 -37.67 -90.30
N PRO A 640 -8.28 -38.18 -89.30
CA PRO A 640 -8.85 -38.54 -88.00
C PRO A 640 -9.37 -37.30 -87.25
N ALA A 641 -10.71 -37.18 -87.16
CA ALA A 641 -11.45 -36.03 -86.61
C ALA A 641 -11.48 -36.08 -85.06
N CYS A 642 -11.97 -37.18 -84.49
CA CYS A 642 -12.18 -37.31 -83.02
C CYS A 642 -11.41 -38.51 -82.50
N HIS A 643 -10.34 -38.32 -81.73
CA HIS A 643 -9.67 -39.41 -80.97
C HIS A 643 -10.53 -39.72 -79.75
N ASN A 644 -11.42 -40.72 -79.84
CA ASN A 644 -12.34 -41.11 -78.75
C ASN A 644 -11.60 -42.08 -77.80
N SER A 645 -11.22 -43.26 -78.27
CA SER A 645 -10.44 -44.26 -77.50
C SER A 645 -9.34 -44.85 -78.39
N GLU A 646 -8.67 -45.91 -77.91
CA GLU A 646 -7.79 -46.76 -78.74
C GLU A 646 -8.63 -47.77 -79.55
N ASP A 647 -9.94 -47.85 -79.32
CA ASP A 647 -10.87 -48.78 -80.03
C ASP A 647 -11.57 -48.01 -81.15
N THR A 648 -12.23 -46.91 -80.80
CA THR A 648 -13.02 -46.05 -81.74
C THR A 648 -12.21 -44.78 -82.04
N VAL A 649 -12.30 -44.35 -83.29
CA VAL A 649 -11.87 -43.03 -83.78
C VAL A 649 -12.87 -42.63 -84.87
N THR A 650 -13.29 -41.36 -84.89
CA THR A 650 -14.20 -40.80 -85.92
C THR A 650 -13.33 -40.05 -86.94
N ILE A 651 -13.49 -40.35 -88.24
CA ILE A 651 -12.74 -39.71 -89.35
C ILE A 651 -13.66 -38.75 -90.07
N SER A 652 -13.08 -37.73 -90.72
CA SER A 652 -13.77 -36.81 -91.66
C SER A 652 -12.90 -36.60 -92.90
N GLY A 653 -13.56 -36.28 -94.01
CA GLY A 653 -12.94 -36.11 -95.33
C GLY A 653 -14.02 -35.98 -96.41
N PRO A 654 -13.63 -35.95 -97.69
CA PRO A 654 -14.59 -35.75 -98.78
C PRO A 654 -15.51 -36.98 -98.96
N GLN A 655 -16.80 -36.75 -99.28
CA GLN A 655 -17.89 -37.77 -99.30
C GLN A 655 -17.50 -39.06 -100.04
N ALA A 656 -16.66 -38.95 -101.08
CA ALA A 656 -16.20 -40.04 -101.96
C ALA A 656 -15.15 -40.89 -101.23
N ALA A 657 -14.06 -40.27 -100.78
CA ALA A 657 -12.86 -40.95 -100.21
C ALA A 657 -13.17 -41.51 -98.82
N VAL A 658 -14.36 -41.21 -98.28
CA VAL A 658 -14.90 -41.76 -97.00
C VAL A 658 -15.80 -42.96 -97.33
N ASN A 659 -16.80 -42.78 -98.19
CA ASN A 659 -17.69 -43.88 -98.70
C ASN A 659 -16.90 -44.83 -99.61
N GLU A 660 -15.57 -44.72 -99.63
CA GLU A 660 -14.61 -45.68 -100.25
C GLU A 660 -13.70 -46.28 -99.17
N PHE A 661 -13.47 -45.54 -98.10
CA PHE A 661 -12.59 -45.98 -96.98
C PHE A 661 -13.37 -46.88 -96.02
N VAL A 662 -14.71 -46.72 -95.95
CA VAL A 662 -15.61 -47.67 -95.21
C VAL A 662 -15.51 -49.05 -95.86
N GLU A 663 -15.67 -49.14 -97.19
CA GLU A 663 -15.77 -50.43 -97.92
C GLU A 663 -14.41 -51.13 -97.89
N GLN A 664 -13.33 -50.40 -98.16
CA GLN A 664 -11.92 -50.93 -98.17
C GLN A 664 -11.54 -51.38 -96.74
N LEU A 665 -12.33 -51.01 -95.74
CA LEU A 665 -12.09 -51.25 -94.28
C LEU A 665 -12.92 -52.43 -93.79
N LYS A 666 -14.14 -52.60 -94.33
CA LYS A 666 -15.04 -53.77 -94.09
C LYS A 666 -14.52 -55.02 -94.80
N GLN A 667 -13.69 -54.87 -95.84
CA GLN A 667 -12.67 -55.88 -96.24
C GLN A 667 -11.55 -55.80 -95.19
N GLU A 668 -11.62 -56.71 -94.21
CA GLU A 668 -10.93 -56.70 -92.87
C GLU A 668 -12.00 -56.60 -91.77
N GLY A 669 -13.29 -56.59 -92.16
CA GLY A 669 -14.49 -56.71 -91.31
C GLY A 669 -14.52 -55.72 -90.15
N VAL A 670 -13.83 -54.57 -90.30
CA VAL A 670 -13.54 -53.58 -89.22
C VAL A 670 -14.76 -52.68 -89.02
N PHE A 671 -15.09 -52.37 -87.76
CA PHE A 671 -16.10 -51.37 -87.34
C PHE A 671 -15.95 -50.15 -88.27
N ALA A 672 -17.01 -49.81 -89.00
CA ALA A 672 -17.02 -48.67 -89.93
C ALA A 672 -18.47 -48.33 -90.29
N LYS A 673 -18.91 -47.14 -89.91
CA LYS A 673 -20.28 -46.64 -90.18
C LYS A 673 -20.21 -45.12 -90.34
N GLU A 674 -20.54 -44.60 -91.53
CA GLU A 674 -20.59 -43.14 -91.77
C GLU A 674 -21.69 -42.59 -90.85
N VAL A 675 -21.46 -41.42 -90.24
CA VAL A 675 -22.40 -40.76 -89.29
C VAL A 675 -23.17 -39.68 -90.06
N ARG A 676 -24.45 -39.46 -89.73
CA ARG A 676 -25.25 -38.30 -90.20
C ARG A 676 -24.58 -37.01 -89.71
N THR A 677 -24.17 -36.13 -90.61
CA THR A 677 -23.54 -34.81 -90.31
C THR A 677 -24.14 -33.73 -91.21
N GLY A 678 -25.27 -34.05 -91.88
CA GLY A 678 -25.82 -33.23 -92.98
C GLY A 678 -24.74 -32.87 -93.98
N GLY A 679 -23.84 -33.82 -94.27
CA GLY A 679 -22.82 -33.74 -95.35
C GLY A 679 -21.71 -32.75 -95.06
N LEU A 680 -21.42 -32.48 -93.78
CA LEU A 680 -20.29 -31.62 -93.31
C LEU A 680 -19.20 -32.53 -92.73
N ALA A 681 -17.93 -32.22 -92.99
CA ALA A 681 -16.74 -32.88 -92.39
C ALA A 681 -16.24 -32.01 -91.23
N PHE A 682 -16.85 -32.14 -90.05
CA PHE A 682 -16.45 -31.38 -88.84
C PHE A 682 -15.02 -31.75 -88.44
N HIS A 683 -14.36 -30.85 -87.72
CA HIS A 683 -13.03 -31.08 -87.11
C HIS A 683 -12.01 -31.38 -88.21
N SER A 684 -12.05 -30.57 -89.27
CA SER A 684 -11.18 -30.67 -90.48
C SER A 684 -11.15 -29.33 -91.22
N TYR A 685 -10.24 -29.21 -92.19
CA TYR A 685 -10.06 -28.02 -93.08
C TYR A 685 -11.31 -27.76 -93.96
N PHE A 686 -12.26 -28.69 -94.05
CA PHE A 686 -13.52 -28.49 -94.81
C PHE A 686 -14.40 -27.47 -94.09
N MET A 687 -14.08 -27.15 -92.84
CA MET A 687 -14.85 -26.21 -91.98
C MET A 687 -14.21 -24.81 -91.96
N GLU A 688 -12.98 -24.67 -92.46
CA GLU A 688 -12.20 -23.39 -92.54
C GLU A 688 -13.09 -22.19 -92.95
N GLY A 689 -14.05 -22.39 -93.87
CA GLY A 689 -14.87 -21.31 -94.44
C GLY A 689 -16.00 -20.87 -93.53
N ILE A 690 -15.99 -21.31 -92.28
CA ILE A 690 -16.99 -20.89 -91.26
C ILE A 690 -16.41 -19.72 -90.45
N ALA A 691 -15.07 -19.63 -90.41
CA ALA A 691 -14.26 -18.76 -89.51
C ALA A 691 -14.63 -17.28 -89.68
N PRO A 692 -14.64 -16.69 -90.90
CA PRO A 692 -15.06 -15.30 -91.04
C PRO A 692 -16.44 -14.98 -90.44
N THR A 693 -17.52 -15.63 -90.88
CA THR A 693 -18.91 -15.38 -90.40
C THR A 693 -18.98 -15.56 -88.87
N LEU A 694 -18.46 -16.67 -88.34
CA LEU A 694 -18.63 -17.09 -86.92
C LEU A 694 -17.77 -16.24 -85.98
N LEU A 695 -16.49 -16.08 -86.30
CA LEU A 695 -15.53 -15.27 -85.50
C LEU A 695 -16.14 -13.89 -85.25
N GLN A 696 -16.87 -13.33 -86.21
CA GLN A 696 -17.52 -12.03 -86.02
C GLN A 696 -18.66 -12.19 -85.03
N ALA A 697 -19.60 -13.09 -85.33
CA ALA A 697 -20.81 -13.34 -84.52
C ALA A 697 -20.43 -13.56 -83.06
N LEU A 698 -19.45 -14.42 -82.79
CA LEU A 698 -19.00 -14.77 -81.41
C LEU A 698 -18.28 -13.59 -80.75
N LYS A 699 -17.47 -12.81 -81.48
CA LYS A 699 -16.83 -11.55 -81.00
C LYS A 699 -17.88 -10.64 -80.34
N LYS A 700 -19.11 -10.59 -80.90
CA LYS A 700 -20.27 -9.78 -80.41
C LYS A 700 -21.01 -10.48 -79.26
N VAL A 701 -20.78 -11.78 -79.04
CA VAL A 701 -21.42 -12.60 -77.96
C VAL A 701 -20.49 -12.64 -76.74
N ILE A 702 -19.24 -13.03 -76.95
CA ILE A 702 -18.21 -13.14 -75.88
C ILE A 702 -17.33 -11.88 -75.96
N ARG A 703 -17.82 -10.79 -75.37
CA ARG A 703 -17.22 -9.44 -75.47
C ARG A 703 -15.85 -9.39 -74.78
N GLU A 704 -15.70 -9.96 -73.58
CA GLU A 704 -14.50 -9.80 -72.71
C GLU A 704 -14.02 -11.18 -72.26
N PRO A 705 -13.29 -11.92 -73.13
CA PRO A 705 -13.00 -13.34 -72.88
C PRO A 705 -12.25 -13.54 -71.56
N ARG A 706 -12.67 -14.51 -70.75
CA ARG A 706 -12.22 -14.68 -69.34
C ARG A 706 -11.35 -15.92 -69.25
N PRO A 707 -10.31 -15.93 -68.39
CA PRO A 707 -9.35 -17.02 -68.32
C PRO A 707 -9.99 -18.40 -68.10
N ARG A 708 -9.43 -19.44 -68.71
CA ARG A 708 -9.76 -20.87 -68.44
C ARG A 708 -8.90 -21.33 -67.27
N SER A 709 -9.50 -22.01 -66.28
CA SER A 709 -8.83 -22.53 -65.06
C SER A 709 -8.00 -23.75 -65.46
N ALA A 710 -7.09 -24.23 -64.60
CA ALA A 710 -6.30 -25.47 -64.84
C ALA A 710 -7.20 -26.71 -64.80
N ARG A 711 -8.43 -26.56 -64.31
CA ARG A 711 -9.39 -27.67 -64.07
C ARG A 711 -10.03 -28.10 -65.41
N TRP A 712 -10.07 -27.23 -66.40
CA TRP A 712 -10.67 -27.51 -67.74
C TRP A 712 -9.57 -27.89 -68.74
N LEU A 713 -9.51 -29.16 -69.14
CA LEU A 713 -8.55 -29.64 -70.18
C LEU A 713 -9.16 -29.46 -71.59
N SER A 714 -8.46 -28.71 -72.45
CA SER A 714 -8.84 -28.55 -73.87
C SER A 714 -8.72 -29.90 -74.58
N THR A 715 -9.72 -30.23 -75.39
CA THR A 715 -9.69 -31.36 -76.35
C THR A 715 -9.53 -30.80 -77.76
N SER A 716 -9.58 -29.47 -77.89
CA SER A 716 -9.52 -28.74 -79.19
C SER A 716 -8.08 -28.29 -79.47
N ILE A 717 -7.26 -28.11 -78.42
CA ILE A 717 -5.85 -27.63 -78.50
C ILE A 717 -4.94 -28.72 -77.93
N PRO A 718 -3.85 -29.12 -78.63
CA PRO A 718 -2.94 -30.14 -78.10
C PRO A 718 -2.22 -29.62 -76.85
N GLU A 719 -1.94 -30.50 -75.88
CA GLU A 719 -1.37 -30.13 -74.54
C GLU A 719 -0.16 -29.20 -74.70
N ALA A 720 0.79 -29.59 -75.56
CA ALA A 720 2.01 -28.82 -75.92
C ALA A 720 1.71 -27.32 -75.94
N GLN A 721 0.50 -26.95 -76.41
CA GLN A 721 0.12 -25.54 -76.71
C GLN A 721 -0.82 -24.95 -75.66
N TRP A 722 -1.09 -25.61 -74.51
CA TRP A 722 -2.11 -25.14 -73.53
C TRP A 722 -1.70 -23.79 -72.93
N GLN A 723 -0.42 -23.43 -73.06
CA GLN A 723 0.19 -22.15 -72.57
C GLN A 723 -0.07 -20.98 -73.54
N SER A 724 -0.63 -21.25 -74.73
CA SER A 724 -0.80 -20.25 -75.83
C SER A 724 -1.82 -19.20 -75.42
N SER A 725 -1.90 -18.12 -76.18
CA SER A 725 -2.86 -17.00 -75.93
C SER A 725 -4.25 -17.42 -76.41
N LEU A 726 -4.33 -18.28 -77.42
CA LEU A 726 -5.60 -18.87 -77.92
C LEU A 726 -6.28 -19.68 -76.79
N ALA A 727 -5.53 -20.63 -76.20
CA ALA A 727 -5.94 -21.56 -75.13
C ALA A 727 -6.15 -20.83 -73.78
N ARG A 728 -5.62 -19.61 -73.60
CA ARG A 728 -5.74 -18.80 -72.36
C ARG A 728 -7.23 -18.62 -71.98
N THR A 729 -8.12 -18.38 -72.94
CA THR A 729 -9.54 -17.98 -72.71
C THR A 729 -10.52 -18.74 -73.62
N SER A 730 -11.78 -18.90 -73.19
CA SER A 730 -12.93 -19.27 -74.05
C SER A 730 -13.34 -18.05 -74.87
N SER A 731 -12.42 -17.66 -75.75
CA SER A 731 -12.51 -16.57 -76.75
C SER A 731 -13.43 -17.00 -77.87
N ALA A 732 -13.86 -16.06 -78.70
CA ALA A 732 -14.55 -16.38 -79.97
C ALA A 732 -13.59 -17.24 -80.80
N GLU A 733 -12.30 -16.92 -80.73
CA GLU A 733 -11.23 -17.66 -81.46
C GLU A 733 -11.24 -19.13 -80.99
N TYR A 734 -11.35 -19.39 -79.69
CA TYR A 734 -11.30 -20.75 -79.10
C TYR A 734 -12.40 -21.62 -79.73
N ASN A 735 -13.60 -21.06 -79.82
CA ASN A 735 -14.84 -21.79 -80.16
C ASN A 735 -14.88 -22.01 -81.68
N VAL A 736 -14.21 -21.16 -82.47
CA VAL A 736 -14.01 -21.41 -83.93
C VAL A 736 -13.00 -22.55 -84.06
N ASN A 737 -11.86 -22.45 -83.39
CA ASN A 737 -10.78 -23.45 -83.48
C ASN A 737 -11.38 -24.83 -83.20
N ASN A 738 -12.33 -24.87 -82.26
CA ASN A 738 -13.01 -26.11 -81.77
C ASN A 738 -13.58 -26.88 -82.97
N LEU A 739 -14.31 -26.19 -83.86
CA LEU A 739 -15.09 -26.80 -84.96
C LEU A 739 -14.20 -27.30 -86.10
N VAL A 740 -13.02 -26.72 -86.30
CA VAL A 740 -12.14 -27.01 -87.47
C VAL A 740 -10.95 -27.88 -87.08
N SER A 741 -10.71 -28.10 -85.78
CA SER A 741 -9.57 -28.90 -85.28
C SER A 741 -10.06 -30.25 -84.78
N PRO A 742 -9.19 -31.28 -84.76
CA PRO A 742 -9.59 -32.59 -84.25
C PRO A 742 -9.90 -32.53 -82.75
N VAL A 743 -10.79 -33.42 -82.30
CA VAL A 743 -11.18 -33.63 -80.89
C VAL A 743 -10.17 -34.58 -80.21
N LEU A 744 -9.21 -34.02 -79.48
CA LEU A 744 -8.13 -34.78 -78.79
C LEU A 744 -8.65 -35.26 -77.43
N PHE A 745 -9.60 -36.20 -77.45
CA PHE A 745 -10.40 -36.63 -76.28
C PHE A 745 -9.61 -37.62 -75.41
N GLN A 746 -9.30 -38.83 -75.91
CA GLN A 746 -8.44 -39.86 -75.23
C GLN A 746 -7.23 -39.16 -74.59
N GLU A 747 -6.54 -38.30 -75.35
CA GLU A 747 -5.34 -37.53 -74.93
C GLU A 747 -5.55 -36.88 -73.55
N ALA A 748 -6.77 -36.42 -73.25
CA ALA A 748 -7.13 -35.63 -72.03
C ALA A 748 -7.52 -36.57 -70.88
N LEU A 749 -8.31 -37.61 -71.18
CA LEU A 749 -8.74 -38.66 -70.23
C LEU A 749 -7.51 -39.20 -69.47
N TRP A 750 -6.40 -39.46 -70.17
CA TRP A 750 -5.09 -39.85 -69.58
C TRP A 750 -4.84 -39.06 -68.30
N HIS A 751 -5.17 -37.75 -68.27
CA HIS A 751 -4.86 -36.79 -67.17
C HIS A 751 -5.80 -36.98 -65.97
N ILE A 752 -6.92 -37.71 -66.12
CA ILE A 752 -7.88 -37.96 -65.00
C ILE A 752 -7.20 -38.88 -64.00
N PRO A 753 -7.12 -38.48 -62.71
CA PRO A 753 -6.38 -39.21 -61.70
C PRO A 753 -7.00 -40.54 -61.29
N GLU A 754 -6.30 -41.32 -60.45
CA GLU A 754 -6.80 -42.57 -59.82
C GLU A 754 -7.99 -42.23 -58.91
N HIS A 755 -8.99 -43.14 -58.89
CA HIS A 755 -10.16 -43.19 -57.97
C HIS A 755 -11.12 -42.04 -58.26
N ALA A 756 -11.08 -41.47 -59.46
CA ALA A 756 -11.89 -40.28 -59.83
C ALA A 756 -13.31 -40.72 -60.13
N VAL A 757 -14.26 -39.85 -59.89
CA VAL A 757 -15.69 -40.07 -60.19
C VAL A 757 -16.04 -39.17 -61.36
N VAL A 758 -16.50 -39.78 -62.46
CA VAL A 758 -16.59 -39.15 -63.80
C VAL A 758 -18.06 -39.16 -64.20
N LEU A 759 -18.63 -37.97 -64.39
CA LEU A 759 -20.07 -37.77 -64.70
C LEU A 759 -20.20 -37.33 -66.15
N GLU A 760 -21.01 -38.02 -66.93
CA GLU A 760 -21.28 -37.63 -68.33
C GLU A 760 -22.47 -36.66 -68.36
N ILE A 761 -22.17 -35.37 -68.45
CA ILE A 761 -23.18 -34.29 -68.54
C ILE A 761 -23.67 -34.23 -69.98
N ALA A 762 -24.82 -34.84 -70.24
CA ALA A 762 -25.41 -35.01 -71.59
C ALA A 762 -26.80 -35.61 -71.47
N PRO A 763 -27.71 -35.21 -72.38
CA PRO A 763 -29.08 -35.71 -72.42
C PRO A 763 -29.17 -37.17 -72.87
N HIS A 764 -28.05 -37.74 -73.32
CA HIS A 764 -27.90 -39.21 -73.44
C HIS A 764 -26.43 -39.54 -73.26
N ALA A 765 -26.12 -40.63 -72.57
CA ALA A 765 -24.74 -40.98 -72.17
C ALA A 765 -24.07 -41.80 -73.29
N LEU A 766 -23.67 -41.13 -74.36
CA LEU A 766 -23.02 -41.76 -75.54
C LEU A 766 -21.64 -42.26 -75.14
N LEU A 767 -20.89 -41.48 -74.36
CA LEU A 767 -19.43 -41.68 -74.12
C LEU A 767 -19.12 -42.66 -72.98
N GLN A 768 -20.09 -43.44 -72.46
CA GLN A 768 -19.88 -44.36 -71.30
C GLN A 768 -18.74 -45.36 -71.61
N ALA A 769 -18.91 -46.19 -72.64
CA ALA A 769 -17.94 -47.22 -73.08
C ALA A 769 -16.56 -46.58 -73.32
N VAL A 770 -16.58 -45.49 -74.09
CA VAL A 770 -15.37 -44.69 -74.50
C VAL A 770 -14.64 -44.25 -73.24
N LEU A 771 -15.34 -43.62 -72.31
CA LEU A 771 -14.80 -43.10 -71.01
C LEU A 771 -14.17 -44.26 -70.22
N LYS A 772 -14.87 -45.38 -70.11
CA LYS A 772 -14.41 -46.61 -69.38
C LYS A 772 -13.06 -47.03 -69.97
N ARG A 773 -13.05 -47.19 -71.29
CA ARG A 773 -11.88 -47.63 -72.09
C ARG A 773 -10.75 -46.59 -72.00
N GLY A 774 -11.06 -45.32 -71.73
CA GLY A 774 -10.08 -44.22 -71.82
C GLY A 774 -9.44 -43.86 -70.50
N VAL A 775 -10.18 -44.02 -69.39
CA VAL A 775 -9.72 -43.62 -68.02
C VAL A 775 -9.30 -44.87 -67.24
N LYS A 776 -8.50 -44.65 -66.19
CA LYS A 776 -7.92 -45.68 -65.28
C LYS A 776 -9.04 -46.57 -64.72
N SER A 777 -8.73 -47.81 -64.35
CA SER A 777 -9.71 -48.81 -63.88
C SER A 777 -10.38 -48.34 -62.58
N SER A 778 -9.62 -47.75 -61.65
CA SER A 778 -10.14 -47.31 -60.33
C SER A 778 -11.44 -46.51 -60.54
N CYS A 779 -11.31 -45.32 -61.15
CA CYS A 779 -12.40 -44.39 -61.59
C CYS A 779 -13.75 -45.08 -61.77
N THR A 780 -14.81 -44.46 -61.23
CA THR A 780 -16.24 -44.81 -61.43
C THR A 780 -16.82 -43.86 -62.49
N ILE A 781 -17.54 -44.41 -63.48
CA ILE A 781 -18.18 -43.63 -64.58
C ILE A 781 -19.69 -43.64 -64.36
N ILE A 782 -20.33 -42.46 -64.40
CA ILE A 782 -21.77 -42.33 -64.02
C ILE A 782 -22.49 -41.48 -65.06
N PRO A 783 -23.53 -42.04 -65.71
CA PRO A 783 -24.43 -41.26 -66.55
C PRO A 783 -25.47 -40.45 -65.78
N LEU A 784 -26.15 -39.50 -66.43
CA LEU A 784 -27.19 -38.65 -65.80
C LEU A 784 -28.51 -38.71 -66.57
N MET A 785 -28.51 -39.13 -67.84
CA MET A 785 -29.74 -39.27 -68.67
C MET A 785 -29.55 -40.34 -69.75
N LYS A 786 -30.66 -40.98 -70.14
CA LYS A 786 -30.75 -41.94 -71.28
C LYS A 786 -32.05 -41.69 -72.03
N ARG A 787 -32.02 -41.80 -73.36
CA ARG A 787 -33.16 -41.45 -74.25
C ARG A 787 -34.21 -42.55 -74.14
N ASP A 788 -35.48 -42.16 -74.19
CA ASP A 788 -36.70 -43.03 -74.31
C ASP A 788 -36.92 -43.86 -73.03
N HIS A 789 -35.96 -43.85 -72.10
CA HIS A 789 -36.10 -44.30 -70.68
C HIS A 789 -37.36 -43.64 -70.07
N LYS A 790 -38.20 -44.44 -69.39
CA LYS A 790 -39.60 -44.05 -69.04
C LYS A 790 -39.62 -42.77 -68.21
N ASP A 791 -38.85 -42.72 -67.12
CA ASP A 791 -38.74 -41.56 -66.18
C ASP A 791 -37.25 -41.20 -66.08
N ASN A 792 -36.86 -40.01 -66.54
CA ASN A 792 -35.42 -39.61 -66.55
C ASN A 792 -35.07 -38.96 -65.21
N LEU A 793 -36.05 -38.33 -64.55
CA LEU A 793 -35.94 -37.87 -63.14
C LEU A 793 -35.55 -39.07 -62.24
N GLU A 794 -36.25 -40.21 -62.33
CA GLU A 794 -35.87 -41.44 -61.58
C GLU A 794 -34.42 -41.85 -61.91
N PHE A 795 -33.99 -41.75 -63.18
CA PHE A 795 -32.64 -42.17 -63.65
C PHE A 795 -31.57 -41.20 -63.11
N PHE A 796 -31.86 -39.91 -63.08
CA PHE A 796 -30.98 -38.85 -62.51
C PHE A 796 -30.76 -39.09 -61.00
N LEU A 797 -31.86 -39.15 -60.24
CA LEU A 797 -31.86 -39.45 -58.78
C LEU A 797 -31.02 -40.71 -58.58
N THR A 798 -31.33 -41.77 -59.33
CA THR A 798 -30.64 -43.08 -59.22
C THR A 798 -29.13 -42.85 -59.35
N ASN A 799 -28.72 -41.93 -60.23
CA ASN A 799 -27.30 -41.77 -60.59
C ASN A 799 -26.67 -40.79 -59.61
N LEU A 800 -27.43 -39.81 -59.09
CA LEU A 800 -26.94 -39.00 -57.94
C LEU A 800 -26.66 -39.94 -56.76
N GLY A 801 -27.62 -40.82 -56.44
CA GLY A 801 -27.43 -41.96 -55.53
C GLY A 801 -26.06 -42.59 -55.71
N LYS A 802 -25.67 -42.90 -56.95
CA LYS A 802 -24.42 -43.65 -57.22
C LYS A 802 -23.22 -42.80 -56.85
N VAL A 803 -23.37 -41.46 -56.84
CA VAL A 803 -22.27 -40.50 -56.51
C VAL A 803 -22.05 -40.52 -55.00
N HIS A 804 -23.15 -40.46 -54.24
CA HIS A 804 -23.16 -40.55 -52.76
C HIS A 804 -22.52 -41.88 -52.35
N LEU A 805 -22.81 -42.93 -53.10
CA LEU A 805 -22.29 -44.31 -52.95
C LEU A 805 -20.77 -44.37 -53.17
N THR A 806 -20.13 -43.34 -53.73
CA THR A 806 -18.67 -43.38 -54.02
C THR A 806 -17.92 -42.76 -52.86
N GLY A 807 -18.66 -42.28 -51.86
CA GLY A 807 -18.12 -41.50 -50.74
C GLY A 807 -18.03 -40.02 -51.03
N ILE A 808 -18.47 -39.58 -52.20
CA ILE A 808 -18.61 -38.12 -52.42
C ILE A 808 -19.93 -37.70 -51.79
N ASN A 809 -19.92 -36.62 -51.03
CA ASN A 809 -21.10 -36.14 -50.27
C ASN A 809 -21.97 -35.33 -51.22
N VAL A 810 -23.21 -35.79 -51.41
CA VAL A 810 -24.29 -35.15 -52.20
C VAL A 810 -25.48 -34.93 -51.26
N ASN A 811 -26.06 -33.75 -51.22
CA ASN A 811 -27.31 -33.51 -50.44
C ASN A 811 -28.43 -33.18 -51.41
N PRO A 812 -29.26 -34.19 -51.76
CA PRO A 812 -30.39 -33.99 -52.66
C PRO A 812 -31.56 -33.17 -52.16
N ASN A 813 -31.58 -32.68 -50.92
CA ASN A 813 -32.77 -31.94 -50.42
C ASN A 813 -33.02 -30.74 -51.34
N ALA A 814 -31.93 -30.14 -51.84
CA ALA A 814 -31.92 -28.88 -52.62
C ALA A 814 -32.58 -29.03 -53.99
N LEU A 815 -32.89 -30.26 -54.45
CA LEU A 815 -33.55 -30.50 -55.77
C LEU A 815 -35.03 -30.11 -55.68
N PHE A 816 -35.60 -30.17 -54.48
CA PHE A 816 -37.05 -29.95 -54.23
C PHE A 816 -37.16 -28.75 -53.31
N PRO A 817 -38.38 -28.20 -53.14
CA PRO A 817 -38.58 -27.03 -52.27
C PRO A 817 -38.20 -27.39 -50.85
N PRO A 818 -37.55 -26.48 -50.11
CA PRO A 818 -36.99 -26.80 -48.80
C PRO A 818 -38.14 -27.12 -47.84
N VAL A 819 -37.93 -28.05 -46.90
CA VAL A 819 -38.90 -28.31 -45.80
C VAL A 819 -38.87 -27.12 -44.83
N GLU A 820 -40.03 -26.65 -44.36
CA GLU A 820 -40.09 -25.62 -43.30
C GLU A 820 -39.98 -26.33 -41.93
N PHE A 821 -38.83 -26.21 -41.27
CA PHE A 821 -38.58 -26.66 -39.87
C PHE A 821 -38.96 -25.53 -38.92
N PRO A 822 -39.31 -25.81 -37.66
CA PRO A 822 -39.27 -27.15 -37.06
C PRO A 822 -40.14 -28.25 -37.68
N ALA A 823 -39.58 -29.46 -37.78
CA ALA A 823 -40.31 -30.65 -38.26
C ALA A 823 -41.58 -30.85 -37.46
N PRO A 824 -42.69 -31.25 -38.10
CA PRO A 824 -43.94 -31.50 -37.40
C PRO A 824 -43.86 -32.54 -36.27
N ARG A 825 -44.69 -32.35 -35.25
CA ARG A 825 -44.84 -33.31 -34.14
C ARG A 825 -45.07 -34.69 -34.75
N GLY A 826 -44.37 -35.70 -34.27
CA GLY A 826 -44.63 -37.09 -34.65
C GLY A 826 -43.86 -37.48 -35.87
N THR A 827 -42.95 -36.63 -36.35
CA THR A 827 -41.89 -37.08 -37.28
C THR A 827 -41.24 -38.32 -36.65
N PRO A 828 -41.06 -39.47 -37.34
CA PRO A 828 -40.51 -40.66 -36.69
C PRO A 828 -39.15 -40.45 -36.04
N LEU A 829 -38.86 -41.21 -34.98
CA LEU A 829 -37.60 -41.15 -34.20
C LEU A 829 -36.48 -41.69 -35.10
N ILE A 830 -35.34 -41.04 -35.13
CA ILE A 830 -34.15 -41.57 -35.84
C ILE A 830 -33.29 -42.40 -34.88
N SER A 831 -33.20 -42.05 -33.58
CA SER A 831 -32.26 -42.69 -32.59
C SER A 831 -32.35 -44.21 -32.68
N PRO A 832 -33.56 -44.84 -32.76
CA PRO A 832 -33.65 -46.29 -32.69
C PRO A 832 -33.11 -47.01 -33.94
N HIS A 833 -32.91 -46.29 -35.03
CA HIS A 833 -32.42 -46.88 -36.31
C HIS A 833 -30.96 -46.52 -36.57
N ILE A 834 -30.19 -46.22 -35.53
CA ILE A 834 -28.71 -46.03 -35.63
C ILE A 834 -28.10 -47.33 -35.11
N LYS A 835 -27.82 -48.24 -36.03
CA LYS A 835 -27.19 -49.55 -35.73
C LYS A 835 -25.69 -49.33 -35.73
N TRP A 836 -24.98 -50.04 -34.86
CA TRP A 836 -23.51 -49.97 -34.70
C TRP A 836 -22.93 -51.29 -35.16
N ASP A 837 -21.62 -51.40 -35.10
CA ASP A 837 -20.86 -52.65 -35.25
C ASP A 837 -20.59 -53.12 -33.82
N HIS A 838 -21.46 -53.98 -33.30
CA HIS A 838 -21.30 -54.61 -31.96
C HIS A 838 -20.69 -56.02 -32.08
N SER A 839 -19.84 -56.28 -33.06
CA SER A 839 -19.20 -57.60 -33.23
C SER A 839 -18.32 -57.92 -32.02
N GLN A 840 -17.59 -56.94 -31.48
CA GLN A 840 -16.66 -57.12 -30.33
C GLN A 840 -17.47 -57.17 -29.03
N THR A 841 -16.87 -57.71 -27.96
CA THR A 841 -17.46 -57.86 -26.60
C THR A 841 -16.44 -57.40 -25.55
N TRP A 842 -16.79 -56.40 -24.73
CA TRP A 842 -15.83 -55.70 -23.85
C TRP A 842 -16.05 -56.10 -22.38
N ASP A 843 -15.00 -55.99 -21.57
CA ASP A 843 -15.05 -56.33 -20.13
C ASP A 843 -16.09 -55.44 -19.46
N VAL A 844 -16.80 -56.02 -18.49
CA VAL A 844 -17.76 -55.34 -17.59
C VAL A 844 -17.38 -55.74 -16.18
N PRO A 845 -17.16 -54.80 -15.23
CA PRO A 845 -16.97 -55.19 -13.83
C PRO A 845 -18.11 -56.09 -13.38
N VAL A 846 -17.81 -57.08 -12.53
CA VAL A 846 -18.81 -58.04 -11.96
C VAL A 846 -18.75 -57.97 -10.42
N ALA A 847 -19.72 -58.55 -9.71
CA ALA A 847 -19.90 -58.35 -8.23
C ALA A 847 -18.60 -58.69 -7.48
N GLU A 848 -17.90 -59.74 -7.90
CA GLU A 848 -16.74 -60.31 -7.16
C GLU A 848 -15.49 -59.43 -7.35
N ASP A 849 -15.55 -58.41 -8.21
CA ASP A 849 -14.48 -57.39 -8.39
C ASP A 849 -14.54 -56.35 -7.26
N PHE A 850 -15.61 -56.35 -6.45
CA PHE A 850 -15.74 -55.49 -5.25
C PHE A 850 -15.53 -56.34 -3.99
N PRO A 851 -15.20 -55.73 -2.84
CA PRO A 851 -14.95 -56.47 -1.60
C PRO A 851 -16.15 -57.15 -0.90
N ASN A 852 -15.89 -57.86 0.20
CA ASN A 852 -16.91 -58.29 1.21
C ASN A 852 -16.24 -58.69 2.53
N SER B 1 -26.31 -6.40 -13.89
CA SER B 1 -25.22 -7.30 -13.42
C SER B 1 -24.46 -6.65 -12.25
N GLU B 2 -24.29 -7.41 -11.16
CA GLU B 2 -23.66 -7.01 -9.86
C GLU B 2 -22.12 -7.10 -9.92
N GLU B 3 -21.39 -6.23 -9.23
CA GLU B 3 -19.94 -6.43 -8.97
C GLU B 3 -19.82 -7.66 -8.07
N VAL B 4 -18.85 -8.56 -8.31
CA VAL B 4 -18.67 -9.81 -7.52
C VAL B 4 -17.28 -9.76 -6.87
N VAL B 5 -17.21 -9.84 -5.54
CA VAL B 5 -15.92 -9.74 -4.79
C VAL B 5 -15.68 -11.05 -4.07
N ILE B 6 -14.40 -11.40 -3.88
CA ILE B 6 -13.97 -12.46 -2.95
C ILE B 6 -13.90 -11.85 -1.56
N ALA B 7 -14.79 -12.27 -0.65
CA ALA B 7 -15.11 -11.63 0.65
C ALA B 7 -14.42 -12.34 1.83
N GLY B 8 -14.30 -13.66 1.81
CA GLY B 8 -13.67 -14.42 2.90
C GLY B 8 -12.87 -15.61 2.39
N MET B 9 -11.93 -16.11 3.17
CA MET B 9 -11.22 -17.34 2.80
C MET B 9 -10.59 -17.99 4.03
N SER B 10 -10.58 -19.31 4.03
CA SER B 10 -9.83 -20.15 4.99
C SER B 10 -9.29 -21.37 4.25
N GLY B 11 -8.56 -22.25 4.93
CA GLY B 11 -8.05 -23.45 4.26
C GLY B 11 -7.12 -24.27 5.11
N LYS B 12 -6.87 -25.49 4.68
CA LYS B 12 -5.86 -26.41 5.27
C LYS B 12 -5.04 -26.87 4.09
N LEU B 13 -3.72 -26.71 4.13
CA LEU B 13 -2.84 -27.08 2.98
C LEU B 13 -1.65 -27.78 3.57
N PRO B 14 -0.83 -28.50 2.77
CA PRO B 14 0.23 -29.33 3.34
C PRO B 14 1.08 -28.57 4.38
N GLU B 15 1.31 -29.21 5.53
CA GLU B 15 1.97 -28.63 6.73
C GLU B 15 1.39 -27.26 7.06
N SER B 16 0.09 -27.02 6.92
CA SER B 16 -0.51 -25.69 7.20
C SER B 16 -1.97 -25.83 7.65
N GLU B 17 -2.20 -25.59 8.94
CA GLU B 17 -3.48 -25.83 9.64
C GLU B 17 -4.44 -24.69 9.32
N ASN B 18 -3.92 -23.58 8.81
CA ASN B 18 -4.75 -22.42 8.41
C ASN B 18 -3.96 -21.58 7.41
N LEU B 19 -4.54 -20.47 6.94
CA LEU B 19 -3.89 -19.64 5.90
C LEU B 19 -2.66 -18.90 6.47
N GLN B 20 -2.62 -18.62 7.79
CA GLN B 20 -1.42 -18.02 8.44
C GLN B 20 -0.23 -18.99 8.34
N GLU B 21 -0.40 -20.25 8.72
CA GLU B 21 0.77 -21.17 8.66
C GLU B 21 1.18 -21.22 7.20
N PHE B 22 0.21 -21.14 6.28
CA PHE B 22 0.44 -21.36 4.83
C PHE B 22 1.28 -20.17 4.36
N TRP B 23 0.77 -18.97 4.68
CA TRP B 23 1.45 -17.70 4.31
C TRP B 23 2.88 -17.76 4.82
N ALA B 24 3.09 -18.12 6.08
CA ALA B 24 4.44 -18.26 6.66
C ALA B 24 5.30 -19.19 5.79
N ASN B 25 4.80 -20.36 5.40
CA ASN B 25 5.58 -21.36 4.63
C ASN B 25 5.88 -20.82 3.22
N LEU B 26 4.96 -20.03 2.67
CA LEU B 26 5.11 -19.52 1.28
C LEU B 26 6.31 -18.55 1.26
N ILE B 27 6.22 -17.52 2.11
CA ILE B 27 6.97 -16.24 1.98
C ILE B 27 8.40 -16.53 2.45
N GLY B 28 8.52 -17.39 3.46
CA GLY B 28 9.81 -17.86 3.99
C GLY B 28 10.35 -19.08 3.26
N GLY B 29 9.69 -19.54 2.19
CA GLY B 29 10.22 -20.57 1.27
C GLY B 29 10.34 -21.97 1.87
N VAL B 30 9.50 -22.35 2.84
CA VAL B 30 9.42 -23.76 3.34
C VAL B 30 8.84 -24.63 2.22
N ASP B 31 9.53 -25.70 1.86
CA ASP B 31 8.94 -26.79 1.03
C ASP B 31 7.99 -27.61 1.90
N MET B 32 6.70 -27.60 1.56
CA MET B 32 5.55 -28.19 2.32
C MET B 32 5.27 -29.62 1.88
N VAL B 33 5.94 -30.09 0.83
CA VAL B 33 5.93 -31.51 0.41
C VAL B 33 6.84 -32.30 1.38
N THR B 34 6.41 -33.49 1.80
CA THR B 34 7.03 -34.30 2.88
C THR B 34 7.16 -35.74 2.43
N ASP B 35 8.01 -36.53 3.10
CA ASP B 35 8.28 -37.94 2.72
C ASP B 35 7.90 -38.91 3.85
N ASP B 36 7.19 -38.46 4.89
CA ASP B 36 6.80 -39.33 6.04
C ASP B 36 5.74 -40.32 5.58
N ASP B 37 5.31 -41.19 6.50
CA ASP B 37 4.57 -42.46 6.25
C ASP B 37 3.10 -42.28 6.63
N ARG B 38 2.61 -41.05 6.53
CA ARG B 38 1.35 -40.57 7.17
C ARG B 38 0.12 -41.25 6.57
N ARG B 39 0.05 -41.39 5.25
CA ARG B 39 -1.15 -41.97 4.57
C ARG B 39 -0.90 -43.42 4.18
N TRP B 40 0.36 -43.75 3.93
CA TRP B 40 0.84 -45.10 3.56
C TRP B 40 2.37 -45.15 3.61
N LYS B 41 2.96 -46.35 3.72
CA LYS B 41 4.44 -46.51 3.82
C LYS B 41 5.09 -45.78 2.63
N ALA B 42 5.85 -44.72 2.89
CA ALA B 42 6.59 -44.00 1.82
C ALA B 42 7.24 -45.03 0.90
N GLY B 43 7.01 -44.95 -0.41
CA GLY B 43 7.64 -45.83 -1.42
C GLY B 43 6.75 -46.99 -1.81
N LEU B 44 5.64 -47.22 -1.10
CA LEU B 44 4.76 -48.38 -1.39
C LEU B 44 4.48 -48.48 -2.89
N TYR B 45 4.53 -49.69 -3.46
CA TYR B 45 4.24 -50.00 -4.88
C TYR B 45 5.16 -49.22 -5.84
N GLY B 46 6.34 -48.79 -5.38
CA GLY B 46 7.28 -48.02 -6.21
C GLY B 46 6.91 -46.54 -6.29
N LEU B 47 5.96 -46.08 -5.48
CA LEU B 47 5.40 -44.70 -5.59
C LEU B 47 6.43 -43.69 -5.10
N PRO B 48 6.32 -42.41 -5.53
CA PRO B 48 7.17 -41.38 -5.00
C PRO B 48 7.03 -41.32 -3.48
N LYS B 49 8.13 -41.11 -2.77
CA LYS B 49 8.13 -40.95 -1.29
C LYS B 49 7.46 -39.62 -0.93
N ARG B 50 7.40 -38.67 -1.87
CA ARG B 50 7.09 -37.26 -1.55
C ARG B 50 5.65 -36.91 -1.97
N SER B 51 4.88 -36.27 -1.09
CA SER B 51 3.51 -35.79 -1.41
C SER B 51 3.10 -34.75 -0.37
N GLY B 52 2.37 -33.71 -0.77
CA GLY B 52 1.82 -32.67 0.12
C GLY B 52 0.66 -33.21 0.94
N LYS B 53 0.80 -33.25 2.27
CA LYS B 53 -0.19 -33.88 3.18
C LYS B 53 -0.56 -32.88 4.27
N LEU B 54 -1.84 -32.82 4.61
CA LEU B 54 -2.39 -32.08 5.77
C LEU B 54 -1.82 -32.66 7.06
N LYS B 55 -1.69 -31.84 8.09
CA LYS B 55 -1.15 -32.26 9.40
C LYS B 55 -2.10 -33.30 10.01
N ASP B 56 -3.39 -32.98 10.13
CA ASP B 56 -4.40 -33.90 10.71
C ASP B 56 -5.64 -34.03 9.81
N LEU B 57 -6.27 -35.22 9.81
CA LEU B 57 -7.61 -35.51 9.21
C LEU B 57 -8.64 -35.89 10.30
N SER B 58 -8.17 -36.21 11.51
CA SER B 58 -8.94 -36.86 12.59
C SER B 58 -9.80 -35.87 13.41
N LYS B 59 -9.64 -34.54 13.28
CA LYS B 59 -10.34 -33.56 14.13
C LYS B 59 -11.58 -33.01 13.41
N PHE B 60 -12.60 -32.66 14.19
CA PHE B 60 -13.92 -32.14 13.72
C PHE B 60 -14.86 -31.87 14.90
N ASP B 61 -15.25 -30.62 15.10
CA ASP B 61 -16.21 -30.22 16.18
C ASP B 61 -17.64 -30.62 15.77
N ALA B 62 -17.92 -31.91 15.86
CA ALA B 62 -19.20 -32.56 15.48
C ALA B 62 -20.42 -31.84 16.07
N SER B 63 -20.45 -31.61 17.39
CA SER B 63 -21.68 -31.12 18.05
C SER B 63 -22.03 -29.74 17.49
N PHE B 64 -21.04 -28.94 17.11
CA PHE B 64 -21.27 -27.60 16.54
C PHE B 64 -22.02 -27.74 15.21
N PHE B 65 -21.64 -28.73 14.40
CA PHE B 65 -22.25 -28.96 13.06
C PHE B 65 -23.41 -29.94 13.17
N GLY B 66 -23.96 -30.13 14.35
CA GLY B 66 -25.14 -30.98 14.56
C GLY B 66 -24.90 -32.33 13.96
N VAL B 67 -23.78 -32.98 14.30
CA VAL B 67 -23.43 -34.32 13.77
C VAL B 67 -23.13 -35.25 14.95
N HIS B 68 -24.01 -36.24 15.20
CA HIS B 68 -23.87 -37.20 16.33
C HIS B 68 -22.65 -38.08 16.05
N PRO B 69 -22.03 -38.70 17.08
CA PRO B 69 -20.71 -39.31 16.87
C PRO B 69 -20.59 -40.45 15.86
N LYS B 70 -21.59 -41.31 15.71
CA LYS B 70 -21.51 -42.47 14.80
C LYS B 70 -21.40 -41.95 13.35
N GLN B 71 -22.17 -40.90 13.04
CA GLN B 71 -22.19 -40.22 11.71
C GLN B 71 -20.83 -39.57 11.42
N ALA B 72 -20.25 -38.89 12.42
CA ALA B 72 -18.91 -38.27 12.34
C ALA B 72 -17.84 -39.31 11.99
N HIS B 73 -17.87 -40.50 12.60
CA HIS B 73 -16.87 -41.56 12.32
C HIS B 73 -16.96 -42.07 10.88
N THR B 74 -18.11 -41.88 10.24
CA THR B 74 -18.42 -42.43 8.90
C THR B 74 -18.68 -41.28 7.90
N MET B 75 -18.11 -40.11 8.17
CA MET B 75 -18.23 -38.92 7.30
C MET B 75 -16.90 -38.80 6.56
N ASP B 76 -16.91 -38.48 5.27
CA ASP B 76 -15.66 -38.21 4.52
C ASP B 76 -14.89 -37.17 5.34
N PRO B 77 -13.61 -37.39 5.64
CA PRO B 77 -12.83 -36.38 6.35
C PRO B 77 -12.77 -35.08 5.54
N GLN B 78 -12.83 -35.18 4.21
CA GLN B 78 -13.02 -34.02 3.31
C GLN B 78 -14.19 -33.17 3.82
N LEU B 79 -15.34 -33.78 4.11
CA LEU B 79 -16.56 -33.01 4.43
C LEU B 79 -16.38 -32.41 5.82
N ARG B 80 -15.71 -33.13 6.71
CA ARG B 80 -15.56 -32.72 8.13
C ARG B 80 -14.72 -31.44 8.13
N LEU B 81 -13.53 -31.51 7.51
CA LEU B 81 -12.58 -30.37 7.42
C LEU B 81 -13.31 -29.20 6.74
N LEU B 82 -14.13 -29.48 5.73
CA LEU B 82 -14.69 -28.44 4.83
C LEU B 82 -15.84 -27.71 5.53
N LEU B 83 -16.56 -28.40 6.43
CA LEU B 83 -17.62 -27.74 7.24
C LEU B 83 -16.96 -26.66 8.11
N GLU B 84 -15.81 -26.98 8.73
CA GLU B 84 -15.02 -26.05 9.59
C GLU B 84 -14.46 -24.91 8.71
N VAL B 85 -13.83 -25.26 7.58
CA VAL B 85 -13.13 -24.27 6.72
C VAL B 85 -14.14 -23.29 6.13
N SER B 86 -15.30 -23.78 5.71
CA SER B 86 -16.41 -22.93 5.21
C SER B 86 -16.83 -21.94 6.31
N TYR B 87 -16.96 -22.41 7.55
CA TYR B 87 -17.38 -21.53 8.67
C TYR B 87 -16.31 -20.43 8.81
N GLU B 88 -15.04 -20.85 8.93
CA GLU B 88 -13.87 -19.95 8.98
C GLU B 88 -14.01 -18.88 7.87
N ALA B 89 -14.21 -19.30 6.63
CA ALA B 89 -14.17 -18.39 5.45
C ALA B 89 -15.32 -17.39 5.50
N ILE B 90 -16.49 -17.74 6.04
CA ILE B 90 -17.62 -16.77 6.03
C ILE B 90 -17.32 -15.70 7.07
N VAL B 91 -17.01 -16.11 8.30
CA VAL B 91 -16.68 -15.17 9.41
C VAL B 91 -15.34 -14.50 9.08
N ASP B 92 -14.50 -15.11 8.23
CA ASP B 92 -13.19 -14.48 7.92
C ASP B 92 -13.45 -13.12 7.27
N GLY B 93 -14.53 -13.01 6.51
CA GLY B 93 -14.86 -11.77 5.81
C GLY B 93 -15.70 -10.85 6.66
N GLY B 94 -15.82 -11.16 7.96
CA GLY B 94 -16.56 -10.38 8.97
C GLY B 94 -18.06 -10.36 8.71
N ILE B 95 -18.61 -11.50 8.30
CA ILE B 95 -20.05 -11.67 8.01
C ILE B 95 -20.60 -12.66 9.03
N ASN B 96 -21.71 -12.35 9.71
CA ASN B 96 -22.31 -13.30 10.69
C ASN B 96 -23.12 -14.33 9.90
N PRO B 97 -22.68 -15.61 9.92
CA PRO B 97 -23.33 -16.66 9.15
C PRO B 97 -24.86 -16.59 9.19
N ALA B 98 -25.40 -16.04 10.27
CA ALA B 98 -26.85 -15.94 10.52
C ALA B 98 -27.49 -14.99 9.50
N SER B 99 -26.71 -14.06 8.95
CA SER B 99 -27.19 -13.00 8.03
C SER B 99 -27.51 -13.57 6.63
N LEU B 100 -27.08 -14.81 6.35
CA LEU B 100 -27.19 -15.49 5.04
C LEU B 100 -28.12 -16.70 5.12
N ARG B 101 -28.57 -17.10 6.31
CA ARG B 101 -29.52 -18.23 6.45
C ARG B 101 -30.82 -17.82 5.78
N GLY B 102 -31.42 -18.74 5.01
CA GLY B 102 -32.67 -18.55 4.24
C GLY B 102 -32.45 -17.76 2.96
N THR B 103 -31.24 -17.26 2.70
CA THR B 103 -30.92 -16.53 1.45
C THR B 103 -30.80 -17.54 0.30
N ASN B 104 -30.75 -17.06 -0.93
CA ASN B 104 -30.52 -17.90 -2.13
C ASN B 104 -28.99 -17.94 -2.36
N THR B 105 -28.23 -18.02 -1.29
CA THR B 105 -26.76 -18.20 -1.33
C THR B 105 -26.51 -19.61 -1.86
N GLY B 106 -25.58 -19.75 -2.79
CA GLY B 106 -25.27 -21.01 -3.49
C GLY B 106 -24.00 -21.64 -2.98
N VAL B 107 -23.89 -22.95 -3.11
CA VAL B 107 -22.62 -23.68 -2.82
C VAL B 107 -22.17 -24.41 -4.07
N TRP B 108 -20.91 -24.25 -4.45
CA TRP B 108 -20.25 -25.04 -5.50
C TRP B 108 -18.96 -25.60 -4.92
N VAL B 109 -18.77 -26.90 -4.97
CA VAL B 109 -17.56 -27.57 -4.42
C VAL B 109 -16.90 -28.32 -5.56
N GLY B 110 -15.63 -28.03 -5.82
CA GLY B 110 -14.80 -28.82 -6.73
C GLY B 110 -14.25 -30.02 -6.00
N VAL B 111 -14.62 -31.22 -6.44
CA VAL B 111 -14.15 -32.49 -5.82
C VAL B 111 -14.11 -33.56 -6.91
N SER B 112 -13.08 -34.42 -6.89
CA SER B 112 -12.72 -35.39 -7.96
C SER B 112 -12.71 -36.85 -7.45
N GLY B 113 -12.69 -37.05 -6.14
CA GLY B 113 -12.44 -38.36 -5.50
C GLY B 113 -13.28 -38.53 -4.25
N SER B 114 -13.64 -39.79 -3.97
CA SER B 114 -14.56 -40.19 -2.88
C SER B 114 -13.97 -41.44 -2.23
N GLU B 115 -12.70 -41.35 -1.82
CA GLU B 115 -11.89 -42.51 -1.37
C GLU B 115 -12.46 -43.03 -0.04
N ALA B 116 -12.93 -42.17 0.85
CA ALA B 116 -13.62 -42.58 2.09
C ALA B 116 -14.88 -43.41 1.76
N SER B 117 -15.73 -42.97 0.82
CA SER B 117 -16.96 -43.71 0.45
C SER B 117 -16.62 -45.17 0.14
N GLU B 118 -15.50 -45.39 -0.54
CA GLU B 118 -15.08 -46.73 -0.99
C GLU B 118 -14.62 -47.57 0.20
N ALA B 119 -13.97 -46.97 1.19
CA ALA B 119 -13.48 -47.64 2.41
C ALA B 119 -14.64 -48.01 3.35
N LEU B 120 -15.67 -47.16 3.47
CA LEU B 120 -16.79 -47.36 4.44
C LEU B 120 -17.89 -48.26 3.86
N SER B 121 -17.79 -48.67 2.60
CA SER B 121 -18.72 -49.61 1.92
C SER B 121 -18.00 -50.93 1.61
N ARG B 122 -16.81 -51.15 2.15
CA ARG B 122 -15.98 -52.35 1.84
C ARG B 122 -16.62 -53.62 2.42
N ASP B 123 -17.40 -53.52 3.49
CA ASP B 123 -17.92 -54.73 4.19
C ASP B 123 -19.44 -54.67 4.36
N PRO B 124 -20.19 -55.43 3.53
CA PRO B 124 -21.65 -55.58 3.64
C PRO B 124 -22.25 -55.97 4.99
N GLU B 125 -21.53 -56.75 5.81
CA GLU B 125 -22.04 -57.20 7.15
C GLU B 125 -22.04 -56.00 8.09
N THR B 126 -20.92 -55.27 8.16
CA THR B 126 -20.59 -54.29 9.24
C THR B 126 -20.82 -52.84 8.79
N LEU B 127 -21.07 -52.58 7.51
CA LEU B 127 -21.17 -51.18 6.99
C LEU B 127 -22.44 -50.51 7.50
N LEU B 128 -22.43 -49.21 7.65
CA LEU B 128 -23.58 -48.43 8.16
C LEU B 128 -24.21 -47.64 7.00
N GLY B 129 -25.52 -47.49 6.97
CA GLY B 129 -26.19 -46.60 6.01
C GLY B 129 -25.66 -45.18 6.11
N TYR B 130 -25.36 -44.73 7.32
CA TYR B 130 -24.77 -43.40 7.66
C TYR B 130 -23.63 -43.06 6.69
N SER B 131 -22.79 -44.05 6.33
CA SER B 131 -21.60 -43.83 5.47
C SER B 131 -22.02 -43.13 4.16
N MET B 132 -23.10 -43.57 3.51
CA MET B 132 -23.67 -42.97 2.27
C MET B 132 -23.91 -41.47 2.49
N VAL B 133 -24.51 -41.07 3.61
CA VAL B 133 -24.99 -39.68 3.85
C VAL B 133 -23.80 -38.78 4.20
N GLY B 134 -22.69 -39.39 4.59
CA GLY B 134 -21.44 -38.69 4.95
C GLY B 134 -20.38 -38.75 3.84
N CYS B 135 -20.63 -39.50 2.76
CA CYS B 135 -19.55 -39.76 1.75
C CYS B 135 -20.00 -39.55 0.32
N GLN B 136 -21.29 -39.60 0.00
CA GLN B 136 -21.76 -39.38 -1.40
C GLN B 136 -21.36 -37.96 -1.81
N ARG B 137 -20.77 -37.85 -3.00
CA ARG B 137 -20.10 -36.61 -3.47
C ARG B 137 -21.06 -35.40 -3.41
N ALA B 138 -22.37 -35.59 -3.56
CA ALA B 138 -23.33 -34.48 -3.66
C ALA B 138 -23.49 -33.82 -2.29
N MET B 139 -23.20 -34.56 -1.23
CA MET B 139 -23.19 -34.09 0.17
C MET B 139 -21.96 -33.18 0.44
N MET B 140 -20.83 -33.38 -0.24
CA MET B 140 -19.68 -32.44 -0.13
C MET B 140 -20.22 -31.01 -0.30
N ALA B 141 -21.32 -30.81 -1.05
CA ALA B 141 -21.96 -29.48 -1.21
C ALA B 141 -23.29 -29.42 -0.43
N ASN B 142 -24.12 -30.45 -0.51
CA ASN B 142 -25.50 -30.42 0.03
C ASN B 142 -25.41 -30.24 1.56
N ARG B 143 -24.41 -30.86 2.18
CA ARG B 143 -24.18 -30.77 3.64
C ARG B 143 -23.93 -29.32 4.07
N LEU B 144 -23.08 -28.61 3.34
CA LEU B 144 -22.84 -27.17 3.55
C LEU B 144 -24.20 -26.47 3.46
N SER B 145 -24.89 -26.62 2.34
CA SER B 145 -26.19 -25.92 2.12
C SER B 145 -27.08 -26.18 3.34
N PHE B 146 -27.06 -27.41 3.85
CA PHE B 146 -27.96 -27.86 4.94
C PHE B 146 -27.64 -27.14 6.26
N PHE B 147 -26.38 -27.23 6.69
CA PHE B 147 -25.87 -26.56 7.91
C PHE B 147 -26.07 -25.03 7.86
N PHE B 148 -25.67 -24.35 6.77
CA PHE B 148 -25.68 -22.86 6.68
C PHE B 148 -27.09 -22.37 6.30
N ASP B 149 -28.03 -23.26 5.98
CA ASP B 149 -29.39 -22.92 5.48
C ASP B 149 -29.28 -22.03 4.24
N PHE B 150 -28.44 -22.44 3.29
CA PHE B 150 -28.30 -21.83 1.94
C PHE B 150 -29.26 -22.55 0.98
N LYS B 151 -30.19 -21.79 0.38
CA LYS B 151 -31.28 -22.31 -0.48
C LYS B 151 -30.96 -22.12 -1.97
N GLY B 152 -29.82 -21.52 -2.32
CA GLY B 152 -29.39 -21.44 -3.73
C GLY B 152 -28.96 -22.81 -4.28
N PRO B 153 -28.44 -22.83 -5.52
CA PRO B 153 -27.92 -24.07 -6.12
C PRO B 153 -26.91 -24.71 -5.19
N SER B 154 -26.89 -26.03 -5.09
CA SER B 154 -25.94 -26.80 -4.24
C SER B 154 -25.37 -27.98 -5.06
N ILE B 155 -24.13 -27.83 -5.52
CA ILE B 155 -23.59 -28.61 -6.66
C ILE B 155 -22.15 -29.03 -6.39
N ALA B 156 -21.91 -30.34 -6.30
CA ALA B 156 -20.55 -30.89 -6.41
C ALA B 156 -20.26 -31.01 -7.91
N LEU B 157 -19.09 -30.60 -8.42
CA LEU B 157 -18.77 -30.84 -9.84
C LEU B 157 -17.32 -31.26 -10.03
N ASP B 158 -17.06 -32.06 -11.06
CA ASP B 158 -15.76 -32.68 -11.36
C ASP B 158 -15.33 -32.30 -12.77
N THR B 159 -14.30 -31.47 -12.92
CA THR B 159 -13.63 -31.21 -14.21
C THR B 159 -12.16 -31.62 -14.06
N ALA B 160 -11.93 -32.52 -13.13
CA ALA B 160 -10.61 -32.96 -12.66
C ALA B 160 -9.87 -31.77 -12.02
N CYS B 161 -8.63 -31.53 -12.41
CA CYS B 161 -7.74 -30.56 -11.73
C CYS B 161 -8.34 -29.15 -11.77
N SER B 162 -9.30 -28.85 -12.63
CA SER B 162 -9.89 -27.49 -12.79
C SER B 162 -11.22 -27.34 -12.02
N SER B 163 -11.60 -28.31 -11.20
CA SER B 163 -12.94 -28.36 -10.55
C SER B 163 -13.17 -27.15 -9.66
N SER B 164 -12.20 -26.78 -8.82
CA SER B 164 -12.39 -25.75 -7.77
C SER B 164 -12.41 -24.34 -8.40
N LEU B 165 -11.69 -24.09 -9.49
CA LEU B 165 -11.78 -22.76 -10.16
C LEU B 165 -13.05 -22.67 -11.00
N LEU B 166 -13.44 -23.76 -11.66
CA LEU B 166 -14.76 -23.81 -12.35
C LEU B 166 -15.86 -23.50 -11.33
N ALA B 167 -15.78 -24.08 -10.14
CA ALA B 167 -16.73 -23.81 -9.05
C ALA B 167 -16.76 -22.30 -8.79
N LEU B 168 -15.59 -21.66 -8.75
CA LEU B 168 -15.49 -20.19 -8.54
C LEU B 168 -16.17 -19.51 -9.73
N GLN B 169 -15.85 -19.98 -10.94
CA GLN B 169 -16.38 -19.43 -12.22
C GLN B 169 -17.92 -19.57 -12.23
N ASN B 170 -18.47 -20.74 -11.91
CA ASN B 170 -19.95 -20.94 -11.85
C ASN B 170 -20.53 -19.96 -10.82
N ALA B 171 -20.01 -19.99 -9.59
CA ALA B 171 -20.42 -19.12 -8.48
C ALA B 171 -20.39 -17.67 -8.97
N TYR B 172 -19.31 -17.26 -9.64
CA TYR B 172 -19.19 -15.88 -10.15
C TYR B 172 -20.39 -15.60 -11.07
N GLN B 173 -20.63 -16.46 -12.07
CA GLN B 173 -21.70 -16.21 -13.06
C GLN B 173 -23.03 -16.05 -12.30
N ALA B 174 -23.29 -16.89 -11.32
CA ALA B 174 -24.58 -16.91 -10.58
C ALA B 174 -24.77 -15.61 -9.78
N ILE B 175 -23.71 -15.07 -9.18
CA ILE B 175 -23.77 -13.78 -8.44
C ILE B 175 -23.94 -12.65 -9.47
N ARG B 176 -23.13 -12.62 -10.54
CA ARG B 176 -23.19 -11.57 -11.59
C ARG B 176 -24.61 -11.47 -12.15
N SER B 177 -25.29 -12.60 -12.37
CA SER B 177 -26.61 -12.65 -13.04
C SER B 177 -27.76 -12.24 -12.12
N GLY B 178 -27.52 -11.99 -10.83
CA GLY B 178 -28.62 -11.73 -9.88
C GLY B 178 -29.20 -13.00 -9.27
N GLU B 179 -28.83 -14.19 -9.75
CA GLU B 179 -29.40 -15.48 -9.25
C GLU B 179 -29.16 -15.63 -7.74
N CYS B 180 -28.01 -15.15 -7.24
CA CYS B 180 -27.47 -15.41 -5.87
C CYS B 180 -26.81 -14.17 -5.30
N PRO B 181 -27.08 -13.82 -4.02
CA PRO B 181 -26.47 -12.65 -3.40
C PRO B 181 -25.02 -12.95 -3.01
N ALA B 182 -24.73 -14.23 -2.81
CA ALA B 182 -23.43 -14.70 -2.27
C ALA B 182 -23.23 -16.15 -2.65
N ALA B 183 -22.03 -16.69 -2.45
CA ALA B 183 -21.77 -18.12 -2.71
C ALA B 183 -20.58 -18.62 -1.92
N LEU B 184 -20.69 -19.85 -1.44
CA LEU B 184 -19.59 -20.56 -0.76
C LEU B 184 -18.96 -21.44 -1.82
N VAL B 185 -17.64 -21.45 -1.87
CA VAL B 185 -16.92 -22.12 -2.97
C VAL B 185 -15.79 -22.94 -2.35
N GLY B 186 -15.87 -24.25 -2.50
CA GLY B 186 -14.92 -25.18 -1.86
C GLY B 186 -14.11 -25.88 -2.91
N GLY B 187 -12.95 -26.37 -2.49
CA GLY B 187 -12.15 -27.39 -3.19
C GLY B 187 -11.59 -28.35 -2.16
N ILE B 188 -11.53 -29.64 -2.47
CA ILE B 188 -11.07 -30.67 -1.50
C ILE B 188 -10.36 -31.78 -2.25
N ASN B 189 -9.32 -32.33 -1.63
CA ASN B 189 -8.57 -33.47 -2.18
C ASN B 189 -7.81 -34.16 -1.05
N LEU B 190 -7.86 -35.48 -0.96
CA LEU B 190 -7.10 -36.24 0.06
C LEU B 190 -6.41 -37.40 -0.65
N LEU B 191 -5.30 -37.87 -0.07
CA LEU B 191 -4.48 -39.00 -0.59
C LEU B 191 -4.66 -40.21 0.34
N LEU B 192 -5.85 -40.79 0.39
CA LEU B 192 -6.20 -41.89 1.31
C LEU B 192 -5.79 -43.23 0.68
N LYS B 193 -5.95 -43.35 -0.63
CA LYS B 193 -5.90 -44.64 -1.37
C LYS B 193 -4.67 -44.67 -2.28
N PRO B 194 -3.64 -45.47 -1.93
CA PRO B 194 -2.42 -45.58 -2.74
C PRO B 194 -2.66 -46.07 -4.18
N ASN B 195 -3.67 -46.91 -4.40
CA ASN B 195 -3.96 -47.44 -5.76
C ASN B 195 -4.05 -46.27 -6.75
N THR B 196 -4.73 -45.18 -6.36
CA THR B 196 -4.98 -43.96 -7.19
C THR B 196 -3.64 -43.39 -7.67
N SER B 197 -2.70 -43.14 -6.74
CA SER B 197 -1.30 -42.69 -7.04
C SER B 197 -0.67 -43.62 -8.08
N VAL B 198 -0.83 -44.94 -7.95
CA VAL B 198 -0.28 -45.94 -8.90
C VAL B 198 -0.85 -45.70 -10.30
N GLN B 199 -2.16 -45.45 -10.40
CA GLN B 199 -2.80 -45.18 -11.72
C GLN B 199 -2.07 -44.02 -12.41
N PHE B 200 -1.80 -42.96 -11.65
CA PHE B 200 -1.22 -41.70 -12.17
C PHE B 200 0.24 -41.93 -12.57
N MET B 201 0.96 -42.72 -11.76
CA MET B 201 2.35 -43.14 -12.03
C MET B 201 2.39 -43.96 -13.33
N LYS B 202 1.40 -44.82 -13.59
CA LYS B 202 1.41 -45.67 -14.79
C LYS B 202 1.11 -44.81 -16.03
N LEU B 203 0.46 -43.66 -15.87
CA LEU B 203 0.16 -42.72 -16.96
C LEU B 203 1.34 -41.77 -17.18
N GLY B 204 2.36 -41.85 -16.34
CA GLY B 204 3.56 -40.98 -16.43
C GLY B 204 3.31 -39.58 -15.90
N MET B 205 2.29 -39.36 -15.09
CA MET B 205 1.95 -37.99 -14.65
C MET B 205 2.76 -37.58 -13.42
N LEU B 206 3.30 -38.53 -12.65
CA LEU B 206 3.99 -38.22 -11.35
C LEU B 206 5.51 -38.18 -11.55
N SER B 207 6.13 -37.09 -11.15
CA SER B 207 7.60 -36.99 -11.00
C SER B 207 8.02 -37.95 -9.89
N PRO B 208 9.04 -38.80 -10.13
CA PRO B 208 9.55 -39.70 -9.10
C PRO B 208 10.06 -38.94 -7.86
N ASP B 209 10.57 -37.73 -8.04
CA ASP B 209 11.11 -36.88 -6.94
C ASP B 209 9.97 -36.14 -6.26
N GLY B 210 8.72 -36.45 -6.62
CA GLY B 210 7.53 -35.80 -6.04
C GLY B 210 7.74 -34.30 -5.85
N THR B 211 8.21 -33.61 -6.88
CA THR B 211 8.30 -32.13 -6.90
C THR B 211 7.55 -31.61 -8.13
N CYS B 212 6.81 -30.53 -7.96
CA CYS B 212 6.35 -29.66 -9.08
C CYS B 212 7.46 -28.64 -9.35
N ARG B 213 8.37 -28.98 -10.26
CA ARG B 213 9.44 -28.06 -10.70
C ARG B 213 8.83 -27.11 -11.75
N SER B 214 7.83 -26.33 -11.37
CA SER B 214 7.12 -25.41 -12.28
C SER B 214 8.13 -24.66 -13.17
N PHE B 215 8.02 -24.79 -14.50
CA PHE B 215 8.72 -23.96 -15.51
C PHE B 215 10.19 -24.33 -15.65
N ASP B 216 10.72 -25.22 -14.80
CA ASP B 216 12.14 -25.63 -14.83
C ASP B 216 12.29 -26.72 -15.88
N ASP B 217 13.53 -26.96 -16.31
CA ASP B 217 13.86 -27.89 -17.41
C ASP B 217 13.78 -29.32 -16.89
N SER B 218 13.98 -29.54 -15.59
CA SER B 218 14.03 -30.90 -14.98
C SER B 218 12.63 -31.46 -14.71
N GLY B 219 11.59 -30.61 -14.83
CA GLY B 219 10.18 -30.99 -14.68
C GLY B 219 9.89 -32.32 -15.36
N SER B 220 9.39 -33.28 -14.60
CA SER B 220 9.27 -34.71 -14.98
C SER B 220 7.90 -35.27 -14.57
N GLY B 221 6.94 -34.42 -14.22
CA GLY B 221 5.62 -34.81 -13.67
C GLY B 221 5.29 -34.00 -12.43
N TYR B 222 4.10 -34.18 -11.84
CA TYR B 222 3.65 -33.40 -10.66
C TYR B 222 3.73 -34.24 -9.38
N CYS B 223 3.58 -33.53 -8.27
CA CYS B 223 3.54 -34.05 -6.90
C CYS B 223 2.11 -33.99 -6.38
N ARG B 224 1.55 -35.14 -5.97
CA ARG B 224 0.16 -35.19 -5.45
C ARG B 224 0.09 -34.54 -4.06
N SER B 225 -1.00 -33.84 -3.79
CA SER B 225 -1.15 -33.02 -2.58
C SER B 225 -2.61 -33.00 -2.14
N GLU B 226 -2.80 -32.86 -0.83
CA GLU B 226 -4.11 -32.65 -0.20
C GLU B 226 -4.34 -31.14 -0.10
N ALA B 227 -5.59 -30.73 0.11
CA ALA B 227 -5.98 -29.34 0.36
C ALA B 227 -7.45 -29.32 0.68
N VAL B 228 -7.85 -28.45 1.58
CA VAL B 228 -9.27 -28.19 1.89
C VAL B 228 -9.41 -26.67 1.95
N VAL B 229 -10.14 -26.07 1.01
CA VAL B 229 -10.17 -24.61 0.85
C VAL B 229 -11.59 -24.16 0.59
N ALA B 230 -11.96 -23.04 1.16
CA ALA B 230 -13.28 -22.46 0.94
C ALA B 230 -13.11 -20.96 0.82
N VAL B 231 -13.97 -20.35 0.04
CA VAL B 231 -13.94 -18.91 -0.33
C VAL B 231 -15.39 -18.45 -0.25
N LEU B 232 -15.65 -17.29 0.29
CA LEU B 232 -16.98 -16.65 0.19
C LEU B 232 -16.83 -15.61 -0.89
N LEU B 233 -17.62 -15.70 -1.95
CA LEU B 233 -17.92 -14.57 -2.85
C LEU B 233 -19.21 -13.92 -2.37
N THR B 234 -19.37 -12.61 -2.58
CA THR B 234 -20.64 -11.87 -2.38
C THR B 234 -20.74 -10.79 -3.44
N LYS B 235 -21.95 -10.30 -3.70
CA LYS B 235 -22.12 -9.03 -4.42
C LYS B 235 -21.49 -7.92 -3.57
N LYS B 236 -20.81 -6.95 -4.19
CA LYS B 236 -20.07 -5.86 -3.52
C LYS B 236 -20.91 -5.26 -2.37
N SER B 237 -22.19 -5.02 -2.60
CA SER B 237 -23.09 -4.31 -1.66
C SER B 237 -23.30 -5.09 -0.36
N LEU B 238 -22.67 -6.26 -0.20
CA LEU B 238 -22.86 -7.15 0.97
C LEU B 238 -21.55 -7.36 1.71
N ALA B 239 -20.44 -6.89 1.17
CA ALA B 239 -19.11 -7.33 1.62
C ALA B 239 -18.62 -6.38 2.70
N ARG B 240 -17.93 -6.93 3.69
CA ARG B 240 -17.17 -6.10 4.65
C ARG B 240 -15.74 -6.15 4.16
N ARG B 241 -15.01 -7.24 4.43
CA ARG B 241 -13.67 -7.46 3.82
C ARG B 241 -13.85 -7.71 2.32
N VAL B 242 -12.90 -7.25 1.52
CA VAL B 242 -12.85 -7.55 0.05
C VAL B 242 -11.41 -7.79 -0.35
N TYR B 243 -10.99 -9.04 -0.52
CA TYR B 243 -9.61 -9.40 -0.92
C TYR B 243 -9.34 -8.93 -2.36
N ALA B 244 -10.39 -8.86 -3.18
CA ALA B 244 -10.31 -8.62 -4.64
C ALA B 244 -11.68 -8.72 -5.31
N THR B 245 -11.79 -8.06 -6.45
CA THR B 245 -12.99 -8.07 -7.34
C THR B 245 -12.71 -8.99 -8.54
N ILE B 246 -13.61 -9.93 -8.83
CA ILE B 246 -13.55 -10.78 -10.06
C ILE B 246 -14.03 -9.89 -11.20
N LEU B 247 -13.11 -9.54 -12.12
CA LEU B 247 -13.39 -8.67 -13.29
C LEU B 247 -14.05 -9.52 -14.37
N ASN B 248 -13.65 -10.79 -14.45
CA ASN B 248 -14.13 -11.72 -15.48
C ASN B 248 -13.60 -13.13 -15.21
N ALA B 249 -14.23 -14.11 -15.84
CA ALA B 249 -13.85 -15.53 -15.73
C ALA B 249 -14.65 -16.35 -16.74
N GLY B 250 -14.02 -17.37 -17.31
CA GLY B 250 -14.74 -18.34 -18.15
C GLY B 250 -14.03 -19.67 -18.20
N THR B 251 -14.68 -20.61 -18.86
CA THR B 251 -14.22 -22.00 -19.08
C THR B 251 -14.38 -22.24 -20.57
N ASN B 252 -13.54 -23.10 -21.13
CA ASN B 252 -13.81 -23.77 -22.42
C ASN B 252 -13.23 -25.17 -22.28
N THR B 253 -13.31 -25.97 -23.35
CA THR B 253 -12.80 -27.35 -23.38
C THR B 253 -12.00 -27.52 -24.67
N ASP B 254 -10.96 -28.34 -24.62
CA ASP B 254 -9.92 -28.48 -25.66
C ASP B 254 -10.55 -29.00 -26.98
N GLY B 255 -11.67 -29.72 -26.87
CA GLY B 255 -12.25 -30.47 -28.01
C GLY B 255 -11.31 -31.58 -28.47
N SER B 256 -11.40 -32.00 -29.74
CA SER B 256 -10.51 -33.05 -30.30
C SER B 256 -9.08 -32.53 -30.49
N LYS B 257 -8.15 -33.45 -30.39
CA LYS B 257 -6.69 -33.24 -30.35
C LYS B 257 -6.05 -34.50 -30.94
N GLU B 258 -5.32 -34.38 -32.05
CA GLU B 258 -4.59 -35.54 -32.64
C GLU B 258 -3.80 -36.21 -31.51
N GLN B 259 -3.29 -35.43 -30.56
CA GLN B 259 -2.24 -35.92 -29.64
C GLN B 259 -2.85 -36.79 -28.53
N GLY B 260 -4.17 -36.89 -28.39
CA GLY B 260 -4.82 -37.69 -27.34
C GLY B 260 -5.65 -36.87 -26.36
N VAL B 261 -6.60 -37.50 -25.68
CA VAL B 261 -7.56 -36.77 -24.80
C VAL B 261 -6.85 -36.00 -23.67
N THR B 262 -5.73 -36.51 -23.15
CA THR B 262 -5.03 -35.93 -21.97
C THR B 262 -3.85 -35.06 -22.40
N PHE B 263 -3.79 -34.61 -23.65
CA PHE B 263 -2.75 -33.66 -24.09
C PHE B 263 -3.31 -32.26 -23.90
N PRO B 264 -2.67 -31.39 -23.08
CA PRO B 264 -3.12 -30.03 -22.89
C PRO B 264 -2.92 -29.18 -24.15
N SER B 265 -4.02 -28.69 -24.72
CA SER B 265 -4.01 -27.84 -25.94
C SER B 265 -3.64 -26.42 -25.52
N GLY B 266 -2.36 -26.06 -25.67
CA GLY B 266 -1.88 -24.66 -25.59
C GLY B 266 -2.76 -23.73 -26.41
N GLU B 267 -3.28 -24.20 -27.55
CA GLU B 267 -4.05 -23.34 -28.49
C GLU B 267 -5.41 -23.01 -27.89
N VAL B 268 -6.08 -23.96 -27.25
CA VAL B 268 -7.48 -23.69 -26.79
C VAL B 268 -7.41 -22.88 -25.50
N GLN B 269 -6.38 -23.12 -24.70
CA GLN B 269 -6.07 -22.32 -23.47
C GLN B 269 -5.90 -20.86 -23.90
N GLU B 270 -5.06 -20.62 -24.91
CA GLU B 270 -4.87 -19.30 -25.53
C GLU B 270 -6.24 -18.76 -25.99
N GLN B 271 -7.04 -19.57 -26.68
CA GLN B 271 -8.38 -19.11 -27.12
C GLN B 271 -9.16 -18.62 -25.90
N LEU B 272 -9.04 -19.32 -24.76
CA LEU B 272 -9.82 -18.96 -23.56
C LEU B 272 -9.36 -17.59 -23.07
N ILE B 273 -8.05 -17.42 -22.86
CA ILE B 273 -7.50 -16.15 -22.34
C ILE B 273 -7.90 -15.00 -23.27
N CYS B 274 -7.74 -15.17 -24.58
CA CYS B 274 -8.04 -14.12 -25.58
C CYS B 274 -9.49 -13.65 -25.42
N SER B 275 -10.39 -14.57 -25.07
CA SER B 275 -11.84 -14.27 -25.03
C SER B 275 -12.19 -13.44 -23.79
N LEU B 276 -11.35 -13.40 -22.76
CA LEU B 276 -11.73 -12.84 -21.43
C LEU B 276 -11.12 -11.46 -21.21
N TYR B 277 -10.14 -11.07 -22.03
CA TYR B 277 -9.36 -9.80 -21.92
C TYR B 277 -9.88 -8.73 -22.89
N GLN B 278 -9.28 -8.62 -24.10
CA GLN B 278 -9.56 -7.48 -25.02
C GLN B 278 -11.07 -7.40 -25.26
N PRO B 279 -11.80 -8.50 -25.60
CA PRO B 279 -13.24 -8.44 -25.81
C PRO B 279 -14.05 -7.90 -24.63
N ALA B 280 -13.54 -8.05 -23.40
CA ALA B 280 -14.16 -7.53 -22.16
C ALA B 280 -13.68 -6.11 -21.85
N GLY B 281 -12.79 -5.54 -22.67
CA GLY B 281 -12.20 -4.20 -22.42
C GLY B 281 -11.22 -4.24 -21.26
N LEU B 282 -10.56 -5.39 -21.06
CA LEU B 282 -9.51 -5.60 -20.05
C LEU B 282 -8.23 -5.90 -20.82
N ALA B 283 -7.28 -4.99 -20.79
CA ALA B 283 -6.05 -5.09 -21.57
C ALA B 283 -5.07 -6.01 -20.84
N PRO B 284 -4.39 -6.93 -21.56
CA PRO B 284 -3.25 -7.66 -21.00
C PRO B 284 -2.22 -6.75 -20.33
N GLU B 285 -2.05 -5.54 -20.86
CA GLU B 285 -1.12 -4.49 -20.33
C GLU B 285 -1.42 -4.33 -18.83
N SER B 286 -2.69 -4.51 -18.44
CA SER B 286 -3.22 -4.21 -17.10
C SER B 286 -2.80 -5.27 -16.06
N LEU B 287 -2.33 -6.43 -16.50
CA LEU B 287 -1.94 -7.51 -15.56
C LEU B 287 -0.63 -7.13 -14.91
N GLU B 288 -0.50 -7.30 -13.59
CA GLU B 288 0.83 -7.34 -12.94
C GLU B 288 1.39 -8.77 -12.94
N TYR B 289 0.58 -9.76 -12.56
CA TYR B 289 1.01 -11.15 -12.26
C TYR B 289 -0.05 -12.14 -12.76
N ILE B 290 0.40 -13.31 -13.24
CA ILE B 290 -0.47 -14.43 -13.68
C ILE B 290 -0.08 -15.65 -12.85
N GLU B 291 -1.06 -16.27 -12.18
CA GLU B 291 -0.88 -17.58 -11.51
C GLU B 291 -1.10 -18.64 -12.56
N ALA B 292 -0.02 -19.22 -13.05
CA ALA B 292 -0.05 -20.35 -14.01
C ALA B 292 -0.61 -21.56 -13.29
N HIS B 293 -1.21 -22.46 -14.06
CA HIS B 293 -1.44 -23.87 -13.66
C HIS B 293 -0.10 -24.45 -13.23
N GLY B 294 0.89 -24.46 -14.12
CA GLY B 294 2.30 -24.71 -13.78
C GLY B 294 2.52 -25.98 -12.96
N THR B 295 2.26 -27.16 -13.53
CA THR B 295 2.43 -28.47 -12.84
C THR B 295 3.89 -28.93 -12.86
N GLY B 296 4.69 -28.51 -13.84
CA GLY B 296 6.09 -28.97 -13.99
C GLY B 296 6.16 -30.23 -14.84
N THR B 297 5.29 -30.32 -15.83
CA THR B 297 5.18 -31.47 -16.76
C THR B 297 5.91 -31.09 -18.04
N LYS B 298 6.49 -32.08 -18.74
CA LYS B 298 7.38 -31.82 -19.90
C LYS B 298 6.54 -31.21 -21.02
N VAL B 299 5.28 -31.63 -21.14
CA VAL B 299 4.35 -31.12 -22.19
C VAL B 299 3.60 -29.86 -21.70
N GLY B 300 3.03 -29.93 -20.50
CA GLY B 300 2.01 -28.98 -20.00
C GLY B 300 2.54 -27.57 -19.88
N ASP B 301 3.79 -27.43 -19.43
CA ASP B 301 4.45 -26.14 -19.10
C ASP B 301 4.62 -25.32 -20.39
N PRO B 302 5.28 -25.83 -21.46
CA PRO B 302 5.36 -25.14 -22.73
C PRO B 302 3.98 -24.78 -23.29
N GLN B 303 3.08 -25.75 -23.37
CA GLN B 303 1.69 -25.53 -23.85
C GLN B 303 1.10 -24.29 -23.15
N GLU B 304 1.06 -24.27 -21.82
CA GLU B 304 0.36 -23.21 -21.05
C GLU B 304 1.09 -21.87 -21.27
N LEU B 305 2.41 -21.88 -21.09
CA LEU B 305 3.29 -20.68 -21.03
C LEU B 305 3.38 -20.04 -22.42
N ASN B 306 3.55 -20.84 -23.47
CA ASN B 306 3.57 -20.35 -24.86
C ASN B 306 2.15 -19.81 -25.19
N GLY B 307 1.12 -20.45 -24.65
CA GLY B 307 -0.28 -20.00 -24.75
C GLY B 307 -0.46 -18.64 -24.08
N ILE B 308 0.17 -18.47 -22.92
CA ILE B 308 0.23 -17.17 -22.21
C ILE B 308 1.01 -16.20 -23.09
N THR B 309 2.16 -16.65 -23.62
CA THR B 309 3.09 -15.77 -24.39
C THR B 309 2.31 -15.14 -25.55
N ARG B 310 1.38 -15.89 -26.15
CA ARG B 310 0.65 -15.47 -27.38
C ARG B 310 -0.63 -14.73 -27.00
N SER B 311 -1.31 -15.17 -25.96
CA SER B 311 -2.63 -14.63 -25.51
C SER B 311 -2.39 -13.26 -24.87
N LEU B 312 -1.30 -13.11 -24.09
CA LEU B 312 -1.08 -11.95 -23.20
C LEU B 312 0.23 -11.23 -23.49
N CYS B 313 1.39 -11.89 -23.36
CA CYS B 313 2.72 -11.23 -23.56
C CYS B 313 2.75 -10.43 -24.87
N ALA B 314 2.23 -11.04 -25.93
CA ALA B 314 2.14 -10.52 -27.31
C ALA B 314 1.61 -9.09 -27.33
N PHE B 315 0.78 -8.70 -26.36
CA PHE B 315 0.14 -7.37 -26.30
C PHE B 315 0.65 -6.56 -25.12
N ARG B 316 1.90 -6.79 -24.69
CA ARG B 316 2.47 -6.16 -23.47
C ARG B 316 3.89 -5.63 -23.74
N GLN B 317 4.15 -4.38 -23.32
CA GLN B 317 5.50 -3.75 -23.29
C GLN B 317 6.31 -4.35 -22.14
N ALA B 318 5.72 -4.45 -20.95
CA ALA B 318 6.42 -4.88 -19.72
C ALA B 318 6.42 -6.41 -19.62
N PRO B 319 7.50 -7.02 -19.06
CA PRO B 319 7.48 -8.43 -18.68
C PRO B 319 6.26 -8.68 -17.81
N LEU B 320 5.82 -9.94 -17.70
CA LEU B 320 4.70 -10.38 -16.85
C LEU B 320 5.28 -11.35 -15.83
N LEU B 321 5.02 -11.11 -14.55
CA LEU B 321 5.40 -12.04 -13.46
C LEU B 321 4.48 -13.25 -13.52
N ILE B 322 5.07 -14.43 -13.46
CA ILE B 322 4.34 -15.72 -13.50
C ILE B 322 4.73 -16.52 -12.25
N GLY B 323 3.78 -17.19 -11.59
CA GLY B 323 4.09 -18.10 -10.44
C GLY B 323 3.35 -19.41 -10.51
N SER B 324 3.64 -20.32 -9.59
CA SER B 324 2.81 -21.53 -9.35
C SER B 324 2.93 -22.01 -7.89
N THR B 325 1.87 -21.76 -7.13
CA THR B 325 1.67 -22.38 -5.81
C THR B 325 2.08 -23.85 -5.85
N LYS B 326 1.96 -24.54 -6.97
CA LYS B 326 2.26 -26.00 -7.00
C LYS B 326 3.75 -26.26 -6.68
N SER B 327 4.66 -25.35 -7.00
CA SER B 327 6.11 -25.52 -6.71
C SER B 327 6.38 -25.53 -5.19
N ASN B 328 5.53 -24.80 -4.46
CA ASN B 328 5.57 -24.61 -2.99
C ASN B 328 5.00 -25.83 -2.24
N MET B 329 3.87 -26.41 -2.69
CA MET B 329 3.08 -27.39 -1.88
C MET B 329 2.56 -28.55 -2.72
N GLY B 330 3.08 -28.73 -3.93
CA GLY B 330 2.53 -29.72 -4.88
C GLY B 330 1.13 -29.40 -5.40
N HIS B 331 0.57 -30.37 -6.11
CA HIS B 331 -0.66 -30.28 -6.95
C HIS B 331 -1.81 -30.98 -6.22
N PRO B 332 -2.80 -30.23 -5.70
CA PRO B 332 -3.96 -30.83 -5.05
C PRO B 332 -5.15 -31.11 -5.98
N GLU B 333 -4.88 -31.25 -7.28
CA GLU B 333 -5.84 -31.77 -8.29
C GLU B 333 -7.07 -30.85 -8.25
N PRO B 334 -8.30 -31.27 -7.90
CA PRO B 334 -9.44 -30.37 -8.08
C PRO B 334 -9.29 -29.04 -7.32
N ALA B 335 -8.58 -29.03 -6.20
CA ALA B 335 -8.45 -27.84 -5.30
C ALA B 335 -7.35 -26.87 -5.78
N SER B 336 -6.54 -27.30 -6.76
CA SER B 336 -5.42 -26.53 -7.32
C SER B 336 -5.76 -25.03 -7.49
N GLY B 337 -6.94 -24.74 -8.03
CA GLY B 337 -7.34 -23.35 -8.30
C GLY B 337 -7.52 -22.56 -7.03
N LEU B 338 -8.27 -23.05 -6.06
CA LEU B 338 -8.48 -22.34 -4.77
C LEU B 338 -7.18 -22.36 -3.94
N ALA B 339 -6.36 -23.41 -4.03
CA ALA B 339 -5.06 -23.39 -3.33
C ALA B 339 -4.25 -22.23 -3.88
N ALA B 340 -4.11 -22.14 -5.21
CA ALA B 340 -3.45 -21.01 -5.90
C ALA B 340 -4.10 -19.69 -5.47
N LEU B 341 -5.42 -19.58 -5.55
CA LEU B 341 -6.11 -18.30 -5.26
C LEU B 341 -5.69 -17.78 -3.88
N THR B 342 -5.47 -18.66 -2.89
CA THR B 342 -5.04 -18.24 -1.54
C THR B 342 -3.63 -17.64 -1.62
N LYS B 343 -2.65 -18.30 -2.25
CA LYS B 343 -1.29 -17.70 -2.42
C LYS B 343 -1.44 -16.27 -2.96
N VAL B 344 -2.20 -16.11 -4.04
CA VAL B 344 -2.37 -14.80 -4.73
C VAL B 344 -2.94 -13.81 -3.71
N LEU B 345 -4.10 -14.11 -3.16
CA LEU B 345 -4.80 -13.20 -2.21
C LEU B 345 -3.90 -12.90 -0.99
N LEU B 346 -3.13 -13.85 -0.49
CA LEU B 346 -2.27 -13.61 0.69
C LEU B 346 -1.16 -12.65 0.29
N SER B 347 -0.55 -12.93 -0.86
CA SER B 347 0.50 -12.09 -1.48
C SER B 347 0.00 -10.64 -1.58
N LEU B 348 -1.20 -10.42 -2.08
CA LEU B 348 -1.69 -9.03 -2.27
C LEU B 348 -1.85 -8.36 -0.92
N GLU B 349 -2.29 -9.07 0.13
CA GLU B 349 -2.60 -8.47 1.46
C GLU B 349 -1.28 -8.13 2.18
N HIS B 350 -0.21 -8.88 1.93
CA HIS B 350 1.12 -8.67 2.55
C HIS B 350 1.99 -7.79 1.65
N GLY B 351 1.48 -7.35 0.49
CA GLY B 351 2.19 -6.56 -0.53
C GLY B 351 3.44 -7.25 -1.08
N VAL B 352 3.57 -8.58 -1.05
CA VAL B 352 4.76 -9.32 -1.55
C VAL B 352 4.31 -10.58 -2.32
N TRP B 353 4.81 -10.81 -3.54
CA TRP B 353 4.58 -12.08 -4.27
C TRP B 353 5.40 -13.15 -3.58
N ALA B 354 4.77 -14.22 -3.13
CA ALA B 354 5.48 -15.36 -2.53
C ALA B 354 6.28 -16.07 -3.62
N PRO B 355 7.61 -16.25 -3.46
CA PRO B 355 8.41 -16.94 -4.47
C PRO B 355 8.04 -18.41 -4.70
N ASN B 356 8.21 -18.86 -5.94
CA ASN B 356 8.28 -20.29 -6.33
C ASN B 356 9.54 -20.90 -5.75
N LEU B 357 9.53 -22.21 -5.55
CA LEU B 357 10.75 -23.02 -5.30
C LEU B 357 11.09 -23.72 -6.62
N HIS B 358 12.28 -24.32 -6.64
CA HIS B 358 12.76 -25.27 -7.68
C HIS B 358 12.92 -24.60 -9.05
N PHE B 359 12.94 -23.26 -9.13
CA PHE B 359 13.21 -22.55 -10.42
C PHE B 359 14.70 -22.24 -10.52
N HIS B 360 15.39 -23.05 -11.33
CA HIS B 360 16.86 -23.04 -11.52
C HIS B 360 17.21 -22.79 -12.98
N ASN B 361 16.60 -23.51 -13.93
CA ASN B 361 16.90 -23.39 -15.37
C ASN B 361 15.62 -23.31 -16.20
N PRO B 362 15.34 -22.17 -16.89
CA PRO B 362 14.18 -22.09 -17.76
C PRO B 362 14.13 -23.29 -18.71
N ASN B 363 12.98 -23.97 -18.70
CA ASN B 363 12.54 -24.93 -19.73
C ASN B 363 12.81 -24.24 -21.08
N PRO B 364 13.79 -24.73 -21.86
CA PRO B 364 14.20 -24.06 -23.08
C PRO B 364 13.22 -24.20 -24.26
N GLU B 365 12.10 -24.93 -24.10
CA GLU B 365 11.01 -24.94 -25.13
C GLU B 365 10.09 -23.74 -24.91
N ILE B 366 10.38 -22.87 -23.94
CA ILE B 366 9.48 -21.75 -23.54
C ILE B 366 10.22 -20.43 -23.76
N PRO B 367 10.25 -19.92 -25.01
CA PRO B 367 11.02 -18.72 -25.34
C PRO B 367 10.84 -17.49 -24.43
N ALA B 368 9.63 -17.26 -23.91
CA ALA B 368 9.36 -16.02 -23.13
C ALA B 368 10.15 -16.02 -21.81
N LEU B 369 10.64 -17.18 -21.37
CA LEU B 369 11.47 -17.33 -20.14
C LEU B 369 12.90 -16.87 -20.44
N LEU B 370 13.49 -17.39 -21.52
CA LEU B 370 14.86 -17.07 -22.04
C LEU B 370 15.00 -15.57 -22.39
N ASP B 371 13.93 -14.89 -22.81
CA ASP B 371 13.97 -13.53 -23.40
C ASP B 371 13.35 -12.48 -22.47
N GLY B 372 12.70 -12.87 -21.37
CA GLY B 372 12.27 -11.94 -20.31
C GLY B 372 10.89 -11.33 -20.53
N ARG B 373 10.14 -11.75 -21.55
CA ARG B 373 8.70 -11.40 -21.72
C ARG B 373 7.87 -11.95 -20.53
N LEU B 374 8.26 -13.11 -20.03
CA LEU B 374 7.76 -13.73 -18.76
C LEU B 374 8.88 -13.70 -17.72
N GLN B 375 8.56 -13.33 -16.47
CA GLN B 375 9.52 -13.28 -15.33
C GLN B 375 9.03 -14.19 -14.20
N VAL B 376 9.68 -15.35 -14.05
CA VAL B 376 9.34 -16.30 -12.95
C VAL B 376 9.59 -15.56 -11.66
N VAL B 377 8.70 -15.65 -10.69
CA VAL B 377 8.90 -15.08 -9.33
C VAL B 377 9.61 -16.13 -8.48
N ASP B 378 10.95 -16.12 -8.46
CA ASP B 378 11.85 -17.11 -7.78
C ASP B 378 12.52 -16.48 -6.55
N ARG B 379 12.23 -15.21 -6.26
CA ARG B 379 12.55 -14.56 -4.96
C ARG B 379 11.40 -13.62 -4.65
N PRO B 380 11.15 -13.26 -3.39
CA PRO B 380 9.99 -12.44 -3.07
C PRO B 380 10.10 -11.11 -3.86
N LEU B 381 8.99 -10.59 -4.37
CA LEU B 381 8.91 -9.40 -5.27
C LEU B 381 7.86 -8.43 -4.74
N PRO B 382 8.12 -7.12 -4.73
CA PRO B 382 7.12 -6.18 -4.23
C PRO B 382 5.92 -6.16 -5.20
N VAL B 383 4.73 -5.97 -4.65
CA VAL B 383 3.47 -5.89 -5.42
C VAL B 383 3.39 -4.46 -5.97
N ARG B 384 3.76 -4.30 -7.24
CA ARG B 384 3.92 -3.02 -7.98
C ARG B 384 2.51 -2.44 -8.19
N GLY B 385 1.50 -3.30 -8.35
CA GLY B 385 0.10 -2.90 -8.63
C GLY B 385 -0.34 -3.31 -10.02
N GLY B 386 -1.60 -3.72 -10.20
CA GLY B 386 -2.12 -4.32 -11.45
C GLY B 386 -3.08 -5.48 -11.20
N ASN B 387 -3.84 -5.87 -12.23
CA ASN B 387 -4.74 -7.05 -12.26
C ASN B 387 -3.93 -8.35 -12.17
N VAL B 388 -4.60 -9.44 -11.80
CA VAL B 388 -4.01 -10.80 -11.63
C VAL B 388 -4.85 -11.81 -12.42
N GLY B 389 -4.19 -12.75 -13.08
CA GLY B 389 -4.85 -13.84 -13.81
C GLY B 389 -4.51 -15.18 -13.21
N ILE B 390 -5.49 -16.08 -13.17
CA ILE B 390 -5.30 -17.45 -12.62
C ILE B 390 -5.81 -18.43 -13.66
N ASN B 391 -4.97 -19.41 -13.95
CA ASN B 391 -5.20 -20.52 -14.88
C ASN B 391 -5.46 -21.77 -14.05
N SER B 392 -6.29 -22.67 -14.56
CA SER B 392 -6.41 -24.04 -14.02
C SER B 392 -7.04 -24.93 -15.10
N PHE B 393 -6.38 -26.04 -15.40
CA PHE B 393 -6.76 -27.00 -16.47
C PHE B 393 -6.91 -28.41 -15.92
N GLY B 394 -7.85 -29.15 -16.45
CA GLY B 394 -8.01 -30.58 -16.09
C GLY B 394 -7.59 -31.46 -17.24
N PHE B 395 -7.11 -32.66 -16.92
CA PHE B 395 -6.51 -33.61 -17.88
C PHE B 395 -7.56 -34.04 -18.91
N GLY B 396 -8.84 -33.73 -18.70
CA GLY B 396 -9.90 -34.00 -19.70
C GLY B 396 -10.08 -32.86 -20.70
N GLY B 397 -9.31 -31.78 -20.53
CA GLY B 397 -9.33 -30.60 -21.42
C GLY B 397 -10.22 -29.49 -20.91
N SER B 398 -10.67 -29.52 -19.66
CA SER B 398 -11.50 -28.45 -19.06
C SER B 398 -10.57 -27.33 -18.60
N ASN B 399 -10.74 -26.14 -19.17
CA ASN B 399 -9.85 -24.98 -18.95
C ASN B 399 -10.66 -23.88 -18.26
N VAL B 400 -10.09 -23.27 -17.23
CA VAL B 400 -10.71 -22.12 -16.53
C VAL B 400 -9.68 -21.02 -16.43
N HIS B 401 -10.14 -19.77 -16.55
CA HIS B 401 -9.28 -18.61 -16.28
C HIS B 401 -10.11 -17.56 -15.55
N VAL B 402 -9.47 -16.90 -14.59
CA VAL B 402 -10.11 -15.86 -13.74
C VAL B 402 -9.20 -14.63 -13.69
N ILE B 403 -9.81 -13.45 -13.72
CA ILE B 403 -9.09 -12.15 -13.66
C ILE B 403 -9.57 -11.37 -12.44
N LEU B 404 -8.60 -11.07 -11.57
CA LEU B 404 -8.80 -10.39 -10.27
C LEU B 404 -8.35 -8.92 -10.37
N GLN B 405 -9.11 -8.03 -9.74
CA GLN B 405 -8.66 -6.66 -9.40
C GLN B 405 -8.39 -6.62 -7.91
N PRO B 406 -7.11 -6.62 -7.47
CA PRO B 406 -6.82 -6.57 -6.04
C PRO B 406 -7.52 -5.36 -5.39
N ASN B 407 -7.85 -5.47 -4.11
CA ASN B 407 -8.35 -4.34 -3.28
C ASN B 407 -7.16 -3.55 -2.80
N THR B 408 -7.23 -2.22 -2.93
CA THR B 408 -6.12 -1.25 -2.65
C THR B 408 -6.55 -0.13 -1.69
N ARG B 409 -7.76 -0.17 -1.09
CA ARG B 409 -8.24 0.85 -0.14
C ARG B 409 -7.26 0.93 1.05
N GLN B 410 -7.39 1.98 1.88
CA GLN B 410 -6.44 2.29 2.99
C GLN B 410 -7.18 2.81 4.22
N ALA B 411 -6.58 2.58 5.40
CA ALA B 411 -7.06 3.00 6.75
C ALA B 411 -7.33 4.50 6.75
N PRO B 412 -8.55 4.97 7.08
CA PRO B 412 -8.78 6.39 7.29
C PRO B 412 -7.74 7.06 8.21
N ALA B 413 -7.59 8.37 8.07
CA ALA B 413 -6.84 9.24 9.01
C ALA B 413 -7.51 9.13 10.38
N PRO B 414 -6.75 8.92 11.49
CA PRO B 414 -7.33 9.05 12.83
C PRO B 414 -7.94 10.44 13.07
N THR B 415 -8.95 10.56 13.93
CA THR B 415 -9.68 11.84 14.21
C THR B 415 -9.11 12.53 15.45
N ALA B 416 -8.17 11.90 16.16
CA ALA B 416 -7.80 12.16 17.59
C ALA B 416 -8.96 11.66 18.48
N HIS B 417 -9.98 11.04 17.87
CA HIS B 417 -11.16 10.37 18.50
C HIS B 417 -11.23 8.89 18.03
N ALA B 418 -10.14 8.37 17.46
CA ALA B 418 -9.74 6.94 17.48
C ALA B 418 -8.75 6.74 18.65
N ALA B 419 -8.25 7.85 19.22
CA ALA B 419 -7.57 7.94 20.55
C ALA B 419 -8.52 7.41 21.64
N LEU B 420 -9.82 7.36 21.35
CA LEU B 420 -10.85 6.75 22.22
C LEU B 420 -10.49 5.30 22.51
N PRO B 421 -10.90 4.79 23.68
CA PRO B 421 -10.87 3.36 23.94
C PRO B 421 -12.09 2.69 23.27
N HIS B 422 -11.88 1.49 22.73
CA HIS B 422 -12.91 0.72 22.00
C HIS B 422 -13.25 -0.55 22.80
N LEU B 423 -14.45 -1.07 22.61
CA LEU B 423 -14.90 -2.33 23.26
C LEU B 423 -14.91 -3.44 22.20
N LEU B 424 -14.29 -4.58 22.50
CA LEU B 424 -14.28 -5.80 21.66
C LEU B 424 -14.92 -6.98 22.39
N HIS B 425 -16.04 -7.48 21.88
CA HIS B 425 -16.67 -8.79 22.26
C HIS B 425 -16.10 -9.93 21.41
N ALA B 426 -16.23 -11.15 21.91
CA ALA B 426 -15.86 -12.40 21.24
C ALA B 426 -16.79 -13.52 21.74
N SER B 427 -16.90 -14.59 20.96
CA SER B 427 -17.60 -15.86 21.27
C SER B 427 -16.70 -17.00 20.79
N GLY B 428 -16.96 -18.23 21.23
CA GLY B 428 -16.16 -19.39 20.78
C GLY B 428 -16.65 -20.70 21.37
N ARG B 429 -15.99 -21.79 20.97
CA ARG B 429 -16.36 -23.15 21.37
C ARG B 429 -15.61 -23.47 22.67
N THR B 430 -14.46 -22.83 22.86
CA THR B 430 -13.54 -23.13 23.98
C THR B 430 -13.02 -21.82 24.59
N LEU B 431 -12.35 -21.95 25.72
CA LEU B 431 -11.69 -20.81 26.39
C LEU B 431 -10.64 -20.24 25.43
N GLU B 432 -9.78 -21.10 24.87
CA GLU B 432 -8.64 -20.73 23.97
C GLU B 432 -9.18 -19.95 22.77
N ALA B 433 -10.38 -20.31 22.31
CA ALA B 433 -11.10 -19.66 21.20
C ALA B 433 -11.37 -18.18 21.52
N VAL B 434 -11.95 -17.89 22.68
CA VAL B 434 -12.26 -16.48 23.06
C VAL B 434 -10.94 -15.77 23.38
N GLN B 435 -10.03 -16.45 24.07
CA GLN B 435 -8.72 -15.89 24.47
C GLN B 435 -7.98 -15.42 23.22
N ASP B 436 -8.04 -16.15 22.10
CA ASP B 436 -7.23 -15.86 20.88
C ASP B 436 -7.80 -14.65 20.13
N LEU B 437 -9.12 -14.55 19.99
CA LEU B 437 -9.77 -13.40 19.30
C LEU B 437 -9.52 -12.14 20.11
N LEU B 438 -9.68 -12.22 21.43
CA LEU B 438 -9.46 -11.08 22.35
C LEU B 438 -8.00 -10.62 22.26
N GLU B 439 -7.05 -11.56 22.25
CA GLU B 439 -5.62 -11.21 22.06
C GLU B 439 -5.45 -10.44 20.74
N GLN B 440 -6.08 -10.86 19.64
CA GLN B 440 -5.91 -10.19 18.32
C GLN B 440 -6.48 -8.78 18.39
N GLY B 441 -7.57 -8.57 19.14
CA GLY B 441 -8.09 -7.22 19.45
C GLY B 441 -6.99 -6.30 19.94
N ARG B 442 -6.15 -6.79 20.86
CA ARG B 442 -5.11 -5.98 21.55
C ARG B 442 -3.92 -5.74 20.61
N GLN B 443 -3.52 -6.73 19.82
CA GLN B 443 -2.38 -6.57 18.89
C GLN B 443 -2.75 -5.65 17.72
N HIS B 444 -4.06 -5.45 17.47
CA HIS B 444 -4.62 -4.63 16.35
C HIS B 444 -5.68 -3.67 16.87
N SER B 445 -5.42 -2.99 17.98
CA SER B 445 -6.38 -2.12 18.70
C SER B 445 -6.69 -0.87 17.88
N GLN B 446 -5.84 -0.51 16.92
CA GLN B 446 -5.97 0.72 16.11
C GLN B 446 -6.75 0.44 14.80
N ASP B 447 -6.95 -0.83 14.42
CA ASP B 447 -7.66 -1.26 13.18
C ASP B 447 -9.17 -1.33 13.45
N LEU B 448 -9.91 -0.27 13.10
CA LEU B 448 -11.33 -0.11 13.47
C LEU B 448 -12.16 -1.12 12.67
N ALA B 449 -11.79 -1.32 11.41
CA ALA B 449 -12.39 -2.29 10.48
C ALA B 449 -12.27 -3.71 11.05
N PHE B 450 -11.05 -4.15 11.40
CA PHE B 450 -10.82 -5.45 12.08
C PHE B 450 -11.70 -5.59 13.33
N VAL B 451 -11.71 -4.57 14.18
CA VAL B 451 -12.47 -4.61 15.46
C VAL B 451 -13.96 -4.58 15.12
N SER B 452 -14.41 -3.74 14.18
CA SER B 452 -15.83 -3.72 13.74
C SER B 452 -16.25 -5.13 13.32
N MET B 453 -15.46 -5.75 12.44
CA MET B 453 -15.75 -7.07 11.85
C MET B 453 -15.83 -8.14 12.97
N LEU B 454 -14.79 -8.23 13.82
CA LEU B 454 -14.77 -9.18 14.97
C LEU B 454 -16.06 -9.00 15.79
N ASN B 455 -16.54 -7.77 15.97
CA ASN B 455 -17.74 -7.51 16.79
C ASN B 455 -18.97 -8.07 16.07
N ASP B 456 -19.10 -7.83 14.77
CA ASP B 456 -20.23 -8.36 13.96
C ASP B 456 -20.32 -9.89 14.12
N ILE B 457 -19.20 -10.62 14.18
CA ILE B 457 -19.28 -12.12 14.24
C ILE B 457 -19.46 -12.58 15.69
N ALA B 458 -19.36 -11.69 16.67
CA ALA B 458 -19.37 -12.06 18.10
C ALA B 458 -20.80 -12.45 18.54
N ALA B 459 -21.84 -11.84 17.99
CA ALA B 459 -23.26 -12.15 18.33
C ALA B 459 -23.62 -13.54 17.75
N THR B 460 -23.82 -14.53 18.62
CA THR B 460 -24.09 -15.94 18.24
C THR B 460 -25.08 -16.55 19.22
N PRO B 461 -25.78 -17.65 18.87
CA PRO B 461 -26.47 -18.47 19.87
C PRO B 461 -25.51 -18.99 20.95
N THR B 462 -25.91 -19.00 22.22
CA THR B 462 -25.04 -19.44 23.35
C THR B 462 -25.07 -20.97 23.42
N ALA B 463 -26.09 -21.61 22.81
CA ALA B 463 -26.17 -23.07 22.58
C ALA B 463 -24.95 -23.52 21.78
N ALA B 464 -24.63 -22.77 20.73
CA ALA B 464 -23.63 -23.09 19.69
C ALA B 464 -22.22 -22.65 20.14
N MET B 465 -22.10 -21.47 20.72
CA MET B 465 -20.81 -20.91 21.25
C MET B 465 -20.97 -20.62 22.74
N PRO B 466 -20.64 -21.57 23.64
CA PRO B 466 -20.92 -21.42 25.07
C PRO B 466 -19.95 -20.54 25.87
N PHE B 467 -18.85 -20.09 25.26
CA PHE B 467 -17.82 -19.22 25.87
C PHE B 467 -17.96 -17.80 25.33
N ARG B 468 -17.97 -16.83 26.22
CA ARG B 468 -18.03 -15.40 25.83
C ARG B 468 -16.92 -14.64 26.53
N GLY B 469 -16.49 -13.54 25.91
CA GLY B 469 -15.43 -12.66 26.45
C GLY B 469 -15.60 -11.23 25.95
N TYR B 470 -14.84 -10.33 26.57
CA TYR B 470 -14.62 -8.95 26.11
C TYR B 470 -13.22 -8.56 26.56
N THR B 471 -12.72 -7.49 25.95
CA THR B 471 -11.48 -6.78 26.33
C THR B 471 -11.77 -5.32 26.01
N VAL B 472 -11.15 -4.39 26.72
CA VAL B 472 -11.29 -2.93 26.43
C VAL B 472 -9.99 -2.49 25.79
N LEU B 473 -10.06 -1.74 24.70
CA LEU B 473 -8.88 -1.44 23.86
C LEU B 473 -8.45 0.02 24.08
N GLY B 474 -7.17 0.34 23.82
CA GLY B 474 -6.61 1.69 24.04
C GLY B 474 -6.78 2.17 25.48
N VAL B 475 -6.58 1.26 26.43
CA VAL B 475 -6.48 1.53 27.90
C VAL B 475 -5.19 0.84 28.36
N GLU B 476 -4.92 0.77 29.68
CA GLU B 476 -3.53 0.52 30.13
C GLU B 476 -3.15 -0.93 29.80
N GLY B 477 -3.61 -1.92 30.56
CA GLY B 477 -3.09 -3.29 30.38
C GLY B 477 -4.06 -4.22 29.67
N ARG B 478 -4.13 -5.47 30.13
CA ARG B 478 -5.17 -6.47 29.75
C ARG B 478 -6.39 -6.29 30.64
N VAL B 479 -7.34 -5.41 30.31
CA VAL B 479 -8.70 -5.46 30.94
C VAL B 479 -9.59 -6.33 30.03
N GLN B 480 -9.92 -7.51 30.55
CA GLN B 480 -10.51 -8.67 29.81
C GLN B 480 -11.18 -9.61 30.81
N GLU B 481 -12.39 -10.05 30.54
CA GLU B 481 -13.00 -11.23 31.20
C GLU B 481 -13.39 -12.24 30.12
N VAL B 482 -13.36 -13.53 30.48
CA VAL B 482 -13.88 -14.66 29.68
C VAL B 482 -14.58 -15.61 30.66
N GLN B 483 -15.88 -15.85 30.50
CA GLN B 483 -16.54 -16.93 31.28
C GLN B 483 -17.37 -17.83 30.36
N GLN B 484 -17.52 -19.10 30.74
CA GLN B 484 -18.55 -20.05 30.21
C GLN B 484 -19.94 -19.48 30.50
N VAL B 485 -20.96 -19.95 29.80
CA VAL B 485 -22.34 -19.42 29.92
C VAL B 485 -23.33 -20.58 29.87
N SER B 486 -24.39 -20.50 30.68
CA SER B 486 -25.63 -21.29 30.58
C SER B 486 -26.57 -20.59 29.59
N THR B 487 -27.34 -21.36 28.83
CA THR B 487 -28.05 -20.90 27.60
C THR B 487 -29.43 -20.33 27.96
N ASN B 488 -29.80 -20.29 29.26
CA ASN B 488 -31.15 -19.90 29.76
C ASN B 488 -31.41 -18.40 29.48
N LYS B 489 -32.69 -18.02 29.38
CA LYS B 489 -33.20 -16.73 28.84
C LYS B 489 -33.04 -15.62 29.89
N ARG B 490 -31.89 -14.95 29.90
CA ARG B 490 -31.54 -13.91 30.91
C ARG B 490 -32.26 -12.61 30.58
N PRO B 491 -33.30 -12.23 31.37
CA PRO B 491 -34.01 -10.96 31.16
C PRO B 491 -33.27 -9.78 31.81
N LEU B 492 -33.43 -8.60 31.21
CA LEU B 492 -32.59 -7.38 31.43
C LEU B 492 -33.44 -6.30 32.11
N TRP B 493 -33.02 -5.83 33.30
CA TRP B 493 -33.76 -4.84 34.12
C TRP B 493 -32.94 -3.55 34.27
N PHE B 494 -33.58 -2.41 34.00
CA PHE B 494 -33.05 -1.03 34.17
C PHE B 494 -33.46 -0.48 35.53
N ILE B 495 -32.53 0.11 36.29
CA ILE B 495 -32.77 0.75 37.62
C ILE B 495 -32.26 2.20 37.57
N CYS B 496 -33.09 3.13 37.11
CA CYS B 496 -32.82 4.60 37.16
C CYS B 496 -32.73 5.02 38.62
N SER B 497 -31.64 5.70 39.00
CA SER B 497 -31.24 5.93 40.42
C SER B 497 -31.33 7.43 40.77
N GLY B 498 -31.36 7.72 42.07
CA GLY B 498 -31.93 8.96 42.63
C GLY B 498 -30.90 10.05 42.85
N MET B 499 -31.26 11.03 43.68
CA MET B 499 -30.38 12.15 44.12
C MET B 499 -29.27 11.57 45.00
N GLY B 500 -28.27 12.40 45.30
CA GLY B 500 -27.04 12.00 46.02
C GLY B 500 -26.14 11.12 45.18
N THR B 501 -26.27 11.20 43.85
CA THR B 501 -25.47 10.44 42.84
C THR B 501 -24.54 11.39 42.10
N GLN B 502 -24.69 12.71 42.27
CA GLN B 502 -23.91 13.72 41.53
C GLN B 502 -22.48 13.73 42.09
N TRP B 503 -21.52 14.26 41.32
CA TRP B 503 -20.10 14.42 41.73
C TRP B 503 -19.41 15.48 40.85
N ARG B 504 -18.20 15.88 41.24
CA ARG B 504 -17.53 17.14 40.83
C ARG B 504 -16.92 16.98 39.43
N GLY B 505 -17.59 17.52 38.40
CA GLY B 505 -17.18 17.44 36.99
C GLY B 505 -17.45 16.08 36.37
N MET B 506 -18.61 15.46 36.66
CA MET B 506 -19.03 14.15 36.08
C MET B 506 -19.37 14.31 34.59
N GLY B 507 -18.93 13.37 33.76
CA GLY B 507 -19.18 13.35 32.30
C GLY B 507 -18.13 14.09 31.48
N LEU B 508 -17.11 14.69 32.12
CA LEU B 508 -15.92 15.26 31.43
C LEU B 508 -15.31 14.18 30.51
N SER B 509 -15.29 12.93 30.98
CA SER B 509 -14.69 11.75 30.31
C SER B 509 -15.66 11.16 29.26
N LEU B 510 -16.95 11.04 29.61
CA LEU B 510 -17.99 10.30 28.82
C LEU B 510 -18.54 11.17 27.67
N MET B 511 -18.12 12.43 27.59
CA MET B 511 -18.59 13.39 26.55
C MET B 511 -17.71 13.23 25.29
N ARG B 512 -16.66 12.41 25.34
CA ARG B 512 -15.78 12.11 24.17
C ARG B 512 -16.54 11.21 23.19
N LEU B 513 -17.41 10.32 23.69
CA LEU B 513 -18.38 9.55 22.87
C LEU B 513 -19.31 10.53 22.17
N ASP B 514 -19.85 10.15 21.02
CA ASP B 514 -20.67 11.05 20.18
C ASP B 514 -22.15 10.71 20.36
N SER B 515 -22.54 9.43 20.43
CA SER B 515 -23.96 9.05 20.62
C SER B 515 -24.42 9.51 22.02
N PHE B 516 -23.46 9.79 22.91
CA PHE B 516 -23.65 10.45 24.24
C PHE B 516 -23.77 11.97 24.03
N ARG B 517 -22.67 12.63 23.66
CA ARG B 517 -22.59 14.10 23.47
C ARG B 517 -23.90 14.59 22.82
N GLU B 518 -24.34 13.94 21.73
CA GLU B 518 -25.49 14.42 20.93
C GLU B 518 -26.81 14.03 21.60
N SER B 519 -26.79 13.49 22.82
CA SER B 519 -27.98 13.33 23.71
C SER B 519 -28.05 14.51 24.68
N ILE B 520 -26.90 14.84 25.28
CA ILE B 520 -26.69 16.08 26.09
C ILE B 520 -27.03 17.30 25.22
N LEU B 521 -26.67 17.28 23.93
CA LEU B 521 -27.00 18.35 22.94
C LEU B 521 -28.52 18.34 22.67
N ARG B 522 -29.17 17.17 22.70
CA ARG B 522 -30.64 17.05 22.55
C ARG B 522 -31.35 17.56 23.82
N SER B 523 -30.68 17.56 24.98
CA SER B 523 -31.23 18.03 26.27
C SER B 523 -31.13 19.56 26.36
N ASP B 524 -30.09 20.16 25.77
CA ASP B 524 -29.96 21.63 25.59
C ASP B 524 -31.14 22.20 24.81
N GLU B 525 -31.91 21.35 24.10
CA GLU B 525 -33.13 21.76 23.35
C GLU B 525 -34.13 22.39 24.34
N ALA B 526 -34.58 21.60 25.31
CA ALA B 526 -35.71 21.92 26.20
C ALA B 526 -35.27 22.73 27.43
N VAL B 527 -34.03 23.27 27.44
CA VAL B 527 -33.52 24.15 28.54
C VAL B 527 -32.48 25.13 27.97
N LYS B 528 -32.69 25.62 26.74
CA LYS B 528 -31.98 26.82 26.19
C LYS B 528 -32.91 28.04 26.15
N PRO B 529 -34.25 27.91 26.12
CA PRO B 529 -35.13 29.06 26.33
C PRO B 529 -35.68 29.09 27.77
N LEU B 530 -34.81 28.98 28.78
CA LEU B 530 -35.21 28.96 30.22
C LEU B 530 -34.09 29.49 31.14
N GLY B 531 -32.84 29.09 30.95
CA GLY B 531 -31.73 29.59 31.79
C GLY B 531 -30.37 29.11 31.31
N VAL B 532 -29.91 27.97 31.84
CA VAL B 532 -28.55 27.39 31.62
C VAL B 532 -28.68 26.13 30.74
N LYS B 533 -27.57 25.73 30.11
CA LYS B 533 -27.47 24.54 29.22
C LYS B 533 -26.56 23.50 29.89
N VAL B 534 -27.03 22.25 29.98
CA VAL B 534 -26.30 21.11 30.61
C VAL B 534 -24.92 20.96 29.97
N SER B 535 -24.85 21.03 28.63
CA SER B 535 -23.60 20.82 27.84
C SER B 535 -22.43 21.58 28.50
N ASP B 536 -22.41 22.91 28.41
CA ASP B 536 -21.28 23.76 28.88
C ASP B 536 -21.12 23.67 30.40
N LEU B 537 -22.21 23.45 31.14
CA LEU B 537 -22.19 23.23 32.62
C LEU B 537 -21.49 21.91 32.94
N LEU B 538 -21.79 20.88 32.15
CA LEU B 538 -21.37 19.47 32.35
C LEU B 538 -19.97 19.23 31.74
N LEU B 539 -19.22 20.30 31.42
CA LEU B 539 -17.99 20.24 30.57
C LEU B 539 -16.77 20.84 31.28
N SER B 540 -16.94 21.81 32.19
CA SER B 540 -15.81 22.53 32.87
C SER B 540 -15.81 22.25 34.38
N THR B 541 -14.92 22.96 35.12
CA THR B 541 -14.30 22.54 36.39
C THR B 541 -14.56 23.59 37.49
N ASP B 542 -13.49 24.00 38.22
CA ASP B 542 -13.45 24.95 39.36
C ASP B 542 -14.72 24.81 40.24
N GLU B 543 -14.95 23.60 40.77
CA GLU B 543 -16.10 23.20 41.66
C GLU B 543 -17.36 23.97 41.24
N ARG B 544 -18.02 24.72 42.15
CA ARG B 544 -19.27 25.48 41.86
C ARG B 544 -20.27 24.50 41.21
N THR B 545 -21.07 24.98 40.25
CA THR B 545 -21.82 24.18 39.25
C THR B 545 -22.97 23.42 39.94
N PHE B 546 -22.66 22.38 40.71
CA PHE B 546 -23.62 21.36 41.24
C PHE B 546 -24.00 21.65 42.70
N ASP B 547 -23.58 22.82 43.21
CA ASP B 547 -24.04 23.36 44.51
C ASP B 547 -25.50 23.81 44.34
N ASP B 548 -25.74 24.81 43.47
CA ASP B 548 -27.09 25.26 43.01
C ASP B 548 -27.87 24.04 42.53
N ILE B 549 -28.67 23.42 43.42
CA ILE B 549 -29.31 22.09 43.23
C ILE B 549 -30.46 22.16 42.21
N VAL B 550 -30.58 23.25 41.44
CA VAL B 550 -31.44 23.31 40.22
C VAL B 550 -30.65 22.69 39.06
N HIS B 551 -29.35 23.01 38.97
CA HIS B 551 -28.39 22.50 37.95
C HIS B 551 -28.21 20.99 38.12
N ALA B 552 -27.84 20.56 39.33
CA ALA B 552 -27.50 19.16 39.68
C ALA B 552 -28.73 18.25 39.58
N PHE B 553 -29.94 18.83 39.55
CA PHE B 553 -31.23 18.10 39.58
C PHE B 553 -31.63 17.64 38.17
N VAL B 554 -31.42 18.51 37.18
CA VAL B 554 -31.71 18.23 35.74
C VAL B 554 -30.59 17.34 35.17
N SER B 555 -29.32 17.71 35.42
CA SER B 555 -28.08 17.01 34.96
C SER B 555 -28.17 15.50 35.24
N LEU B 556 -28.59 15.11 36.44
CA LEU B 556 -28.89 13.69 36.77
C LEU B 556 -29.67 13.09 35.59
N THR B 557 -30.82 13.68 35.26
CA THR B 557 -31.80 13.13 34.28
C THR B 557 -31.22 13.20 32.86
N ALA B 558 -30.48 14.27 32.53
CA ALA B 558 -29.87 14.47 31.20
C ALA B 558 -28.86 13.36 30.92
N ILE B 559 -28.17 12.89 31.96
CA ILE B 559 -27.17 11.78 31.89
C ILE B 559 -27.91 10.45 31.80
N GLN B 560 -28.93 10.24 32.63
CA GLN B 560 -29.70 8.96 32.70
C GLN B 560 -30.35 8.68 31.33
N ILE B 561 -30.77 9.71 30.58
CA ILE B 561 -31.36 9.53 29.22
C ILE B 561 -30.21 9.21 28.25
N ALA B 562 -29.11 9.96 28.32
CA ALA B 562 -27.91 9.79 27.49
C ALA B 562 -27.35 8.38 27.65
N LEU B 563 -27.46 7.81 28.85
CA LEU B 563 -27.14 6.39 29.13
C LEU B 563 -28.21 5.48 28.53
N ILE B 564 -29.50 5.80 28.68
CA ILE B 564 -30.59 5.00 28.05
C ILE B 564 -30.36 5.01 26.53
N ASP B 565 -29.81 6.10 25.98
CA ASP B 565 -29.60 6.28 24.52
C ASP B 565 -28.47 5.33 24.07
N LEU B 566 -27.26 5.44 24.63
CA LEU B 566 -26.13 4.52 24.34
C LEU B 566 -26.59 3.06 24.39
N LEU B 567 -27.33 2.70 25.44
CA LEU B 567 -27.82 1.31 25.69
C LEU B 567 -28.80 0.88 24.58
N THR B 568 -29.72 1.75 24.15
CA THR B 568 -30.71 1.43 23.08
C THR B 568 -30.06 1.67 21.72
N SER B 569 -28.93 2.39 21.66
CA SER B 569 -28.14 2.58 20.41
C SER B 569 -27.43 1.26 20.08
N VAL B 570 -27.08 0.47 21.11
CA VAL B 570 -26.50 -0.90 20.93
C VAL B 570 -27.61 -1.95 21.09
N GLY B 571 -28.88 -1.53 21.04
CA GLY B 571 -30.05 -2.42 20.89
C GLY B 571 -30.44 -3.17 22.17
N LEU B 572 -29.99 -2.71 23.34
CA LEU B 572 -30.49 -3.19 24.66
C LEU B 572 -31.80 -2.45 24.95
N LYS B 573 -32.93 -3.18 24.87
CA LYS B 573 -34.25 -2.72 25.37
C LYS B 573 -34.53 -3.48 26.67
N PRO B 574 -35.23 -2.86 27.64
CA PRO B 574 -35.37 -3.42 28.99
C PRO B 574 -36.61 -4.32 29.12
N ASP B 575 -36.47 -5.43 29.85
CA ASP B 575 -37.59 -6.35 30.19
C ASP B 575 -38.36 -5.81 31.41
N GLY B 576 -37.77 -4.86 32.13
CA GLY B 576 -38.42 -4.11 33.23
C GLY B 576 -37.60 -2.90 33.67
N ILE B 577 -38.26 -1.89 34.25
CA ILE B 577 -37.65 -0.61 34.71
C ILE B 577 -38.10 -0.33 36.15
N ILE B 578 -37.21 0.21 36.99
CA ILE B 578 -37.50 0.65 38.39
C ILE B 578 -36.82 2.01 38.65
N GLY B 579 -37.41 2.83 39.52
CA GLY B 579 -36.93 4.18 39.85
C GLY B 579 -36.55 4.30 41.32
N HIS B 580 -36.25 5.52 41.75
CA HIS B 580 -35.90 5.89 43.14
C HIS B 580 -35.73 7.41 43.18
N SER B 581 -36.44 8.09 44.07
CA SER B 581 -36.52 9.57 44.12
C SER B 581 -36.66 10.10 42.68
N LEU B 582 -35.68 10.88 42.18
CA LEU B 582 -35.73 11.51 40.83
C LEU B 582 -35.86 10.43 39.77
N GLY B 583 -34.95 9.44 39.78
CA GLY B 583 -34.95 8.27 38.87
C GLY B 583 -36.21 8.15 38.04
N GLU B 584 -37.37 8.03 38.70
CA GLU B 584 -38.72 7.74 38.10
C GLU B 584 -38.92 8.53 36.79
N VAL B 585 -38.46 9.79 36.73
CA VAL B 585 -38.58 10.68 35.54
C VAL B 585 -37.98 9.98 34.31
N ALA B 586 -36.77 9.43 34.47
CA ALA B 586 -36.02 8.71 33.42
C ALA B 586 -36.82 7.50 32.94
N CYS B 587 -37.24 6.63 33.86
CA CYS B 587 -38.07 5.43 33.57
C CYS B 587 -39.19 5.79 32.60
N GLY B 588 -39.70 7.02 32.70
CA GLY B 588 -40.62 7.62 31.71
C GLY B 588 -40.05 7.50 30.32
N TYR B 589 -38.79 7.93 30.14
CA TYR B 589 -38.05 7.91 28.85
C TYR B 589 -37.80 6.45 28.43
N ALA B 590 -37.31 5.61 29.34
CA ALA B 590 -37.05 4.17 29.12
C ALA B 590 -38.31 3.47 28.59
N ASP B 591 -39.43 3.57 29.32
CA ASP B 591 -40.69 2.82 29.03
C ASP B 591 -41.35 3.38 27.76
N GLY B 592 -41.08 4.64 27.41
CA GLY B 592 -41.65 5.31 26.22
C GLY B 592 -42.66 6.39 26.60
N CYS B 593 -43.18 6.32 27.84
CA CYS B 593 -44.17 7.27 28.41
C CYS B 593 -43.84 8.71 28.01
N LEU B 594 -42.62 9.19 28.32
CA LEU B 594 -42.22 10.60 28.11
C LEU B 594 -41.17 10.70 27.00
N SER B 595 -41.46 11.49 25.96
CA SER B 595 -40.47 11.93 24.93
C SER B 595 -39.33 12.65 25.66
N GLN B 596 -38.16 12.75 25.02
CA GLN B 596 -36.92 13.29 25.64
C GLN B 596 -37.19 14.70 26.18
N ARG B 597 -37.79 15.56 25.35
CA ARG B 597 -38.08 16.98 25.65
C ARG B 597 -38.98 17.10 26.90
N GLU B 598 -39.88 16.13 27.12
CA GLU B 598 -40.88 16.16 28.23
C GLU B 598 -40.19 15.79 29.56
N ALA B 599 -39.35 14.75 29.59
CA ALA B 599 -38.71 14.19 30.81
C ALA B 599 -37.62 15.11 31.37
N VAL B 600 -36.98 15.93 30.53
CA VAL B 600 -35.83 16.83 30.94
C VAL B 600 -36.37 18.17 31.44
N LEU B 601 -37.52 18.63 30.89
CA LEU B 601 -38.26 19.82 31.37
C LEU B 601 -38.78 19.54 32.78
N ALA B 602 -39.33 18.33 32.99
CA ALA B 602 -39.95 17.86 34.25
C ALA B 602 -38.94 17.99 35.40
N ALA B 603 -37.66 17.64 35.16
CA ALA B 603 -36.58 17.64 36.16
C ALA B 603 -36.22 19.09 36.56
N TYR B 604 -36.54 20.07 35.71
CA TYR B 604 -36.22 21.51 35.91
C TYR B 604 -37.23 22.15 36.87
N TRP B 605 -38.51 22.20 36.49
CA TRP B 605 -39.61 22.83 37.27
C TRP B 605 -39.82 22.07 38.59
N ARG B 606 -39.49 20.78 38.63
CA ARG B 606 -39.45 19.93 39.86
C ARG B 606 -38.13 20.21 40.58
N GLY B 607 -37.69 21.47 40.60
CA GLY B 607 -36.30 21.87 40.95
C GLY B 607 -36.12 23.37 41.04
N GLN B 608 -36.85 24.15 40.23
CA GLN B 608 -36.95 25.64 40.35
C GLN B 608 -38.13 25.98 41.28
N CYS B 609 -38.89 24.97 41.73
CA CYS B 609 -39.81 25.05 42.90
C CYS B 609 -38.96 25.14 44.17
N ILE B 610 -37.98 24.24 44.35
CA ILE B 610 -37.01 24.28 45.48
C ILE B 610 -36.32 25.65 45.51
N LYS B 611 -35.71 26.10 44.40
CA LYS B 611 -34.91 27.35 44.29
C LYS B 611 -35.83 28.59 44.43
N ASP B 612 -36.94 28.64 43.68
CA ASP B 612 -37.98 29.71 43.75
C ASP B 612 -39.22 29.17 44.48
N ALA B 613 -39.06 28.80 45.77
CA ALA B 613 -40.11 28.61 46.80
C ALA B 613 -39.44 28.48 48.19
N HIS B 614 -38.46 29.34 48.46
CA HIS B 614 -37.45 29.32 49.57
C HIS B 614 -38.03 28.69 50.85
N LEU B 615 -38.16 27.36 50.89
CA LEU B 615 -38.56 26.52 52.07
C LEU B 615 -37.62 26.78 53.24
N PRO B 616 -37.96 26.28 54.46
CA PRO B 616 -37.00 26.19 55.56
C PRO B 616 -36.22 24.88 55.41
N PRO B 617 -35.08 24.72 56.11
CA PRO B 617 -34.11 23.66 55.78
C PRO B 617 -34.62 22.24 56.10
N GLY B 618 -33.71 21.25 56.00
CA GLY B 618 -33.98 19.84 56.36
C GLY B 618 -32.89 18.91 55.87
N LEU B 625 -32.92 -1.42 60.48
CA LEU B 625 -33.99 -0.53 61.02
C LEU B 625 -35.21 -0.58 60.07
N SER B 626 -36.02 -1.64 60.16
CA SER B 626 -37.00 -2.11 59.13
C SER B 626 -38.16 -1.11 58.96
N TRP B 627 -39.08 -1.43 58.04
CA TRP B 627 -40.24 -0.58 57.63
C TRP B 627 -41.24 -0.46 58.79
N GLU B 628 -41.60 -1.57 59.42
CA GLU B 628 -42.51 -1.61 60.60
C GLU B 628 -41.88 -0.79 61.76
N GLU B 629 -40.58 -0.95 61.99
CA GLU B 629 -39.84 -0.35 63.15
C GLU B 629 -39.56 1.13 62.90
N CYS B 630 -39.38 1.53 61.63
CA CYS B 630 -39.16 2.94 61.21
C CYS B 630 -40.39 3.79 61.57
N LYS B 631 -41.52 3.14 61.85
CA LYS B 631 -42.78 3.80 62.29
C LYS B 631 -42.76 3.95 63.83
N GLN B 632 -42.87 2.84 64.57
CA GLN B 632 -42.95 2.84 66.07
C GLN B 632 -41.52 2.88 66.67
N ARG B 633 -40.74 3.89 66.30
CA ARG B 633 -39.44 4.26 66.94
C ARG B 633 -38.97 5.61 66.38
N CYS B 634 -39.90 6.48 65.96
CA CYS B 634 -39.66 7.76 65.23
C CYS B 634 -40.44 8.90 65.88
N PRO B 635 -39.78 9.85 66.59
CA PRO B 635 -40.46 11.00 67.18
C PRO B 635 -40.88 12.00 66.10
N ALA B 636 -42.19 12.29 66.02
CA ALA B 636 -42.89 13.05 64.95
C ALA B 636 -42.06 14.27 64.52
N GLY B 637 -41.99 14.50 63.21
CA GLY B 637 -41.05 15.44 62.56
C GLY B 637 -39.93 14.69 61.86
N VAL B 638 -40.26 13.54 61.24
CA VAL B 638 -39.31 12.58 60.61
C VAL B 638 -40.10 11.39 60.06
N VAL B 639 -40.35 11.35 58.75
CA VAL B 639 -41.12 10.27 58.07
C VAL B 639 -40.14 9.23 57.55
N PRO B 640 -40.55 7.93 57.44
CA PRO B 640 -39.83 6.95 56.63
C PRO B 640 -39.86 7.36 55.15
N ALA B 641 -38.71 7.77 54.59
CA ALA B 641 -38.57 8.42 53.27
C ALA B 641 -38.55 7.36 52.15
N CYS B 642 -37.56 6.45 52.16
CA CYS B 642 -37.34 5.41 51.11
C CYS B 642 -37.06 4.05 51.76
N HIS B 643 -37.78 3.00 51.35
CA HIS B 643 -37.57 1.58 51.73
C HIS B 643 -36.53 0.95 50.79
N ASN B 644 -35.25 1.22 51.06
CA ASN B 644 -34.08 0.70 50.29
C ASN B 644 -33.99 -0.81 50.53
N SER B 645 -33.48 -1.23 51.69
CA SER B 645 -33.49 -2.65 52.16
C SER B 645 -33.70 -2.69 53.67
N GLU B 646 -34.18 -3.84 54.16
CA GLU B 646 -34.51 -4.10 55.60
C GLU B 646 -33.34 -3.65 56.49
N ASP B 647 -32.10 -3.83 56.03
CA ASP B 647 -30.85 -3.55 56.80
C ASP B 647 -30.96 -2.18 57.47
N THR B 648 -30.85 -1.08 56.72
CA THR B 648 -31.17 0.31 57.16
C THR B 648 -31.84 1.07 56.00
N VAL B 649 -33.03 1.61 56.25
CA VAL B 649 -33.76 2.51 55.31
C VAL B 649 -33.32 3.94 55.61
N THR B 650 -33.90 4.92 54.91
CA THR B 650 -33.46 6.34 54.90
C THR B 650 -34.61 7.25 55.38
N ILE B 651 -34.26 8.45 55.83
CA ILE B 651 -35.13 9.35 56.65
C ILE B 651 -34.93 10.81 56.20
N SER B 652 -36.05 11.54 56.07
CA SER B 652 -36.09 12.99 55.73
C SER B 652 -37.04 13.72 56.69
N GLY B 653 -36.77 15.01 56.95
CA GLY B 653 -37.55 15.85 57.88
C GLY B 653 -36.76 17.08 58.33
N PRO B 654 -37.30 17.90 59.27
CA PRO B 654 -36.60 19.08 59.76
C PRO B 654 -35.26 18.74 60.43
N GLN B 655 -34.29 19.65 60.31
CA GLN B 655 -32.92 19.50 60.87
C GLN B 655 -32.88 20.04 62.31
N ALA B 656 -33.98 20.65 62.79
CA ALA B 656 -34.17 21.15 64.18
C ALA B 656 -34.99 20.15 64.98
N ALA B 657 -34.65 18.84 64.90
CA ALA B 657 -35.37 17.72 65.55
C ALA B 657 -34.72 16.38 65.15
N VAL B 658 -34.61 16.12 63.84
CA VAL B 658 -34.02 14.85 63.29
C VAL B 658 -32.54 14.83 63.66
N ASN B 659 -31.67 15.36 62.79
CA ASN B 659 -30.28 15.84 63.06
C ASN B 659 -29.48 14.88 63.97
N GLU B 660 -30.00 14.59 65.16
CA GLU B 660 -29.22 14.24 66.39
C GLU B 660 -29.62 12.83 66.88
N PHE B 661 -29.95 11.92 65.97
CA PHE B 661 -30.43 10.55 66.27
C PHE B 661 -29.27 9.55 66.15
N VAL B 662 -28.07 10.02 65.76
CA VAL B 662 -26.87 9.18 65.49
C VAL B 662 -26.10 8.95 66.81
N GLU B 663 -25.73 10.01 67.54
CA GLU B 663 -24.78 9.96 68.70
C GLU B 663 -25.53 9.73 70.02
N GLN B 664 -26.83 9.38 69.98
CA GLN B 664 -27.64 8.91 71.15
C GLN B 664 -28.12 7.47 70.91
N LEU B 665 -28.31 7.06 69.64
CA LEU B 665 -28.83 5.73 69.23
C LEU B 665 -27.75 4.96 68.46
N LYS B 666 -26.48 5.16 68.81
CA LYS B 666 -25.33 4.36 68.27
C LYS B 666 -25.01 3.20 69.24
N GLN B 667 -25.70 3.13 70.38
CA GLN B 667 -25.63 1.98 71.34
C GLN B 667 -26.44 0.79 70.78
N GLU B 668 -27.15 1.01 69.66
CA GLU B 668 -27.95 -0.02 68.94
C GLU B 668 -27.62 -0.04 67.44
N GLY B 669 -26.99 1.01 66.90
CA GLY B 669 -26.65 1.13 65.46
C GLY B 669 -27.86 1.55 64.65
N LEU B 680 -32.50 20.65 51.98
CA LEU B 680 -32.62 19.34 51.28
C LEU B 680 -33.43 18.38 52.18
N ALA B 681 -34.75 18.26 51.94
CA ALA B 681 -35.70 17.46 52.77
C ALA B 681 -36.83 16.87 51.90
N PHE B 682 -36.69 15.61 51.46
CA PHE B 682 -37.45 14.99 50.32
C PHE B 682 -38.27 13.77 50.75
N HIS B 683 -39.28 13.44 49.94
CA HIS B 683 -40.22 12.28 50.07
C HIS B 683 -40.92 12.28 51.43
N SER B 684 -41.40 13.46 51.86
CA SER B 684 -41.98 13.74 53.20
C SER B 684 -43.20 14.65 53.09
N TYR B 685 -43.86 14.89 54.23
CA TYR B 685 -44.91 15.94 54.41
C TYR B 685 -44.37 17.30 53.94
N PHE B 686 -43.11 17.62 54.32
CA PHE B 686 -42.40 18.92 54.16
C PHE B 686 -42.53 19.48 52.73
N MET B 687 -42.77 18.59 51.76
CA MET B 687 -42.83 18.89 50.29
C MET B 687 -44.22 19.42 49.93
N GLU B 688 -45.27 18.68 50.33
CA GLU B 688 -46.69 18.80 49.89
C GLU B 688 -47.08 20.26 49.57
N GLY B 689 -46.47 21.24 50.24
CA GLY B 689 -46.68 22.69 49.99
C GLY B 689 -46.11 23.12 48.65
N ILE B 690 -46.36 22.32 47.61
CA ILE B 690 -45.63 22.39 46.31
C ILE B 690 -46.40 21.61 45.23
N ALA B 691 -47.08 20.51 45.58
CA ALA B 691 -47.93 19.67 44.69
C ALA B 691 -48.95 20.53 43.93
N PRO B 692 -49.53 21.60 44.53
CA PRO B 692 -50.18 22.66 43.76
C PRO B 692 -49.29 23.43 42.77
N THR B 693 -48.21 24.07 43.22
CA THR B 693 -47.34 25.00 42.42
C THR B 693 -46.76 24.29 41.18
N LEU B 694 -46.41 23.00 41.31
CA LEU B 694 -45.91 22.14 40.20
C LEU B 694 -47.04 21.90 39.19
N LEU B 695 -48.10 21.18 39.57
CA LEU B 695 -49.16 20.70 38.63
C LEU B 695 -49.71 21.87 37.78
N GLN B 696 -49.66 23.11 38.31
CA GLN B 696 -50.07 24.37 37.62
C GLN B 696 -48.89 24.99 36.85
N ALA B 697 -47.78 24.25 36.70
CA ALA B 697 -46.61 24.59 35.83
C ALA B 697 -45.99 23.32 35.22
N LEU B 698 -46.62 22.14 35.39
CA LEU B 698 -46.24 20.84 34.76
C LEU B 698 -47.25 20.51 33.66
N LYS B 699 -48.54 20.57 33.98
CA LYS B 699 -49.69 20.50 33.02
C LYS B 699 -49.35 21.37 31.80
N LYS B 700 -48.57 22.45 32.00
CA LYS B 700 -47.96 23.32 30.95
C LYS B 700 -47.34 22.43 29.87
N ARG B 706 -50.20 9.27 28.24
CA ARG B 706 -49.71 8.01 27.61
C ARG B 706 -49.67 6.90 28.67
N PRO B 707 -50.07 5.65 28.34
CA PRO B 707 -50.02 4.54 29.30
C PRO B 707 -48.57 4.14 29.62
N ARG B 708 -48.37 3.53 30.78
CA ARG B 708 -47.11 2.80 31.13
C ARG B 708 -47.17 1.43 30.45
N SER B 709 -46.41 0.45 30.95
CA SER B 709 -46.51 -0.99 30.59
C SER B 709 -46.40 -1.83 31.87
N ALA B 710 -46.66 -3.14 31.77
CA ALA B 710 -46.47 -4.12 32.87
C ALA B 710 -44.99 -4.13 33.29
N ARG B 711 -44.10 -3.86 32.34
CA ARG B 711 -42.61 -3.87 32.54
C ARG B 711 -42.23 -2.80 33.56
N TRP B 712 -42.83 -1.59 33.51
CA TRP B 712 -42.52 -0.48 34.45
C TRP B 712 -43.26 -0.68 35.79
N LEU B 713 -42.51 -1.05 36.83
CA LEU B 713 -42.99 -1.18 38.24
C LEU B 713 -42.81 0.16 38.95
N SER B 714 -43.80 0.56 39.75
CA SER B 714 -43.90 1.90 40.39
C SER B 714 -43.28 1.90 41.79
N THR B 715 -42.49 2.94 42.08
CA THR B 715 -41.92 3.28 43.41
C THR B 715 -42.77 4.40 44.04
N SER B 716 -43.35 5.28 43.20
CA SER B 716 -44.14 6.48 43.60
C SER B 716 -45.50 6.06 44.20
N ILE B 717 -46.22 5.18 43.48
CA ILE B 717 -47.59 4.68 43.83
C ILE B 717 -47.47 3.27 44.38
N PRO B 718 -47.56 3.07 45.72
CA PRO B 718 -47.52 1.74 46.33
C PRO B 718 -48.31 0.61 45.62
N GLU B 719 -47.96 -0.63 45.99
CA GLU B 719 -48.38 -1.90 45.35
C GLU B 719 -49.89 -1.92 45.13
N ALA B 720 -50.67 -1.82 46.20
CA ALA B 720 -52.15 -1.97 46.23
C ALA B 720 -52.81 -1.08 45.17
N GLN B 721 -52.34 0.16 45.01
CA GLN B 721 -53.03 1.26 44.26
C GLN B 721 -52.75 1.18 42.75
N TRP B 722 -51.74 0.42 42.33
CA TRP B 722 -51.21 0.36 40.93
C TRP B 722 -52.32 0.61 39.89
N GLN B 723 -53.28 -0.32 39.73
CA GLN B 723 -54.32 -0.27 38.66
C GLN B 723 -55.34 0.84 38.97
N SER B 724 -54.95 2.12 38.84
CA SER B 724 -55.74 3.29 39.30
C SER B 724 -55.98 4.31 38.19
N SER B 725 -56.77 5.33 38.50
CA SER B 725 -57.06 6.55 37.69
C SER B 725 -55.76 7.33 37.45
N LEU B 726 -55.01 7.57 38.53
CA LEU B 726 -53.71 8.30 38.53
C LEU B 726 -52.67 7.50 37.72
N ALA B 727 -52.46 6.23 38.09
CA ALA B 727 -51.24 5.44 37.74
C ALA B 727 -51.47 4.51 36.53
N ARG B 728 -52.64 4.54 35.88
CA ARG B 728 -52.86 3.92 34.54
C ARG B 728 -51.93 4.63 33.55
N THR B 729 -51.79 5.96 33.71
CA THR B 729 -50.99 6.89 32.88
C THR B 729 -49.76 7.37 33.65
N SER B 730 -48.85 8.05 32.97
CA SER B 730 -47.66 8.74 33.54
C SER B 730 -47.88 10.26 33.48
N SER B 731 -48.88 10.73 34.24
CA SER B 731 -49.39 12.13 34.30
C SER B 731 -48.50 13.03 35.17
N ALA B 732 -48.54 14.34 34.97
CA ALA B 732 -47.82 15.36 35.80
C ALA B 732 -48.39 15.36 37.22
N GLU B 733 -49.43 14.55 37.48
CA GLU B 733 -49.94 14.20 38.84
C GLU B 733 -49.11 13.03 39.39
N TYR B 734 -48.82 12.04 38.54
CA TYR B 734 -48.03 10.82 38.87
C TYR B 734 -46.69 11.20 39.49
N ASN B 735 -45.96 12.12 38.85
CA ASN B 735 -44.55 12.43 39.19
C ASN B 735 -44.49 13.49 40.31
N VAL B 736 -45.61 14.17 40.61
CA VAL B 736 -45.71 15.09 41.79
C VAL B 736 -46.08 14.26 43.03
N ASN B 737 -46.92 13.23 42.85
CA ASN B 737 -47.17 12.17 43.86
C ASN B 737 -45.80 11.63 44.31
N ASN B 738 -44.97 11.23 43.34
CA ASN B 738 -43.60 10.67 43.50
C ASN B 738 -42.79 11.54 44.48
N LEU B 739 -42.80 12.86 44.26
CA LEU B 739 -41.96 13.86 44.97
C LEU B 739 -42.29 13.85 46.48
N VAL B 740 -43.58 13.79 46.83
CA VAL B 740 -44.09 13.92 48.24
C VAL B 740 -44.13 12.54 48.90
N SER B 741 -44.63 11.52 48.20
CA SER B 741 -44.93 10.16 48.73
C SER B 741 -43.66 9.46 49.22
N PRO B 742 -43.78 8.29 49.90
CA PRO B 742 -42.62 7.43 50.11
C PRO B 742 -42.15 6.85 48.77
N VAL B 743 -41.19 5.91 48.80
CA VAL B 743 -40.79 5.08 47.63
C VAL B 743 -40.61 3.64 48.10
N LEU B 744 -41.52 2.75 47.67
CA LEU B 744 -41.45 1.29 47.91
C LEU B 744 -40.52 0.68 46.86
N PHE B 745 -39.26 0.44 47.24
CA PHE B 745 -38.17 -0.09 46.38
C PHE B 745 -38.13 -1.61 46.53
N GLN B 746 -37.91 -2.11 47.76
CA GLN B 746 -37.65 -3.54 48.09
C GLN B 746 -38.89 -4.42 47.83
N GLU B 747 -40.09 -3.83 47.73
CA GLU B 747 -41.35 -4.56 47.45
C GLU B 747 -41.42 -4.92 45.96
N ALA B 748 -40.82 -4.08 45.10
CA ALA B 748 -40.71 -4.26 43.63
C ALA B 748 -39.62 -5.29 43.30
N LEU B 749 -38.45 -5.16 43.95
CA LEU B 749 -37.28 -6.07 43.84
C LEU B 749 -37.69 -7.53 44.12
N TRP B 750 -38.76 -7.71 44.92
CA TRP B 750 -39.39 -9.02 45.24
C TRP B 750 -39.88 -9.70 43.96
N HIS B 751 -40.03 -8.94 42.85
CA HIS B 751 -40.68 -9.35 41.58
C HIS B 751 -39.67 -10.00 40.63
N ILE B 752 -38.49 -9.37 40.42
CA ILE B 752 -37.48 -9.60 39.33
C ILE B 752 -37.17 -11.08 39.18
N PRO B 753 -37.33 -11.69 37.98
CA PRO B 753 -37.12 -13.12 37.77
C PRO B 753 -35.74 -13.68 38.18
N GLU B 754 -35.58 -14.99 38.05
CA GLU B 754 -34.32 -15.74 38.29
C GLU B 754 -33.37 -15.49 37.11
N HIS B 755 -32.06 -15.58 37.36
CA HIS B 755 -31.00 -15.48 36.31
C HIS B 755 -31.20 -14.21 35.48
N ALA B 756 -31.21 -13.03 36.10
CA ALA B 756 -31.49 -11.74 35.42
C ALA B 756 -30.29 -10.79 35.56
N VAL B 757 -30.29 -9.74 34.73
CA VAL B 757 -29.15 -8.79 34.54
C VAL B 757 -29.67 -7.38 34.81
N VAL B 758 -29.04 -6.67 35.76
CA VAL B 758 -29.55 -5.37 36.29
C VAL B 758 -28.47 -4.28 36.12
N LEU B 759 -28.87 -3.20 35.45
CA LEU B 759 -28.01 -2.04 35.09
C LEU B 759 -28.38 -0.85 35.96
N GLU B 760 -27.41 -0.26 36.65
CA GLU B 760 -27.60 1.00 37.44
C GLU B 760 -27.38 2.21 36.53
N ILE B 761 -28.45 2.63 35.82
CA ILE B 761 -28.51 3.90 35.05
C ILE B 761 -28.45 5.07 36.05
N ALA B 762 -27.24 5.61 36.24
CA ALA B 762 -26.90 6.65 37.26
C ALA B 762 -25.50 7.18 36.99
N PRO B 763 -25.26 8.50 37.13
CA PRO B 763 -23.91 9.06 37.07
C PRO B 763 -22.97 8.55 38.18
N HIS B 764 -23.52 7.81 39.16
CA HIS B 764 -22.77 7.02 40.17
C HIS B 764 -23.72 5.96 40.75
N ALA B 765 -23.22 4.74 40.93
CA ALA B 765 -24.05 3.57 41.29
C ALA B 765 -23.94 3.29 42.79
N LEU B 766 -24.60 4.10 43.62
CA LEU B 766 -24.54 3.97 45.10
C LEU B 766 -25.42 2.79 45.56
N LEU B 767 -26.46 2.45 44.77
CA LEU B 767 -27.48 1.43 45.13
C LEU B 767 -26.93 0.02 44.90
N GLN B 768 -25.72 -0.14 44.35
CA GLN B 768 -25.12 -1.47 44.06
C GLN B 768 -25.16 -2.28 45.36
N ALA B 769 -24.62 -1.69 46.44
CA ALA B 769 -24.63 -2.21 47.83
C ALA B 769 -25.99 -2.86 48.14
N VAL B 770 -27.08 -2.12 47.94
CA VAL B 770 -28.46 -2.57 48.33
C VAL B 770 -29.02 -3.50 47.24
N LEU B 771 -28.66 -3.26 45.97
CA LEU B 771 -29.24 -3.95 44.78
C LEU B 771 -29.03 -5.45 44.92
N LYS B 772 -27.80 -5.87 45.21
CA LYS B 772 -27.43 -7.29 45.50
C LYS B 772 -28.21 -7.75 46.73
N ARG B 773 -28.17 -6.97 47.82
CA ARG B 773 -28.96 -7.21 49.06
C ARG B 773 -30.42 -7.45 48.64
N GLY B 774 -31.01 -6.47 47.94
CA GLY B 774 -32.39 -6.47 47.42
C GLY B 774 -32.74 -7.76 46.67
N VAL B 775 -32.34 -7.87 45.39
CA VAL B 775 -32.85 -8.92 44.46
C VAL B 775 -32.06 -10.22 44.66
N LYS B 776 -32.58 -11.33 44.12
CA LYS B 776 -32.00 -12.70 44.19
C LYS B 776 -30.49 -12.67 43.92
N SER B 777 -29.75 -13.63 44.46
CA SER B 777 -28.28 -13.76 44.30
C SER B 777 -27.95 -14.38 42.93
N SER B 778 -28.88 -15.16 42.34
CA SER B 778 -28.72 -15.79 40.99
C SER B 778 -28.52 -14.71 39.92
N CYS B 779 -29.18 -13.56 40.08
CA CYS B 779 -29.10 -12.37 39.19
C CYS B 779 -27.71 -11.75 39.23
N THR B 780 -27.33 -11.00 38.18
CA THR B 780 -26.04 -10.26 38.06
C THR B 780 -26.32 -8.75 38.14
N ILE B 781 -25.52 -8.03 38.92
CA ILE B 781 -25.68 -6.58 39.25
C ILE B 781 -24.53 -5.81 38.61
N ILE B 782 -24.82 -4.86 37.73
CA ILE B 782 -23.78 -4.15 36.93
C ILE B 782 -23.96 -2.65 37.09
N PRO B 783 -22.88 -1.89 37.37
CA PRO B 783 -22.84 -0.44 37.24
C PRO B 783 -22.52 0.07 35.83
N LEU B 784 -22.65 1.38 35.60
CA LEU B 784 -22.31 2.06 34.32
C LEU B 784 -21.32 3.20 34.58
N MET B 785 -21.49 3.96 35.65
CA MET B 785 -20.55 5.06 36.01
C MET B 785 -20.18 4.97 37.48
N LYS B 786 -18.98 5.45 37.83
CA LYS B 786 -18.43 5.45 39.21
C LYS B 786 -17.72 6.78 39.47
N ARG B 787 -18.27 7.58 40.39
CA ARG B 787 -17.71 8.83 40.96
C ARG B 787 -16.18 8.79 41.03
N ASP B 788 -15.52 9.75 40.38
CA ASP B 788 -14.07 10.06 40.48
C ASP B 788 -13.24 8.84 40.03
N HIS B 789 -13.80 7.99 39.15
CA HIS B 789 -13.00 7.09 38.28
C HIS B 789 -12.43 7.96 37.16
N LYS B 790 -11.14 7.85 36.88
CA LYS B 790 -10.39 8.77 35.98
C LYS B 790 -11.04 8.70 34.59
N ASP B 791 -11.22 7.47 34.09
CA ASP B 791 -11.71 7.14 32.73
C ASP B 791 -13.08 6.49 32.86
N ASN B 792 -14.16 7.29 32.88
CA ASN B 792 -15.55 6.80 33.06
C ASN B 792 -16.03 6.14 31.76
N LEU B 793 -15.41 6.46 30.62
CA LEU B 793 -15.65 5.74 29.35
C LEU B 793 -15.14 4.29 29.51
N GLU B 794 -13.84 4.11 29.80
CA GLU B 794 -13.22 2.79 30.08
C GLU B 794 -14.10 2.01 31.07
N PHE B 795 -14.67 2.71 32.06
CA PHE B 795 -15.53 2.06 33.08
C PHE B 795 -16.81 1.58 32.39
N PHE B 796 -17.45 2.48 31.65
CA PHE B 796 -18.75 2.24 30.96
C PHE B 796 -18.63 1.06 29.99
N LEU B 797 -17.54 1.02 29.21
CA LEU B 797 -17.26 -0.07 28.23
C LEU B 797 -16.94 -1.35 29.01
N THR B 798 -16.10 -1.28 30.06
CA THR B 798 -15.72 -2.46 30.87
C THR B 798 -17.00 -3.18 31.31
N ASN B 799 -18.06 -2.42 31.63
CA ASN B 799 -19.31 -3.00 32.19
C ASN B 799 -20.21 -3.49 31.05
N LEU B 800 -20.24 -2.80 29.90
CA LEU B 800 -20.93 -3.33 28.68
C LEU B 800 -20.37 -4.70 28.34
N GLY B 801 -19.07 -4.91 28.59
CA GLY B 801 -18.40 -6.22 28.53
C GLY B 801 -19.10 -7.24 29.41
N LYS B 802 -19.29 -6.91 30.69
CA LYS B 802 -19.96 -7.81 31.67
C LYS B 802 -21.36 -8.14 31.14
N VAL B 803 -21.98 -7.24 30.39
CA VAL B 803 -23.36 -7.41 29.84
C VAL B 803 -23.33 -8.52 28.78
N HIS B 804 -22.33 -8.50 27.90
CA HIS B 804 -22.08 -9.54 26.86
C HIS B 804 -21.88 -10.89 27.57
N LEU B 805 -21.01 -10.93 28.58
CA LEU B 805 -20.65 -12.15 29.36
C LEU B 805 -21.86 -12.94 29.87
N THR B 806 -23.07 -12.35 29.85
CA THR B 806 -24.28 -12.98 30.44
C THR B 806 -24.98 -13.81 29.37
N GLY B 807 -25.15 -13.26 28.17
CA GLY B 807 -25.90 -13.88 27.06
C GLY B 807 -26.49 -12.84 26.14
N ILE B 808 -27.09 -11.77 26.68
CA ILE B 808 -27.65 -10.64 25.86
C ILE B 808 -26.60 -10.24 24.81
N ASN B 809 -27.05 -10.00 23.57
CA ASN B 809 -26.16 -9.65 22.44
C ASN B 809 -26.03 -8.13 22.35
N VAL B 810 -24.86 -7.60 22.72
CA VAL B 810 -24.50 -6.16 22.60
C VAL B 810 -23.57 -6.04 21.41
N ASN B 811 -23.86 -5.16 20.46
CA ASN B 811 -22.89 -4.83 19.39
C ASN B 811 -22.34 -3.43 19.63
N PRO B 812 -21.15 -3.34 20.26
CA PRO B 812 -20.52 -2.06 20.56
C PRO B 812 -20.24 -1.15 19.36
N ASN B 813 -20.42 -1.61 18.12
CA ASN B 813 -19.97 -0.81 16.94
C ASN B 813 -20.80 0.46 16.90
N ALA B 814 -22.05 0.38 17.37
CA ALA B 814 -23.02 1.51 17.36
C ALA B 814 -22.52 2.70 18.19
N LEU B 815 -21.58 2.52 19.13
CA LEU B 815 -21.13 3.61 20.05
C LEU B 815 -20.11 4.51 19.36
N PHE B 816 -19.53 4.08 18.26
CA PHE B 816 -18.46 4.85 17.54
C PHE B 816 -18.89 5.09 16.10
N PRO B 817 -18.32 6.09 15.39
CA PRO B 817 -18.73 6.37 14.02
C PRO B 817 -18.61 5.09 13.20
N PRO B 818 -19.57 4.80 12.30
CA PRO B 818 -19.53 3.58 11.50
C PRO B 818 -18.25 3.59 10.64
N VAL B 819 -17.69 2.39 10.44
CA VAL B 819 -16.43 2.13 9.67
C VAL B 819 -16.80 2.05 8.20
N GLU B 820 -16.02 2.71 7.35
CA GLU B 820 -16.22 2.78 5.88
C GLU B 820 -15.75 1.43 5.32
N PHE B 821 -16.68 0.59 4.88
CA PHE B 821 -16.41 -0.70 4.18
C PHE B 821 -16.50 -0.50 2.67
N PRO B 822 -15.73 -1.22 1.84
CA PRO B 822 -14.98 -2.41 2.27
C PRO B 822 -13.73 -2.15 3.11
N ALA B 823 -13.39 -3.06 4.02
CA ALA B 823 -12.21 -2.93 4.90
C ALA B 823 -10.96 -2.69 4.05
N PRO B 824 -10.00 -1.87 4.51
CA PRO B 824 -8.76 -1.67 3.77
C PRO B 824 -7.94 -2.95 3.57
N ARG B 825 -7.10 -2.97 2.54
CA ARG B 825 -6.11 -4.05 2.31
C ARG B 825 -5.28 -4.20 3.58
N GLY B 826 -4.88 -5.43 3.91
CA GLY B 826 -3.98 -5.68 5.05
C GLY B 826 -4.74 -5.85 6.34
N THR B 827 -6.04 -5.55 6.37
CA THR B 827 -6.94 -5.81 7.53
C THR B 827 -6.70 -7.26 7.92
N PRO B 828 -6.24 -7.59 9.14
CA PRO B 828 -5.62 -8.89 9.40
C PRO B 828 -6.64 -10.00 9.13
N LEU B 829 -6.16 -11.23 8.88
CA LEU B 829 -7.07 -12.37 8.65
C LEU B 829 -7.76 -12.73 9.97
N ILE B 830 -9.01 -13.16 9.86
CA ILE B 830 -9.82 -13.70 10.99
C ILE B 830 -9.83 -15.23 10.93
N SER B 831 -9.65 -15.82 9.75
CA SER B 831 -9.86 -17.27 9.49
C SER B 831 -9.05 -18.06 10.50
N PRO B 832 -7.75 -17.78 10.73
CA PRO B 832 -6.89 -18.64 11.57
C PRO B 832 -7.06 -18.49 13.10
N HIS B 833 -7.86 -17.52 13.54
CA HIS B 833 -8.05 -17.19 14.98
C HIS B 833 -9.39 -17.77 15.44
N ILE B 834 -10.08 -18.49 14.56
CA ILE B 834 -11.34 -19.22 14.90
C ILE B 834 -10.94 -20.63 15.34
N LYS B 835 -11.06 -20.94 16.63
CA LYS B 835 -10.59 -22.21 17.22
C LYS B 835 -11.79 -23.09 17.55
N TRP B 836 -11.62 -24.40 17.46
CA TRP B 836 -12.73 -25.36 17.60
C TRP B 836 -12.47 -26.23 18.84
N ASP B 837 -13.55 -26.79 19.40
CA ASP B 837 -13.47 -27.96 20.30
C ASP B 837 -13.02 -29.15 19.46
N HIS B 838 -11.71 -29.41 19.40
CA HIS B 838 -11.13 -30.64 18.83
C HIS B 838 -10.72 -31.60 19.94
N SER B 839 -11.57 -31.77 20.98
CA SER B 839 -11.29 -32.69 22.11
C SER B 839 -11.55 -34.14 21.67
N GLN B 840 -12.57 -34.38 20.86
CA GLN B 840 -12.84 -35.71 20.25
C GLN B 840 -11.82 -35.98 19.14
N THR B 841 -11.58 -37.25 18.84
CA THR B 841 -10.73 -37.66 17.69
C THR B 841 -11.43 -38.79 16.91
N TRP B 842 -11.69 -38.56 15.62
CA TRP B 842 -12.60 -39.35 14.77
C TRP B 842 -11.82 -40.28 13.85
N ASP B 843 -12.50 -41.30 13.34
CA ASP B 843 -11.87 -42.33 12.47
C ASP B 843 -11.52 -41.67 11.14
N VAL B 844 -10.49 -42.22 10.52
CA VAL B 844 -9.96 -41.86 9.19
C VAL B 844 -9.65 -43.14 8.44
N PRO B 845 -10.24 -43.34 7.25
CA PRO B 845 -9.86 -44.49 6.43
C PRO B 845 -8.34 -44.59 6.34
N VAL B 846 -7.79 -45.80 6.33
CA VAL B 846 -6.31 -46.00 6.18
C VAL B 846 -6.05 -46.91 4.99
N ALA B 847 -4.80 -46.97 4.54
CA ALA B 847 -4.35 -47.68 3.32
C ALA B 847 -4.91 -49.10 3.25
N GLU B 848 -4.94 -49.82 4.38
CA GLU B 848 -5.33 -51.27 4.46
C GLU B 848 -6.83 -51.43 4.24
N ASP B 849 -7.61 -50.35 4.23
CA ASP B 849 -9.09 -50.36 3.99
C ASP B 849 -9.41 -50.39 2.49
N PHE B 850 -8.42 -50.60 1.62
CA PHE B 850 -8.57 -50.56 0.14
C PHE B 850 -7.89 -51.77 -0.47
N PRO B 851 -8.40 -52.30 -1.60
CA PRO B 851 -7.84 -53.52 -2.21
C PRO B 851 -6.32 -53.54 -2.47
N ASN B 852 -5.70 -54.73 -2.66
CA ASN B 852 -4.29 -54.87 -3.12
C ASN B 852 -4.05 -56.18 -3.88
N SER C 1 5.76 28.33 15.86
CA SER C 1 6.76 27.24 15.57
C SER C 1 6.15 26.20 14.62
N GLU C 2 6.54 26.24 13.34
CA GLU C 2 5.96 25.46 12.19
C GLU C 2 6.16 23.96 12.41
N GLU C 3 5.36 23.14 11.73
CA GLU C 3 5.36 21.66 11.80
C GLU C 3 6.28 21.11 10.71
N VAL C 4 7.16 20.15 11.02
CA VAL C 4 8.23 19.72 10.07
C VAL C 4 7.93 18.33 9.51
N VAL C 5 7.91 18.20 8.18
CA VAL C 5 7.62 16.93 7.46
C VAL C 5 8.78 16.57 6.55
N ILE C 6 8.95 15.28 6.32
CA ILE C 6 9.87 14.73 5.29
C ILE C 6 9.04 14.66 4.00
N ALA C 7 9.34 15.52 3.02
CA ALA C 7 8.51 15.78 1.82
C ALA C 7 8.89 14.86 0.65
N GLY C 8 10.12 14.37 0.58
CA GLY C 8 10.71 13.82 -0.65
C GLY C 8 12.02 13.14 -0.34
N MET C 9 12.34 12.07 -1.04
CA MET C 9 13.61 11.36 -0.82
C MET C 9 14.11 10.76 -2.14
N SER C 10 15.43 10.70 -2.33
CA SER C 10 16.08 9.77 -3.29
C SER C 10 17.32 9.15 -2.63
N GLY C 11 18.00 8.26 -3.35
CA GLY C 11 19.26 7.70 -2.88
C GLY C 11 19.84 6.72 -3.88
N LYS C 12 21.14 6.48 -3.78
CA LYS C 12 21.84 5.32 -4.37
C LYS C 12 22.38 4.54 -3.19
N LEU C 13 22.15 3.23 -3.15
CA LEU C 13 22.65 2.32 -2.08
C LEU C 13 23.29 1.12 -2.73
N PRO C 14 23.96 0.26 -1.96
CA PRO C 14 24.56 -0.96 -2.50
C PRO C 14 23.59 -1.74 -3.40
N GLU C 15 24.10 -2.12 -4.58
CA GLU C 15 23.36 -2.77 -5.71
C GLU C 15 21.98 -2.15 -5.83
N SER C 16 21.85 -0.84 -5.66
CA SER C 16 20.53 -0.15 -5.64
C SER C 16 20.67 1.23 -6.30
N GLU C 17 20.44 1.29 -7.60
CA GLU C 17 20.61 2.53 -8.40
C GLU C 17 19.58 3.57 -7.92
N ASN C 18 18.48 3.16 -7.29
CA ASN C 18 17.42 4.10 -6.82
C ASN C 18 16.63 3.48 -5.66
N LEU C 19 15.58 4.14 -5.16
CA LEU C 19 14.86 3.63 -3.95
C LEU C 19 13.88 2.52 -4.35
N GLN C 20 13.45 2.45 -5.60
CA GLN C 20 12.58 1.34 -6.05
C GLN C 20 13.38 0.03 -6.01
N GLU C 21 14.59 0.06 -6.55
CA GLU C 21 15.53 -1.08 -6.57
C GLU C 21 15.89 -1.48 -5.12
N PHE C 22 16.09 -0.49 -4.23
CA PHE C 22 16.46 -0.66 -2.81
C PHE C 22 15.32 -1.38 -2.09
N TRP C 23 14.09 -0.94 -2.34
CA TRP C 23 12.91 -1.63 -1.77
C TRP C 23 12.88 -3.09 -2.26
N ALA C 24 12.96 -3.32 -3.56
CA ALA C 24 13.04 -4.68 -4.15
C ALA C 24 14.01 -5.53 -3.34
N ASN C 25 15.21 -5.02 -3.07
CA ASN C 25 16.32 -5.79 -2.42
C ASN C 25 15.98 -6.06 -0.94
N LEU C 26 15.41 -5.06 -0.25
CA LEU C 26 15.01 -5.13 1.18
C LEU C 26 13.96 -6.24 1.37
N ILE C 27 12.86 -6.12 0.64
CA ILE C 27 11.63 -6.93 0.85
C ILE C 27 11.86 -8.32 0.28
N GLY C 28 12.81 -8.44 -0.64
CA GLY C 28 13.16 -9.72 -1.29
C GLY C 28 14.35 -10.39 -0.61
N GLY C 29 14.80 -9.84 0.52
CA GLY C 29 15.90 -10.41 1.34
C GLY C 29 17.18 -10.65 0.54
N VAL C 30 17.42 -9.82 -0.47
CA VAL C 30 18.70 -9.77 -1.23
C VAL C 30 19.74 -9.13 -0.33
N ASP C 31 20.90 -9.77 -0.23
CA ASP C 31 22.06 -9.28 0.53
C ASP C 31 22.84 -8.38 -0.41
N MET C 32 22.86 -7.07 -0.13
CA MET C 32 23.37 -6.02 -1.05
C MET C 32 24.88 -5.86 -0.89
N VAL C 33 25.41 -6.60 0.07
CA VAL C 33 26.86 -6.67 0.37
C VAL C 33 27.43 -7.69 -0.61
N THR C 34 28.48 -7.33 -1.34
CA THR C 34 29.09 -8.11 -2.44
C THR C 34 30.58 -8.28 -2.20
N ASP C 35 31.28 -9.16 -2.94
CA ASP C 35 32.71 -9.47 -2.72
C ASP C 35 33.59 -9.28 -3.97
N ASP C 36 33.13 -8.55 -4.98
CA ASP C 36 33.89 -8.32 -6.24
C ASP C 36 35.00 -7.27 -6.00
N ASP C 37 35.75 -6.92 -7.06
CA ASP C 37 37.03 -6.16 -7.06
C ASP C 37 36.83 -4.67 -7.40
N ARG C 38 35.59 -4.19 -7.38
CA ARG C 38 35.16 -2.86 -7.89
C ARG C 38 36.00 -1.68 -7.37
N ARG C 39 36.40 -1.70 -6.09
CA ARG C 39 37.12 -0.54 -5.50
C ARG C 39 38.57 -0.91 -5.27
N TRP C 40 38.83 -2.17 -4.96
CA TRP C 40 40.21 -2.73 -4.84
C TRP C 40 40.17 -4.26 -4.80
N LYS C 41 41.26 -4.93 -5.14
CA LYS C 41 41.29 -6.42 -5.15
C LYS C 41 40.65 -6.91 -3.84
N ALA C 42 39.76 -7.89 -3.91
CA ALA C 42 39.14 -8.49 -2.71
C ALA C 42 40.26 -9.12 -1.88
N GLY C 43 40.25 -8.87 -0.57
CA GLY C 43 41.20 -9.52 0.37
C GLY C 43 42.51 -8.77 0.49
N LEU C 44 42.65 -7.63 -0.21
CA LEU C 44 43.88 -6.79 -0.15
C LEU C 44 44.16 -6.40 1.29
N TYR C 45 45.43 -6.38 1.68
CA TYR C 45 45.95 -6.06 3.04
C TYR C 45 45.23 -6.90 4.11
N GLY C 46 44.73 -8.07 3.73
CA GLY C 46 43.97 -8.97 4.64
C GLY C 46 42.58 -8.42 4.95
N LEU C 47 42.06 -7.47 4.17
CA LEU C 47 40.75 -6.85 4.44
C LEU C 47 39.63 -7.85 4.17
N PRO C 48 38.46 -7.64 4.79
CA PRO C 48 37.26 -8.38 4.41
C PRO C 48 37.02 -8.23 2.91
N LYS C 49 36.58 -9.30 2.24
CA LYS C 49 36.26 -9.32 0.79
C LYS C 49 34.91 -8.63 0.53
N ARG C 50 34.01 -8.66 1.51
CA ARG C 50 32.65 -8.09 1.37
C ARG C 50 32.59 -6.62 1.80
N SER C 51 31.86 -5.81 1.05
CA SER C 51 31.45 -4.43 1.42
C SER C 51 30.22 -4.05 0.59
N GLY C 52 29.38 -3.14 1.09
CA GLY C 52 28.25 -2.55 0.34
C GLY C 52 28.76 -1.52 -0.66
N LYS C 53 28.71 -1.81 -1.97
CA LYS C 53 29.25 -0.89 -3.01
C LYS C 53 28.12 -0.40 -3.93
N LEU C 54 28.11 0.88 -4.30
CA LEU C 54 27.18 1.42 -5.31
C LEU C 54 27.51 0.77 -6.66
N LYS C 55 26.55 0.66 -7.56
CA LYS C 55 26.76 0.00 -8.85
C LYS C 55 27.72 0.85 -9.67
N ASP C 56 27.46 2.16 -9.75
CA ASP C 56 28.25 3.10 -10.58
C ASP C 56 28.62 4.40 -9.85
N LEU C 57 29.86 4.87 -10.05
CA LEU C 57 30.37 6.19 -9.57
C LEU C 57 30.69 7.13 -10.73
N SER C 58 30.77 6.59 -11.96
CA SER C 58 31.35 7.26 -13.14
C SER C 58 30.33 8.14 -13.87
N LYS C 59 29.02 8.02 -13.60
CA LYS C 59 27.97 8.82 -14.32
C LYS C 59 27.61 10.10 -13.56
N PHE C 60 27.19 11.13 -14.31
CA PHE C 60 26.81 12.45 -13.79
C PHE C 60 26.39 13.33 -14.96
N ASP C 61 25.15 13.80 -15.00
CA ASP C 61 24.69 14.69 -16.11
C ASP C 61 25.28 16.09 -15.90
N ALA C 62 26.55 16.25 -16.25
CA ALA C 62 27.41 17.43 -15.94
C ALA C 62 26.77 18.74 -16.41
N SER C 63 26.31 18.82 -17.65
CA SER C 63 25.84 20.09 -18.21
C SER C 63 24.52 20.52 -17.53
N PHE C 64 23.70 19.60 -17.04
CA PHE C 64 22.45 20.00 -16.36
C PHE C 64 22.77 20.83 -15.11
N PHE C 65 23.88 20.52 -14.42
CA PHE C 65 24.33 21.18 -13.15
C PHE C 65 25.42 22.21 -13.46
N GLY C 66 25.46 22.67 -14.70
CA GLY C 66 26.41 23.68 -15.15
C GLY C 66 27.83 23.36 -14.75
N VAL C 67 28.27 22.10 -14.90
CA VAL C 67 29.69 21.72 -14.62
C VAL C 67 30.38 21.39 -15.95
N HIS C 68 31.45 22.11 -16.27
CA HIS C 68 32.20 21.91 -17.55
C HIS C 68 32.98 20.61 -17.45
N PRO C 69 33.32 19.94 -18.56
CA PRO C 69 33.91 18.61 -18.50
C PRO C 69 35.19 18.47 -17.64
N LYS C 70 36.01 19.50 -17.53
CA LYS C 70 37.31 19.37 -16.81
C LYS C 70 37.06 19.38 -15.29
N GLN C 71 36.09 20.17 -14.82
CA GLN C 71 35.73 20.31 -13.38
C GLN C 71 35.00 19.05 -12.89
N ALA C 72 34.33 18.34 -13.80
CA ALA C 72 33.54 17.12 -13.52
C ALA C 72 34.47 15.91 -13.32
N HIS C 73 35.52 15.77 -14.12
CA HIS C 73 36.52 14.69 -13.90
C HIS C 73 37.23 14.93 -12.56
N THR C 74 37.12 16.11 -11.96
CA THR C 74 37.86 16.47 -10.72
C THR C 74 36.88 16.84 -9.61
N MET C 75 35.67 16.30 -9.65
CA MET C 75 34.63 16.52 -8.62
C MET C 75 34.52 15.24 -7.77
N ASP C 76 34.52 15.32 -6.44
CA ASP C 76 34.32 14.11 -5.59
C ASP C 76 33.13 13.40 -6.23
N PRO C 77 33.19 12.09 -6.59
CA PRO C 77 31.99 11.41 -7.07
C PRO C 77 30.83 11.49 -6.07
N GLN C 78 31.13 11.51 -4.77
CA GLN C 78 30.16 11.84 -3.70
C GLN C 78 29.23 12.96 -4.19
N LEU C 79 29.80 14.08 -4.64
CA LEU C 79 29.05 15.34 -4.90
C LEU C 79 28.36 15.27 -6.25
N ARG C 80 28.99 14.61 -7.22
CA ARG C 80 28.39 14.32 -8.54
C ARG C 80 27.05 13.61 -8.30
N LEU C 81 27.07 12.56 -7.48
CA LEU C 81 25.87 11.72 -7.21
C LEU C 81 24.88 12.53 -6.37
N LEU C 82 25.39 13.30 -5.40
CA LEU C 82 24.57 13.97 -4.39
C LEU C 82 23.77 15.11 -5.04
N LEU C 83 24.30 15.68 -6.14
CA LEU C 83 23.59 16.70 -6.95
C LEU C 83 22.37 16.04 -7.61
N GLU C 84 22.58 14.96 -8.35
CA GLU C 84 21.47 14.18 -8.96
C GLU C 84 20.50 13.75 -7.87
N VAL C 85 21.00 13.09 -6.85
CA VAL C 85 20.10 12.51 -5.81
C VAL C 85 19.34 13.67 -5.12
N SER C 86 19.95 14.85 -4.93
CA SER C 86 19.28 16.03 -4.31
C SER C 86 18.13 16.53 -5.20
N TYR C 87 18.37 16.70 -6.50
CA TYR C 87 17.30 17.04 -7.48
C TYR C 87 16.18 16.00 -7.38
N GLU C 88 16.50 14.71 -7.51
CA GLU C 88 15.52 13.59 -7.44
C GLU C 88 14.70 13.75 -6.16
N ALA C 89 15.34 14.11 -5.04
CA ALA C 89 14.69 14.15 -3.72
C ALA C 89 13.62 15.24 -3.71
N ILE C 90 13.93 16.40 -4.29
CA ILE C 90 12.99 17.57 -4.29
C ILE C 90 11.78 17.28 -5.17
N VAL C 91 11.98 16.77 -6.39
CA VAL C 91 10.84 16.54 -7.34
C VAL C 91 10.02 15.37 -6.81
N ASP C 92 10.66 14.41 -6.15
CA ASP C 92 9.97 13.28 -5.50
C ASP C 92 8.81 13.82 -4.65
N GLY C 93 8.99 14.99 -4.03
CA GLY C 93 7.99 15.59 -3.11
C GLY C 93 6.92 16.36 -3.84
N GLY C 94 6.91 16.33 -5.17
CA GLY C 94 5.96 17.03 -6.04
C GLY C 94 6.25 18.52 -6.05
N ILE C 95 7.52 18.88 -5.85
CA ILE C 95 7.94 20.31 -5.69
C ILE C 95 8.86 20.71 -6.84
N ASN C 96 8.50 21.74 -7.59
CA ASN C 96 9.38 22.29 -8.64
C ASN C 96 10.53 22.98 -7.93
N PRO C 97 11.79 22.52 -8.14
CA PRO C 97 12.96 23.19 -7.60
C PRO C 97 12.89 24.73 -7.66
N ALA C 98 12.24 25.24 -8.70
CA ALA C 98 12.18 26.68 -9.03
C ALA C 98 11.48 27.44 -7.89
N SER C 99 10.50 26.80 -7.23
CA SER C 99 9.72 27.43 -6.14
C SER C 99 10.57 27.57 -4.85
N LEU C 100 11.82 27.11 -4.85
CA LEU C 100 12.72 27.27 -3.68
C LEU C 100 13.89 28.21 -4.00
N ARG C 101 14.18 28.44 -5.29
CA ARG C 101 15.28 29.36 -5.70
C ARG C 101 15.12 30.68 -4.96
N GLY C 102 16.18 31.14 -4.28
CA GLY C 102 16.20 32.43 -3.59
C GLY C 102 15.57 32.39 -2.22
N THR C 103 15.08 31.25 -1.73
CA THR C 103 14.50 31.17 -0.36
C THR C 103 15.64 30.95 0.63
N ASN C 104 15.35 31.09 1.92
CA ASN C 104 16.29 30.75 3.00
C ASN C 104 16.19 29.24 3.30
N THR C 105 15.95 28.42 2.26
CA THR C 105 16.08 26.95 2.32
C THR C 105 17.53 26.62 2.70
N GLY C 106 17.70 25.60 3.56
CA GLY C 106 19.01 25.24 4.13
C GLY C 106 19.46 23.89 3.62
N VAL C 107 20.78 23.67 3.61
CA VAL C 107 21.41 22.37 3.28
C VAL C 107 22.27 21.93 4.47
N TRP C 108 22.14 20.68 4.86
CA TRP C 108 23.04 20.04 5.84
C TRP C 108 23.46 18.72 5.25
N VAL C 109 24.74 18.48 5.14
CA VAL C 109 25.23 17.23 4.54
C VAL C 109 26.15 16.59 5.57
N GLY C 110 25.82 15.38 5.98
CA GLY C 110 26.69 14.57 6.84
C GLY C 110 27.70 13.84 5.97
N VAL C 111 28.97 13.92 6.34
CA VAL C 111 30.05 13.38 5.48
C VAL C 111 31.33 13.34 6.30
N SER C 112 32.08 12.24 6.19
CA SER C 112 33.21 11.95 7.11
C SER C 112 34.48 11.65 6.33
N GLY C 113 34.43 11.73 5.01
CA GLY C 113 35.49 11.21 4.13
C GLY C 113 35.65 12.11 2.92
N SER C 114 36.89 12.46 2.60
CA SER C 114 37.27 13.24 1.41
C SER C 114 38.40 12.48 0.68
N GLU C 115 38.16 11.20 0.41
CA GLU C 115 39.15 10.31 -0.23
C GLU C 115 39.46 10.83 -1.66
N ALA C 116 38.51 11.48 -2.35
CA ALA C 116 38.78 12.10 -3.67
C ALA C 116 39.75 13.28 -3.53
N SER C 117 39.55 14.21 -2.58
CA SER C 117 40.45 15.38 -2.41
C SER C 117 41.90 14.91 -2.27
N GLU C 118 42.10 13.77 -1.61
CA GLU C 118 43.44 13.21 -1.31
C GLU C 118 44.09 12.71 -2.60
N ALA C 119 43.32 11.98 -3.40
CA ALA C 119 43.76 11.36 -4.67
C ALA C 119 44.09 12.43 -5.71
N LEU C 120 43.26 13.47 -5.82
CA LEU C 120 43.41 14.53 -6.85
C LEU C 120 44.46 15.59 -6.45
N SER C 121 44.91 15.60 -5.19
CA SER C 121 45.94 16.54 -4.68
C SER C 121 47.32 15.89 -4.63
N ARG C 122 47.51 14.66 -5.15
CA ARG C 122 48.68 13.82 -4.80
C ARG C 122 49.94 14.19 -5.60
N ASP C 123 49.82 14.80 -6.77
CA ASP C 123 51.00 15.14 -7.61
C ASP C 123 51.00 16.65 -7.86
N PRO C 124 51.89 17.42 -7.18
CA PRO C 124 51.95 18.88 -7.35
C PRO C 124 52.22 19.32 -8.79
N GLU C 125 52.88 18.48 -9.59
CA GLU C 125 53.19 18.75 -11.02
C GLU C 125 51.90 18.70 -11.86
N THR C 126 51.07 17.66 -11.72
CA THR C 126 49.91 17.38 -12.62
C THR C 126 48.59 17.94 -12.08
N LEU C 127 48.50 18.42 -10.85
CA LEU C 127 47.17 18.61 -10.19
C LEU C 127 46.51 19.91 -10.64
N LEU C 128 45.19 19.99 -10.51
CA LEU C 128 44.37 21.16 -10.94
C LEU C 128 43.79 21.89 -9.72
N GLY C 129 44.11 23.16 -9.52
CA GLY C 129 43.34 24.03 -8.61
C GLY C 129 41.88 23.59 -8.51
N TYR C 130 41.24 23.26 -9.63
CA TYR C 130 39.81 22.85 -9.77
C TYR C 130 39.38 21.82 -8.72
N SER C 131 40.22 20.81 -8.53
CA SER C 131 40.00 19.66 -7.62
C SER C 131 39.54 20.15 -6.23
N MET C 132 40.16 21.22 -5.72
CA MET C 132 39.79 21.86 -4.42
C MET C 132 38.29 22.21 -4.45
N VAL C 133 37.80 22.86 -5.51
CA VAL C 133 36.37 23.32 -5.63
C VAL C 133 35.41 22.13 -5.79
N GLY C 134 35.91 20.97 -6.20
CA GLY C 134 35.06 19.80 -6.46
C GLY C 134 35.09 18.78 -5.34
N CYS C 135 36.03 18.95 -4.40
CA CYS C 135 36.37 17.90 -3.40
C CYS C 135 36.44 18.46 -1.97
N GLN C 136 36.63 19.75 -1.75
CA GLN C 136 36.73 20.29 -0.37
C GLN C 136 35.39 20.03 0.31
N ARG C 137 35.43 19.59 1.57
CA ARG C 137 34.26 19.01 2.26
C ARG C 137 33.14 20.04 2.27
N ALA C 138 33.45 21.31 2.50
CA ALA C 138 32.42 22.37 2.66
C ALA C 138 31.56 22.40 1.40
N MET C 139 32.11 21.98 0.26
CA MET C 139 31.43 22.08 -1.05
C MET C 139 30.36 20.98 -1.19
N MET C 140 30.51 19.83 -0.52
CA MET C 140 29.48 18.76 -0.50
C MET C 140 28.13 19.42 -0.22
N ALA C 141 28.11 20.57 0.45
CA ALA C 141 26.88 21.34 0.79
C ALA C 141 26.82 22.66 0.03
N ASN C 142 27.95 23.37 -0.08
CA ASN C 142 27.94 24.71 -0.70
C ASN C 142 27.58 24.54 -2.17
N ARG C 143 28.05 23.46 -2.81
CA ARG C 143 27.75 23.21 -4.24
C ARG C 143 26.24 22.97 -4.40
N LEU C 144 25.59 22.29 -3.47
CA LEU C 144 24.11 22.09 -3.52
C LEU C 144 23.46 23.48 -3.43
N SER C 145 23.78 24.24 -2.38
CA SER C 145 23.24 25.59 -2.11
C SER C 145 23.39 26.46 -3.38
N PHE C 146 24.45 26.28 -4.15
CA PHE C 146 24.84 27.17 -5.28
C PHE C 146 24.08 26.82 -6.56
N PHE C 147 23.82 25.53 -6.78
CA PHE C 147 23.08 25.04 -7.97
C PHE C 147 21.59 25.34 -7.80
N PHE C 148 21.05 25.08 -6.61
CA PHE C 148 19.61 25.21 -6.32
C PHE C 148 19.25 26.67 -5.96
N ASP C 149 20.23 27.55 -5.75
CA ASP C 149 20.00 28.93 -5.25
C ASP C 149 19.30 28.88 -3.88
N PHE C 150 19.84 28.09 -2.94
CA PHE C 150 19.38 28.00 -1.53
C PHE C 150 20.26 28.93 -0.66
N LYS C 151 19.68 29.95 -0.03
CA LYS C 151 20.46 31.03 0.63
C LYS C 151 20.46 30.90 2.16
N GLY C 152 19.86 29.85 2.72
CA GLY C 152 19.92 29.54 4.17
C GLY C 152 21.25 28.89 4.55
N PRO C 153 21.37 28.36 5.79
CA PRO C 153 22.63 27.76 6.24
C PRO C 153 22.99 26.65 5.26
N SER C 154 24.28 26.53 4.94
CA SER C 154 24.87 25.50 4.04
C SER C 154 26.08 24.92 4.78
N ILE C 155 25.96 23.71 5.30
CA ILE C 155 26.93 23.16 6.29
C ILE C 155 27.22 21.69 6.02
N ALA C 156 28.49 21.29 6.08
CA ALA C 156 28.92 19.87 6.13
C ALA C 156 29.30 19.50 7.57
N LEU C 157 28.49 18.66 8.22
CA LEU C 157 28.75 18.17 9.60
C LEU C 157 29.51 16.86 9.51
N ASP C 158 30.43 16.64 10.43
CA ASP C 158 31.00 15.31 10.71
C ASP C 158 30.85 15.09 12.20
N THR C 159 29.98 14.16 12.57
CA THR C 159 30.01 13.47 13.87
C THR C 159 30.21 11.97 13.62
N ALA C 160 31.07 11.60 12.69
CA ALA C 160 31.29 10.19 12.33
C ALA C 160 29.95 9.57 11.91
N CYS C 161 29.63 8.35 12.36
CA CYS C 161 28.50 7.53 11.86
C CYS C 161 27.14 8.19 12.13
N SER C 162 27.03 9.17 13.02
CA SER C 162 25.74 9.85 13.29
C SER C 162 25.55 11.13 12.45
N SER C 163 26.35 11.37 11.41
CA SER C 163 26.41 12.69 10.75
C SER C 163 25.12 12.98 9.98
N SER C 164 24.66 12.02 9.18
CA SER C 164 23.47 12.25 8.33
C SER C 164 22.25 12.46 9.25
N LEU C 165 22.07 11.68 10.32
CA LEU C 165 20.88 11.88 11.20
C LEU C 165 21.03 13.19 11.97
N LEU C 166 22.25 13.62 12.28
CA LEU C 166 22.48 14.91 12.96
C LEU C 166 22.14 16.04 11.99
N ALA C 167 22.49 15.87 10.73
CA ALA C 167 22.09 16.79 9.66
C ALA C 167 20.55 16.89 9.62
N LEU C 168 19.84 15.78 9.78
CA LEU C 168 18.35 15.81 9.74
C LEU C 168 17.89 16.67 10.91
N GLN C 169 18.51 16.45 12.07
CA GLN C 169 18.09 17.04 13.36
C GLN C 169 18.35 18.55 13.35
N ASN C 170 19.49 18.98 12.82
CA ASN C 170 19.84 20.42 12.72
C ASN C 170 18.85 21.11 11.77
N ALA C 171 18.57 20.47 10.63
CA ALA C 171 17.60 20.97 9.63
C ALA C 171 16.22 21.03 10.29
N TYR C 172 15.84 19.96 10.98
CA TYR C 172 14.58 19.92 11.76
C TYR C 172 14.49 21.16 12.65
N GLN C 173 15.46 21.36 13.55
CA GLN C 173 15.52 22.51 14.50
C GLN C 173 15.37 23.81 13.69
N ALA C 174 16.00 23.94 12.53
CA ALA C 174 16.02 25.19 11.73
C ALA C 174 14.65 25.47 11.11
N ILE C 175 13.88 24.46 10.71
CA ILE C 175 12.53 24.62 10.10
C ILE C 175 11.51 24.86 11.23
N ARG C 176 11.63 24.11 12.33
CA ARG C 176 10.82 24.24 13.57
C ARG C 176 10.84 25.69 14.03
N SER C 177 12.02 26.30 14.07
CA SER C 177 12.27 27.64 14.65
C SER C 177 11.74 28.75 13.75
N GLY C 178 11.43 28.48 12.48
CA GLY C 178 11.05 29.53 11.50
C GLY C 178 12.26 30.03 10.74
N GLU C 179 13.46 29.58 11.10
CA GLU C 179 14.71 30.03 10.44
C GLU C 179 14.67 29.68 8.96
N CYS C 180 14.14 28.49 8.61
CA CYS C 180 14.05 27.97 7.23
C CYS C 180 12.64 27.49 6.91
N PRO C 181 12.20 27.69 5.65
CA PRO C 181 10.96 27.10 5.16
C PRO C 181 11.14 25.61 4.81
N ALA C 182 12.33 25.26 4.34
CA ALA C 182 12.65 23.90 3.88
C ALA C 182 14.14 23.66 4.02
N ALA C 183 14.55 22.40 4.01
CA ALA C 183 15.96 22.02 4.10
C ALA C 183 16.21 20.80 3.22
N LEU C 184 17.39 20.78 2.62
CA LEU C 184 17.92 19.63 1.89
C LEU C 184 18.91 18.94 2.82
N VAL C 185 18.74 17.64 3.07
CA VAL C 185 19.58 16.88 4.01
C VAL C 185 20.23 15.73 3.27
N GLY C 186 21.56 15.70 3.20
CA GLY C 186 22.33 14.69 2.46
C GLY C 186 23.11 13.75 3.39
N GLY C 187 23.45 12.58 2.88
CA GLY C 187 24.31 11.60 3.57
C GLY C 187 25.18 10.96 2.53
N ILE C 188 26.49 11.08 2.64
CA ILE C 188 27.39 10.52 1.60
C ILE C 188 28.54 9.77 2.24
N ASN C 189 28.95 8.67 1.63
CA ASN C 189 30.09 7.86 2.09
C ASN C 189 30.52 6.91 0.98
N LEU C 190 31.73 7.07 0.43
CA LEU C 190 32.31 6.13 -0.59
C LEU C 190 33.49 5.38 0.02
N LEU C 191 33.82 4.22 -0.54
CA LEU C 191 34.95 3.38 -0.10
C LEU C 191 36.03 3.34 -1.18
N LEU C 192 36.78 4.43 -1.39
CA LEU C 192 37.83 4.53 -2.45
C LEU C 192 39.21 4.10 -1.93
N LYS C 193 39.59 4.42 -0.68
CA LYS C 193 40.95 4.27 -0.13
C LYS C 193 40.99 3.04 0.77
N PRO C 194 41.69 1.95 0.39
CA PRO C 194 41.76 0.77 1.24
C PRO C 194 42.29 1.10 2.65
N ASN C 195 43.20 2.05 2.75
CA ASN C 195 44.00 2.25 3.99
C ASN C 195 43.04 2.56 5.14
N THR C 196 41.95 3.26 4.84
CA THR C 196 40.83 3.55 5.75
C THR C 196 40.31 2.24 6.34
N SER C 197 40.02 1.25 5.49
CA SER C 197 39.48 -0.06 5.93
C SER C 197 40.50 -0.71 6.86
N VAL C 198 41.79 -0.56 6.56
CA VAL C 198 42.88 -1.19 7.37
C VAL C 198 42.85 -0.56 8.77
N GLN C 199 42.67 0.77 8.85
CA GLN C 199 42.62 1.52 10.12
C GLN C 199 41.50 0.88 10.95
N PHE C 200 40.33 0.74 10.35
CA PHE C 200 39.14 0.23 11.07
C PHE C 200 39.39 -1.23 11.44
N MET C 201 40.04 -1.99 10.56
CA MET C 201 40.28 -3.42 10.81
C MET C 201 41.16 -3.55 12.04
N LYS C 202 42.18 -2.73 12.14
CA LYS C 202 43.19 -2.75 13.23
C LYS C 202 42.59 -2.21 14.51
N LEU C 203 41.55 -1.39 14.46
CA LEU C 203 40.83 -0.96 15.69
C LEU C 203 39.87 -2.07 16.16
N GLY C 204 39.74 -3.17 15.42
CA GLY C 204 38.79 -4.26 15.73
C GLY C 204 37.34 -3.97 15.35
N MET C 205 37.05 -2.98 14.51
CA MET C 205 35.66 -2.54 14.26
C MET C 205 35.02 -3.31 13.12
N LEU C 206 35.78 -3.99 12.26
CA LEU C 206 35.22 -4.67 11.05
C LEU C 206 35.17 -6.17 11.28
N SER C 207 34.05 -6.77 10.89
CA SER C 207 33.80 -8.22 10.81
C SER C 207 34.53 -8.80 9.61
N PRO C 208 35.34 -9.86 9.81
CA PRO C 208 36.01 -10.56 8.73
C PRO C 208 35.09 -11.05 7.60
N ASP C 209 33.85 -11.41 7.95
CA ASP C 209 32.81 -11.92 7.00
C ASP C 209 32.05 -10.75 6.40
N GLY C 210 32.50 -9.52 6.64
CA GLY C 210 31.84 -8.28 6.20
C GLY C 210 30.33 -8.38 6.26
N THR C 211 29.79 -8.65 7.45
CA THR C 211 28.34 -8.75 7.72
C THR C 211 28.02 -8.02 9.03
N CYS C 212 26.99 -7.17 9.01
CA CYS C 212 26.31 -6.67 10.22
C CYS C 212 25.23 -7.68 10.59
N ARG C 213 25.57 -8.62 11.46
CA ARG C 213 24.60 -9.59 12.01
C ARG C 213 23.85 -8.90 13.15
N SER C 214 23.07 -7.88 12.83
CA SER C 214 22.36 -7.02 13.81
C SER C 214 21.61 -7.92 14.80
N PHE C 215 22.03 -7.87 16.07
CA PHE C 215 21.36 -8.45 17.27
C PHE C 215 21.73 -9.93 17.42
N ASP C 216 22.39 -10.55 16.45
CA ASP C 216 22.77 -11.98 16.56
C ASP C 216 23.92 -12.15 17.55
N ASP C 217 23.96 -13.31 18.21
CA ASP C 217 25.05 -13.77 19.11
C ASP C 217 26.38 -13.75 18.36
N SER C 218 26.39 -13.99 17.05
CA SER C 218 27.67 -14.13 16.28
C SER C 218 28.15 -12.76 15.74
N GLY C 219 27.41 -11.69 16.00
CA GLY C 219 27.86 -10.31 15.76
C GLY C 219 29.29 -10.08 16.24
N SER C 220 30.22 -9.94 15.31
CA SER C 220 31.69 -9.73 15.54
C SER C 220 32.19 -8.50 14.78
N GLY C 221 31.39 -7.45 14.59
CA GLY C 221 31.83 -6.25 13.85
C GLY C 221 30.97 -5.90 12.68
N TYR C 222 31.33 -4.82 11.97
CA TYR C 222 30.46 -4.24 10.90
C TYR C 222 31.09 -4.40 9.52
N CYS C 223 30.26 -4.10 8.54
CA CYS C 223 30.53 -4.17 7.09
C CYS C 223 30.49 -2.74 6.57
N ARG C 224 31.59 -2.27 6.00
CA ARG C 224 31.65 -0.90 5.45
C ARG C 224 30.81 -0.88 4.17
N SER C 225 30.04 0.17 3.98
CA SER C 225 29.12 0.28 2.84
C SER C 225 29.17 1.69 2.31
N GLU C 226 28.82 1.86 1.04
CA GLU C 226 28.62 3.16 0.36
C GLU C 226 27.15 3.58 0.44
N ALA C 227 26.88 4.86 0.26
CA ALA C 227 25.53 5.43 0.25
C ALA C 227 25.61 6.91 -0.13
N VAL C 228 24.73 7.30 -1.05
CA VAL C 228 24.37 8.72 -1.34
C VAL C 228 22.87 8.84 -1.13
N VAL C 229 22.43 9.60 -0.16
CA VAL C 229 20.99 9.75 0.15
C VAL C 229 20.73 11.21 0.40
N ALA C 230 19.54 11.68 0.03
CA ALA C 230 19.07 13.05 0.30
C ALA C 230 17.57 13.02 0.57
N VAL C 231 17.10 13.94 1.41
CA VAL C 231 15.65 14.12 1.71
C VAL C 231 15.40 15.61 1.76
N LEU C 232 14.21 16.00 1.30
CA LEU C 232 13.66 17.36 1.46
C LEU C 232 12.83 17.35 2.74
N LEU C 233 13.16 18.21 3.70
CA LEU C 233 12.26 18.61 4.80
C LEU C 233 11.60 19.91 4.39
N THR C 234 10.32 20.08 4.71
CA THR C 234 9.60 21.36 4.55
C THR C 234 8.72 21.57 5.78
N LYS C 235 8.30 22.81 6.04
CA LYS C 235 7.13 23.04 6.93
C LYS C 235 5.88 22.44 6.24
N LYS C 236 4.88 22.00 7.01
CA LYS C 236 3.72 21.21 6.50
C LYS C 236 2.94 21.99 5.43
N SER C 237 2.65 23.25 5.69
CA SER C 237 1.97 24.20 4.78
C SER C 237 2.54 24.13 3.35
N LEU C 238 3.83 23.86 3.16
CA LEU C 238 4.52 24.00 1.84
C LEU C 238 4.61 22.64 1.11
N ALA C 239 4.19 21.54 1.74
CA ALA C 239 4.46 20.15 1.29
C ALA C 239 3.31 19.67 0.41
N ARG C 240 3.62 18.97 -0.67
CA ARG C 240 2.63 18.18 -1.43
C ARG C 240 2.69 16.76 -0.88
N ARG C 241 3.67 15.93 -1.29
CA ARG C 241 3.88 14.60 -0.67
C ARG C 241 4.34 14.77 0.78
N VAL C 242 3.91 13.88 1.66
CA VAL C 242 4.34 13.83 3.09
C VAL C 242 4.53 12.38 3.48
N TYR C 243 5.78 11.96 3.66
CA TYR C 243 6.16 10.58 4.00
C TYR C 243 5.91 10.36 5.49
N ALA C 244 6.34 11.32 6.30
CA ALA C 244 6.11 11.29 7.77
C ALA C 244 6.42 12.66 8.36
N THR C 245 5.91 12.90 9.56
CA THR C 245 6.09 14.16 10.30
C THR C 245 7.13 13.92 11.39
N ILE C 246 8.08 14.83 11.55
CA ILE C 246 9.12 14.71 12.61
C ILE C 246 8.49 15.26 13.89
N LEU C 247 8.23 14.38 14.87
CA LEU C 247 7.55 14.73 16.14
C LEU C 247 8.54 15.38 17.09
N ASN C 248 9.76 14.88 17.10
CA ASN C 248 10.83 15.42 17.97
C ASN C 248 12.16 14.83 17.49
N ALA C 249 13.26 15.48 17.83
CA ALA C 249 14.60 15.04 17.41
C ALA C 249 15.66 15.74 18.25
N GLY C 250 16.68 14.99 18.70
CA GLY C 250 17.76 15.57 19.50
C GLY C 250 19.02 14.73 19.45
N THR C 251 20.10 15.34 19.94
CA THR C 251 21.47 14.78 20.02
C THR C 251 21.99 15.01 21.44
N ASN C 252 22.90 14.18 21.89
CA ASN C 252 23.68 14.41 23.12
C ASN C 252 25.01 13.71 22.86
N THR C 253 25.91 13.64 23.83
CA THR C 253 27.26 13.08 23.62
C THR C 253 27.60 12.30 24.89
N ASP C 254 28.33 11.20 24.77
CA ASP C 254 28.56 10.29 25.92
C ASP C 254 29.30 11.05 27.05
N GLY C 255 30.13 12.04 26.70
CA GLY C 255 31.10 12.65 27.64
C GLY C 255 32.11 11.62 28.14
N SER C 256 32.57 11.75 29.39
CA SER C 256 33.51 10.82 30.07
C SER C 256 32.95 9.40 30.17
N LYS C 257 33.85 8.44 29.96
CA LYS C 257 33.59 6.99 29.97
C LYS C 257 34.88 6.26 30.35
N GLU C 258 34.89 5.59 31.50
CA GLU C 258 36.06 4.81 31.96
C GLU C 258 36.55 3.90 30.83
N GLN C 259 35.65 3.40 29.97
CA GLN C 259 36.00 2.28 29.05
C GLN C 259 36.74 2.81 27.82
N GLY C 260 36.67 4.11 27.53
CA GLY C 260 37.46 4.75 26.45
C GLY C 260 36.58 5.56 25.50
N VAL C 261 37.17 6.41 24.68
CA VAL C 261 36.39 7.40 23.88
C VAL C 261 35.43 6.70 22.92
N THR C 262 35.69 5.43 22.55
CA THR C 262 34.98 4.76 21.43
C THR C 262 34.07 3.65 21.95
N PHE C 263 33.98 3.46 23.26
CA PHE C 263 32.98 2.58 23.90
C PHE C 263 31.64 3.32 23.88
N PRO C 264 30.58 2.74 23.28
CA PRO C 264 29.25 3.35 23.30
C PRO C 264 28.50 3.21 24.63
N SER C 265 28.19 4.35 25.27
CA SER C 265 27.47 4.40 26.59
C SER C 265 26.00 4.15 26.35
N GLY C 266 25.56 2.89 26.51
CA GLY C 266 24.13 2.57 26.61
C GLY C 266 23.42 3.62 27.46
N GLU C 267 24.06 4.01 28.57
CA GLU C 267 23.44 4.84 29.63
C GLU C 267 23.13 6.24 29.09
N VAL C 268 24.03 6.85 28.34
CA VAL C 268 23.78 8.23 27.84
C VAL C 268 22.86 8.13 26.62
N GLN C 269 22.99 7.10 25.80
CA GLN C 269 22.04 6.82 24.67
C GLN C 269 20.65 6.86 25.27
N GLU C 270 20.42 6.04 26.31
CA GLU C 270 19.16 5.95 27.08
C GLU C 270 18.72 7.34 27.54
N GLN C 271 19.62 8.09 28.15
CA GLN C 271 19.33 9.47 28.62
C GLN C 271 18.72 10.26 27.47
N LEU C 272 19.32 10.20 26.26
CA LEU C 272 18.84 10.99 25.10
C LEU C 272 17.41 10.58 24.78
N ILE C 273 17.14 9.28 24.77
CA ILE C 273 15.80 8.78 24.35
C ILE C 273 14.76 9.33 25.34
N CYS C 274 14.98 9.15 26.64
CA CYS C 274 14.07 9.68 27.70
C CYS C 274 13.77 11.16 27.47
N SER C 275 14.80 11.95 27.14
CA SER C 275 14.72 13.42 27.00
C SER C 275 13.73 13.80 25.90
N LEU C 276 13.40 12.89 24.98
CA LEU C 276 12.66 13.22 23.73
C LEU C 276 11.23 12.67 23.75
N TYR C 277 10.90 11.75 24.66
CA TYR C 277 9.54 11.13 24.74
C TYR C 277 8.66 11.85 25.76
N GLN C 278 8.62 11.41 27.02
CA GLN C 278 7.58 11.90 27.98
C GLN C 278 7.67 13.42 28.14
N PRO C 279 8.84 14.06 28.23
CA PRO C 279 8.92 15.52 28.28
C PRO C 279 8.29 16.29 27.11
N ALA C 280 8.25 15.70 25.93
CA ALA C 280 7.64 16.32 24.73
C ALA C 280 6.16 15.92 24.62
N GLY C 281 5.65 15.11 25.57
CA GLY C 281 4.26 14.63 25.58
C GLY C 281 4.06 13.46 24.63
N LEU C 282 5.14 12.76 24.32
CA LEU C 282 5.13 11.58 23.41
C LEU C 282 5.33 10.31 24.25
N ALA C 283 4.40 9.38 24.19
CA ALA C 283 4.43 8.13 24.96
C ALA C 283 5.27 7.09 24.24
N PRO C 284 6.23 6.44 24.92
CA PRO C 284 6.84 5.21 24.42
C PRO C 284 5.86 4.08 24.04
N GLU C 285 4.69 4.03 24.70
CA GLU C 285 3.51 3.18 24.35
C GLU C 285 3.16 3.38 22.88
N SER C 286 3.43 4.57 22.33
CA SER C 286 2.95 5.01 21.00
C SER C 286 3.85 4.47 19.86
N LEU C 287 5.03 3.92 20.17
CA LEU C 287 5.97 3.42 19.13
C LEU C 287 5.40 2.14 18.53
N GLU C 288 5.40 2.04 17.21
CA GLU C 288 5.25 0.73 16.54
C GLU C 288 6.61 0.01 16.44
N TYR C 289 7.61 0.73 15.95
CA TYR C 289 8.92 0.19 15.46
C TYR C 289 10.02 1.18 15.82
N ILE C 290 11.19 0.65 16.10
CA ILE C 290 12.40 1.49 16.32
C ILE C 290 13.48 0.94 15.40
N GLU C 291 14.05 1.82 14.55
CA GLU C 291 15.21 1.49 13.68
C GLU C 291 16.46 1.65 14.54
N ALA C 292 17.03 0.54 14.98
CA ALA C 292 18.20 0.53 15.86
C ALA C 292 19.42 0.89 15.01
N HIS C 293 20.41 1.52 15.62
CA HIS C 293 21.72 1.78 14.97
C HIS C 293 22.21 0.42 14.46
N GLY C 294 22.30 -0.57 15.35
CA GLY C 294 22.28 -2.00 15.00
C GLY C 294 23.40 -2.42 14.06
N THR C 295 24.65 -2.25 14.47
CA THR C 295 25.86 -2.52 13.64
C THR C 295 26.34 -3.98 13.77
N GLY C 296 25.89 -4.71 14.80
CA GLY C 296 26.29 -6.12 14.99
C GLY C 296 27.63 -6.28 15.70
N THR C 297 27.96 -5.38 16.63
CA THR C 297 29.23 -5.42 17.40
C THR C 297 28.93 -5.98 18.79
N LYS C 298 29.83 -6.80 19.34
CA LYS C 298 29.77 -7.46 20.67
C LYS C 298 29.27 -6.50 21.75
N VAL C 299 29.75 -5.24 21.74
CA VAL C 299 29.51 -4.18 22.75
C VAL C 299 28.35 -3.26 22.34
N GLY C 300 28.40 -2.71 21.12
CA GLY C 300 27.38 -1.78 20.60
C GLY C 300 25.96 -2.30 20.78
N ASP C 301 25.66 -3.51 20.29
CA ASP C 301 24.28 -4.07 20.28
C ASP C 301 23.74 -4.10 21.71
N PRO C 302 24.41 -4.83 22.65
CA PRO C 302 23.95 -4.86 24.04
C PRO C 302 23.69 -3.47 24.60
N GLN C 303 24.68 -2.57 24.47
CA GLN C 303 24.63 -1.21 25.04
C GLN C 303 23.40 -0.48 24.51
N GLU C 304 23.23 -0.47 23.19
CA GLU C 304 22.10 0.18 22.50
C GLU C 304 20.77 -0.43 22.96
N LEU C 305 20.61 -1.75 22.81
CA LEU C 305 19.27 -2.40 22.98
C LEU C 305 18.89 -2.37 24.46
N ASN C 306 19.82 -2.69 25.37
CA ASN C 306 19.59 -2.54 26.83
C ASN C 306 19.20 -1.06 27.11
N GLY C 307 19.90 -0.10 26.52
CA GLY C 307 19.46 1.30 26.44
C GLY C 307 18.00 1.45 26.03
N ILE C 308 17.57 0.80 24.94
CA ILE C 308 16.18 0.90 24.40
C ILE C 308 15.20 0.21 25.37
N THR C 309 15.66 -0.85 26.03
CA THR C 309 14.86 -1.62 27.03
C THR C 309 14.48 -0.70 28.20
N ARG C 310 15.44 0.07 28.72
CA ARG C 310 15.25 0.95 29.91
C ARG C 310 14.52 2.24 29.53
N SER C 311 14.74 2.78 28.33
CA SER C 311 14.27 4.13 27.94
C SER C 311 12.84 4.06 27.38
N LEU C 312 12.48 2.93 26.75
CA LEU C 312 11.21 2.81 25.98
C LEU C 312 10.41 1.56 26.41
N CYS C 313 11.04 0.40 26.56
CA CYS C 313 10.33 -0.88 26.87
C CYS C 313 9.70 -0.77 28.25
N ALA C 314 10.47 -0.23 29.20
CA ALA C 314 10.15 -0.04 30.63
C ALA C 314 8.80 0.67 30.81
N PHE C 315 8.32 1.37 29.76
CA PHE C 315 7.11 2.24 29.75
C PHE C 315 6.02 1.62 28.89
N ARG C 316 6.23 0.38 28.45
CA ARG C 316 5.31 -0.35 27.54
C ARG C 316 4.99 -1.71 28.14
N GLN C 317 3.76 -2.18 27.96
CA GLN C 317 3.38 -3.58 28.21
C GLN C 317 3.50 -4.36 26.89
N ALA C 318 3.20 -3.70 25.75
CA ALA C 318 3.33 -4.30 24.40
C ALA C 318 4.81 -4.51 24.01
N PRO C 319 5.15 -5.65 23.37
CA PRO C 319 6.41 -5.78 22.64
C PRO C 319 6.66 -4.63 21.63
N LEU C 320 7.94 -4.30 21.38
CA LEU C 320 8.38 -3.27 20.42
C LEU C 320 9.14 -3.96 19.27
N LEU C 321 8.63 -3.82 18.04
CA LEU C 321 9.32 -4.25 16.81
C LEU C 321 10.62 -3.44 16.69
N ILE C 322 11.73 -4.15 16.45
CA ILE C 322 13.08 -3.53 16.24
C ILE C 322 13.69 -4.11 14.97
N GLY C 323 14.36 -3.27 14.19
CA GLY C 323 15.12 -3.68 12.99
C GLY C 323 16.37 -2.83 12.79
N SER C 324 17.12 -3.15 11.74
CA SER C 324 18.38 -2.47 11.41
C SER C 324 18.71 -2.75 9.96
N THR C 325 18.71 -1.68 9.16
CA THR C 325 19.01 -1.73 7.72
C THR C 325 20.42 -2.27 7.46
N LYS C 326 21.34 -2.17 8.41
CA LYS C 326 22.76 -2.57 8.20
C LYS C 326 22.89 -4.09 7.97
N SER C 327 21.92 -4.88 8.42
CA SER C 327 21.88 -6.35 8.19
C SER C 327 21.74 -6.61 6.69
N ASN C 328 20.94 -5.76 6.05
CA ASN C 328 20.53 -5.85 4.63
C ASN C 328 21.66 -5.36 3.70
N MET C 329 22.38 -4.27 4.03
CA MET C 329 23.27 -3.56 3.07
C MET C 329 24.54 -3.05 3.74
N GLY C 330 24.82 -3.42 4.99
CA GLY C 330 26.01 -2.96 5.73
C GLY C 330 25.89 -1.51 6.20
N HIS C 331 27.00 -1.00 6.72
CA HIS C 331 27.10 0.24 7.52
C HIS C 331 27.72 1.28 6.61
N PRO C 332 26.97 2.27 6.10
CA PRO C 332 27.58 3.33 5.31
C PRO C 332 27.98 4.53 6.18
N GLU C 333 28.37 4.27 7.44
CA GLU C 333 29.06 5.21 8.36
C GLU C 333 28.25 6.50 8.41
N PRO C 334 28.71 7.69 7.97
CA PRO C 334 27.97 8.93 8.21
C PRO C 334 26.56 8.94 7.59
N ALA C 335 26.38 8.22 6.48
CA ALA C 335 25.12 8.13 5.72
C ALA C 335 24.14 7.16 6.38
N SER C 336 24.55 6.46 7.42
CA SER C 336 23.76 5.40 8.07
C SER C 336 22.36 5.92 8.47
N GLY C 337 22.29 7.02 9.20
CA GLY C 337 20.99 7.59 9.60
C GLY C 337 19.99 7.72 8.45
N LEU C 338 20.36 8.39 7.36
CA LEU C 338 19.46 8.61 6.19
C LEU C 338 19.28 7.30 5.40
N ALA C 339 20.23 6.38 5.42
CA ALA C 339 20.07 5.10 4.70
C ALA C 339 18.95 4.33 5.38
N ALA C 340 18.88 4.40 6.71
CA ALA C 340 17.90 3.67 7.54
C ALA C 340 16.56 4.40 7.45
N LEU C 341 16.55 5.72 7.33
CA LEU C 341 15.27 6.48 7.13
C LEU C 341 14.58 5.98 5.85
N THR C 342 15.31 5.76 4.76
CA THR C 342 14.70 5.29 3.50
C THR C 342 14.11 3.90 3.74
N LYS C 343 14.80 3.00 4.44
CA LYS C 343 14.20 1.68 4.79
C LYS C 343 12.88 1.93 5.51
N VAL C 344 12.86 2.79 6.52
CA VAL C 344 11.64 3.04 7.33
C VAL C 344 10.56 3.64 6.43
N LEU C 345 10.85 4.69 5.67
CA LEU C 345 9.81 5.39 4.88
C LEU C 345 9.33 4.52 3.71
N LEU C 346 10.16 3.67 3.10
CA LEU C 346 9.70 2.74 2.05
C LEU C 346 8.82 1.68 2.72
N SER C 347 9.21 1.19 3.87
CA SER C 347 8.43 0.19 4.64
C SER C 347 7.04 0.77 4.89
N LEU C 348 6.95 1.97 5.46
CA LEU C 348 5.64 2.57 5.78
C LEU C 348 4.84 2.74 4.49
N GLU C 349 5.45 3.23 3.40
CA GLU C 349 4.70 3.59 2.17
C GLU C 349 4.09 2.33 1.57
N HIS C 350 4.79 1.20 1.64
CA HIS C 350 4.41 -0.10 1.04
C HIS C 350 3.54 -0.93 2.00
N GLY C 351 3.38 -0.47 3.23
CA GLY C 351 2.52 -1.13 4.23
C GLY C 351 3.19 -2.31 4.93
N VAL C 352 4.47 -2.61 4.70
CA VAL C 352 5.12 -3.79 5.36
C VAL C 352 6.58 -3.47 5.76
N TRP C 353 7.02 -3.89 6.97
CA TRP C 353 8.40 -3.74 7.48
C TRP C 353 9.30 -4.74 6.77
N ALA C 354 10.24 -4.27 5.96
CA ALA C 354 11.33 -5.12 5.40
C ALA C 354 12.07 -5.85 6.52
N PRO C 355 12.24 -7.19 6.46
CA PRO C 355 12.95 -7.90 7.50
C PRO C 355 14.48 -7.78 7.46
N ASN C 356 15.07 -7.74 8.66
CA ASN C 356 16.52 -7.97 8.88
C ASN C 356 16.95 -9.25 8.19
N LEU C 357 18.20 -9.29 7.74
CA LEU C 357 18.93 -10.55 7.45
C LEU C 357 19.84 -10.88 8.64
N HIS C 358 20.38 -12.10 8.60
CA HIS C 358 21.48 -12.64 9.45
C HIS C 358 21.07 -12.83 10.93
N PHE C 359 19.79 -12.63 11.28
CA PHE C 359 19.26 -12.85 12.65
C PHE C 359 18.77 -14.29 12.82
N HIS C 360 19.39 -15.03 13.75
CA HIS C 360 19.24 -16.50 13.93
C HIS C 360 19.18 -16.83 15.43
N ASN C 361 20.11 -16.30 16.24
CA ASN C 361 20.16 -16.51 17.71
C ASN C 361 20.31 -15.17 18.40
N PRO C 362 19.36 -14.75 19.27
CA PRO C 362 19.50 -13.47 19.97
C PRO C 362 20.83 -13.38 20.73
N ASN C 363 21.46 -12.21 20.77
CA ASN C 363 22.57 -11.92 21.71
C ASN C 363 22.07 -12.16 23.14
N PRO C 364 22.63 -13.16 23.87
CA PRO C 364 22.21 -13.46 25.25
C PRO C 364 22.39 -12.34 26.28
N GLU C 365 23.26 -11.37 26.00
CA GLU C 365 23.51 -10.21 26.91
C GLU C 365 22.36 -9.21 26.79
N ILE C 366 21.25 -9.57 26.14
CA ILE C 366 20.18 -8.59 25.79
C ILE C 366 18.85 -9.15 26.27
N PRO C 367 18.62 -9.15 27.60
CA PRO C 367 17.39 -9.67 28.18
C PRO C 367 16.13 -9.52 27.32
N ALA C 368 15.85 -8.33 26.79
CA ALA C 368 14.52 -8.06 26.16
C ALA C 368 14.39 -8.79 24.82
N LEU C 369 15.43 -9.50 24.38
CA LEU C 369 15.37 -10.34 23.15
C LEU C 369 14.95 -11.76 23.49
N LEU C 370 15.24 -12.26 24.69
CA LEU C 370 14.88 -13.65 25.10
C LEU C 370 13.47 -13.67 25.69
N ASP C 371 12.93 -12.53 26.11
CA ASP C 371 11.61 -12.42 26.79
C ASP C 371 10.60 -11.70 25.87
N GLY C 372 11.02 -11.29 24.68
CA GLY C 372 10.10 -10.77 23.63
C GLY C 372 9.51 -9.40 23.92
N ARG C 373 10.13 -8.60 24.80
CA ARG C 373 9.82 -7.17 24.98
C ARG C 373 10.30 -6.40 23.74
N LEU C 374 11.33 -6.93 23.07
CA LEU C 374 11.81 -6.50 21.73
C LEU C 374 11.61 -7.65 20.73
N GLN C 375 11.11 -7.33 19.56
CA GLN C 375 10.79 -8.30 18.50
C GLN C 375 11.56 -7.91 17.24
N VAL C 376 12.67 -8.60 16.96
CA VAL C 376 13.45 -8.41 15.71
C VAL C 376 12.48 -8.65 14.56
N VAL C 377 12.38 -7.76 13.57
CA VAL C 377 11.57 -8.03 12.36
C VAL C 377 12.41 -8.93 11.47
N ASP C 378 12.17 -10.25 11.49
CA ASP C 378 12.93 -11.24 10.68
C ASP C 378 12.03 -11.93 9.64
N ARG C 379 10.77 -11.55 9.52
CA ARG C 379 9.91 -11.89 8.36
C ARG C 379 9.20 -10.61 7.95
N PRO C 380 8.67 -10.45 6.72
CA PRO C 380 7.90 -9.26 6.38
C PRO C 380 6.61 -9.24 7.23
N LEU C 381 6.48 -8.31 8.19
CA LEU C 381 5.27 -8.11 9.04
C LEU C 381 4.51 -6.91 8.50
N PRO C 382 3.16 -6.97 8.47
CA PRO C 382 2.35 -5.78 8.22
C PRO C 382 2.48 -4.66 9.28
N VAL C 383 2.40 -3.42 8.78
CA VAL C 383 2.51 -2.16 9.58
C VAL C 383 1.16 -1.92 10.26
N ARG C 384 1.08 -2.15 11.57
CA ARG C 384 -0.14 -2.02 12.41
C ARG C 384 -0.51 -0.54 12.61
N GLY C 385 0.47 0.35 12.80
CA GLY C 385 0.19 1.77 13.11
C GLY C 385 0.93 2.26 14.34
N GLY C 386 1.34 3.52 14.30
CA GLY C 386 2.13 4.11 15.40
C GLY C 386 3.32 4.91 14.92
N ASN C 387 3.95 5.58 15.87
CA ASN C 387 5.19 6.34 15.69
C ASN C 387 6.36 5.38 15.47
N VAL C 388 7.41 5.89 14.83
CA VAL C 388 8.69 5.18 14.59
C VAL C 388 9.83 6.00 15.20
N GLY C 389 10.82 5.30 15.77
CA GLY C 389 12.05 5.90 16.28
C GLY C 389 13.26 5.47 15.46
N ILE C 390 14.25 6.35 15.35
CA ILE C 390 15.53 6.02 14.69
C ILE C 390 16.68 6.48 15.59
N ASN C 391 17.53 5.54 15.97
CA ASN C 391 18.82 5.76 16.66
C ASN C 391 19.91 5.88 15.60
N SER C 392 20.88 6.78 15.79
CA SER C 392 22.14 6.83 14.99
C SER C 392 23.26 7.34 15.88
N PHE C 393 24.34 6.57 16.04
CA PHE C 393 25.46 6.94 16.95
C PHE C 393 26.79 7.00 16.22
N GLY C 394 27.63 7.97 16.59
CA GLY C 394 29.02 8.02 16.10
C GLY C 394 29.98 7.46 17.13
N PHE C 395 31.19 7.09 16.68
CA PHE C 395 32.19 6.40 17.51
C PHE C 395 32.88 7.38 18.43
N GLY C 396 32.55 8.67 18.34
CA GLY C 396 33.10 9.67 19.26
C GLY C 396 32.12 10.02 20.37
N GLY C 397 30.96 9.35 20.38
CA GLY C 397 29.92 9.50 21.39
C GLY C 397 28.76 10.39 20.95
N SER C 398 28.78 10.95 19.74
CA SER C 398 27.65 11.77 19.23
C SER C 398 26.49 10.83 18.95
N ASN C 399 25.42 10.92 19.75
CA ASN C 399 24.15 10.19 19.61
C ASN C 399 23.06 11.11 19.06
N VAL C 400 22.20 10.55 18.22
CA VAL C 400 21.02 11.27 17.68
C VAL C 400 19.83 10.34 17.71
N HIS C 401 18.64 10.87 17.94
CA HIS C 401 17.38 10.09 17.90
C HIS C 401 16.28 10.95 17.31
N VAL C 402 15.59 10.39 16.31
CA VAL C 402 14.47 11.03 15.57
C VAL C 402 13.23 10.19 15.83
N ILE C 403 12.09 10.86 16.05
CA ILE C 403 10.75 10.26 16.25
C ILE C 403 9.85 10.71 15.11
N LEU C 404 9.34 9.75 14.35
CA LEU C 404 8.50 9.99 13.16
C LEU C 404 7.05 9.63 13.46
N GLN C 405 6.15 10.39 12.86
CA GLN C 405 4.71 10.10 12.77
C GLN C 405 4.40 9.81 11.31
N PRO C 406 4.15 8.52 10.96
CA PRO C 406 3.81 8.17 9.60
C PRO C 406 2.57 8.94 9.16
N ASN C 407 2.59 9.39 7.91
CA ASN C 407 1.43 9.98 7.21
C ASN C 407 0.43 8.90 6.85
N THR C 408 -0.87 9.14 7.14
CA THR C 408 -1.97 8.16 6.94
C THR C 408 -3.23 8.85 6.43
N ARG C 409 -3.07 9.73 5.43
CA ARG C 409 -4.21 10.17 4.57
C ARG C 409 -4.55 9.01 3.62
N GLN C 410 -5.85 8.73 3.45
CA GLN C 410 -6.40 7.81 2.43
C GLN C 410 -6.80 8.66 1.22
N ALA C 411 -6.84 8.06 0.02
CA ALA C 411 -7.16 8.71 -1.28
C ALA C 411 -8.66 9.02 -1.36
N PRO C 412 -9.14 10.24 -0.97
CA PRO C 412 -10.57 10.49 -0.72
C PRO C 412 -11.59 10.07 -1.80
N ALA C 413 -12.88 10.15 -1.46
CA ALA C 413 -14.04 9.41 -2.05
C ALA C 413 -13.92 9.23 -3.57
N PRO C 414 -13.81 7.98 -4.10
CA PRO C 414 -13.72 7.75 -5.55
C PRO C 414 -15.06 7.77 -6.29
N THR C 415 -15.98 8.69 -5.93
CA THR C 415 -17.34 8.85 -6.53
C THR C 415 -17.40 10.24 -7.21
N ALA C 416 -18.51 10.99 -7.03
CA ALA C 416 -18.76 12.36 -7.56
C ALA C 416 -18.43 12.42 -9.06
N HIS C 417 -17.79 13.51 -9.54
CA HIS C 417 -17.55 13.81 -10.99
C HIS C 417 -16.05 13.81 -11.30
N ALA C 418 -15.30 12.82 -10.81
CA ALA C 418 -13.87 12.56 -11.17
C ALA C 418 -13.82 11.80 -12.51
N ALA C 419 -14.97 11.28 -12.96
CA ALA C 419 -15.23 10.57 -14.24
C ALA C 419 -14.28 11.03 -15.38
N LEU C 420 -13.84 12.31 -15.32
CA LEU C 420 -13.18 13.07 -16.42
C LEU C 420 -11.96 12.33 -16.96
N PRO C 421 -11.51 12.69 -18.18
CA PRO C 421 -10.13 12.47 -18.62
C PRO C 421 -9.26 13.58 -18.01
N HIS C 422 -7.94 13.40 -18.00
CA HIS C 422 -6.95 14.33 -17.39
C HIS C 422 -5.76 14.50 -18.32
N LEU C 423 -5.01 15.59 -18.14
CA LEU C 423 -3.83 15.91 -18.97
C LEU C 423 -2.56 15.80 -18.12
N LEU C 424 -1.49 15.26 -18.70
CA LEU C 424 -0.19 15.06 -18.02
C LEU C 424 0.94 15.57 -18.91
N HIS C 425 1.68 16.57 -18.42
CA HIS C 425 2.92 17.08 -19.04
C HIS C 425 4.14 16.45 -18.39
N ALA C 426 5.26 16.37 -19.13
CA ALA C 426 6.57 15.90 -18.64
C ALA C 426 7.66 16.62 -19.41
N SER C 427 8.78 16.92 -18.75
CA SER C 427 10.05 17.41 -19.37
C SER C 427 11.19 16.53 -18.87
N GLY C 428 12.36 16.60 -19.50
CA GLY C 428 13.38 15.55 -19.30
C GLY C 428 14.67 15.83 -20.05
N ARG C 429 15.70 15.04 -19.75
CA ARG C 429 17.06 15.22 -20.31
C ARG C 429 17.20 14.42 -21.61
N THR C 430 16.40 13.36 -21.73
CA THR C 430 16.42 12.40 -22.85
C THR C 430 14.97 12.09 -23.23
N LEU C 431 14.78 11.51 -24.41
CA LEU C 431 13.48 10.94 -24.87
C LEU C 431 12.91 9.99 -23.80
N GLU C 432 13.79 9.12 -23.29
CA GLU C 432 13.49 8.01 -22.33
C GLU C 432 12.95 8.62 -21.03
N ALA C 433 13.47 9.78 -20.64
CA ALA C 433 13.13 10.49 -19.39
C ALA C 433 11.65 10.90 -19.44
N VAL C 434 11.19 11.28 -20.62
CA VAL C 434 9.79 11.74 -20.81
C VAL C 434 8.90 10.50 -20.99
N GLN C 435 9.30 9.57 -21.86
CA GLN C 435 8.55 8.30 -22.01
C GLN C 435 8.29 7.70 -20.61
N ASP C 436 9.33 7.51 -19.80
CA ASP C 436 9.24 6.85 -18.46
C ASP C 436 8.20 7.60 -17.59
N LEU C 437 8.23 8.93 -17.55
CA LEU C 437 7.32 9.68 -16.65
C LEU C 437 5.85 9.51 -17.09
N LEU C 438 5.59 9.55 -18.40
CA LEU C 438 4.21 9.42 -18.96
C LEU C 438 3.72 7.97 -18.81
N GLU C 439 4.61 6.99 -19.01
CA GLU C 439 4.30 5.56 -18.73
C GLU C 439 3.72 5.45 -17.31
N GLN C 440 4.40 6.01 -16.31
CA GLN C 440 3.95 6.03 -14.89
C GLN C 440 2.60 6.74 -14.78
N GLY C 441 2.43 7.79 -15.59
CA GLY C 441 1.15 8.49 -15.76
C GLY C 441 0.04 7.52 -16.10
N ARG C 442 0.17 6.81 -17.22
CA ARG C 442 -0.82 5.79 -17.66
C ARG C 442 -1.06 4.79 -16.53
N GLN C 443 0.00 4.14 -16.06
CA GLN C 443 -0.06 3.07 -15.03
C GLN C 443 -0.77 3.56 -13.75
N HIS C 444 -0.88 4.88 -13.51
CA HIS C 444 -1.53 5.44 -12.30
C HIS C 444 -2.54 6.55 -12.68
N SER C 445 -3.27 6.32 -13.78
CA SER C 445 -4.25 7.25 -14.40
C SER C 445 -5.22 7.83 -13.35
N GLN C 446 -5.59 7.08 -12.32
CA GLN C 446 -6.69 7.42 -11.37
C GLN C 446 -6.20 8.19 -10.13
N ASP C 447 -4.95 7.98 -9.68
CA ASP C 447 -4.34 8.72 -8.52
C ASP C 447 -4.21 10.19 -8.90
N LEU C 448 -5.08 11.06 -8.38
CA LEU C 448 -5.16 12.47 -8.83
C LEU C 448 -3.95 13.23 -8.29
N ALA C 449 -3.49 12.86 -7.09
CA ALA C 449 -2.34 13.47 -6.40
C ALA C 449 -1.06 13.19 -7.19
N PHE C 450 -0.83 11.94 -7.60
CA PHE C 450 0.36 11.54 -8.38
C PHE C 450 0.38 12.29 -9.71
N VAL C 451 -0.77 12.51 -10.34
CA VAL C 451 -0.82 13.21 -11.66
C VAL C 451 -0.66 14.71 -11.41
N SER C 452 -1.30 15.27 -10.37
CA SER C 452 -1.11 16.69 -9.98
C SER C 452 0.38 17.00 -9.73
N MET C 453 1.07 16.19 -8.94
CA MET C 453 2.51 16.33 -8.60
C MET C 453 3.36 16.24 -9.87
N LEU C 454 3.11 15.23 -10.68
CA LEU C 454 3.92 15.01 -11.90
C LEU C 454 3.84 16.26 -12.77
N ASN C 455 2.71 16.96 -12.74
CA ASN C 455 2.46 18.17 -13.56
C ASN C 455 3.26 19.32 -12.96
N ASP C 456 3.22 19.43 -11.63
CA ASP C 456 3.87 20.55 -10.89
C ASP C 456 5.34 20.60 -11.31
N ILE C 457 6.02 19.44 -11.37
CA ILE C 457 7.49 19.36 -11.60
C ILE C 457 7.81 19.51 -13.09
N ALA C 458 6.83 19.34 -13.97
CA ALA C 458 7.03 19.32 -15.45
C ALA C 458 7.33 20.73 -15.98
N ALA C 459 6.88 21.79 -15.31
CA ALA C 459 7.07 23.20 -15.73
C ALA C 459 8.52 23.66 -15.44
N THR C 460 9.44 23.46 -16.38
CA THR C 460 10.90 23.62 -16.16
C THR C 460 11.57 24.33 -17.34
N PRO C 461 12.54 25.26 -17.09
CA PRO C 461 13.31 25.89 -18.17
C PRO C 461 13.87 24.92 -19.22
N THR C 462 13.82 25.30 -20.50
CA THR C 462 13.85 24.37 -21.65
C THR C 462 15.30 24.12 -22.10
N ALA C 463 16.25 24.98 -21.71
CA ALA C 463 17.71 24.79 -21.98
C ALA C 463 18.24 23.63 -21.12
N ALA C 464 17.61 23.44 -19.96
CA ALA C 464 17.94 22.41 -18.95
C ALA C 464 17.21 21.09 -19.28
N MET C 465 15.99 21.17 -19.81
CA MET C 465 15.14 19.99 -20.14
C MET C 465 14.72 20.05 -21.61
N PRO C 466 15.61 19.67 -22.56
CA PRO C 466 15.35 19.86 -23.98
C PRO C 466 14.33 18.91 -24.64
N PHE C 467 13.70 18.00 -23.90
CA PHE C 467 12.65 17.08 -24.41
C PHE C 467 11.36 17.32 -23.60
N ARG C 468 10.22 17.47 -24.27
CA ARG C 468 8.91 17.63 -23.59
C ARG C 468 7.91 16.62 -24.16
N GLY C 469 6.74 16.50 -23.53
CA GLY C 469 5.79 15.41 -23.86
C GLY C 469 4.47 15.55 -23.12
N TYR C 470 3.43 14.91 -23.65
CA TYR C 470 2.08 14.85 -23.01
C TYR C 470 1.49 13.48 -23.30
N THR C 471 0.46 13.15 -22.53
CA THR C 471 -0.40 11.94 -22.69
C THR C 471 -1.76 12.33 -22.11
N VAL C 472 -2.85 11.96 -22.77
CA VAL C 472 -4.22 12.30 -22.29
C VAL C 472 -4.75 11.05 -21.62
N LEU C 473 -5.25 11.22 -20.40
CA LEU C 473 -5.58 10.11 -19.47
C LEU C 473 -7.10 10.03 -19.35
N GLY C 474 -7.65 8.82 -19.22
CA GLY C 474 -9.09 8.57 -19.06
C GLY C 474 -9.77 8.09 -20.35
N VAL C 475 -9.14 8.31 -21.51
CA VAL C 475 -9.71 8.08 -22.87
C VAL C 475 -9.24 6.73 -23.44
N GLU C 476 -9.48 6.48 -24.73
CA GLU C 476 -9.33 5.16 -25.42
C GLU C 476 -7.91 5.02 -26.00
N GLY C 477 -7.76 5.00 -27.34
CA GLY C 477 -6.46 4.87 -28.04
C GLY C 477 -5.41 5.77 -27.41
N ARG C 478 -4.17 5.31 -27.32
CA ARG C 478 -3.11 5.96 -26.48
C ARG C 478 -2.67 7.28 -27.14
N VAL C 479 -3.16 8.40 -26.61
CA VAL C 479 -2.86 9.80 -27.09
C VAL C 479 -1.59 10.30 -26.41
N GLN C 480 -0.49 10.47 -27.14
CA GLN C 480 0.79 10.93 -26.55
C GLN C 480 1.78 11.34 -27.64
N GLU C 481 2.31 12.57 -27.54
CA GLU C 481 3.52 13.01 -28.28
C GLU C 481 4.65 13.34 -27.29
N VAL C 482 5.87 13.37 -27.82
CA VAL C 482 7.17 13.53 -27.11
C VAL C 482 8.19 13.96 -28.15
N GLN C 483 8.69 15.18 -28.09
CA GLN C 483 9.73 15.63 -29.05
C GLN C 483 10.68 16.62 -28.37
N GLN C 484 11.80 16.89 -29.05
CA GLN C 484 12.89 17.77 -28.58
C GLN C 484 12.45 19.20 -28.82
N VAL C 485 12.27 20.00 -27.76
CA VAL C 485 12.03 21.46 -27.87
C VAL C 485 13.31 22.08 -28.46
N SER C 486 13.14 23.21 -29.16
CA SER C 486 14.19 24.17 -29.57
C SER C 486 14.32 25.23 -28.47
N THR C 487 15.43 25.23 -27.73
CA THR C 487 15.74 26.15 -26.60
C THR C 487 15.27 27.57 -26.98
N ASN C 488 15.36 27.93 -28.27
CA ASN C 488 14.76 29.15 -28.87
C ASN C 488 13.39 29.43 -28.23
N LYS C 489 13.24 30.59 -27.58
CA LYS C 489 12.01 31.04 -26.88
C LYS C 489 10.91 31.29 -27.93
N ARG C 490 9.63 31.20 -27.51
CA ARG C 490 8.45 31.13 -28.42
C ARG C 490 7.28 31.95 -27.87
N PRO C 491 7.03 33.18 -28.41
CA PRO C 491 5.98 34.03 -27.89
C PRO C 491 4.59 33.55 -28.34
N LEU C 492 3.60 33.78 -27.48
CA LEU C 492 2.24 33.20 -27.59
C LEU C 492 1.32 34.25 -28.23
N TRP C 493 0.66 33.88 -29.34
CA TRP C 493 -0.35 34.72 -30.03
C TRP C 493 -1.72 34.02 -29.98
N PHE C 494 -2.75 34.72 -29.47
CA PHE C 494 -4.17 34.32 -29.52
C PHE C 494 -4.83 34.94 -30.76
N ILE C 495 -5.83 34.25 -31.31
CA ILE C 495 -6.58 34.65 -32.54
C ILE C 495 -8.05 34.26 -32.35
N CYS C 496 -8.91 35.21 -31.98
CA CYS C 496 -10.37 34.99 -31.87
C CYS C 496 -10.97 35.01 -33.29
N SER C 497 -11.86 34.06 -33.60
CA SER C 497 -12.42 33.81 -34.95
C SER C 497 -13.95 33.89 -34.92
N GLY C 498 -14.53 34.75 -35.76
CA GLY C 498 -15.90 35.24 -35.63
C GLY C 498 -16.93 34.32 -36.27
N MET C 499 -17.61 34.82 -37.31
CA MET C 499 -18.89 34.30 -37.86
C MET C 499 -18.70 32.90 -38.46
N GLY C 500 -19.73 32.05 -38.36
CA GLY C 500 -19.86 30.76 -39.07
C GLY C 500 -19.47 29.58 -38.21
N THR C 501 -18.68 29.81 -37.14
CA THR C 501 -17.90 28.79 -36.37
C THR C 501 -18.80 27.97 -35.43
N GLN C 502 -20.01 28.46 -35.09
CA GLN C 502 -21.03 27.72 -34.29
C GLN C 502 -21.34 26.38 -34.98
N TRP C 503 -21.96 25.42 -34.28
CA TRP C 503 -22.44 24.13 -34.87
C TRP C 503 -23.58 23.52 -34.02
N ARG C 504 -24.16 22.39 -34.48
CA ARG C 504 -25.26 21.64 -33.81
C ARG C 504 -24.72 20.95 -32.54
N GLY C 505 -24.61 21.72 -31.44
CA GLY C 505 -23.98 21.33 -30.16
C GLY C 505 -22.52 21.76 -30.09
N MET C 506 -22.27 23.06 -29.83
CA MET C 506 -20.92 23.71 -29.86
C MET C 506 -20.44 23.98 -28.42
N GLY C 507 -20.39 22.94 -27.57
CA GLY C 507 -19.82 22.99 -26.22
C GLY C 507 -20.55 22.12 -25.21
N LEU C 508 -20.93 20.90 -25.61
CA LEU C 508 -21.58 19.89 -24.71
C LEU C 508 -20.50 19.33 -23.78
N SER C 509 -19.34 18.96 -24.34
CA SER C 509 -18.14 18.41 -23.66
C SER C 509 -17.70 19.35 -22.52
N LEU C 510 -17.27 20.56 -22.89
CA LEU C 510 -16.46 21.48 -22.04
C LEU C 510 -17.26 21.88 -20.79
N MET C 511 -18.59 21.72 -20.80
CA MET C 511 -19.48 22.11 -19.67
C MET C 511 -19.20 21.25 -18.42
N ARG C 512 -18.42 20.17 -18.58
CA ARG C 512 -17.99 19.25 -17.49
C ARG C 512 -16.88 19.88 -16.64
N LEU C 513 -15.99 20.70 -17.24
CA LEU C 513 -14.96 21.51 -16.55
C LEU C 513 -15.64 22.63 -15.76
N ASP C 514 -15.70 22.52 -14.43
CA ASP C 514 -16.25 23.54 -13.49
C ASP C 514 -15.67 24.92 -13.83
N SER C 515 -14.46 24.99 -14.38
CA SER C 515 -13.78 26.25 -14.78
C SER C 515 -14.50 26.83 -16.01
N PHE C 516 -14.90 25.97 -16.95
CA PHE C 516 -15.58 26.34 -18.23
C PHE C 516 -17.03 26.74 -17.94
N ARG C 517 -17.78 25.87 -17.24
CA ARG C 517 -19.19 26.10 -16.84
C ARG C 517 -19.29 27.40 -16.04
N GLU C 518 -18.24 27.75 -15.26
CA GLU C 518 -18.15 29.01 -14.45
C GLU C 518 -18.29 30.25 -15.35
N SER C 519 -17.70 30.22 -16.55
CA SER C 519 -17.59 31.36 -17.49
C SER C 519 -18.89 31.56 -18.28
N ILE C 520 -19.62 30.46 -18.51
CA ILE C 520 -20.99 30.47 -19.11
C ILE C 520 -21.95 31.11 -18.09
N LEU C 521 -22.07 30.52 -16.90
CA LEU C 521 -23.01 30.97 -15.82
C LEU C 521 -22.73 32.44 -15.44
N ARG C 522 -21.47 32.90 -15.52
CA ARG C 522 -21.10 34.31 -15.19
C ARG C 522 -21.72 35.27 -16.22
N SER C 523 -21.84 34.84 -17.49
CA SER C 523 -22.42 35.64 -18.59
C SER C 523 -23.95 35.71 -18.47
N ASP C 524 -24.60 34.73 -17.82
CA ASP C 524 -26.08 34.64 -17.67
C ASP C 524 -26.55 35.41 -16.43
N GLU C 525 -25.76 36.41 -16.00
CA GLU C 525 -26.20 37.56 -15.18
C GLU C 525 -26.59 38.70 -16.12
N ALA C 526 -26.03 38.71 -17.34
CA ALA C 526 -26.22 39.77 -18.37
C ALA C 526 -27.42 39.44 -19.28
N VAL C 527 -27.49 38.21 -19.82
CA VAL C 527 -28.48 37.78 -20.85
C VAL C 527 -29.46 36.76 -20.24
N LYS C 528 -29.84 36.99 -18.97
CA LYS C 528 -30.95 36.32 -18.24
C LYS C 528 -32.14 37.28 -18.11
N PRO C 529 -31.96 38.55 -17.64
CA PRO C 529 -33.08 39.49 -17.51
C PRO C 529 -33.36 40.29 -18.80
N LEU C 530 -32.72 39.90 -19.92
CA LEU C 530 -32.81 40.56 -21.25
C LEU C 530 -33.15 39.52 -22.33
N GLY C 531 -33.80 38.40 -21.95
CA GLY C 531 -34.24 37.31 -22.86
C GLY C 531 -33.79 35.94 -22.38
N VAL C 532 -33.74 34.95 -23.30
CA VAL C 532 -33.22 33.56 -23.05
C VAL C 532 -31.69 33.61 -22.89
N LYS C 533 -31.06 32.50 -22.48
CA LYS C 533 -29.66 32.46 -21.95
C LYS C 533 -28.86 31.27 -22.52
N VAL C 534 -27.53 31.27 -22.36
CA VAL C 534 -26.55 30.42 -23.12
C VAL C 534 -26.38 29.04 -22.47
N SER C 535 -26.63 28.91 -21.16
CA SER C 535 -26.54 27.64 -20.41
C SER C 535 -27.42 26.57 -21.08
N ASP C 536 -28.71 26.87 -21.28
CA ASP C 536 -29.69 25.94 -21.92
C ASP C 536 -29.72 26.18 -23.44
N LEU C 537 -28.63 26.72 -23.99
CA LEU C 537 -28.42 26.95 -25.44
C LEU C 537 -27.33 26.00 -25.93
N LEU C 538 -26.19 25.94 -25.26
CA LEU C 538 -25.12 24.95 -25.53
C LEU C 538 -25.69 23.56 -25.21
N LEU C 539 -26.48 23.48 -24.13
CA LEU C 539 -27.43 22.36 -23.86
C LEU C 539 -28.73 22.62 -24.63
N SER C 540 -28.64 22.83 -25.95
CA SER C 540 -29.80 23.01 -26.88
C SER C 540 -30.21 21.64 -27.41
N THR C 541 -30.74 21.59 -28.64
CA THR C 541 -31.35 20.39 -29.26
C THR C 541 -31.75 20.72 -30.71
N ASP C 542 -32.33 21.91 -30.97
CA ASP C 542 -32.67 22.44 -32.31
C ASP C 542 -31.44 23.11 -32.96
N GLU C 543 -31.32 23.05 -34.29
CA GLU C 543 -30.21 23.66 -35.08
C GLU C 543 -30.67 24.96 -35.76
N ARG C 544 -31.87 25.45 -35.42
CA ARG C 544 -32.34 26.85 -35.66
C ARG C 544 -31.54 27.80 -34.75
N THR C 545 -31.13 27.29 -33.58
CA THR C 545 -30.20 27.91 -32.59
C THR C 545 -28.84 28.19 -33.24
N PHE C 546 -28.55 27.53 -34.38
CA PHE C 546 -27.27 27.59 -35.13
C PHE C 546 -27.27 28.75 -36.13
N ASP C 547 -28.42 29.40 -36.37
CA ASP C 547 -28.50 30.63 -37.21
C ASP C 547 -29.73 31.46 -36.82
N ASP C 548 -29.98 31.61 -35.52
CA ASP C 548 -30.85 32.69 -34.95
C ASP C 548 -29.93 33.80 -34.44
N ILE C 549 -29.41 34.63 -35.35
CA ILE C 549 -28.30 35.62 -35.11
C ILE C 549 -28.40 36.29 -33.74
N VAL C 550 -29.62 36.45 -33.18
CA VAL C 550 -29.85 36.91 -31.78
C VAL C 550 -29.07 35.99 -30.84
N HIS C 551 -29.40 34.69 -30.85
CA HIS C 551 -28.71 33.60 -30.10
C HIS C 551 -27.24 33.53 -30.54
N ALA C 552 -26.98 32.96 -31.71
CA ALA C 552 -25.69 32.38 -32.12
C ALA C 552 -24.63 33.45 -32.44
N PHE C 553 -24.83 34.71 -32.07
CA PHE C 553 -23.77 35.76 -32.07
C PHE C 553 -23.33 36.00 -30.61
N VAL C 554 -24.19 35.66 -29.64
CA VAL C 554 -23.89 35.82 -28.18
C VAL C 554 -23.13 34.57 -27.70
N SER C 555 -23.63 33.37 -28.01
CA SER C 555 -23.02 32.07 -27.61
C SER C 555 -21.64 31.94 -28.27
N LEU C 556 -21.52 32.28 -29.55
CA LEU C 556 -20.23 32.34 -30.29
C LEU C 556 -19.17 32.98 -29.39
N THR C 557 -19.48 34.14 -28.79
CA THR C 557 -18.49 35.02 -28.09
C THR C 557 -18.38 34.62 -26.61
N ALA C 558 -19.37 33.90 -26.06
CA ALA C 558 -19.36 33.38 -24.66
C ALA C 558 -18.44 32.14 -24.56
N ILE C 559 -18.34 31.36 -25.64
CA ILE C 559 -17.39 30.23 -25.80
C ILE C 559 -15.97 30.82 -25.85
N GLN C 560 -15.68 31.67 -26.84
CA GLN C 560 -14.36 32.34 -27.05
C GLN C 560 -13.84 32.87 -25.70
N ILE C 561 -14.73 33.40 -24.87
CA ILE C 561 -14.40 33.95 -23.51
C ILE C 561 -13.96 32.77 -22.63
N ALA C 562 -14.82 31.76 -22.49
CA ALA C 562 -14.57 30.53 -21.70
C ALA C 562 -13.19 29.97 -22.06
N LEU C 563 -12.88 29.87 -23.35
CA LEU C 563 -11.55 29.41 -23.84
C LEU C 563 -10.43 30.33 -23.33
N ILE C 564 -10.67 31.64 -23.19
CA ILE C 564 -9.63 32.58 -22.64
C ILE C 564 -9.52 32.35 -21.13
N ASP C 565 -10.64 32.19 -20.43
CA ASP C 565 -10.65 31.85 -18.97
C ASP C 565 -9.78 30.61 -18.73
N LEU C 566 -10.12 29.45 -19.34
CA LEU C 566 -9.32 28.19 -19.27
C LEU C 566 -7.83 28.49 -19.52
N LEU C 567 -7.49 29.01 -20.70
CA LEU C 567 -6.09 29.29 -21.14
C LEU C 567 -5.36 30.17 -20.12
N THR C 568 -6.04 31.09 -19.43
CA THR C 568 -5.37 31.95 -18.41
C THR C 568 -5.47 31.29 -17.04
N SER C 569 -6.39 30.33 -16.84
CA SER C 569 -6.51 29.53 -15.58
C SER C 569 -5.35 28.52 -15.50
N VAL C 570 -4.78 28.08 -16.62
CA VAL C 570 -3.53 27.26 -16.71
C VAL C 570 -2.32 28.17 -16.96
N GLY C 571 -2.50 29.49 -16.76
CA GLY C 571 -1.43 30.50 -16.77
C GLY C 571 -0.78 30.70 -18.14
N LEU C 572 -1.59 30.85 -19.20
CA LEU C 572 -1.11 31.29 -20.53
C LEU C 572 -1.47 32.76 -20.71
N LYS C 573 -0.45 33.61 -20.77
CA LYS C 573 -0.56 35.07 -20.95
C LYS C 573 -0.26 35.39 -22.41
N PRO C 574 -1.22 35.94 -23.17
CA PRO C 574 -1.03 36.19 -24.60
C PRO C 574 -0.09 37.37 -24.89
N ASP C 575 0.99 37.11 -25.65
CA ASP C 575 2.00 38.14 -26.04
C ASP C 575 1.38 39.05 -27.10
N GLY C 576 0.58 38.50 -28.03
CA GLY C 576 -0.20 39.26 -29.03
C GLY C 576 -1.57 38.63 -29.32
N ILE C 577 -2.55 39.46 -29.67
CA ILE C 577 -3.95 39.05 -29.98
C ILE C 577 -4.37 39.66 -31.33
N ILE C 578 -5.22 38.96 -32.09
CA ILE C 578 -5.79 39.42 -33.39
C ILE C 578 -7.26 39.02 -33.48
N GLY C 579 -8.13 39.95 -33.92
CA GLY C 579 -9.57 39.73 -34.13
C GLY C 579 -9.87 39.21 -35.52
N HIS C 580 -11.15 38.96 -35.81
CA HIS C 580 -11.66 38.56 -37.15
C HIS C 580 -13.19 38.60 -37.14
N SER C 581 -13.76 39.65 -37.72
CA SER C 581 -15.21 40.01 -37.67
C SER C 581 -15.67 39.99 -36.21
N LEU C 582 -16.69 39.17 -35.86
CA LEU C 582 -17.37 39.13 -34.53
C LEU C 582 -16.35 38.94 -33.40
N GLY C 583 -15.24 38.24 -33.68
CA GLY C 583 -14.20 37.88 -32.71
C GLY C 583 -13.64 39.07 -31.95
N GLU C 584 -13.32 40.16 -32.65
CA GLU C 584 -12.63 41.37 -32.11
C GLU C 584 -13.23 41.81 -30.76
N VAL C 585 -14.45 41.36 -30.43
CA VAL C 585 -15.11 41.57 -29.09
C VAL C 585 -14.36 40.75 -28.03
N ALA C 586 -14.10 39.47 -28.31
CA ALA C 586 -13.41 38.52 -27.41
C ALA C 586 -11.99 39.02 -27.17
N CYS C 587 -11.28 39.38 -28.24
CA CYS C 587 -9.93 40.00 -28.20
C CYS C 587 -9.90 41.16 -27.19
N GLY C 588 -11.03 41.85 -27.01
CA GLY C 588 -11.19 42.92 -26.01
C GLY C 588 -11.05 42.38 -24.59
N TYR C 589 -11.79 41.32 -24.27
CA TYR C 589 -11.76 40.60 -22.98
C TYR C 589 -10.35 40.04 -22.72
N ALA C 590 -9.77 39.40 -23.74
CA ALA C 590 -8.41 38.79 -23.72
C ALA C 590 -7.33 39.86 -23.50
N ASP C 591 -7.57 41.13 -23.86
CA ASP C 591 -6.58 42.23 -23.71
C ASP C 591 -6.81 42.97 -22.40
N GLY C 592 -8.02 42.90 -21.83
CA GLY C 592 -8.38 43.55 -20.56
C GLY C 592 -8.99 44.92 -20.76
N CYS C 593 -9.55 45.19 -21.95
CA CYS C 593 -10.35 46.40 -22.26
C CYS C 593 -11.79 46.18 -21.81
N LEU C 594 -12.45 45.16 -22.38
CA LEU C 594 -13.80 44.70 -21.98
C LEU C 594 -13.68 43.83 -20.73
N SER C 595 -14.58 43.99 -19.76
CA SER C 595 -14.87 42.99 -18.71
C SER C 595 -15.87 41.98 -19.28
N GLN C 596 -15.92 40.75 -18.73
CA GLN C 596 -16.74 39.64 -19.28
C GLN C 596 -18.20 40.10 -19.45
N ARG C 597 -18.79 40.64 -18.38
CA ARG C 597 -20.24 41.03 -18.30
C ARG C 597 -20.58 42.08 -19.37
N GLU C 598 -19.59 42.81 -19.89
CA GLU C 598 -19.74 43.87 -20.94
C GLU C 598 -19.62 43.29 -22.36
N ALA C 599 -18.56 42.51 -22.64
CA ALA C 599 -18.23 41.98 -23.98
C ALA C 599 -19.31 41.00 -24.46
N VAL C 600 -20.12 40.46 -23.54
CA VAL C 600 -21.21 39.48 -23.83
C VAL C 600 -22.50 40.23 -24.26
N LEU C 601 -22.67 41.48 -23.82
CA LEU C 601 -23.86 42.32 -24.16
C LEU C 601 -23.65 42.95 -25.54
N ALA C 602 -22.42 43.41 -25.83
CA ALA C 602 -22.00 43.97 -27.14
C ALA C 602 -22.22 42.93 -28.26
N ALA C 603 -22.18 41.64 -27.90
CA ALA C 603 -22.55 40.51 -28.78
C ALA C 603 -24.06 40.49 -28.99
N TYR C 604 -24.86 40.68 -27.92
CA TYR C 604 -26.34 40.61 -27.95
C TYR C 604 -26.92 41.74 -28.80
N TRP C 605 -26.67 42.99 -28.44
CA TRP C 605 -27.22 44.19 -29.13
C TRP C 605 -26.82 44.17 -30.61
N ARG C 606 -25.58 43.81 -30.93
CA ARG C 606 -25.09 43.67 -32.34
C ARG C 606 -26.18 42.95 -33.16
N GLY C 607 -26.60 41.77 -32.72
CA GLY C 607 -27.46 40.84 -33.48
C GLY C 607 -28.93 40.94 -33.10
N GLN C 608 -29.26 41.71 -32.05
CA GLN C 608 -30.65 41.97 -31.59
C GLN C 608 -31.26 43.06 -32.48
N CYS C 609 -30.48 44.10 -32.81
CA CYS C 609 -30.85 45.18 -33.76
C CYS C 609 -31.39 44.58 -35.07
N ILE C 610 -30.81 43.46 -35.50
CA ILE C 610 -31.01 42.84 -36.85
C ILE C 610 -32.24 41.91 -36.83
N LYS C 611 -32.65 41.40 -35.66
CA LYS C 611 -33.74 40.39 -35.52
C LYS C 611 -35.06 40.92 -36.12
N ASP C 612 -35.53 42.10 -35.69
CA ASP C 612 -36.88 42.65 -36.05
C ASP C 612 -36.76 43.98 -36.80
N ALA C 613 -35.54 44.49 -37.06
CA ALA C 613 -35.27 45.65 -37.94
C ALA C 613 -34.84 45.15 -39.33
N HIS C 614 -35.66 44.26 -39.91
CA HIS C 614 -35.37 43.43 -41.12
C HIS C 614 -34.66 44.29 -42.19
N LEU C 615 -33.34 44.09 -42.35
CA LEU C 615 -32.53 44.61 -43.49
C LEU C 615 -32.64 43.60 -44.64
N PRO C 616 -32.97 44.05 -45.87
CA PRO C 616 -33.31 43.13 -46.96
C PRO C 616 -32.12 42.29 -47.43
N PRO C 617 -32.36 41.24 -48.26
CA PRO C 617 -31.31 40.28 -48.63
C PRO C 617 -29.94 40.85 -49.05
N GLY C 618 -28.95 39.95 -49.18
CA GLY C 618 -27.54 40.24 -49.49
C GLY C 618 -26.64 39.11 -49.01
N SER C 619 -25.70 38.66 -49.84
CA SER C 619 -24.97 37.37 -49.67
C SER C 619 -23.47 37.60 -49.42
N MET C 620 -22.71 36.52 -49.17
CA MET C 620 -21.23 36.52 -49.00
C MET C 620 -20.63 35.16 -49.41
N ALA C 621 -19.52 35.18 -50.15
CA ALA C 621 -18.71 34.01 -50.58
C ALA C 621 -17.36 34.50 -51.13
N ALA C 622 -16.33 33.65 -51.14
CA ALA C 622 -14.90 34.02 -51.30
C ALA C 622 -14.35 33.60 -52.68
N VAL C 623 -13.30 34.29 -53.13
CA VAL C 623 -12.63 34.09 -54.46
C VAL C 623 -11.10 34.04 -54.26
N GLY C 624 -10.38 33.58 -55.30
CA GLY C 624 -8.91 33.50 -55.35
C GLY C 624 -8.32 34.67 -56.11
N LEU C 625 -8.66 35.89 -55.71
CA LEU C 625 -8.07 37.17 -56.22
C LEU C 625 -7.53 37.95 -55.01
N SER C 626 -6.60 38.89 -55.25
CA SER C 626 -5.90 39.68 -54.19
C SER C 626 -6.80 40.81 -53.66
N TRP C 627 -6.26 41.67 -52.78
CA TRP C 627 -6.94 42.85 -52.18
C TRP C 627 -6.83 44.07 -53.09
N GLU C 628 -5.65 44.26 -53.69
CA GLU C 628 -5.34 45.34 -54.67
C GLU C 628 -6.21 45.12 -55.92
N GLU C 629 -6.44 43.86 -56.31
CA GLU C 629 -7.22 43.45 -57.52
C GLU C 629 -8.71 43.29 -57.19
N CYS C 630 -9.10 43.49 -55.93
CA CYS C 630 -10.52 43.45 -55.47
C CYS C 630 -11.20 44.78 -55.86
N LYS C 631 -10.59 45.91 -55.49
CA LYS C 631 -11.15 47.28 -55.64
C LYS C 631 -11.01 47.74 -57.11
N GLN C 632 -11.24 46.84 -58.06
CA GLN C 632 -11.33 47.14 -59.51
C GLN C 632 -12.36 46.21 -60.18
N ARG C 633 -12.87 45.20 -59.47
CA ARG C 633 -13.37 43.94 -60.10
C ARG C 633 -14.77 43.55 -59.62
N CYS C 634 -15.54 44.44 -58.96
CA CYS C 634 -16.95 44.17 -58.57
C CYS C 634 -17.82 45.43 -58.64
N PRO C 635 -19.09 45.31 -59.12
CA PRO C 635 -19.97 46.47 -59.25
C PRO C 635 -20.29 47.19 -57.93
N VAL C 638 -21.11 46.41 -54.03
CA VAL C 638 -20.51 45.03 -53.95
C VAL C 638 -19.01 45.17 -53.62
N VAL C 639 -18.68 45.45 -52.36
CA VAL C 639 -17.33 45.90 -51.90
C VAL C 639 -16.55 44.72 -51.31
N PRO C 640 -15.21 44.84 -51.16
CA PRO C 640 -14.40 43.89 -50.38
C PRO C 640 -14.78 43.93 -48.89
N ALA C 641 -14.68 42.78 -48.20
CA ALA C 641 -15.17 42.57 -46.82
C ALA C 641 -14.03 42.20 -45.87
N CYS C 642 -13.27 41.14 -46.18
CA CYS C 642 -12.24 40.52 -45.29
C CYS C 642 -11.02 40.07 -46.09
N HIS C 643 -9.85 40.69 -45.86
CA HIS C 643 -8.54 40.32 -46.45
C HIS C 643 -7.92 39.20 -45.61
N ASN C 644 -8.32 37.94 -45.87
CA ASN C 644 -7.79 36.74 -45.16
C ASN C 644 -6.30 36.61 -45.53
N SER C 645 -5.99 36.00 -46.68
CA SER C 645 -4.63 35.63 -47.11
C SER C 645 -4.26 36.37 -48.41
N GLU C 646 -3.07 36.10 -48.95
CA GLU C 646 -2.53 36.71 -50.19
C GLU C 646 -3.41 36.35 -51.39
N ASP C 647 -4.16 35.23 -51.35
CA ASP C 647 -5.03 34.78 -52.48
C ASP C 647 -6.25 33.96 -51.98
N THR C 648 -6.83 34.33 -50.84
CA THR C 648 -8.20 33.93 -50.38
C THR C 648 -8.83 35.15 -49.69
N VAL C 649 -9.82 35.79 -50.33
CA VAL C 649 -10.50 37.04 -49.84
C VAL C 649 -12.00 36.90 -50.13
N THR C 650 -12.85 37.63 -49.39
CA THR C 650 -14.33 37.56 -49.45
C THR C 650 -14.92 38.96 -49.71
N ILE C 651 -16.15 39.02 -50.24
CA ILE C 651 -16.90 40.26 -50.58
C ILE C 651 -18.34 40.15 -50.06
N SER C 652 -19.03 41.29 -49.92
CA SER C 652 -20.45 41.44 -49.48
C SER C 652 -21.19 42.38 -50.43
N GLY C 653 -22.46 42.07 -50.74
CA GLY C 653 -23.33 42.90 -51.60
C GLY C 653 -24.79 42.45 -51.56
N PRO C 654 -25.63 42.91 -52.53
CA PRO C 654 -27.02 42.45 -52.64
C PRO C 654 -27.20 41.22 -53.55
N GLN C 655 -28.16 40.35 -53.21
CA GLN C 655 -28.43 39.02 -53.84
C GLN C 655 -28.13 39.07 -55.34
N ALA C 656 -28.66 40.08 -56.04
CA ALA C 656 -28.59 40.26 -57.51
C ALA C 656 -27.13 40.52 -57.95
N ALA C 657 -26.54 41.63 -57.48
CA ALA C 657 -25.20 42.12 -57.90
C ALA C 657 -24.08 41.23 -57.35
N VAL C 658 -24.38 40.29 -56.43
CA VAL C 658 -23.39 39.33 -55.87
C VAL C 658 -23.35 38.07 -56.76
N ASN C 659 -24.48 37.41 -57.01
CA ASN C 659 -24.52 36.10 -57.74
C ASN C 659 -24.77 36.33 -59.24
N GLU C 660 -24.71 37.60 -59.69
CA GLU C 660 -24.44 38.01 -61.10
C GLU C 660 -22.92 38.10 -61.29
N PHE C 661 -22.18 38.31 -60.19
CA PHE C 661 -20.69 38.40 -60.13
C PHE C 661 -20.12 37.11 -59.51
N VAL C 662 -20.89 36.01 -59.54
CA VAL C 662 -20.42 34.62 -59.24
C VAL C 662 -20.56 33.74 -60.50
N GLU C 663 -20.81 34.37 -61.67
CA GLU C 663 -20.96 33.69 -62.99
C GLU C 663 -19.70 33.95 -63.83
N GLN C 664 -18.59 34.31 -63.18
CA GLN C 664 -17.21 34.32 -63.74
C GLN C 664 -16.27 33.58 -62.76
N LEU C 665 -16.83 32.68 -61.94
CA LEU C 665 -16.12 31.97 -60.83
C LEU C 665 -15.49 30.67 -61.38
N LYS C 666 -16.28 29.79 -62.00
CA LYS C 666 -15.81 28.64 -62.82
C LYS C 666 -16.07 28.96 -64.30
N GLN C 667 -15.58 30.12 -64.74
CA GLN C 667 -15.77 30.67 -66.11
C GLN C 667 -14.46 31.35 -66.58
N GLU C 668 -13.81 32.12 -65.69
CA GLU C 668 -12.40 32.58 -65.85
C GLU C 668 -11.45 31.58 -65.19
N GLY C 669 -11.92 30.87 -64.15
CA GLY C 669 -11.15 29.83 -63.42
C GLY C 669 -10.68 30.34 -62.07
N VAL C 670 -11.62 30.66 -61.17
CA VAL C 670 -11.39 31.32 -59.84
C VAL C 670 -11.91 30.38 -58.72
N PHE C 671 -11.39 30.54 -57.50
CA PHE C 671 -11.54 29.58 -56.35
C PHE C 671 -12.99 29.64 -55.81
N ALA C 672 -13.68 28.49 -55.84
CA ALA C 672 -15.10 28.31 -55.43
C ALA C 672 -15.18 27.80 -53.98
N ARG C 676 -24.16 30.75 -48.56
CA ARG C 676 -25.31 31.33 -47.82
C ARG C 676 -24.79 31.98 -46.52
N THR C 677 -25.72 32.58 -45.76
CA THR C 677 -25.51 33.25 -44.45
C THR C 677 -26.87 33.72 -43.93
N GLY C 678 -27.94 32.98 -44.27
CA GLY C 678 -29.35 33.42 -44.18
C GLY C 678 -29.64 34.69 -44.95
N GLY C 679 -28.76 35.09 -45.88
CA GLY C 679 -28.87 36.32 -46.68
C GLY C 679 -28.71 37.59 -45.84
N LEU C 680 -27.68 37.64 -44.97
CA LEU C 680 -27.21 38.86 -44.26
C LEU C 680 -25.72 39.08 -44.58
N ALA C 681 -25.33 40.33 -44.93
CA ALA C 681 -24.04 40.69 -45.58
C ALA C 681 -23.28 41.73 -44.73
N PHE C 682 -22.08 41.37 -44.27
CA PHE C 682 -21.29 42.07 -43.22
C PHE C 682 -20.06 42.74 -43.82
N HIS C 683 -19.37 43.58 -43.02
CA HIS C 683 -18.21 44.42 -43.42
C HIS C 683 -18.46 45.00 -44.82
N SER C 684 -19.45 45.89 -44.93
CA SER C 684 -19.88 46.58 -46.16
C SER C 684 -20.56 47.91 -45.80
N TYR C 685 -21.01 48.64 -46.82
CA TYR C 685 -21.88 49.85 -46.69
C TYR C 685 -23.16 49.51 -45.91
N PHE C 686 -23.80 48.36 -46.25
CA PHE C 686 -25.12 47.88 -45.75
C PHE C 686 -25.24 48.02 -44.22
N MET C 687 -24.15 47.81 -43.51
CA MET C 687 -24.11 47.74 -42.03
C MET C 687 -24.27 49.15 -41.44
N GLU C 688 -23.81 50.18 -42.16
CA GLU C 688 -23.84 51.60 -41.69
C GLU C 688 -25.29 51.97 -41.33
N GLY C 689 -26.25 51.13 -41.76
CA GLY C 689 -27.70 51.29 -41.49
C GLY C 689 -28.10 50.92 -40.07
N ILE C 690 -27.17 50.35 -39.28
CA ILE C 690 -27.42 49.89 -37.87
C ILE C 690 -26.58 50.71 -36.88
N ALA C 691 -25.53 51.42 -37.35
CA ALA C 691 -24.59 52.24 -36.53
C ALA C 691 -25.36 53.13 -35.55
N PRO C 692 -26.48 53.76 -35.95
CA PRO C 692 -27.33 54.51 -34.99
C PRO C 692 -27.71 53.79 -33.69
N THR C 693 -28.39 52.63 -33.78
CA THR C 693 -28.96 51.88 -32.61
C THR C 693 -27.84 51.42 -31.67
N LEU C 694 -26.75 50.90 -32.23
CA LEU C 694 -25.59 50.40 -31.45
C LEU C 694 -24.95 51.58 -30.71
N LEU C 695 -24.43 52.57 -31.44
CA LEU C 695 -23.66 53.73 -30.90
C LEU C 695 -24.29 54.21 -29.58
N GLN C 696 -25.62 54.11 -29.41
CA GLN C 696 -26.35 54.52 -28.16
C GLN C 696 -26.55 53.32 -27.24
N ALA C 697 -26.98 52.15 -27.75
CA ALA C 697 -27.22 50.91 -26.97
C ALA C 697 -25.88 50.34 -26.47
N LEU C 698 -24.80 50.61 -27.20
CA LEU C 698 -23.43 50.12 -26.92
C LEU C 698 -22.71 51.11 -25.99
N LYS C 699 -23.19 52.36 -25.89
CA LYS C 699 -22.58 53.42 -25.04
C LYS C 699 -23.13 53.33 -23.61
N LYS C 700 -24.32 52.73 -23.42
CA LYS C 700 -24.91 52.54 -22.07
C LYS C 700 -24.18 51.39 -21.34
N VAL C 701 -23.74 50.34 -22.04
CA VAL C 701 -23.03 49.15 -21.44
C VAL C 701 -21.54 49.48 -21.26
N ILE C 702 -20.87 50.05 -22.27
CA ILE C 702 -19.48 50.57 -22.14
C ILE C 702 -19.56 51.98 -21.53
N ARG C 703 -19.81 52.05 -20.22
CA ARG C 703 -19.88 53.30 -19.40
C ARG C 703 -18.51 53.99 -19.47
N GLU C 704 -17.46 53.27 -19.05
CA GLU C 704 -16.06 53.75 -18.94
C GLU C 704 -15.21 52.93 -19.91
N PRO C 705 -15.05 53.37 -21.19
CA PRO C 705 -14.10 52.74 -22.10
C PRO C 705 -12.65 52.72 -21.57
N ARG C 706 -12.13 51.51 -21.28
CA ARG C 706 -10.71 51.23 -20.91
C ARG C 706 -9.86 51.25 -22.18
N PRO C 707 -8.57 51.67 -22.13
CA PRO C 707 -7.72 51.70 -23.33
C PRO C 707 -7.47 50.33 -24.00
N ARG C 708 -6.61 50.29 -25.02
CA ARG C 708 -6.10 49.04 -25.68
C ARG C 708 -4.65 48.83 -25.24
N SER C 709 -3.84 48.08 -26.01
CA SER C 709 -2.42 47.76 -25.67
C SER C 709 -1.56 47.58 -26.93
N ALA C 710 -0.24 47.60 -26.75
CA ALA C 710 0.79 47.20 -27.75
C ALA C 710 0.58 45.76 -28.20
N ARG C 711 -0.12 44.94 -27.40
CA ARG C 711 -0.29 43.48 -27.63
C ARG C 711 -1.39 43.26 -28.69
N TRP C 712 -2.56 43.90 -28.54
CA TRP C 712 -3.70 43.81 -29.49
C TRP C 712 -3.34 44.51 -30.81
N LEU C 713 -3.47 43.80 -31.94
CA LEU C 713 -3.45 44.37 -33.32
C LEU C 713 -4.88 44.31 -33.89
N SER C 714 -5.30 45.36 -34.60
CA SER C 714 -6.68 45.54 -35.12
C SER C 714 -6.81 45.09 -36.58
N THR C 715 -7.94 44.48 -36.91
CA THR C 715 -8.41 44.19 -38.29
C THR C 715 -9.46 45.22 -38.73
N SER C 716 -10.09 45.90 -37.76
CA SER C 716 -11.13 46.95 -37.95
C SER C 716 -10.52 48.25 -38.51
N ILE C 717 -9.32 48.62 -38.06
CA ILE C 717 -8.69 49.95 -38.32
C ILE C 717 -7.24 49.75 -38.76
N PRO C 718 -6.86 50.17 -39.99
CA PRO C 718 -5.58 49.77 -40.59
C PRO C 718 -4.34 50.38 -39.92
N GLU C 719 -3.15 49.86 -40.28
CA GLU C 719 -1.84 50.07 -39.60
C GLU C 719 -1.37 51.52 -39.73
N ALA C 720 -1.94 52.30 -40.64
CA ALA C 720 -1.68 53.76 -40.77
C ALA C 720 -2.29 54.49 -39.57
N GLN C 721 -3.56 54.22 -39.24
CA GLN C 721 -4.34 54.92 -38.19
C GLN C 721 -4.51 54.04 -36.93
N TRP C 722 -3.45 53.35 -36.48
CA TRP C 722 -3.42 52.67 -35.16
C TRP C 722 -3.17 53.71 -34.06
N GLN C 723 -2.59 54.86 -34.44
CA GLN C 723 -2.24 55.99 -33.53
C GLN C 723 -3.49 56.82 -33.22
N SER C 724 -4.52 56.72 -34.07
CA SER C 724 -5.75 57.56 -34.07
C SER C 724 -6.45 57.53 -32.70
N SER C 725 -7.21 58.59 -32.38
CA SER C 725 -8.03 58.74 -31.14
C SER C 725 -9.41 58.10 -31.33
N LEU C 726 -9.49 57.12 -32.24
CA LEU C 726 -10.60 56.13 -32.35
C LEU C 726 -10.10 54.76 -31.89
N ALA C 727 -8.84 54.44 -32.23
CA ALA C 727 -8.15 53.16 -31.94
C ALA C 727 -7.02 53.36 -30.92
N ARG C 728 -7.29 54.09 -29.82
CA ARG C 728 -6.50 54.08 -28.57
C ARG C 728 -7.31 53.39 -27.47
N THR C 729 -8.64 53.31 -27.67
CA THR C 729 -9.65 52.74 -26.72
C THR C 729 -10.48 51.69 -27.45
N SER C 730 -11.03 50.74 -26.69
CA SER C 730 -12.00 49.70 -27.14
C SER C 730 -13.42 50.23 -26.94
N SER C 731 -13.68 51.44 -27.45
CA SER C 731 -14.92 52.25 -27.24
C SER C 731 -16.10 51.61 -27.97
N ALA C 732 -17.32 52.11 -27.72
CA ALA C 732 -18.56 51.72 -28.42
C ALA C 732 -18.48 52.10 -29.91
N GLU C 733 -17.64 53.09 -30.26
CA GLU C 733 -17.37 53.56 -31.64
C GLU C 733 -16.49 52.53 -32.37
N TYR C 734 -15.36 52.16 -31.76
CA TYR C 734 -14.42 51.12 -32.24
C TYR C 734 -15.21 49.89 -32.72
N ASN C 735 -16.23 49.51 -31.94
CA ASN C 735 -17.05 48.29 -32.13
C ASN C 735 -17.93 48.42 -33.36
N VAL C 736 -18.70 49.51 -33.48
CA VAL C 736 -19.54 49.78 -34.69
C VAL C 736 -18.60 49.96 -35.89
N ASN C 737 -17.50 50.71 -35.73
CA ASN C 737 -16.45 50.90 -36.76
C ASN C 737 -16.11 49.54 -37.39
N ASN C 738 -15.76 48.54 -36.55
CA ASN C 738 -15.47 47.14 -36.94
C ASN C 738 -16.60 46.58 -37.82
N LEU C 739 -17.86 46.72 -37.36
CA LEU C 739 -19.08 46.15 -37.98
C LEU C 739 -19.30 46.72 -39.38
N VAL C 740 -19.01 48.01 -39.59
CA VAL C 740 -19.06 48.67 -40.92
C VAL C 740 -17.78 48.32 -41.69
N SER C 741 -16.60 48.69 -41.17
CA SER C 741 -15.30 48.68 -41.90
C SER C 741 -15.01 47.30 -42.47
N PRO C 742 -14.04 47.19 -43.42
CA PRO C 742 -13.48 45.89 -43.79
C PRO C 742 -12.65 45.34 -42.62
N VAL C 743 -12.29 44.05 -42.68
CA VAL C 743 -11.36 43.38 -41.72
C VAL C 743 -10.11 42.95 -42.50
N LEU C 744 -9.11 43.82 -42.57
CA LEU C 744 -7.76 43.49 -43.08
C LEU C 744 -7.07 42.62 -42.02
N PHE C 745 -7.25 41.30 -42.15
CA PHE C 745 -6.66 40.24 -41.28
C PHE C 745 -5.14 40.25 -41.51
N GLN C 746 -4.71 40.10 -42.77
CA GLN C 746 -3.29 39.89 -43.15
C GLN C 746 -2.48 41.18 -42.95
N GLU C 747 -3.06 42.21 -42.34
CA GLU C 747 -2.34 43.40 -41.82
C GLU C 747 -1.42 42.97 -40.69
N ALA C 748 -1.95 42.15 -39.78
CA ALA C 748 -1.35 41.75 -38.49
C ALA C 748 -0.45 40.52 -38.67
N LEU C 749 -0.87 39.56 -39.51
CA LEU C 749 -0.14 38.29 -39.77
C LEU C 749 1.30 38.58 -40.23
N TRP C 750 1.51 39.70 -40.94
CA TRP C 750 2.86 40.20 -41.34
C TRP C 750 3.67 40.57 -40.08
N HIS C 751 3.02 40.88 -38.96
CA HIS C 751 3.62 41.43 -37.71
C HIS C 751 3.94 40.32 -36.70
N ILE C 752 3.55 39.07 -36.98
CA ILE C 752 3.77 37.87 -36.11
C ILE C 752 5.25 37.48 -36.17
N PRO C 753 6.01 37.45 -35.05
CA PRO C 753 7.45 37.16 -35.08
C PRO C 753 7.77 35.71 -35.47
N GLU C 754 9.05 35.42 -35.63
CA GLU C 754 9.59 34.05 -35.88
C GLU C 754 9.16 33.15 -34.71
N HIS C 755 8.95 31.86 -34.98
CA HIS C 755 8.86 30.80 -33.94
C HIS C 755 7.76 31.14 -32.92
N ALA C 756 6.63 31.68 -33.36
CA ALA C 756 5.49 32.06 -32.48
C ALA C 756 4.46 30.92 -32.44
N VAL C 757 3.68 30.84 -31.37
CA VAL C 757 2.65 29.79 -31.19
C VAL C 757 1.28 30.47 -31.27
N VAL C 758 0.44 30.02 -32.21
CA VAL C 758 -0.83 30.69 -32.56
C VAL C 758 -1.98 29.75 -32.18
N LEU C 759 -2.94 30.27 -31.42
CA LEU C 759 -4.04 29.48 -30.83
C LEU C 759 -5.38 30.02 -31.35
N GLU C 760 -6.01 29.29 -32.27
CA GLU C 760 -7.35 29.61 -32.80
C GLU C 760 -8.36 29.41 -31.66
N ILE C 761 -8.64 30.48 -30.91
CA ILE C 761 -9.72 30.59 -29.90
C ILE C 761 -11.06 30.70 -30.65
N ALA C 762 -11.72 29.56 -30.89
CA ALA C 762 -12.95 29.45 -31.71
C ALA C 762 -13.61 28.10 -31.47
N PRO C 763 -14.96 28.00 -31.55
CA PRO C 763 -15.65 26.73 -31.37
C PRO C 763 -15.52 25.75 -32.56
N HIS C 764 -14.95 26.22 -33.67
CA HIS C 764 -14.39 25.36 -34.75
C HIS C 764 -13.16 26.06 -35.33
N ALA C 765 -12.17 25.28 -35.74
CA ALA C 765 -10.89 25.76 -36.32
C ALA C 765 -11.12 26.05 -37.81
N LEU C 766 -11.76 27.19 -38.11
CA LEU C 766 -12.03 27.65 -39.49
C LEU C 766 -10.72 28.19 -40.06
N LEU C 767 -10.12 29.17 -39.38
CA LEU C 767 -8.84 29.81 -39.79
C LEU C 767 -7.66 28.87 -39.48
N GLN C 768 -7.66 27.64 -40.00
CA GLN C 768 -6.52 26.70 -39.86
C GLN C 768 -5.56 26.98 -41.03
N ALA C 769 -5.81 26.34 -42.18
CA ALA C 769 -4.95 26.36 -43.39
C ALA C 769 -4.76 27.81 -43.87
N VAL C 770 -5.73 28.70 -43.60
CA VAL C 770 -5.63 30.15 -43.96
C VAL C 770 -4.52 30.76 -43.08
N LEU C 771 -4.49 30.37 -41.79
CA LEU C 771 -3.51 30.85 -40.78
C LEU C 771 -2.10 30.38 -41.16
N LYS C 772 -1.98 29.15 -41.68
CA LYS C 772 -0.71 28.57 -42.23
C LYS C 772 -0.17 29.49 -43.33
N ARG C 773 -1.00 29.77 -44.34
CA ARG C 773 -0.66 30.55 -45.56
C ARG C 773 -0.13 31.94 -45.19
N GLY C 774 -0.64 32.57 -44.12
CA GLY C 774 -0.43 34.00 -43.79
C GLY C 774 0.72 34.25 -42.82
N VAL C 775 1.22 33.19 -42.17
CA VAL C 775 2.39 33.26 -41.22
C VAL C 775 3.58 32.56 -41.91
N LYS C 776 4.57 32.11 -41.13
CA LYS C 776 5.76 31.37 -41.63
C LYS C 776 5.62 29.89 -41.29
N SER C 777 6.52 29.03 -41.81
CA SER C 777 6.68 27.61 -41.38
C SER C 777 7.20 27.57 -39.93
N SER C 778 8.01 28.57 -39.56
CA SER C 778 8.70 28.69 -38.25
C SER C 778 7.67 28.74 -37.10
N CYS C 779 6.45 29.22 -37.36
CA CYS C 779 5.32 29.28 -36.39
C CYS C 779 4.61 27.92 -36.31
N THR C 780 4.01 27.64 -35.17
CA THR C 780 3.16 26.44 -34.92
C THR C 780 1.71 26.89 -34.80
N ILE C 781 0.80 26.16 -35.43
CA ILE C 781 -0.65 26.51 -35.46
C ILE C 781 -1.42 25.44 -34.69
N ILE C 782 -2.24 25.86 -33.75
CA ILE C 782 -2.93 24.96 -32.79
C ILE C 782 -4.40 25.33 -32.74
N PRO C 783 -5.28 24.40 -33.12
CA PRO C 783 -6.72 24.56 -32.91
C PRO C 783 -7.11 24.21 -31.47
N LEU C 784 -8.27 24.64 -31.00
CA LEU C 784 -8.77 24.32 -29.63
C LEU C 784 -10.05 23.49 -29.67
N MET C 785 -10.94 23.71 -30.65
CA MET C 785 -12.16 22.87 -30.82
C MET C 785 -12.34 22.54 -32.31
N LYS C 786 -13.02 21.41 -32.57
CA LYS C 786 -13.36 20.94 -33.94
C LYS C 786 -14.86 20.61 -33.98
N ARG C 787 -15.64 21.41 -34.73
CA ARG C 787 -17.01 21.03 -35.15
C ARG C 787 -16.98 19.53 -35.45
N ASP C 788 -17.67 18.76 -34.63
CA ASP C 788 -17.80 17.29 -34.74
C ASP C 788 -16.41 16.67 -34.60
N HIS C 789 -15.98 16.47 -33.35
CA HIS C 789 -14.93 15.52 -32.92
C HIS C 789 -15.62 14.51 -32.00
N LYS C 790 -15.09 13.29 -31.89
CA LYS C 790 -15.56 12.27 -30.90
C LYS C 790 -15.99 12.99 -29.61
N ASP C 791 -15.03 13.63 -28.92
CA ASP C 791 -15.25 14.48 -27.72
C ASP C 791 -14.30 15.69 -27.79
N ASN C 792 -14.83 16.91 -27.66
CA ASN C 792 -14.04 18.17 -27.82
C ASN C 792 -13.23 18.44 -26.55
N LEU C 793 -13.51 17.73 -25.44
CA LEU C 793 -12.67 17.80 -24.21
C LEU C 793 -11.32 17.16 -24.50
N GLU C 794 -11.30 15.86 -24.84
CA GLU C 794 -10.08 15.17 -25.31
C GLU C 794 -9.28 16.12 -26.22
N PHE C 795 -9.96 16.76 -27.19
CA PHE C 795 -9.33 17.57 -28.26
C PHE C 795 -8.67 18.82 -27.67
N PHE C 796 -9.34 19.49 -26.71
CA PHE C 796 -8.81 20.68 -25.99
C PHE C 796 -7.51 20.32 -25.27
N LEU C 797 -7.56 19.25 -24.48
CA LEU C 797 -6.42 18.69 -23.71
C LEU C 797 -5.30 18.32 -24.71
N THR C 798 -5.63 17.54 -25.74
CA THR C 798 -4.65 17.07 -26.74
C THR C 798 -3.87 18.26 -27.31
N ASN C 799 -4.53 19.42 -27.39
CA ASN C 799 -3.96 20.61 -28.07
C ASN C 799 -3.18 21.42 -27.03
N LEU C 800 -3.68 21.56 -25.79
CA LEU C 800 -2.89 22.07 -24.64
C LEU C 800 -1.58 21.28 -24.56
N GLY C 801 -1.68 19.94 -24.65
CA GLY C 801 -0.51 19.06 -24.90
C GLY C 801 0.50 19.70 -25.84
N LYS C 802 0.07 20.05 -27.06
CA LYS C 802 0.95 20.58 -28.12
C LYS C 802 1.45 21.98 -27.77
N VAL C 803 0.81 22.67 -26.80
CA VAL C 803 1.25 24.03 -26.34
C VAL C 803 2.49 23.83 -25.47
N HIS C 804 2.38 22.91 -24.50
CA HIS C 804 3.49 22.47 -23.61
C HIS C 804 4.67 22.02 -24.47
N LEU C 805 4.39 21.12 -25.41
CA LEU C 805 5.36 20.41 -26.29
C LEU C 805 6.23 21.41 -27.10
N THR C 806 5.96 22.71 -27.02
CA THR C 806 6.64 23.75 -27.84
C THR C 806 7.86 24.29 -27.09
N GLY C 807 7.72 24.44 -25.76
CA GLY C 807 8.66 25.18 -24.90
C GLY C 807 7.93 26.06 -23.92
N ILE C 808 6.62 26.23 -24.11
CA ILE C 808 5.75 27.10 -23.28
C ILE C 808 5.27 26.27 -22.08
N ASN C 809 5.09 26.93 -20.93
CA ASN C 809 4.70 26.26 -19.67
C ASN C 809 3.18 26.33 -19.53
N VAL C 810 2.58 25.17 -19.28
CA VAL C 810 1.13 24.99 -19.01
C VAL C 810 0.98 24.12 -17.76
N ASN C 811 -0.07 24.37 -16.98
CA ASN C 811 -0.32 23.75 -15.64
C ASN C 811 -1.75 23.18 -15.62
N PRO C 812 -1.99 22.01 -16.23
CA PRO C 812 -3.34 21.48 -16.38
C PRO C 812 -4.17 21.38 -15.09
N ASN C 813 -3.53 21.45 -13.92
CA ASN C 813 -4.22 21.04 -12.68
C ASN C 813 -5.43 21.95 -12.42
N ALA C 814 -5.39 23.21 -12.88
CA ALA C 814 -6.44 24.22 -12.60
C ALA C 814 -7.71 23.96 -13.42
N LEU C 815 -7.68 23.05 -14.39
CA LEU C 815 -8.88 22.67 -15.18
C LEU C 815 -9.79 21.74 -14.35
N PHE C 816 -9.26 21.08 -13.31
CA PHE C 816 -9.98 20.09 -12.45
C PHE C 816 -9.91 20.54 -11.00
N PRO C 817 -10.87 20.13 -10.13
CA PRO C 817 -10.89 20.61 -8.76
C PRO C 817 -9.53 20.35 -8.13
N PRO C 818 -8.96 21.30 -7.36
CA PRO C 818 -7.56 21.20 -6.95
C PRO C 818 -7.43 20.06 -5.92
N VAL C 819 -6.44 19.17 -6.08
CA VAL C 819 -6.13 18.04 -5.14
C VAL C 819 -5.83 18.59 -3.75
N GLU C 820 -6.44 18.04 -2.70
CA GLU C 820 -6.19 18.46 -1.30
C GLU C 820 -4.97 17.70 -0.77
N PHE C 821 -3.86 18.40 -0.54
CA PHE C 821 -2.58 17.84 0.00
C PHE C 821 -2.52 18.04 1.50
N PRO C 822 -1.72 17.26 2.28
CA PRO C 822 -0.87 16.18 1.76
C PRO C 822 -1.50 15.05 0.92
N ALA C 823 -0.73 14.50 -0.01
CA ALA C 823 -1.04 13.29 -0.82
C ALA C 823 -1.34 12.10 0.08
N PRO C 824 -2.11 11.09 -0.39
CA PRO C 824 -2.34 9.89 0.39
C PRO C 824 -1.06 9.06 0.52
N ARG C 825 -0.85 8.45 1.69
CA ARG C 825 0.15 7.36 1.89
C ARG C 825 0.04 6.42 0.69
N GLY C 826 1.17 5.88 0.23
CA GLY C 826 1.21 4.88 -0.85
C GLY C 826 1.30 5.49 -2.25
N THR C 827 1.08 6.80 -2.41
CA THR C 827 1.22 7.49 -3.72
C THR C 827 2.55 7.12 -4.35
N PRO C 828 2.59 6.63 -5.60
CA PRO C 828 3.83 6.24 -6.25
C PRO C 828 5.06 7.11 -5.95
N LEU C 829 6.21 6.48 -5.79
CA LEU C 829 7.50 7.23 -5.76
C LEU C 829 7.67 7.87 -7.14
N ILE C 830 8.31 9.05 -7.15
CA ILE C 830 8.70 9.82 -8.34
C ILE C 830 10.22 9.72 -8.54
N SER C 831 11.00 9.73 -7.46
CA SER C 831 12.49 9.75 -7.50
C SER C 831 13.02 8.70 -8.48
N PRO C 832 12.52 7.44 -8.45
CA PRO C 832 13.11 6.39 -9.27
C PRO C 832 12.88 6.55 -10.78
N HIS C 833 11.97 7.45 -11.19
CA HIS C 833 11.57 7.70 -12.59
C HIS C 833 12.18 8.99 -13.13
N ILE C 834 13.15 9.60 -12.44
CA ILE C 834 13.88 10.77 -13.01
C ILE C 834 15.09 10.25 -13.78
N LYS C 835 15.19 10.52 -15.08
CA LYS C 835 16.29 9.95 -15.90
C LYS C 835 17.21 11.09 -16.30
N TRP C 836 18.49 10.77 -16.47
CA TRP C 836 19.54 11.79 -16.75
C TRP C 836 20.22 11.43 -18.07
N ASP C 837 20.83 12.41 -18.74
CA ASP C 837 21.76 12.12 -19.87
C ASP C 837 23.07 11.62 -19.26
N HIS C 838 23.21 10.29 -19.13
CA HIS C 838 24.42 9.61 -18.62
C HIS C 838 25.30 9.10 -19.76
N SER C 839 25.31 9.79 -20.91
CA SER C 839 26.06 9.35 -22.10
C SER C 839 27.56 9.40 -21.81
N GLN C 840 28.01 10.42 -21.06
CA GLN C 840 29.44 10.67 -20.73
C GLN C 840 29.90 9.70 -19.62
N THR C 841 31.20 9.51 -19.50
CA THR C 841 31.80 8.71 -18.42
C THR C 841 32.89 9.54 -17.76
N TRP C 842 32.75 9.83 -16.47
CA TRP C 842 33.70 10.67 -15.70
C TRP C 842 34.73 9.83 -14.94
N ASP C 843 35.83 10.47 -14.56
CA ASP C 843 36.93 9.80 -13.82
C ASP C 843 36.43 9.40 -12.42
N VAL C 844 37.10 8.40 -11.86
CA VAL C 844 36.86 7.96 -10.46
C VAL C 844 38.21 7.57 -9.90
N PRO C 845 38.61 8.10 -8.74
CA PRO C 845 39.87 7.69 -8.13
C PRO C 845 39.85 6.17 -7.93
N VAL C 846 41.03 5.55 -7.87
CA VAL C 846 41.23 4.07 -7.80
C VAL C 846 42.29 3.78 -6.71
N ALA C 847 42.42 2.54 -6.26
CA ALA C 847 43.30 2.16 -5.12
C ALA C 847 44.68 2.77 -5.29
N GLU C 848 45.19 2.76 -6.51
CA GLU C 848 46.62 3.08 -6.79
C GLU C 848 46.85 4.59 -6.59
N ASP C 849 45.81 5.41 -6.61
CA ASP C 849 45.95 6.87 -6.36
C ASP C 849 46.28 7.16 -4.90
N PHE C 850 46.18 6.18 -4.01
CA PHE C 850 46.44 6.40 -2.58
C PHE C 850 47.75 5.70 -2.23
N PRO C 851 48.46 6.17 -1.18
CA PRO C 851 49.75 5.60 -0.79
C PRO C 851 49.68 4.13 -0.30
N ASN C 852 50.83 3.42 -0.30
CA ASN C 852 50.99 2.05 0.26
C ASN C 852 52.40 1.81 0.84
N SER D 1 15.21 34.03 23.80
CA SER D 1 15.76 35.03 24.76
C SER D 1 16.43 34.31 25.93
N GLU D 2 17.76 34.44 26.00
CA GLU D 2 18.66 33.97 27.08
C GLU D 2 20.06 34.51 26.73
N GLU D 3 20.61 35.42 27.53
CA GLU D 3 21.68 36.33 27.08
C GLU D 3 23.00 35.53 27.04
N VAL D 4 23.71 35.62 25.93
CA VAL D 4 24.92 34.79 25.67
C VAL D 4 26.12 35.73 25.76
N VAL D 5 27.11 35.34 26.55
CA VAL D 5 28.35 36.12 26.75
C VAL D 5 29.55 35.26 26.35
N ILE D 6 30.62 35.91 25.90
CA ILE D 6 31.95 35.30 25.66
C ILE D 6 32.71 35.40 26.98
N ALA D 7 32.97 34.27 27.61
CA ALA D 7 33.41 34.14 29.02
C ALA D 7 34.93 34.02 29.08
N GLY D 8 35.50 33.11 28.31
CA GLY D 8 36.95 32.83 28.28
C GLY D 8 37.45 32.67 26.85
N MET D 9 38.75 32.90 26.66
CA MET D 9 39.39 32.67 25.36
C MET D 9 40.84 32.27 25.58
N SER D 10 41.34 31.40 24.72
CA SER D 10 42.78 31.08 24.61
C SER D 10 43.10 30.80 23.15
N GLY D 11 44.39 30.79 22.82
CA GLY D 11 44.83 30.35 21.49
C GLY D 11 46.33 30.33 21.32
N LYS D 12 46.74 29.77 20.18
CA LYS D 12 48.10 29.85 19.63
C LYS D 12 47.92 30.35 18.19
N LEU D 13 48.55 31.47 17.87
CA LEU D 13 48.56 32.04 16.51
C LEU D 13 50.00 32.19 16.04
N PRO D 14 50.23 32.52 14.76
CA PRO D 14 51.58 32.70 14.25
C PRO D 14 52.48 33.51 15.18
N GLU D 15 53.69 32.97 15.40
CA GLU D 15 54.72 33.57 16.26
C GLU D 15 54.13 33.94 17.64
N SER D 16 53.03 33.33 18.07
CA SER D 16 52.32 33.70 19.32
C SER D 16 51.86 32.44 20.09
N GLU D 17 52.57 32.11 21.17
CA GLU D 17 52.43 30.87 21.98
C GLU D 17 51.17 30.91 22.85
N ASN D 18 50.68 32.10 23.19
CA ASN D 18 49.43 32.34 23.95
C ASN D 18 48.86 33.70 23.54
N LEU D 19 47.76 34.16 24.13
CA LEU D 19 47.09 35.38 23.62
C LEU D 19 47.84 36.64 24.05
N GLN D 20 48.76 36.57 25.04
CA GLN D 20 49.60 37.73 25.42
C GLN D 20 50.72 37.89 24.38
N GLU D 21 51.42 36.83 24.01
CA GLU D 21 52.41 36.92 22.91
C GLU D 21 51.71 37.55 21.69
N PHE D 22 50.43 37.22 21.48
CA PHE D 22 49.66 37.65 20.28
C PHE D 22 49.42 39.17 20.38
N TRP D 23 48.83 39.62 21.48
CA TRP D 23 48.58 41.06 21.72
C TRP D 23 49.88 41.86 21.50
N ALA D 24 50.98 41.43 22.12
CA ALA D 24 52.29 42.12 22.00
C ALA D 24 52.60 42.38 20.52
N ASN D 25 52.54 41.31 19.75
CA ASN D 25 52.72 41.28 18.28
C ASN D 25 51.73 42.21 17.58
N LEU D 26 50.46 42.26 18.01
CA LEU D 26 49.39 43.01 17.30
C LEU D 26 49.60 44.50 17.52
N ILE D 27 49.61 44.93 18.79
CA ILE D 27 49.69 46.36 19.21
C ILE D 27 51.06 46.93 18.84
N GLY D 28 52.08 46.08 18.81
CA GLY D 28 53.46 46.49 18.45
C GLY D 28 53.69 46.45 16.95
N GLY D 29 52.70 46.06 16.16
CA GLY D 29 52.80 46.04 14.69
C GLY D 29 53.89 45.11 14.19
N VAL D 30 54.18 44.05 14.90
CA VAL D 30 55.03 42.96 14.35
C VAL D 30 54.20 42.20 13.31
N ASP D 31 54.87 41.82 12.21
CA ASP D 31 54.33 40.93 11.15
C ASP D 31 54.57 39.49 11.59
N MET D 32 53.49 38.74 11.83
CA MET D 32 53.58 37.37 12.38
C MET D 32 53.76 36.36 11.24
N VAL D 33 53.68 36.83 10.01
CA VAL D 33 54.00 36.00 8.81
C VAL D 33 55.52 35.92 8.66
N THR D 34 56.04 34.74 8.36
CA THR D 34 57.48 34.44 8.29
C THR D 34 57.75 33.62 7.05
N ASP D 35 59.03 33.44 6.72
CA ASP D 35 59.49 32.83 5.44
C ASP D 35 60.50 31.71 5.69
N ASP D 36 60.53 31.13 6.88
CA ASP D 36 61.51 30.05 7.22
C ASP D 36 60.95 28.72 6.73
N ASP D 37 61.73 27.64 6.90
CA ASP D 37 61.51 26.27 6.35
C ASP D 37 60.79 25.35 7.35
N ARG D 38 60.14 25.88 8.40
CA ARG D 38 59.46 25.05 9.45
C ARG D 38 58.61 23.91 8.87
N ARG D 39 57.77 24.17 7.86
CA ARG D 39 56.78 23.17 7.38
C ARG D 39 57.27 22.55 6.08
N TRP D 40 57.92 23.35 5.23
CA TRP D 40 58.54 22.86 3.97
C TRP D 40 59.57 23.84 3.41
N LYS D 41 60.55 23.35 2.65
CA LYS D 41 61.60 24.18 2.00
C LYS D 41 60.88 25.36 1.34
N ALA D 42 61.21 26.59 1.69
CA ALA D 42 60.41 27.76 1.25
C ALA D 42 60.59 27.91 -0.25
N GLY D 43 59.51 28.20 -1.00
CA GLY D 43 59.55 28.30 -2.48
C GLY D 43 59.22 27.00 -3.19
N LEU D 44 59.36 25.85 -2.53
CA LEU D 44 58.92 24.51 -3.02
C LEU D 44 57.70 24.64 -3.93
N TYR D 45 57.72 24.01 -5.11
CA TYR D 45 56.66 24.00 -6.16
C TYR D 45 56.20 25.42 -6.55
N GLY D 46 57.05 26.43 -6.39
CA GLY D 46 56.78 27.80 -6.84
C GLY D 46 55.89 28.54 -5.86
N LEU D 47 55.65 27.93 -4.69
CA LEU D 47 54.73 28.43 -3.64
C LEU D 47 55.29 29.69 -3.02
N PRO D 48 54.43 30.53 -2.41
CA PRO D 48 54.89 31.67 -1.65
C PRO D 48 55.82 31.20 -0.52
N LYS D 49 56.89 31.97 -0.26
CA LYS D 49 57.88 31.70 0.81
C LYS D 49 57.27 31.99 2.20
N ARG D 50 56.17 32.75 2.25
CA ARG D 50 55.65 33.33 3.51
C ARG D 50 54.32 32.68 3.86
N SER D 51 54.16 32.30 5.12
CA SER D 51 52.88 31.83 5.73
C SER D 51 52.92 32.15 7.22
N GLY D 52 51.77 32.29 7.88
CA GLY D 52 51.68 32.28 9.35
C GLY D 52 51.83 30.86 9.88
N LYS D 53 52.77 30.64 10.81
CA LYS D 53 53.00 29.30 11.40
C LYS D 53 53.15 29.42 12.92
N LEU D 54 52.59 28.46 13.64
CA LEU D 54 52.78 28.30 15.10
C LEU D 54 54.27 28.03 15.37
N LYS D 55 54.77 28.42 16.53
CA LYS D 55 56.16 28.15 16.91
C LYS D 55 56.37 26.64 17.04
N ASP D 56 55.44 25.91 17.67
CA ASP D 56 55.64 24.47 17.97
C ASP D 56 54.34 23.67 17.74
N LEU D 57 54.49 22.43 17.25
CA LEU D 57 53.37 21.46 17.09
C LEU D 57 53.61 20.23 17.98
N SER D 58 54.81 20.11 18.57
CA SER D 58 55.33 18.86 19.18
C SER D 58 55.00 18.76 20.67
N LYS D 59 54.44 19.79 21.31
CA LYS D 59 54.16 19.76 22.78
C LYS D 59 52.70 19.40 23.07
N PHE D 60 52.49 18.68 24.19
CA PHE D 60 51.17 18.16 24.63
C PHE D 60 51.30 17.45 25.99
N ASP D 61 50.56 17.93 27.00
CA ASP D 61 50.60 17.31 28.35
C ASP D 61 49.70 16.10 28.33
N ALA D 62 50.18 15.02 27.72
CA ALA D 62 49.40 13.82 27.37
C ALA D 62 48.73 13.22 28.61
N SER D 63 49.45 13.07 29.73
CA SER D 63 48.91 12.38 30.92
C SER D 63 47.77 13.24 31.49
N PHE D 64 47.89 14.56 31.51
CA PHE D 64 46.78 15.38 32.00
C PHE D 64 45.51 15.06 31.23
N PHE D 65 45.63 14.79 29.93
CA PHE D 65 44.46 14.65 29.01
C PHE D 65 44.08 13.18 28.81
N GLY D 66 44.75 12.28 29.53
CA GLY D 66 44.41 10.86 29.55
C GLY D 66 44.84 10.16 28.27
N VAL D 67 45.73 10.75 27.49
CA VAL D 67 46.18 10.16 26.21
C VAL D 67 47.49 9.39 26.42
N HIS D 68 47.48 8.07 26.19
CA HIS D 68 48.67 7.20 26.33
C HIS D 68 49.62 7.58 25.20
N PRO D 69 50.94 7.32 25.34
CA PRO D 69 51.92 7.83 24.39
C PRO D 69 51.79 7.31 22.95
N LYS D 70 51.44 6.03 22.75
CA LYS D 70 51.18 5.50 21.38
C LYS D 70 50.11 6.37 20.73
N GLN D 71 49.08 6.75 21.48
CA GLN D 71 47.90 7.43 20.90
C GLN D 71 48.27 8.90 20.67
N ALA D 72 49.25 9.43 21.40
CA ALA D 72 49.64 10.86 21.34
C ALA D 72 50.47 11.11 20.08
N HIS D 73 51.38 10.20 19.73
CA HIS D 73 52.22 10.28 18.50
C HIS D 73 51.34 10.18 17.25
N THR D 74 50.10 9.72 17.38
CA THR D 74 49.19 9.46 16.22
C THR D 74 47.92 10.30 16.32
N MET D 75 47.97 11.35 17.10
CA MET D 75 46.83 12.28 17.31
C MET D 75 47.10 13.56 16.50
N ASP D 76 46.15 13.96 15.65
CA ASP D 76 46.23 15.22 14.87
C ASP D 76 46.81 16.28 15.79
N PRO D 77 47.95 16.91 15.45
CA PRO D 77 48.49 17.95 16.31
C PRO D 77 47.44 19.04 16.53
N GLN D 78 46.54 19.27 15.57
CA GLN D 78 45.46 20.27 15.75
C GLN D 78 44.76 19.99 17.07
N LEU D 79 44.43 18.72 17.32
CA LEU D 79 43.63 18.27 18.48
C LEU D 79 44.44 18.36 19.79
N ARG D 80 45.67 17.85 19.78
CA ARG D 80 46.59 17.92 20.95
C ARG D 80 46.60 19.38 21.45
N LEU D 81 46.78 20.34 20.53
CA LEU D 81 46.80 21.78 20.87
C LEU D 81 45.42 22.25 21.33
N LEU D 82 44.35 21.81 20.67
CA LEU D 82 42.98 22.28 20.99
C LEU D 82 42.59 21.77 22.38
N LEU D 83 43.14 20.64 22.82
CA LEU D 83 42.77 20.12 24.16
C LEU D 83 43.28 21.15 25.15
N GLU D 84 44.58 21.46 25.08
CA GLU D 84 45.29 22.45 25.94
C GLU D 84 44.60 23.82 25.78
N VAL D 85 44.32 24.26 24.56
CA VAL D 85 43.79 25.64 24.36
C VAL D 85 42.37 25.68 24.94
N SER D 86 41.63 24.56 24.90
CA SER D 86 40.25 24.43 25.42
C SER D 86 40.24 24.54 26.95
N TYR D 87 41.11 23.81 27.64
CA TYR D 87 41.25 23.92 29.12
C TYR D 87 41.53 25.39 29.45
N GLU D 88 42.57 25.92 28.81
CA GLU D 88 43.02 27.32 29.00
C GLU D 88 41.82 28.25 28.87
N ALA D 89 40.92 28.01 27.91
CA ALA D 89 39.83 28.95 27.59
C ALA D 89 38.79 28.93 28.71
N ILE D 90 38.51 27.75 29.25
CA ILE D 90 37.51 27.58 30.35
C ILE D 90 38.07 28.32 31.57
N VAL D 91 39.30 28.02 31.98
CA VAL D 91 39.83 28.58 33.27
C VAL D 91 40.01 30.09 33.11
N ASP D 92 40.20 30.59 31.91
CA ASP D 92 40.37 32.04 31.62
C ASP D 92 39.09 32.80 31.99
N GLY D 93 37.94 32.15 32.00
CA GLY D 93 36.69 32.83 32.35
C GLY D 93 36.39 32.73 33.84
N GLY D 94 37.39 32.28 34.61
CA GLY D 94 37.31 32.04 36.05
C GLY D 94 36.34 30.93 36.37
N ILE D 95 36.06 30.03 35.41
CA ILE D 95 35.17 28.85 35.57
C ILE D 95 36.01 27.60 35.85
N ASN D 96 35.72 26.89 36.92
CA ASN D 96 36.33 25.57 37.20
C ASN D 96 35.69 24.60 36.22
N PRO D 97 36.50 23.85 35.45
CA PRO D 97 35.95 22.86 34.52
C PRO D 97 34.96 21.89 35.20
N ALA D 98 35.22 21.52 36.45
CA ALA D 98 34.38 20.54 37.17
C ALA D 98 32.94 21.06 37.26
N SER D 99 32.74 22.38 37.21
CA SER D 99 31.40 23.00 37.27
C SER D 99 30.56 22.60 36.04
N LEU D 100 31.19 22.25 34.92
CA LEU D 100 30.47 22.00 33.65
C LEU D 100 30.46 20.50 33.34
N ARG D 101 31.22 19.67 34.06
CA ARG D 101 31.20 18.20 33.79
C ARG D 101 29.75 17.73 33.95
N GLY D 102 29.28 16.83 33.10
CA GLY D 102 27.94 16.26 33.24
C GLY D 102 26.84 17.17 32.70
N THR D 103 27.12 18.43 32.42
CA THR D 103 26.08 19.36 31.92
C THR D 103 25.91 19.16 30.41
N ASN D 104 24.97 19.90 29.81
CA ASN D 104 24.62 19.81 28.38
C ASN D 104 25.40 20.88 27.59
N THR D 105 26.47 21.40 28.19
CA THR D 105 27.53 22.17 27.50
C THR D 105 27.81 21.48 26.17
N GLY D 106 27.71 22.24 25.08
CA GLY D 106 28.01 21.76 23.71
C GLY D 106 29.40 22.15 23.22
N VAL D 107 29.79 21.58 22.09
CA VAL D 107 31.14 21.72 21.50
C VAL D 107 30.98 21.86 19.98
N TRP D 108 31.53 22.92 19.44
CA TRP D 108 31.47 23.19 17.99
C TRP D 108 32.88 23.54 17.54
N VAL D 109 33.40 22.85 16.53
CA VAL D 109 34.80 23.05 16.09
C VAL D 109 34.77 23.35 14.60
N GLY D 110 35.12 24.57 14.18
CA GLY D 110 35.39 24.92 12.79
C GLY D 110 36.70 24.32 12.35
N VAL D 111 36.69 23.33 11.48
CA VAL D 111 37.92 22.67 10.96
C VAL D 111 37.66 22.20 9.52
N SER D 112 38.64 22.36 8.63
CA SER D 112 38.48 22.17 7.17
C SER D 112 39.52 21.18 6.61
N GLY D 113 40.34 20.56 7.46
CA GLY D 113 41.52 19.80 7.02
C GLY D 113 41.95 18.76 8.04
N SER D 114 42.36 17.60 7.53
CA SER D 114 42.92 16.46 8.28
C SER D 114 44.18 16.02 7.54
N GLU D 115 45.15 16.93 7.36
CA GLU D 115 46.43 16.60 6.69
C GLU D 115 47.15 15.51 7.52
N ALA D 116 47.03 15.49 8.84
CA ALA D 116 47.70 14.47 9.69
C ALA D 116 47.09 13.08 9.47
N SER D 117 45.78 12.96 9.23
CA SER D 117 45.14 11.62 9.06
C SER D 117 45.63 11.02 7.74
N GLU D 118 45.99 11.88 6.79
CA GLU D 118 46.57 11.45 5.50
C GLU D 118 47.95 10.83 5.76
N ALA D 119 48.79 11.57 6.48
CA ALA D 119 50.15 11.15 6.86
C ALA D 119 50.11 9.80 7.58
N LEU D 120 49.36 9.71 8.66
CA LEU D 120 49.47 8.56 9.60
C LEU D 120 48.73 7.34 9.06
N SER D 121 47.98 7.47 7.96
CA SER D 121 47.29 6.33 7.29
C SER D 121 47.96 5.97 5.93
N ARG D 122 49.18 6.43 5.67
CA ARG D 122 49.82 6.26 4.35
C ARG D 122 50.39 4.84 4.21
N ASP D 123 50.73 4.14 5.31
CA ASP D 123 51.36 2.79 5.24
C ASP D 123 50.45 1.73 5.86
N PRO D 124 49.53 1.08 5.10
CA PRO D 124 48.86 -0.12 5.59
C PRO D 124 49.70 -1.07 6.47
N GLU D 125 50.91 -1.44 6.07
CA GLU D 125 51.70 -2.48 6.78
C GLU D 125 51.87 -2.06 8.25
N THR D 126 52.18 -0.80 8.53
CA THR D 126 52.68 -0.34 9.86
C THR D 126 51.77 0.72 10.53
N LEU D 127 50.69 1.17 9.90
CA LEU D 127 49.89 2.27 10.48
C LEU D 127 49.21 1.75 11.73
N LEU D 128 48.82 2.65 12.62
CA LEU D 128 48.17 2.29 13.90
C LEU D 128 46.68 2.58 13.77
N GLY D 129 45.85 1.64 14.21
CA GLY D 129 44.41 1.84 14.41
C GLY D 129 44.10 3.16 15.09
N TYR D 130 44.84 3.53 16.14
CA TYR D 130 44.51 4.75 16.92
C TYR D 130 44.58 5.98 16.00
N SER D 131 45.27 5.93 14.85
CA SER D 131 45.36 7.11 13.95
C SER D 131 43.93 7.61 13.58
N MET D 132 43.02 6.70 13.24
CA MET D 132 41.57 6.96 13.03
C MET D 132 41.00 7.72 14.24
N VAL D 133 41.19 7.18 15.46
CA VAL D 133 40.63 7.70 16.74
C VAL D 133 41.21 9.08 17.06
N GLY D 134 42.46 9.34 16.64
CA GLY D 134 43.19 10.58 16.93
C GLY D 134 43.11 11.63 15.83
N CYS D 135 42.63 11.29 14.65
CA CYS D 135 42.67 12.24 13.50
C CYS D 135 41.29 12.42 12.84
N GLN D 136 40.32 11.51 13.04
CA GLN D 136 39.00 11.59 12.36
C GLN D 136 38.42 12.95 12.75
N ARG D 137 37.84 13.66 11.80
CA ARG D 137 37.41 15.06 11.97
C ARG D 137 36.43 15.18 13.14
N ALA D 138 35.52 14.22 13.36
CA ALA D 138 34.51 14.32 14.44
C ALA D 138 35.23 14.42 15.79
N MET D 139 36.33 13.71 15.93
CA MET D 139 37.15 13.72 17.18
C MET D 139 37.66 15.13 17.47
N MET D 140 37.82 16.00 16.48
CA MET D 140 38.25 17.40 16.76
C MET D 140 37.24 18.00 17.76
N ALA D 141 36.03 17.46 17.87
CA ALA D 141 35.07 17.89 18.92
C ALA D 141 34.80 16.74 19.89
N ASN D 142 34.51 15.54 19.39
CA ASN D 142 34.04 14.40 20.23
C ASN D 142 35.05 14.24 21.38
N ARG D 143 36.34 14.45 21.13
CA ARG D 143 37.43 14.18 22.12
C ARG D 143 37.48 15.27 23.18
N LEU D 144 37.24 16.53 22.81
CA LEU D 144 36.90 17.61 23.76
C LEU D 144 35.68 17.17 24.59
N SER D 145 34.53 16.98 23.96
CA SER D 145 33.28 16.56 24.67
C SER D 145 33.64 15.40 25.62
N PHE D 146 34.56 14.52 25.25
CA PHE D 146 34.91 13.33 26.07
C PHE D 146 35.71 13.68 27.32
N PHE D 147 36.69 14.57 27.18
CA PHE D 147 37.66 14.87 28.25
C PHE D 147 36.99 15.71 29.33
N PHE D 148 36.31 16.76 28.90
CA PHE D 148 35.60 17.76 29.74
C PHE D 148 34.25 17.18 30.21
N ASP D 149 33.85 15.99 29.73
CA ASP D 149 32.55 15.35 30.07
C ASP D 149 31.39 16.28 29.68
N PHE D 150 31.40 16.79 28.46
CA PHE D 150 30.35 17.66 27.88
C PHE D 150 29.40 16.79 27.07
N LYS D 151 28.10 16.86 27.37
CA LYS D 151 27.09 15.88 26.95
C LYS D 151 26.06 16.52 26.05
N GLY D 152 26.13 17.82 25.82
CA GLY D 152 25.37 18.50 24.74
C GLY D 152 25.87 18.04 23.36
N PRO D 153 25.51 18.77 22.28
CA PRO D 153 26.05 18.50 20.96
C PRO D 153 27.59 18.58 20.95
N SER D 154 28.20 17.74 20.13
CA SER D 154 29.64 17.69 19.83
C SER D 154 29.72 17.53 18.31
N ILE D 155 29.99 18.63 17.62
CA ILE D 155 29.93 18.70 16.13
C ILE D 155 31.21 19.34 15.61
N ALA D 156 31.85 18.70 14.64
CA ALA D 156 32.94 19.27 13.82
C ALA D 156 32.28 19.76 12.55
N LEU D 157 32.51 20.99 12.12
CA LEU D 157 31.76 21.46 10.95
C LEU D 157 32.56 22.37 10.05
N ASP D 158 32.26 22.31 8.76
CA ASP D 158 33.09 22.84 7.64
C ASP D 158 32.20 23.68 6.74
N THR D 159 32.41 24.98 6.75
CA THR D 159 31.92 25.90 5.70
C THR D 159 33.15 26.62 5.15
N ALA D 160 34.30 25.94 5.19
CA ALA D 160 35.60 26.50 4.78
C ALA D 160 35.97 27.67 5.69
N CYS D 161 36.23 28.86 5.15
CA CYS D 161 36.86 29.99 5.89
C CYS D 161 35.92 30.55 6.95
N SER D 162 34.62 30.26 6.87
CA SER D 162 33.61 30.73 7.86
C SER D 162 33.39 29.71 8.98
N SER D 163 34.06 28.55 8.96
CA SER D 163 33.71 27.40 9.84
C SER D 163 33.71 27.83 11.31
N SER D 164 34.78 28.45 11.79
CA SER D 164 34.92 28.72 13.25
C SER D 164 33.97 29.84 13.67
N LEU D 165 33.56 30.74 12.78
CA LEU D 165 32.59 31.79 13.20
C LEU D 165 31.19 31.21 13.19
N LEU D 166 30.92 30.29 12.28
CA LEU D 166 29.65 29.55 12.22
C LEU D 166 29.50 28.70 13.48
N ALA D 167 30.57 28.02 13.86
CA ALA D 167 30.65 27.32 15.17
C ALA D 167 30.17 28.31 16.24
N LEU D 168 30.73 29.52 16.27
CA LEU D 168 30.34 30.53 17.29
C LEU D 168 28.84 30.80 17.20
N GLN D 169 28.33 30.93 15.99
CA GLN D 169 26.91 31.25 15.69
C GLN D 169 26.01 30.11 16.19
N ASN D 170 26.28 28.88 15.78
CA ASN D 170 25.50 27.68 16.17
C ASN D 170 25.43 27.55 17.70
N ALA D 171 26.59 27.64 18.36
CA ALA D 171 26.72 27.55 19.83
C ALA D 171 25.90 28.69 20.45
N TYR D 172 26.01 29.90 19.93
CA TYR D 172 25.20 31.06 20.37
C TYR D 172 23.72 30.69 20.32
N GLN D 173 23.24 30.19 19.19
CA GLN D 173 21.80 29.82 19.01
C GLN D 173 21.42 28.77 20.06
N ALA D 174 22.32 27.84 20.39
CA ALA D 174 22.05 26.70 21.29
C ALA D 174 21.94 27.18 22.74
N ILE D 175 22.72 28.18 23.13
CA ILE D 175 22.67 28.76 24.49
C ILE D 175 21.43 29.66 24.58
N ARG D 176 21.16 30.43 23.53
CA ARG D 176 19.99 31.34 23.51
C ARG D 176 18.71 30.53 23.59
N SER D 177 18.66 29.36 22.96
CA SER D 177 17.46 28.48 22.90
C SER D 177 17.25 27.75 24.23
N GLY D 178 18.20 27.81 25.18
CA GLY D 178 18.14 27.02 26.41
C GLY D 178 18.60 25.58 26.17
N GLU D 179 18.95 25.21 24.94
CA GLU D 179 19.44 23.83 24.68
C GLU D 179 20.69 23.56 25.52
N CYS D 180 21.57 24.55 25.68
CA CYS D 180 22.88 24.45 26.40
C CYS D 180 23.08 25.60 27.38
N PRO D 181 23.65 25.31 28.56
CA PRO D 181 24.01 26.37 29.49
C PRO D 181 25.30 27.08 29.06
N ALA D 182 26.16 26.37 28.33
CA ALA D 182 27.49 26.83 27.92
C ALA D 182 27.95 26.06 26.67
N ALA D 183 28.99 26.56 26.02
CA ALA D 183 29.53 25.96 24.78
C ALA D 183 31.01 26.31 24.63
N LEU D 184 31.78 25.31 24.25
CA LEU D 184 33.22 25.43 23.93
C LEU D 184 33.31 25.46 22.40
N VAL D 185 33.88 26.52 21.86
CA VAL D 185 33.89 26.81 20.41
C VAL D 185 35.35 26.86 19.96
N GLY D 186 35.74 26.00 19.04
CA GLY D 186 37.13 25.91 18.54
C GLY D 186 37.24 26.27 17.08
N GLY D 187 38.44 26.65 16.67
CA GLY D 187 38.86 26.87 15.27
C GLY D 187 40.29 26.41 15.12
N ILE D 188 40.57 25.58 14.13
CA ILE D 188 41.93 24.98 13.98
C ILE D 188 42.35 25.00 12.51
N ASN D 189 43.64 25.27 12.26
CA ASN D 189 44.21 25.21 10.90
C ASN D 189 45.71 25.01 11.01
N LEU D 190 46.25 23.95 10.41
CA LEU D 190 47.72 23.76 10.27
C LEU D 190 48.09 23.67 8.78
N LEU D 191 49.33 23.98 8.47
CA LEU D 191 49.89 23.93 7.10
C LEU D 191 50.97 22.84 7.11
N LEU D 192 50.57 21.57 7.02
CA LEU D 192 51.50 20.42 7.07
C LEU D 192 51.85 19.96 5.64
N LYS D 193 50.87 20.04 4.74
CA LYS D 193 50.90 19.44 3.39
C LYS D 193 51.07 20.56 2.38
N PRO D 194 52.22 20.64 1.69
CA PRO D 194 52.46 21.69 0.70
C PRO D 194 51.49 21.58 -0.50
N ASN D 195 51.06 20.37 -0.84
CA ASN D 195 50.21 20.13 -2.05
C ASN D 195 48.94 20.97 -1.91
N THR D 196 48.44 21.16 -0.70
CA THR D 196 47.23 21.98 -0.41
C THR D 196 47.48 23.44 -0.86
N SER D 197 48.64 24.01 -0.53
CA SER D 197 48.99 25.38 -0.98
C SER D 197 49.07 25.45 -2.52
N VAL D 198 49.58 24.39 -3.17
CA VAL D 198 49.71 24.34 -4.66
C VAL D 198 48.33 24.46 -5.27
N GLN D 199 47.35 23.70 -4.75
CA GLN D 199 45.94 23.82 -5.19
C GLN D 199 45.50 25.29 -5.09
N PHE D 200 45.67 25.95 -3.95
CA PHE D 200 45.13 27.34 -3.80
C PHE D 200 45.86 28.29 -4.77
N MET D 201 47.17 28.10 -4.94
CA MET D 201 48.01 28.97 -5.81
C MET D 201 47.50 28.88 -7.25
N LYS D 202 47.16 27.67 -7.72
CA LYS D 202 46.68 27.41 -9.10
C LYS D 202 45.27 27.97 -9.30
N LEU D 203 44.49 28.19 -8.23
CA LEU D 203 43.21 28.94 -8.32
C LEU D 203 43.48 30.44 -8.16
N GLY D 204 44.76 30.82 -8.07
CA GLY D 204 45.20 32.23 -7.85
C GLY D 204 44.51 32.90 -6.68
N MET D 205 44.47 32.22 -5.53
CA MET D 205 43.93 32.75 -4.26
C MET D 205 45.08 33.27 -3.37
N LEU D 206 46.29 32.76 -3.57
CA LEU D 206 47.47 33.13 -2.75
C LEU D 206 48.20 34.26 -3.45
N SER D 207 48.45 35.35 -2.72
CA SER D 207 49.41 36.41 -3.09
C SER D 207 50.81 35.81 -3.04
N PRO D 208 51.68 36.08 -4.03
CA PRO D 208 53.05 35.55 -4.04
C PRO D 208 53.92 36.12 -2.91
N ASP D 209 53.64 37.35 -2.47
CA ASP D 209 54.39 38.03 -1.38
C ASP D 209 53.85 37.53 -0.03
N GLY D 210 53.01 36.49 -0.07
CA GLY D 210 52.36 35.88 1.10
C GLY D 210 51.94 36.93 2.11
N THR D 211 51.10 37.87 1.71
CA THR D 211 50.64 38.99 2.56
C THR D 211 49.16 39.30 2.33
N CYS D 212 48.43 39.66 3.37
CA CYS D 212 47.02 40.09 3.24
C CYS D 212 47.03 41.61 3.33
N ARG D 213 47.18 42.26 2.19
CA ARG D 213 47.16 43.73 2.13
C ARG D 213 45.70 44.19 2.23
N SER D 214 45.02 43.84 3.31
CA SER D 214 43.56 44.07 3.48
C SER D 214 43.23 45.53 3.09
N PHE D 215 42.32 45.71 2.13
CA PHE D 215 41.72 47.01 1.74
C PHE D 215 42.67 47.83 0.85
N ASP D 216 43.90 47.37 0.64
CA ASP D 216 44.95 48.09 -0.11
C ASP D 216 44.73 47.83 -1.60
N ASP D 217 45.25 48.74 -2.44
CA ASP D 217 45.27 48.62 -3.92
C ASP D 217 46.18 47.45 -4.36
N SER D 218 47.27 47.15 -3.65
CA SER D 218 48.26 46.09 -4.02
C SER D 218 47.72 44.69 -3.68
N GLY D 219 46.58 44.60 -2.99
CA GLY D 219 45.91 43.32 -2.67
C GLY D 219 45.83 42.40 -3.87
N SER D 220 46.57 41.29 -3.85
CA SER D 220 46.62 40.27 -4.92
C SER D 220 46.39 38.87 -4.38
N GLY D 221 45.68 38.69 -3.26
CA GLY D 221 45.48 37.36 -2.65
C GLY D 221 45.97 37.27 -1.22
N TYR D 222 45.78 36.13 -0.55
CA TYR D 222 45.91 35.97 0.91
C TYR D 222 47.14 35.14 1.22
N CYS D 223 47.57 35.25 2.48
CA CYS D 223 48.67 34.50 3.12
C CYS D 223 48.08 33.33 3.94
N ARG D 224 48.46 32.10 3.66
CA ARG D 224 47.90 30.97 4.44
C ARG D 224 48.54 31.03 5.82
N SER D 225 47.76 30.83 6.88
CA SER D 225 48.30 30.90 8.25
C SER D 225 47.68 29.78 9.07
N GLU D 226 48.32 29.49 10.21
CA GLU D 226 47.92 28.49 11.22
C GLU D 226 47.21 29.20 12.39
N ALA D 227 46.39 28.48 13.13
CA ALA D 227 45.70 28.95 14.34
C ALA D 227 45.07 27.75 15.04
N VAL D 228 45.03 27.83 16.37
CA VAL D 228 44.25 26.93 17.26
C VAL D 228 43.62 27.87 18.25
N VAL D 229 42.33 28.01 18.22
CA VAL D 229 41.65 28.98 19.12
C VAL D 229 40.46 28.26 19.74
N ALA D 230 40.15 28.60 20.97
CA ALA D 230 38.90 28.18 21.59
C ALA D 230 38.39 29.35 22.40
N VAL D 231 37.06 29.47 22.49
CA VAL D 231 36.40 30.37 23.45
C VAL D 231 35.33 29.58 24.21
N LEU D 232 35.01 30.02 25.42
CA LEU D 232 33.84 29.54 26.20
C LEU D 232 32.74 30.58 26.08
N LEU D 233 31.61 30.21 25.46
CA LEU D 233 30.31 30.89 25.66
C LEU D 233 29.64 30.28 26.90
N THR D 234 28.95 31.10 27.68
CA THR D 234 28.00 30.67 28.75
C THR D 234 26.81 31.60 28.66
N LYS D 235 25.66 31.19 29.19
CA LYS D 235 24.55 32.13 29.52
C LYS D 235 25.06 33.09 30.60
N LYS D 236 24.70 34.39 30.50
CA LYS D 236 25.19 35.48 31.40
C LYS D 236 25.24 35.01 32.86
N SER D 237 24.19 34.32 33.31
CA SER D 237 24.00 33.98 34.74
C SER D 237 25.12 33.06 35.23
N LEU D 238 25.88 32.38 34.37
CA LEU D 238 26.93 31.42 34.82
C LEU D 238 28.32 32.05 34.72
N ALA D 239 28.44 33.21 34.07
CA ALA D 239 29.75 33.85 33.76
C ALA D 239 30.31 34.51 35.03
N ARG D 240 31.64 34.54 35.12
CA ARG D 240 32.39 35.42 36.04
C ARG D 240 33.03 36.53 35.20
N ARG D 241 34.09 36.23 34.46
CA ARG D 241 34.59 37.11 33.38
C ARG D 241 33.60 37.07 32.22
N VAL D 242 33.35 38.24 31.64
CA VAL D 242 32.53 38.50 30.42
C VAL D 242 33.32 39.46 29.53
N TYR D 243 33.92 38.98 28.44
CA TYR D 243 34.65 39.84 27.49
C TYR D 243 33.62 40.70 26.75
N ALA D 244 32.50 40.08 26.36
CA ALA D 244 31.45 40.72 25.55
C ALA D 244 30.18 39.88 25.53
N THR D 245 29.06 40.53 25.23
CA THR D 245 27.72 39.90 25.09
C THR D 245 27.41 39.79 23.60
N ILE D 246 27.00 38.62 23.13
CA ILE D 246 26.62 38.41 21.70
C ILE D 246 25.18 38.92 21.59
N LEU D 247 24.97 40.03 20.87
CA LEU D 247 23.65 40.69 20.70
C LEU D 247 22.85 39.97 19.63
N ASN D 248 23.53 39.49 18.60
CA ASN D 248 22.91 38.78 17.45
C ASN D 248 24.02 38.07 16.68
N ALA D 249 23.64 37.10 15.86
CA ALA D 249 24.53 36.39 14.94
C ALA D 249 23.70 35.59 13.94
N GLY D 250 24.10 35.55 12.68
CA GLY D 250 23.43 34.72 11.66
C GLY D 250 24.37 34.24 10.58
N THR D 251 23.84 33.38 9.72
CA THR D 251 24.49 32.88 8.48
C THR D 251 23.44 32.98 7.37
N ASN D 252 23.90 33.19 6.15
CA ASN D 252 23.16 32.89 4.91
C ASN D 252 24.18 32.31 3.92
N THR D 253 23.76 32.00 2.70
CA THR D 253 24.66 31.45 1.66
C THR D 253 24.37 32.19 0.36
N ASP D 254 25.41 32.40 -0.44
CA ASP D 254 25.36 33.30 -1.63
C ASP D 254 24.26 32.79 -2.57
N GLY D 255 24.05 31.48 -2.58
CA GLY D 255 23.09 30.87 -3.51
C GLY D 255 23.71 30.87 -4.89
N SER D 256 22.89 31.00 -5.95
CA SER D 256 23.32 31.03 -7.36
C SER D 256 23.94 32.38 -7.71
N LYS D 257 25.08 32.33 -8.40
CA LYS D 257 25.93 33.48 -8.81
C LYS D 257 26.43 33.24 -10.25
N GLU D 258 25.99 34.10 -11.19
CA GLU D 258 26.41 34.04 -12.61
C GLU D 258 27.94 33.89 -12.67
N GLN D 259 28.68 34.45 -11.69
CA GLN D 259 30.15 34.67 -11.79
C GLN D 259 30.97 33.43 -11.35
N GLY D 260 30.32 32.39 -10.78
CA GLY D 260 30.99 31.15 -10.34
C GLY D 260 30.78 30.88 -8.87
N VAL D 261 31.01 29.65 -8.40
CA VAL D 261 30.78 29.25 -6.98
C VAL D 261 31.75 29.99 -6.04
N THR D 262 32.98 30.27 -6.48
CA THR D 262 34.05 30.91 -5.66
C THR D 262 33.91 32.44 -5.62
N PHE D 263 32.99 33.05 -6.36
CA PHE D 263 32.83 34.53 -6.40
C PHE D 263 32.04 34.96 -5.17
N PRO D 264 32.64 35.76 -4.27
CA PRO D 264 31.96 36.19 -3.06
C PRO D 264 30.93 37.28 -3.39
N SER D 265 29.65 37.02 -3.14
CA SER D 265 28.52 37.95 -3.40
C SER D 265 28.47 39.01 -2.28
N GLY D 266 28.98 40.21 -2.58
CA GLY D 266 28.67 41.45 -1.83
C GLY D 266 27.19 41.60 -1.52
N GLU D 267 26.31 41.35 -2.49
CA GLU D 267 24.84 41.58 -2.39
C GLU D 267 24.30 40.70 -1.24
N VAL D 268 24.67 39.42 -1.23
CA VAL D 268 24.13 38.46 -0.23
C VAL D 268 24.74 38.77 1.15
N GLN D 269 26.02 39.15 1.19
CA GLN D 269 26.72 39.55 2.44
C GLN D 269 25.92 40.70 3.07
N GLU D 270 25.60 41.71 2.25
CA GLU D 270 24.77 42.88 2.61
C GLU D 270 23.44 42.37 3.17
N GLN D 271 22.76 41.46 2.47
CA GLN D 271 21.49 40.92 2.99
C GLN D 271 21.69 40.39 4.41
N LEU D 272 22.74 39.61 4.66
CA LEU D 272 22.98 39.00 6.00
C LEU D 272 23.09 40.12 7.04
N ILE D 273 23.95 41.12 6.80
CA ILE D 273 24.18 42.22 7.78
C ILE D 273 22.85 42.95 8.01
N CYS D 274 22.13 43.34 6.96
CA CYS D 274 20.80 44.01 7.06
C CYS D 274 19.84 43.18 7.92
N SER D 275 19.90 41.86 7.84
CA SER D 275 18.92 40.97 8.54
C SER D 275 19.18 41.01 10.04
N LEU D 276 20.37 41.42 10.48
CA LEU D 276 20.82 41.25 11.89
C LEU D 276 20.74 42.54 12.72
N TYR D 277 20.68 43.72 12.09
CA TYR D 277 20.69 45.05 12.75
C TYR D 277 19.26 45.56 12.99
N GLN D 278 18.81 46.52 12.17
CA GLN D 278 17.48 47.16 12.32
C GLN D 278 16.44 46.10 12.66
N PRO D 279 16.28 45.01 11.89
CA PRO D 279 15.22 44.07 12.20
C PRO D 279 15.32 43.46 13.61
N ALA D 280 16.42 43.62 14.37
CA ALA D 280 16.50 43.18 15.79
C ALA D 280 16.63 44.39 16.71
N GLY D 281 16.35 45.59 16.17
CA GLY D 281 16.38 46.85 16.93
C GLY D 281 17.77 47.16 17.42
N LEU D 282 18.79 46.87 16.59
CA LEU D 282 20.21 47.25 16.81
C LEU D 282 20.61 48.21 15.68
N ALA D 283 20.93 49.45 16.02
CA ALA D 283 21.24 50.51 15.03
C ALA D 283 22.65 50.32 14.53
N PRO D 284 22.86 50.33 13.20
CA PRO D 284 24.20 50.46 12.64
C PRO D 284 24.96 51.65 13.24
N GLU D 285 24.24 52.69 13.68
CA GLU D 285 24.83 53.90 14.31
C GLU D 285 25.63 53.48 15.54
N SER D 286 25.22 52.41 16.24
CA SER D 286 25.74 51.96 17.55
C SER D 286 27.08 51.22 17.44
N LEU D 287 27.55 50.93 16.22
CA LEU D 287 28.88 50.31 15.98
C LEU D 287 29.98 51.34 16.17
N GLU D 288 31.03 50.96 16.88
CA GLU D 288 32.34 51.65 16.85
C GLU D 288 33.17 51.12 15.68
N TYR D 289 33.21 49.80 15.51
CA TYR D 289 34.25 49.07 14.73
C TYR D 289 33.64 47.81 14.10
N ILE D 290 34.07 47.47 12.89
CA ILE D 290 33.69 46.20 12.21
C ILE D 290 34.99 45.49 11.81
N GLU D 291 35.20 44.28 12.31
CA GLU D 291 36.32 43.42 11.92
C GLU D 291 35.90 42.74 10.61
N ALA D 292 36.42 43.21 9.49
CA ALA D 292 36.04 42.68 8.17
C ALA D 292 36.75 41.35 7.99
N HIS D 293 36.29 40.56 7.04
CA HIS D 293 36.97 39.35 6.53
C HIS D 293 38.31 39.77 5.95
N GLY D 294 38.31 40.91 5.24
CA GLY D 294 39.47 41.54 4.57
C GLY D 294 40.65 40.62 4.32
N THR D 295 40.55 39.70 3.34
CA THR D 295 41.65 38.79 2.91
C THR D 295 42.65 39.49 1.98
N GLY D 296 42.31 40.63 1.38
CA GLY D 296 43.22 41.37 0.49
C GLY D 296 43.26 40.77 -0.93
N THR D 297 42.07 40.57 -1.50
CA THR D 297 41.82 39.94 -2.83
C THR D 297 41.16 40.99 -3.72
N LYS D 298 41.47 40.97 -5.03
CA LYS D 298 40.99 42.00 -6.01
C LYS D 298 39.45 42.05 -5.97
N VAL D 299 38.80 40.91 -5.78
CA VAL D 299 37.31 40.79 -5.80
C VAL D 299 36.77 40.79 -4.38
N GLY D 300 37.50 40.17 -3.45
CA GLY D 300 36.99 39.97 -2.07
C GLY D 300 36.75 41.30 -1.37
N ASP D 301 37.76 42.16 -1.41
CA ASP D 301 37.80 43.38 -0.58
C ASP D 301 36.64 44.27 -1.00
N PRO D 302 36.53 44.66 -2.30
CA PRO D 302 35.46 45.55 -2.76
C PRO D 302 34.04 45.02 -2.55
N GLN D 303 33.82 43.73 -2.80
CA GLN D 303 32.50 43.08 -2.54
C GLN D 303 32.12 43.27 -1.08
N GLU D 304 33.01 42.88 -0.16
CA GLU D 304 32.73 42.91 1.29
C GLU D 304 32.46 44.35 1.72
N LEU D 305 33.40 45.26 1.43
CA LEU D 305 33.39 46.63 2.04
C LEU D 305 32.25 47.45 1.45
N ASN D 306 31.91 47.23 0.18
CA ASN D 306 30.82 47.98 -0.49
C ASN D 306 29.50 47.43 0.04
N GLY D 307 29.46 46.13 0.35
CA GLY D 307 28.38 45.54 1.17
C GLY D 307 28.26 46.24 2.52
N ILE D 308 29.38 46.45 3.22
CA ILE D 308 29.34 47.13 4.55
C ILE D 308 28.88 48.58 4.33
N THR D 309 29.34 49.22 3.26
CA THR D 309 28.91 50.58 2.87
C THR D 309 27.38 50.60 2.79
N ARG D 310 26.78 49.69 2.00
CA ARG D 310 25.32 49.69 1.65
C ARG D 310 24.47 49.25 2.87
N SER D 311 25.02 48.41 3.75
CA SER D 311 24.25 47.75 4.84
C SER D 311 24.38 48.53 6.15
N LEU D 312 25.50 49.24 6.35
CA LEU D 312 25.85 49.90 7.64
C LEU D 312 26.10 51.40 7.41
N CYS D 313 27.18 51.79 6.73
CA CYS D 313 27.54 53.21 6.52
C CYS D 313 26.31 54.05 6.12
N ALA D 314 25.48 53.53 5.21
CA ALA D 314 24.33 54.22 4.63
C ALA D 314 23.30 54.61 5.70
N PHE D 315 23.42 54.09 6.92
CA PHE D 315 22.53 54.43 8.07
C PHE D 315 23.34 55.06 9.21
N ARG D 316 24.40 55.82 8.88
CA ARG D 316 25.33 56.40 9.89
C ARG D 316 25.79 57.82 9.52
N GLN D 317 25.85 58.72 10.51
CA GLN D 317 26.58 60.03 10.42
C GLN D 317 28.05 59.76 10.70
N ALA D 318 28.37 58.91 11.67
CA ALA D 318 29.75 58.66 12.16
C ALA D 318 30.55 57.84 11.14
N PRO D 319 31.86 58.14 10.93
CA PRO D 319 32.75 57.20 10.25
C PRO D 319 32.82 55.88 11.03
N LEU D 320 32.76 54.73 10.33
CA LEU D 320 32.86 53.38 10.93
C LEU D 320 34.32 52.96 10.86
N LEU D 321 34.92 52.58 12.00
CA LEU D 321 36.27 51.99 12.01
C LEU D 321 36.20 50.60 11.39
N ILE D 322 37.23 50.17 10.66
CA ILE D 322 37.30 48.83 10.01
C ILE D 322 38.73 48.33 10.09
N GLY D 323 38.91 47.04 10.39
CA GLY D 323 40.23 46.39 10.39
C GLY D 323 40.14 44.94 9.99
N SER D 324 41.28 44.29 9.77
CA SER D 324 41.39 42.83 9.54
C SER D 324 42.64 42.28 10.24
N THR D 325 42.42 41.35 11.16
CA THR D 325 43.53 40.65 11.83
C THR D 325 44.42 39.97 10.78
N LYS D 326 43.95 39.81 9.54
CA LYS D 326 44.70 39.03 8.53
C LYS D 326 45.91 39.82 8.05
N SER D 327 45.83 41.15 8.02
CA SER D 327 46.97 42.05 7.71
C SER D 327 48.14 41.72 8.63
N ASN D 328 47.84 41.34 9.87
CA ASN D 328 48.82 41.15 10.98
C ASN D 328 49.42 39.73 10.93
N MET D 329 48.63 38.69 10.64
CA MET D 329 49.05 37.29 10.91
C MET D 329 48.67 36.34 9.78
N GLY D 330 48.09 36.88 8.72
CA GLY D 330 47.52 36.07 7.64
C GLY D 330 46.17 35.48 7.96
N HIS D 331 45.74 34.60 7.07
CA HIS D 331 44.42 33.96 6.94
C HIS D 331 44.52 32.52 7.42
N PRO D 332 43.99 32.18 8.61
CA PRO D 332 44.03 30.81 9.09
C PRO D 332 42.79 30.02 8.64
N GLU D 333 42.20 30.45 7.53
CA GLU D 333 41.06 29.75 6.87
C GLU D 333 39.94 29.53 7.89
N PRO D 334 39.52 28.31 8.28
CA PRO D 334 38.32 28.15 9.10
C PRO D 334 38.45 28.81 10.48
N ALA D 335 39.69 28.96 10.95
CA ALA D 335 40.01 29.61 12.25
C ALA D 335 40.01 31.13 12.09
N SER D 336 39.85 31.65 10.87
CA SER D 336 39.77 33.11 10.59
C SER D 336 38.90 33.83 11.65
N GLY D 337 37.67 33.38 11.87
CA GLY D 337 36.69 34.10 12.69
C GLY D 337 37.08 34.23 14.16
N LEU D 338 37.59 33.17 14.78
CA LEU D 338 37.98 33.17 16.22
C LEU D 338 39.36 33.81 16.39
N ALA D 339 40.28 33.58 15.46
CA ALA D 339 41.51 34.40 15.36
C ALA D 339 41.12 35.89 15.36
N ALA D 340 40.28 36.30 14.42
CA ALA D 340 39.73 37.67 14.35
C ALA D 340 39.12 38.08 15.71
N LEU D 341 38.36 37.18 16.34
CA LEU D 341 37.64 37.49 17.59
C LEU D 341 38.64 37.80 18.71
N THR D 342 39.74 37.04 18.82
CA THR D 342 40.72 37.27 19.91
C THR D 342 41.30 38.70 19.78
N LYS D 343 41.66 39.15 18.58
CA LYS D 343 42.12 40.54 18.28
C LYS D 343 41.04 41.55 18.72
N VAL D 344 39.74 41.31 18.48
CA VAL D 344 38.67 42.26 18.93
C VAL D 344 38.60 42.29 20.47
N LEU D 345 38.66 41.14 21.14
CA LEU D 345 38.54 41.13 22.62
C LEU D 345 39.82 41.67 23.28
N LEU D 346 41.01 41.27 22.83
CA LEU D 346 42.28 41.83 23.33
C LEU D 346 42.26 43.36 23.17
N SER D 347 41.89 43.85 22.00
CA SER D 347 41.76 45.30 21.74
C SER D 347 40.84 45.93 22.79
N LEU D 348 39.62 45.39 22.99
CA LEU D 348 38.64 45.98 23.94
C LEU D 348 39.23 45.97 25.37
N GLU D 349 39.92 44.91 25.78
CA GLU D 349 40.37 44.77 27.18
C GLU D 349 41.45 45.82 27.47
N HIS D 350 42.31 46.10 26.49
CA HIS D 350 43.46 47.02 26.59
C HIS D 350 43.04 48.47 26.25
N GLY D 351 41.81 48.67 25.78
CA GLY D 351 41.28 50.00 25.48
C GLY D 351 41.95 50.65 24.28
N VAL D 352 42.56 49.86 23.38
CA VAL D 352 43.14 50.41 22.10
C VAL D 352 43.03 49.39 20.94
N TRP D 353 42.52 49.81 19.78
CA TRP D 353 42.39 48.96 18.55
C TRP D 353 43.77 48.72 17.98
N ALA D 354 44.17 47.46 17.85
CA ALA D 354 45.41 47.05 17.17
C ALA D 354 45.31 47.41 15.69
N PRO D 355 46.17 48.30 15.19
CA PRO D 355 46.11 48.68 13.79
C PRO D 355 46.52 47.55 12.82
N ASN D 356 46.00 47.66 11.60
CA ASN D 356 46.32 46.78 10.45
C ASN D 356 47.76 47.05 10.05
N LEU D 357 48.41 46.08 9.43
CA LEU D 357 49.61 46.32 8.62
C LEU D 357 49.18 46.55 7.18
N HIS D 358 50.13 47.02 6.37
CA HIS D 358 50.18 46.85 4.90
C HIS D 358 49.18 47.76 4.19
N PHE D 359 48.52 48.65 4.92
CA PHE D 359 47.52 49.61 4.38
C PHE D 359 48.22 50.90 3.97
N HIS D 360 48.53 51.05 2.68
CA HIS D 360 49.28 52.23 2.15
C HIS D 360 48.30 53.11 1.38
N ASN D 361 47.64 52.63 0.33
CA ASN D 361 46.66 53.40 -0.46
C ASN D 361 45.42 52.54 -0.64
N PRO D 362 44.21 53.08 -0.36
CA PRO D 362 42.97 52.33 -0.52
C PRO D 362 42.76 51.78 -1.93
N ASN D 363 42.24 50.56 -2.01
CA ASN D 363 41.59 50.00 -3.22
C ASN D 363 40.59 51.05 -3.71
N PRO D 364 40.78 51.58 -4.95
CA PRO D 364 39.95 52.68 -5.46
C PRO D 364 38.54 52.28 -5.93
N GLU D 365 38.22 50.97 -5.93
CA GLU D 365 36.87 50.43 -6.25
C GLU D 365 35.95 50.52 -5.03
N ILE D 366 36.40 51.15 -3.94
CA ILE D 366 35.68 51.11 -2.63
C ILE D 366 35.42 52.55 -2.20
N PRO D 367 34.41 53.23 -2.81
CA PRO D 367 34.18 54.65 -2.55
C PRO D 367 34.31 55.06 -1.07
N ALA D 368 33.82 54.22 -0.15
CA ALA D 368 33.68 54.55 1.29
C ALA D 368 35.06 54.75 1.94
N LEU D 369 36.14 54.18 1.39
CA LEU D 369 37.53 54.36 1.89
C LEU D 369 38.05 55.74 1.47
N LEU D 370 37.56 56.26 0.34
CA LEU D 370 38.00 57.53 -0.29
C LEU D 370 37.27 58.74 0.32
N ASP D 371 36.01 58.63 0.75
CA ASP D 371 35.27 59.74 1.41
C ASP D 371 35.16 59.53 2.93
N GLY D 372 35.92 58.59 3.50
CA GLY D 372 36.04 58.38 4.96
C GLY D 372 34.74 58.01 5.67
N ARG D 373 33.76 57.44 4.98
CA ARG D 373 32.62 56.73 5.64
C ARG D 373 33.17 55.48 6.35
N LEU D 374 34.15 54.81 5.74
CA LEU D 374 34.98 53.74 6.37
C LEU D 374 36.38 54.30 6.67
N GLN D 375 36.88 54.07 7.90
CA GLN D 375 38.22 54.47 8.37
C GLN D 375 39.02 53.22 8.76
N VAL D 376 39.95 52.79 7.91
CA VAL D 376 40.92 51.72 8.26
C VAL D 376 41.68 52.12 9.52
N VAL D 377 41.63 51.29 10.54
CA VAL D 377 42.55 51.40 11.70
C VAL D 377 43.98 51.06 11.23
N ASP D 378 44.75 52.10 10.90
CA ASP D 378 46.18 52.05 10.50
C ASP D 378 47.08 52.74 11.54
N ARG D 379 46.50 53.40 12.55
CA ARG D 379 47.18 53.98 13.74
C ARG D 379 46.56 53.32 14.98
N PRO D 380 47.21 53.27 16.16
CA PRO D 380 46.54 52.80 17.37
C PRO D 380 45.49 53.83 17.80
N LEU D 381 44.22 53.45 17.79
CA LEU D 381 43.11 54.36 18.17
C LEU D 381 42.55 53.90 19.51
N PRO D 382 42.44 54.78 20.51
CA PRO D 382 41.81 54.40 21.77
C PRO D 382 40.35 54.01 21.57
N VAL D 383 39.85 53.08 22.39
CA VAL D 383 38.45 52.59 22.29
C VAL D 383 37.54 53.67 22.89
N ARG D 384 36.48 54.05 22.19
CA ARG D 384 35.60 55.18 22.56
C ARG D 384 34.28 54.67 23.13
N GLY D 385 33.84 53.49 22.71
CA GLY D 385 32.57 52.88 23.15
C GLY D 385 31.67 52.63 21.97
N GLY D 386 30.94 51.51 21.99
CA GLY D 386 30.16 51.02 20.85
C GLY D 386 30.21 49.52 20.71
N ASN D 387 29.35 49.00 19.83
CA ASN D 387 29.25 47.56 19.52
C ASN D 387 30.28 47.25 18.45
N VAL D 388 30.49 45.96 18.17
CA VAL D 388 31.50 45.48 17.19
C VAL D 388 30.82 44.43 16.29
N GLY D 389 30.96 44.57 14.98
CA GLY D 389 30.59 43.51 14.03
C GLY D 389 31.80 42.67 13.67
N ILE D 390 31.60 41.38 13.37
CA ILE D 390 32.66 40.48 12.84
C ILE D 390 32.09 39.74 11.62
N ASN D 391 32.68 39.97 10.45
CA ASN D 391 32.35 39.24 9.19
C ASN D 391 33.28 38.04 9.10
N SER D 392 32.79 36.92 8.57
CA SER D 392 33.60 35.76 8.09
C SER D 392 32.84 35.04 6.98
N PHE D 393 33.54 34.67 5.91
CA PHE D 393 32.95 34.13 4.65
C PHE D 393 33.81 32.98 4.14
N GLY D 394 33.17 31.93 3.63
CA GLY D 394 33.84 30.81 2.97
C GLY D 394 33.81 30.94 1.45
N PHE D 395 34.70 30.22 0.77
CA PHE D 395 34.87 30.23 -0.71
C PHE D 395 33.73 29.49 -1.38
N GLY D 396 32.84 28.83 -0.63
CA GLY D 396 31.62 28.18 -1.14
C GLY D 396 30.39 29.04 -0.92
N GLY D 397 30.53 30.13 -0.17
CA GLY D 397 29.53 31.21 -0.09
C GLY D 397 28.80 31.25 1.24
N SER D 398 29.23 30.46 2.24
CA SER D 398 28.72 30.50 3.63
C SER D 398 29.15 31.81 4.30
N ASN D 399 28.18 32.63 4.71
CA ASN D 399 28.42 33.97 5.28
C ASN D 399 28.02 33.93 6.74
N VAL D 400 28.83 34.53 7.61
CA VAL D 400 28.51 34.68 9.05
C VAL D 400 28.80 36.12 9.48
N HIS D 401 27.92 36.68 10.28
CA HIS D 401 28.15 37.98 10.96
C HIS D 401 27.67 37.86 12.40
N VAL D 402 28.37 38.56 13.28
CA VAL D 402 28.24 38.47 14.76
C VAL D 402 28.32 39.90 15.30
N ILE D 403 27.37 40.30 16.14
CA ILE D 403 27.38 41.64 16.80
C ILE D 403 27.70 41.42 18.29
N LEU D 404 28.67 42.17 18.81
CA LEU D 404 29.14 42.11 20.22
C LEU D 404 28.91 43.45 20.91
N GLN D 405 28.48 43.38 22.17
CA GLN D 405 28.44 44.50 23.14
C GLN D 405 29.60 44.31 24.11
N PRO D 406 30.64 45.16 24.00
CA PRO D 406 31.77 45.07 24.90
C PRO D 406 31.29 45.22 26.36
N ASN D 407 31.90 44.46 27.26
CA ASN D 407 31.76 44.63 28.73
C ASN D 407 32.52 45.90 29.15
N THR D 408 31.86 46.83 29.85
CA THR D 408 32.48 48.11 30.29
C THR D 408 32.34 48.28 31.81
N ARG D 409 31.75 47.31 32.52
CA ARG D 409 31.69 47.28 34.01
C ARG D 409 33.06 47.67 34.57
N GLN D 410 33.09 48.65 35.48
CA GLN D 410 34.29 48.99 36.30
C GLN D 410 34.10 48.40 37.69
N ALA D 411 35.19 48.23 38.44
CA ALA D 411 35.16 47.71 39.83
C ALA D 411 34.53 48.79 40.71
N PRO D 412 33.58 48.47 41.63
CA PRO D 412 33.14 49.44 42.62
C PRO D 412 34.33 49.89 43.49
N ALA D 413 34.30 51.15 43.95
CA ALA D 413 35.34 51.73 44.84
C ALA D 413 35.43 50.89 46.11
N PRO D 414 36.64 50.71 46.73
CA PRO D 414 36.77 49.88 47.92
C PRO D 414 36.02 50.45 49.14
N THR D 415 36.04 49.74 50.27
CA THR D 415 35.34 50.11 51.54
C THR D 415 36.22 49.73 52.75
N ALA D 416 35.74 50.06 53.97
CA ALA D 416 36.38 49.80 55.28
C ALA D 416 37.00 48.40 55.33
N HIS D 417 36.16 47.36 55.22
CA HIS D 417 36.53 45.91 55.36
C HIS D 417 36.71 45.26 53.97
N ALA D 418 37.47 45.93 53.09
CA ALA D 418 38.16 45.36 51.89
C ALA D 418 39.68 45.47 52.07
N ALA D 419 40.15 46.28 53.04
CA ALA D 419 41.56 46.48 53.47
C ALA D 419 41.92 45.43 54.54
N LEU D 420 41.69 44.16 54.21
CA LEU D 420 41.90 42.96 55.07
C LEU D 420 42.91 42.06 54.40
N PRO D 421 43.60 41.15 55.13
CA PRO D 421 44.28 40.03 54.49
C PRO D 421 43.31 39.23 53.61
N HIS D 422 43.74 38.78 52.44
CA HIS D 422 43.00 37.79 51.61
C HIS D 422 43.88 36.56 51.44
N LEU D 423 43.28 35.45 51.02
CA LEU D 423 44.03 34.19 50.78
C LEU D 423 43.79 33.83 49.31
N LEU D 424 44.86 33.39 48.63
CA LEU D 424 44.87 32.99 47.20
C LEU D 424 45.43 31.58 47.10
N HIS D 425 44.76 30.71 46.36
CA HIS D 425 45.16 29.30 46.15
C HIS D 425 45.53 29.05 44.69
N ALA D 426 46.27 28.00 44.42
CA ALA D 426 46.56 27.56 43.04
C ALA D 426 46.97 26.10 43.04
N SER D 427 46.69 25.45 41.91
CA SER D 427 47.05 24.05 41.57
C SER D 427 47.70 24.07 40.18
N GLY D 428 48.49 23.06 39.85
CA GLY D 428 49.20 23.06 38.57
C GLY D 428 49.95 21.77 38.30
N ARG D 429 50.44 21.62 37.09
CA ARG D 429 51.07 20.36 36.66
C ARG D 429 52.52 20.36 37.11
N THR D 430 53.05 21.56 37.40
CA THR D 430 54.48 21.81 37.68
C THR D 430 54.62 22.88 38.75
N LEU D 431 55.73 22.86 39.45
CA LEU D 431 56.13 23.94 40.38
C LEU D 431 55.93 25.29 39.68
N GLU D 432 56.38 25.47 38.43
CA GLU D 432 56.32 26.78 37.70
C GLU D 432 54.85 27.17 37.56
N ALA D 433 53.98 26.21 37.29
CA ALA D 433 52.54 26.46 37.06
C ALA D 433 51.98 27.21 38.28
N VAL D 434 52.28 26.72 39.48
CA VAL D 434 51.71 27.30 40.73
C VAL D 434 52.35 28.67 40.98
N GLN D 435 53.69 28.69 40.92
CA GLN D 435 54.54 29.88 41.14
C GLN D 435 53.99 31.05 40.32
N ASP D 436 53.62 30.79 39.07
CA ASP D 436 53.19 31.82 38.09
C ASP D 436 51.81 32.33 38.50
N LEU D 437 50.90 31.46 38.93
CA LEU D 437 49.53 31.92 39.27
C LEU D 437 49.57 32.74 40.56
N LEU D 438 50.41 32.34 41.52
CA LEU D 438 50.51 33.08 42.80
C LEU D 438 51.12 34.45 42.52
N GLU D 439 52.26 34.49 41.79
CA GLU D 439 52.95 35.74 41.41
C GLU D 439 51.94 36.72 40.78
N GLN D 440 51.03 36.24 39.94
CA GLN D 440 50.04 37.09 39.23
C GLN D 440 49.01 37.62 40.22
N GLY D 441 48.47 36.74 41.06
CA GLY D 441 47.54 37.15 42.13
C GLY D 441 48.19 38.19 43.02
N ARG D 442 49.46 37.99 43.39
CA ARG D 442 50.23 38.94 44.24
C ARG D 442 50.38 40.29 43.51
N GLN D 443 50.91 40.28 42.30
CA GLN D 443 51.09 41.51 41.48
C GLN D 443 49.75 42.22 41.27
N HIS D 444 48.62 41.53 41.46
CA HIS D 444 47.26 42.07 41.18
C HIS D 444 46.34 41.89 42.40
N SER D 445 46.90 41.75 43.59
CA SER D 445 46.14 41.40 44.82
C SER D 445 44.93 42.34 45.01
N GLN D 446 45.01 43.59 44.58
CA GLN D 446 43.91 44.56 44.83
C GLN D 446 42.73 44.26 43.91
N ASP D 447 42.90 43.50 42.82
CA ASP D 447 41.79 43.07 41.91
C ASP D 447 41.06 41.90 42.58
N LEU D 448 39.86 42.18 43.11
CA LEU D 448 39.15 41.24 43.99
C LEU D 448 38.47 40.19 43.12
N ALA D 449 37.88 40.61 42.01
CA ALA D 449 37.34 39.69 40.98
C ALA D 449 38.47 38.74 40.50
N PHE D 450 39.66 39.26 40.20
CA PHE D 450 40.77 38.45 39.67
C PHE D 450 41.21 37.42 40.72
N VAL D 451 41.35 37.83 41.98
CA VAL D 451 41.73 36.87 43.07
C VAL D 451 40.62 35.82 43.23
N SER D 452 39.36 36.25 43.10
CA SER D 452 38.14 35.43 43.28
C SER D 452 38.17 34.31 42.24
N MET D 453 38.30 34.72 40.98
CA MET D 453 38.42 33.82 39.81
C MET D 453 39.63 32.90 40.00
N LEU D 454 40.78 33.47 40.37
CA LEU D 454 42.00 32.62 40.50
C LEU D 454 41.72 31.52 41.53
N ASN D 455 40.88 31.81 42.54
CA ASN D 455 40.55 30.88 43.65
C ASN D 455 39.56 29.82 43.17
N ASP D 456 38.60 30.21 42.32
CA ASP D 456 37.60 29.29 41.73
C ASP D 456 38.31 28.19 40.91
N ILE D 457 39.36 28.51 40.17
CA ILE D 457 40.01 27.51 39.27
C ILE D 457 41.01 26.67 40.04
N ALA D 458 41.17 26.87 41.34
CA ALA D 458 42.29 26.25 42.10
C ALA D 458 41.92 24.85 42.58
N ALA D 459 40.63 24.58 42.76
CA ALA D 459 40.13 23.30 43.31
C ALA D 459 40.11 22.27 42.18
N THR D 460 41.01 21.30 42.20
CA THR D 460 41.21 20.36 41.07
C THR D 460 41.59 18.99 41.61
N PRO D 461 41.21 17.88 40.94
CA PRO D 461 41.69 16.55 41.32
C PRO D 461 43.22 16.54 41.41
N THR D 462 43.78 15.94 42.46
CA THR D 462 45.22 16.04 42.80
C THR D 462 46.05 15.06 41.94
N ALA D 463 45.40 14.09 41.27
CA ALA D 463 46.07 13.21 40.30
C ALA D 463 46.40 14.07 39.07
N ALA D 464 45.44 14.92 38.71
CA ALA D 464 45.46 15.79 37.52
C ALA D 464 46.48 16.93 37.72
N MET D 465 46.42 17.60 38.87
CA MET D 465 47.30 18.76 39.21
C MET D 465 48.04 18.46 40.51
N PRO D 466 49.16 17.70 40.46
CA PRO D 466 49.90 17.31 41.66
C PRO D 466 50.57 18.45 42.45
N PHE D 467 50.64 19.66 41.92
CA PHE D 467 51.28 20.81 42.60
C PHE D 467 50.19 21.76 43.10
N ARG D 468 50.35 22.21 44.35
CA ARG D 468 49.48 23.24 44.96
C ARG D 468 50.36 24.20 45.76
N GLY D 469 49.86 25.42 45.91
CA GLY D 469 50.44 26.49 46.73
C GLY D 469 49.34 27.43 47.18
N TYR D 470 49.63 28.22 48.20
CA TYR D 470 48.79 29.34 48.64
C TYR D 470 49.75 30.50 48.87
N THR D 471 49.18 31.70 48.99
CA THR D 471 49.91 32.89 49.46
C THR D 471 48.89 33.76 50.18
N VAL D 472 49.29 34.41 51.27
CA VAL D 472 48.40 35.38 51.96
C VAL D 472 48.74 36.78 51.42
N LEU D 473 47.75 37.45 50.83
CA LEU D 473 47.84 38.82 50.27
C LEU D 473 47.55 39.81 51.39
N GLY D 474 47.93 41.08 51.22
CA GLY D 474 47.61 42.19 52.15
C GLY D 474 48.37 42.10 53.47
N VAL D 475 49.57 41.52 53.48
CA VAL D 475 50.41 41.35 54.71
C VAL D 475 51.90 41.43 54.34
N GLU D 476 52.76 41.43 55.35
CA GLU D 476 54.08 42.10 55.32
C GLU D 476 55.08 41.27 54.52
N GLY D 477 55.21 39.98 54.77
CA GLY D 477 56.31 39.21 54.18
C GLY D 477 56.00 38.80 52.75
N ARG D 478 56.51 37.64 52.35
CA ARG D 478 55.90 36.79 51.30
C ARG D 478 55.45 35.52 52.02
N VAL D 479 54.25 35.50 52.60
CA VAL D 479 53.68 34.25 53.17
C VAL D 479 53.21 33.40 51.99
N GLN D 480 54.03 32.46 51.58
CA GLN D 480 53.71 31.61 50.40
C GLN D 480 54.37 30.23 50.60
N GLU D 481 53.61 29.18 50.36
CA GLU D 481 54.11 27.79 50.37
C GLU D 481 53.59 27.15 49.11
N VAL D 482 54.36 26.22 48.54
CA VAL D 482 54.00 25.47 47.31
C VAL D 482 54.61 24.08 47.41
N GLN D 483 53.84 23.02 47.18
CA GLN D 483 54.43 21.65 47.19
C GLN D 483 53.58 20.64 46.40
N GLN D 484 54.20 19.48 46.16
CA GLN D 484 53.60 18.29 45.50
C GLN D 484 52.64 17.65 46.51
N VAL D 485 51.68 16.85 46.08
CA VAL D 485 50.74 16.17 47.03
C VAL D 485 50.71 14.67 46.72
N SER D 486 50.62 13.83 47.77
CA SER D 486 50.35 12.36 47.76
C SER D 486 48.88 12.15 47.41
N THR D 487 48.60 11.74 46.17
CA THR D 487 47.25 11.79 45.55
C THR D 487 46.42 10.62 46.09
N ASN D 488 46.20 10.60 47.40
CA ASN D 488 45.36 9.59 48.10
C ASN D 488 44.22 10.34 48.79
N LYS D 489 43.36 9.59 49.49
CA LYS D 489 42.29 10.14 50.38
C LYS D 489 42.98 10.74 51.60
N ARG D 490 42.80 12.05 51.82
CA ARG D 490 43.22 12.76 53.05
C ARG D 490 41.95 13.16 53.79
N PRO D 491 41.53 12.36 54.80
CA PRO D 491 40.29 12.63 55.54
C PRO D 491 40.48 13.73 56.60
N LEU D 492 39.45 14.56 56.73
CA LEU D 492 39.50 15.85 57.47
C LEU D 492 38.82 15.66 58.82
N TRP D 493 39.61 15.76 59.91
CA TRP D 493 39.15 15.64 61.31
C TRP D 493 39.16 17.00 62.01
N PHE D 494 38.06 17.38 62.64
CA PHE D 494 37.97 18.54 63.58
C PHE D 494 38.24 18.09 65.02
N ILE D 495 38.96 18.91 65.79
CA ILE D 495 39.17 18.72 67.26
C ILE D 495 38.76 20.02 67.96
N CYS D 496 37.65 20.02 68.68
CA CYS D 496 37.23 21.19 69.51
C CYS D 496 37.88 21.09 70.89
N SER D 497 38.67 22.09 71.29
CA SER D 497 39.54 22.04 72.49
C SER D 497 38.80 22.53 73.73
N GLY D 498 39.42 22.34 74.90
CA GLY D 498 38.77 22.55 76.21
C GLY D 498 39.00 23.94 76.79
N MET D 499 38.77 24.05 78.09
CA MET D 499 39.21 25.15 78.99
C MET D 499 40.73 25.31 78.85
N GLY D 500 41.23 26.53 79.07
CA GLY D 500 42.67 26.84 79.09
C GLY D 500 43.16 27.20 77.70
N THR D 501 42.24 27.62 76.84
CA THR D 501 42.52 28.20 75.50
C THR D 501 42.10 29.68 75.53
N GLN D 502 41.50 30.15 76.62
CA GLN D 502 41.05 31.56 76.80
C GLN D 502 42.32 32.43 76.93
N TRP D 503 42.18 33.69 76.51
CA TRP D 503 43.22 34.75 76.56
C TRP D 503 42.56 36.09 76.24
N ARG D 504 43.08 37.21 76.77
CA ARG D 504 42.40 38.54 76.66
C ARG D 504 42.47 39.00 75.20
N GLY D 505 41.34 39.50 74.69
CA GLY D 505 41.17 39.96 73.30
C GLY D 505 41.31 38.84 72.28
N MET D 506 41.10 37.58 72.70
CA MET D 506 40.89 36.42 71.79
C MET D 506 39.71 36.78 70.86
N GLY D 507 39.80 36.38 69.59
CA GLY D 507 38.74 36.61 68.59
C GLY D 507 38.50 38.07 68.23
N LEU D 508 39.28 39.03 68.73
CA LEU D 508 39.18 40.46 68.31
C LEU D 508 39.60 40.61 66.85
N SER D 509 40.71 39.95 66.47
CA SER D 509 41.26 39.89 65.10
C SER D 509 40.18 39.38 64.14
N LEU D 510 39.61 38.22 64.43
CA LEU D 510 38.64 37.52 63.54
C LEU D 510 37.33 38.30 63.43
N MET D 511 37.02 39.19 64.36
CA MET D 511 35.70 39.92 64.36
C MET D 511 35.50 40.70 63.05
N ARG D 512 36.59 41.06 62.34
CA ARG D 512 36.57 41.85 61.07
C ARG D 512 35.95 41.03 59.93
N LEU D 513 36.19 39.71 59.87
CA LEU D 513 35.46 38.82 58.91
C LEU D 513 33.97 38.83 59.29
N ASP D 514 33.21 39.77 58.73
CA ASP D 514 31.72 39.82 58.78
C ASP D 514 31.13 38.47 59.21
N SER D 515 31.49 37.38 58.53
CA SER D 515 30.88 36.03 58.72
C SER D 515 31.15 35.51 60.14
N PHE D 516 32.33 35.79 60.68
CA PHE D 516 32.73 35.43 62.07
C PHE D 516 31.93 36.28 63.06
N ARG D 517 31.95 37.61 62.86
CA ARG D 517 31.15 38.62 63.62
C ARG D 517 29.67 38.24 63.62
N GLU D 518 29.14 37.67 62.52
CA GLU D 518 27.69 37.35 62.42
C GLU D 518 27.36 36.16 63.32
N SER D 519 28.24 35.14 63.35
CA SER D 519 28.07 33.91 64.18
C SER D 519 28.04 34.30 65.65
N ILE D 520 28.91 35.25 66.02
CA ILE D 520 29.05 35.79 67.40
C ILE D 520 27.75 36.49 67.79
N LEU D 521 27.23 37.39 66.93
CA LEU D 521 25.99 38.18 67.16
C LEU D 521 24.77 37.26 67.23
N ARG D 522 24.84 36.07 66.62
CA ARG D 522 23.74 35.06 66.75
C ARG D 522 23.89 34.40 68.13
N SER D 523 25.13 34.17 68.58
CA SER D 523 25.47 33.64 69.93
C SER D 523 25.00 34.66 70.99
N ASP D 524 25.15 35.95 70.70
CA ASP D 524 24.73 37.09 71.55
C ASP D 524 23.23 37.04 71.83
N GLU D 525 22.42 36.66 70.84
CA GLU D 525 20.94 36.71 70.92
C GLU D 525 20.44 35.57 71.81
N ALA D 526 21.17 34.44 71.84
CA ALA D 526 20.93 33.30 72.76
C ALA D 526 20.92 33.80 74.21
N VAL D 527 22.00 34.47 74.61
CA VAL D 527 22.32 34.76 76.03
C VAL D 527 22.20 36.27 76.28
N LYS D 528 21.44 36.99 75.45
CA LYS D 528 21.22 38.46 75.62
C LYS D 528 20.28 38.66 76.81
N PRO D 529 19.13 37.94 76.88
CA PRO D 529 18.25 37.99 78.05
C PRO D 529 18.96 37.75 79.39
N LEU D 530 19.91 36.81 79.46
CA LEU D 530 20.67 36.47 80.70
C LEU D 530 21.72 37.55 81.03
N GLY D 531 21.72 38.70 80.33
CA GLY D 531 22.54 39.88 80.66
C GLY D 531 24.03 39.68 80.43
N VAL D 532 24.40 38.90 79.41
CA VAL D 532 25.80 38.75 78.89
C VAL D 532 25.78 38.85 77.36
N LYS D 533 26.65 39.69 76.81
CA LYS D 533 26.88 39.85 75.34
C LYS D 533 28.31 39.39 75.02
N VAL D 534 28.44 38.29 74.27
CA VAL D 534 29.74 37.64 73.92
C VAL D 534 30.60 38.63 73.14
N SER D 535 29.98 39.45 72.27
CA SER D 535 30.63 40.53 71.49
C SER D 535 31.35 41.49 72.46
N ASP D 536 30.71 41.86 73.56
CA ASP D 536 31.27 42.79 74.58
C ASP D 536 32.42 42.12 75.33
N LEU D 537 32.24 40.88 75.79
CA LEU D 537 33.26 40.11 76.56
C LEU D 537 34.58 40.02 75.77
N LEU D 538 34.49 39.90 74.44
CA LEU D 538 35.68 39.78 73.55
C LEU D 538 36.53 41.05 73.65
N LEU D 539 35.88 42.22 73.54
CA LEU D 539 36.45 43.61 73.44
C LEU D 539 36.90 44.14 74.82
N SER D 540 36.35 43.60 75.91
CA SER D 540 36.78 43.85 77.31
C SER D 540 38.29 43.78 77.42
N THR D 541 38.88 44.78 78.09
CA THR D 541 40.35 45.00 78.22
C THR D 541 40.79 44.72 79.67
N ASP D 542 39.93 44.04 80.45
CA ASP D 542 40.25 43.54 81.82
C ASP D 542 40.78 42.11 81.68
N GLU D 543 42.01 41.84 82.12
CA GLU D 543 42.65 40.49 82.07
C GLU D 543 41.86 39.51 82.95
N ARG D 544 40.85 39.98 83.69
CA ARG D 544 39.99 39.13 84.58
C ARG D 544 38.72 38.71 83.84
N THR D 545 38.33 39.41 82.76
CA THR D 545 37.08 39.17 82.00
C THR D 545 36.79 37.66 81.87
N PHE D 546 37.80 36.84 81.50
CA PHE D 546 37.68 35.39 81.14
C PHE D 546 38.14 34.50 82.29
N ASP D 547 38.48 35.09 83.44
CA ASP D 547 38.61 34.35 84.72
C ASP D 547 37.21 33.85 85.10
N ASP D 548 36.15 34.64 84.77
CA ASP D 548 34.74 34.32 85.14
C ASP D 548 34.27 33.09 84.34
N ILE D 549 33.88 32.02 85.04
CA ILE D 549 33.60 30.70 84.43
C ILE D 549 32.47 30.84 83.38
N VAL D 550 31.49 31.73 83.60
CA VAL D 550 30.40 31.93 82.61
C VAL D 550 31.00 32.62 81.39
N HIS D 551 31.67 33.75 81.62
CA HIS D 551 32.35 34.53 80.55
C HIS D 551 33.22 33.58 79.71
N ALA D 552 33.88 32.61 80.34
CA ALA D 552 34.86 31.70 79.69
C ALA D 552 34.15 30.61 78.90
N PHE D 553 33.17 29.94 79.51
CA PHE D 553 32.36 28.85 78.91
C PHE D 553 31.62 29.35 77.66
N VAL D 554 30.89 30.47 77.80
CA VAL D 554 30.03 31.08 76.74
C VAL D 554 30.90 31.61 75.61
N SER D 555 32.10 32.08 75.91
CA SER D 555 32.98 32.73 74.90
C SER D 555 33.78 31.64 74.16
N LEU D 556 34.27 30.61 74.86
CA LEU D 556 34.96 29.42 74.28
C LEU D 556 34.12 28.85 73.14
N THR D 557 32.87 28.51 73.46
CA THR D 557 31.97 27.73 72.60
C THR D 557 31.54 28.63 71.43
N ALA D 558 31.22 29.90 71.69
CA ALA D 558 30.69 30.87 70.70
C ALA D 558 31.72 31.16 69.60
N ILE D 559 33.01 31.04 69.95
CA ILE D 559 34.21 31.27 69.08
C ILE D 559 34.48 30.01 68.26
N GLN D 560 34.30 28.83 68.86
CA GLN D 560 34.37 27.53 68.14
C GLN D 560 33.18 27.44 67.17
N ILE D 561 31.98 27.84 67.59
CA ILE D 561 30.82 27.87 66.66
C ILE D 561 31.23 28.73 65.45
N ALA D 562 31.79 29.92 65.67
CA ALA D 562 32.10 30.90 64.59
C ALA D 562 33.25 30.36 63.74
N LEU D 563 34.23 29.67 64.33
CA LEU D 563 35.27 28.98 63.53
C LEU D 563 34.55 27.99 62.62
N ILE D 564 33.68 27.16 63.17
CA ILE D 564 33.00 26.05 62.43
C ILE D 564 32.18 26.68 61.29
N ASP D 565 31.40 27.71 61.61
CA ASP D 565 30.64 28.52 60.61
C ASP D 565 31.60 28.90 59.46
N LEU D 566 32.79 29.43 59.75
CA LEU D 566 33.83 29.76 58.73
C LEU D 566 34.29 28.51 57.96
N LEU D 567 34.71 27.45 58.65
CA LEU D 567 35.24 26.23 57.97
C LEU D 567 34.21 25.67 56.99
N THR D 568 32.92 25.76 57.31
CA THR D 568 31.89 25.10 56.47
C THR D 568 31.59 26.09 55.34
N SER D 569 31.67 27.40 55.60
CA SER D 569 31.47 28.45 54.56
C SER D 569 32.51 28.27 53.45
N VAL D 570 33.68 27.67 53.71
CA VAL D 570 34.77 27.48 52.70
C VAL D 570 34.75 26.04 52.18
N GLY D 571 33.73 25.27 52.59
CA GLY D 571 33.36 23.99 51.97
C GLY D 571 33.90 22.79 52.72
N LEU D 572 34.68 22.98 53.78
CA LEU D 572 35.23 21.88 54.61
C LEU D 572 34.11 21.19 55.42
N LYS D 573 33.98 19.87 55.24
CA LYS D 573 33.01 19.01 55.95
C LYS D 573 33.79 17.88 56.61
N PRO D 574 33.64 17.71 57.93
CA PRO D 574 34.53 16.83 58.68
C PRO D 574 34.16 15.35 58.48
N ASP D 575 35.17 14.51 58.35
CA ASP D 575 35.03 13.02 58.35
C ASP D 575 34.98 12.50 59.80
N GLY D 576 35.70 13.15 60.72
CA GLY D 576 35.64 12.87 62.18
C GLY D 576 35.60 14.14 63.01
N ILE D 577 34.99 14.08 64.20
CA ILE D 577 34.84 15.20 65.16
C ILE D 577 35.14 14.69 66.58
N ILE D 578 36.18 15.20 67.25
CA ILE D 578 36.52 14.83 68.66
C ILE D 578 36.49 16.07 69.54
N GLY D 579 35.85 15.97 70.71
CA GLY D 579 35.80 17.02 71.76
C GLY D 579 36.80 16.81 72.90
N HIS D 580 37.05 17.86 73.66
CA HIS D 580 37.86 17.84 74.91
C HIS D 580 37.04 18.55 75.99
N SER D 581 36.17 17.83 76.70
CA SER D 581 35.50 18.35 77.91
C SER D 581 34.44 19.39 77.50
N LEU D 582 34.84 20.66 77.35
CA LEU D 582 33.95 21.81 76.99
C LEU D 582 33.82 21.87 75.46
N GLY D 583 34.77 21.25 74.75
CA GLY D 583 34.73 21.09 73.28
C GLY D 583 33.57 20.23 72.81
N GLU D 584 33.00 19.40 73.69
CA GLU D 584 31.90 18.48 73.29
C GLU D 584 30.61 19.28 73.03
N VAL D 585 30.49 20.51 73.55
CA VAL D 585 29.30 21.36 73.23
C VAL D 585 29.46 21.82 71.77
N ALA D 586 30.66 22.21 71.35
CA ALA D 586 30.95 22.61 69.95
C ALA D 586 30.84 21.40 69.01
N CYS D 587 31.45 20.25 69.33
CA CYS D 587 31.30 19.02 68.50
C CYS D 587 29.83 18.79 68.16
N GLY D 588 28.95 18.89 69.16
CA GLY D 588 27.49 18.82 69.00
C GLY D 588 27.01 19.67 67.83
N TYR D 589 27.51 20.91 67.72
CA TYR D 589 27.17 21.88 66.65
C TYR D 589 27.77 21.42 65.32
N ALA D 590 29.05 21.05 65.34
CA ALA D 590 29.81 20.54 64.17
C ALA D 590 29.23 19.20 63.67
N ASP D 591 28.38 18.52 64.45
CA ASP D 591 27.84 17.19 64.05
C ASP D 591 26.36 17.27 63.71
N GLY D 592 25.70 18.42 63.97
CA GLY D 592 24.29 18.67 63.62
C GLY D 592 23.28 18.36 64.72
N CYS D 593 23.74 17.93 65.92
CA CYS D 593 22.86 17.61 67.10
C CYS D 593 22.44 18.89 67.82
N LEU D 594 23.38 19.76 68.13
CA LEU D 594 23.07 21.01 68.85
C LEU D 594 22.85 22.07 67.78
N SER D 595 21.74 22.80 67.87
CA SER D 595 21.57 24.10 67.19
C SER D 595 22.60 25.08 67.79
N GLN D 596 22.78 26.25 67.16
CA GLN D 596 23.68 27.31 67.66
C GLN D 596 23.16 27.79 69.02
N ARG D 597 21.88 28.14 69.10
CA ARG D 597 21.19 28.66 70.32
C ARG D 597 21.31 27.61 71.44
N GLU D 598 21.09 26.34 71.11
CA GLU D 598 21.17 25.20 72.07
C GLU D 598 22.57 25.13 72.68
N ALA D 599 23.65 25.28 71.91
CA ALA D 599 25.05 25.07 72.38
C ALA D 599 25.52 26.24 73.27
N VAL D 600 25.26 27.49 72.85
CA VAL D 600 25.58 28.75 73.58
C VAL D 600 24.78 28.78 74.90
N LEU D 601 23.49 28.40 74.89
CA LEU D 601 22.68 28.32 76.14
C LEU D 601 23.14 27.17 77.04
N ALA D 602 23.52 26.01 76.50
CA ALA D 602 24.15 24.90 77.28
C ALA D 602 25.37 25.46 78.01
N ALA D 603 26.27 26.11 77.27
CA ALA D 603 27.53 26.69 77.81
C ALA D 603 27.22 27.60 78.99
N TYR D 604 26.32 28.57 78.80
CA TYR D 604 25.89 29.53 79.84
C TYR D 604 25.52 28.78 81.13
N TRP D 605 24.56 27.85 81.04
CA TRP D 605 23.95 27.15 82.20
C TRP D 605 24.98 26.18 82.80
N ARG D 606 25.79 25.51 81.98
CA ARG D 606 26.91 24.67 82.49
C ARG D 606 27.80 25.52 83.42
N GLY D 607 28.16 26.73 82.98
CA GLY D 607 29.07 27.64 83.71
C GLY D 607 28.38 28.26 84.92
N GLN D 608 27.13 28.72 84.80
CA GLN D 608 26.38 29.47 85.82
C GLN D 608 26.07 28.57 87.02
N CYS D 609 25.61 27.34 86.79
CA CYS D 609 25.26 26.36 87.85
C CYS D 609 26.48 25.98 88.70
N ILE D 610 27.63 25.75 88.07
CA ILE D 610 28.95 25.50 88.74
C ILE D 610 29.38 26.75 89.51
N LYS D 611 29.05 27.93 89.00
CA LYS D 611 29.39 29.23 89.60
C LYS D 611 28.58 29.46 90.88
N ASP D 612 27.28 29.11 90.85
CA ASP D 612 26.29 29.33 91.94
C ASP D 612 26.65 28.50 93.16
N ALA D 613 27.42 27.43 92.96
CA ALA D 613 27.97 26.52 94.00
C ALA D 613 29.06 27.22 94.83
N HIS D 614 29.80 28.15 94.24
CA HIS D 614 30.97 28.85 94.84
C HIS D 614 31.97 27.80 95.35
N LEU D 615 32.46 26.94 94.46
CA LEU D 615 33.40 25.86 94.84
C LEU D 615 34.70 26.49 95.32
N PRO D 616 35.41 25.87 96.27
CA PRO D 616 36.72 26.38 96.70
C PRO D 616 37.68 26.36 95.52
N PRO D 617 38.83 27.07 95.58
CA PRO D 617 39.77 27.11 94.46
C PRO D 617 40.24 25.71 94.04
N GLY D 618 40.40 25.53 92.72
CA GLY D 618 40.92 24.30 92.10
C GLY D 618 42.18 24.58 91.29
N SER D 619 42.90 23.54 90.91
CA SER D 619 44.00 23.56 89.92
C SER D 619 43.92 22.27 89.08
N MET D 620 43.85 22.41 87.76
CA MET D 620 44.11 21.31 86.80
C MET D 620 45.49 21.56 86.19
N ALA D 621 46.35 20.55 86.16
CA ALA D 621 47.75 20.63 85.69
C ALA D 621 48.05 19.43 84.81
N ALA D 622 48.60 19.63 83.61
CA ALA D 622 49.00 18.55 82.68
C ALA D 622 50.38 18.05 83.10
N VAL D 623 50.51 16.74 83.39
CA VAL D 623 51.75 16.12 83.94
C VAL D 623 52.18 14.96 83.04
N GLY D 624 53.49 14.86 82.79
CA GLY D 624 54.10 13.91 81.84
C GLY D 624 54.24 12.51 82.42
N LEU D 625 53.11 11.91 82.79
CA LEU D 625 53.00 10.51 83.32
C LEU D 625 52.01 9.75 82.42
N SER D 626 51.91 8.42 82.60
CA SER D 626 50.82 7.59 82.02
C SER D 626 49.58 7.74 82.91
N TRP D 627 48.38 7.42 82.39
CA TRP D 627 47.12 7.49 83.16
C TRP D 627 47.22 6.62 84.41
N GLU D 628 47.75 5.40 84.25
CA GLU D 628 47.74 4.31 85.26
C GLU D 628 48.69 4.67 86.43
N GLU D 629 49.77 5.40 86.15
CA GLU D 629 50.83 5.74 87.16
C GLU D 629 50.55 7.15 87.73
N CYS D 630 49.47 7.80 87.32
CA CYS D 630 48.93 9.03 87.97
C CYS D 630 48.04 8.61 89.15
N LYS D 631 47.25 7.54 88.98
CA LYS D 631 46.38 6.95 90.04
C LYS D 631 47.19 6.82 91.35
N GLN D 632 48.23 5.99 91.33
CA GLN D 632 48.95 5.47 92.53
C GLN D 632 50.06 6.42 92.99
N ARG D 633 50.36 7.49 92.24
CA ARG D 633 51.38 8.52 92.60
C ARG D 633 50.68 9.82 93.05
N CYS D 634 49.35 9.92 92.91
CA CYS D 634 48.53 11.13 93.26
C CYS D 634 48.26 11.18 94.76
N PRO D 635 48.47 12.36 95.41
CA PRO D 635 47.91 12.61 96.75
C PRO D 635 46.37 12.53 96.73
N ALA D 636 45.75 12.11 97.83
CA ALA D 636 44.28 12.01 97.97
C ALA D 636 43.70 13.44 98.00
N GLY D 637 42.52 13.63 97.41
CA GLY D 637 41.94 14.94 97.09
C GLY D 637 42.20 15.31 95.63
N VAL D 638 43.33 14.83 95.08
CA VAL D 638 43.72 14.93 93.63
C VAL D 638 43.37 13.62 92.91
N VAL D 639 43.00 13.71 91.63
CA VAL D 639 42.63 12.60 90.72
C VAL D 639 43.11 12.93 89.31
N PRO D 640 43.33 11.93 88.43
CA PRO D 640 43.49 12.17 87.00
C PRO D 640 42.13 12.48 86.33
N ALA D 641 42.10 13.52 85.49
CA ALA D 641 40.87 14.13 84.92
C ALA D 641 40.85 14.03 83.38
N CYS D 642 42.02 14.15 82.71
CA CYS D 642 42.10 14.17 81.23
C CYS D 642 43.23 13.25 80.77
N HIS D 643 42.92 12.20 79.98
CA HIS D 643 43.93 11.32 79.32
C HIS D 643 44.25 11.93 77.94
N ASN D 644 45.19 12.88 77.91
CA ASN D 644 45.48 13.72 76.71
C ASN D 644 46.18 12.85 75.66
N SER D 645 47.51 12.67 75.77
CA SER D 645 48.29 11.63 75.07
C SER D 645 48.54 10.47 76.05
N GLU D 646 49.30 9.45 75.64
CA GLU D 646 49.69 8.32 76.54
C GLU D 646 50.64 8.89 77.62
N ASP D 647 51.39 9.94 77.28
CA ASP D 647 52.44 10.58 78.12
C ASP D 647 51.98 11.88 78.78
N THR D 648 50.68 12.20 78.76
CA THR D 648 50.15 13.51 79.25
C THR D 648 48.78 13.30 79.90
N VAL D 649 48.69 13.57 81.20
CA VAL D 649 47.42 13.42 81.99
C VAL D 649 47.20 14.70 82.79
N THR D 650 46.01 15.27 82.67
CA THR D 650 45.58 16.46 83.45
C THR D 650 45.01 15.93 84.76
N ILE D 651 45.60 16.39 85.88
CA ILE D 651 45.20 16.06 87.28
C ILE D 651 44.38 17.24 87.85
N SER D 652 43.12 16.97 88.20
CA SER D 652 42.21 17.92 88.89
C SER D 652 42.27 17.66 90.40
N GLY D 653 42.35 18.71 91.20
CA GLY D 653 42.27 18.63 92.67
C GLY D 653 42.26 20.00 93.33
N PRO D 654 42.33 20.06 94.68
CA PRO D 654 42.50 21.33 95.40
C PRO D 654 43.76 22.14 95.03
N GLN D 655 43.58 23.44 94.79
CA GLN D 655 44.65 24.42 94.43
C GLN D 655 45.92 24.14 95.23
N ALA D 656 45.78 23.86 96.53
CA ALA D 656 46.88 23.54 97.47
C ALA D 656 47.54 22.21 97.08
N ALA D 657 46.78 21.11 97.15
CA ALA D 657 47.23 19.71 96.97
C ALA D 657 47.99 19.55 95.65
N VAL D 658 47.52 20.23 94.59
CA VAL D 658 47.98 20.05 93.18
C VAL D 658 49.22 20.91 92.93
N ASN D 659 49.28 22.15 93.45
CA ASN D 659 50.40 23.11 93.21
C ASN D 659 51.63 22.64 94.00
N GLU D 660 51.42 22.01 95.17
CA GLU D 660 52.44 21.24 95.93
C GLU D 660 52.95 20.07 95.08
N PHE D 661 52.05 19.17 94.66
CA PHE D 661 52.35 17.91 93.90
C PHE D 661 52.88 18.21 92.48
N VAL D 662 52.63 19.41 91.93
CA VAL D 662 53.14 19.86 90.59
C VAL D 662 54.63 20.22 90.73
N GLU D 663 54.97 21.06 91.71
CA GLU D 663 56.38 21.50 91.98
C GLU D 663 57.19 20.30 92.49
N GLN D 664 56.56 19.37 93.22
CA GLN D 664 57.17 18.12 93.77
C GLN D 664 57.37 17.08 92.65
N LEU D 665 56.66 17.25 91.53
CA LEU D 665 56.77 16.41 90.29
C LEU D 665 57.68 17.11 89.27
N LYS D 666 58.19 18.31 89.59
CA LYS D 666 59.16 19.06 88.76
C LYS D 666 60.57 18.92 89.36
N GLN D 667 60.69 18.79 90.69
CA GLN D 667 61.98 18.66 91.43
C GLN D 667 62.64 17.31 91.13
N GLU D 668 61.86 16.31 90.69
CA GLU D 668 62.39 15.03 90.13
C GLU D 668 62.28 15.05 88.59
N GLY D 669 62.25 16.26 88.00
CA GLY D 669 62.49 16.56 86.57
C GLY D 669 61.44 16.01 85.61
N VAL D 670 60.16 15.95 86.00
CA VAL D 670 59.04 15.47 85.14
C VAL D 670 58.25 16.68 84.62
N PHE D 671 57.63 16.54 83.44
CA PHE D 671 56.83 17.58 82.75
C PHE D 671 55.66 17.99 83.65
N ALA D 672 55.47 19.30 83.84
CA ALA D 672 54.28 19.89 84.50
C ALA D 672 53.95 21.22 83.80
N LYS D 673 52.75 21.76 84.05
CA LYS D 673 52.25 23.07 83.52
C LYS D 673 50.77 23.22 83.90
N GLU D 674 50.43 24.24 84.69
CA GLU D 674 49.02 24.48 85.10
C GLU D 674 48.21 24.66 83.81
N VAL D 675 46.89 24.42 83.89
CA VAL D 675 45.88 24.76 82.83
C VAL D 675 45.06 25.93 83.38
N ARG D 676 45.08 27.08 82.70
CA ARG D 676 44.27 28.27 83.08
C ARG D 676 42.82 27.82 83.21
N THR D 677 42.25 27.87 84.41
CA THR D 677 40.86 27.44 84.68
C THR D 677 40.11 28.54 85.45
N GLY D 678 40.79 29.66 85.76
CA GLY D 678 40.33 30.63 86.77
C GLY D 678 39.97 29.92 88.07
N GLY D 679 40.87 29.04 88.53
CA GLY D 679 40.77 28.28 89.78
C GLY D 679 39.63 27.27 89.80
N LEU D 680 39.25 26.70 88.65
CA LEU D 680 38.20 25.66 88.56
C LEU D 680 38.86 24.27 88.37
N ALA D 681 38.30 23.28 89.04
CA ALA D 681 38.70 21.85 89.01
C ALA D 681 37.46 21.02 89.35
N PHE D 682 37.48 19.71 89.10
CA PHE D 682 36.41 18.78 89.57
C PHE D 682 36.35 18.79 91.09
N HIS D 683 35.16 19.09 91.64
CA HIS D 683 34.78 18.85 93.06
C HIS D 683 33.72 17.73 93.06
N SER D 684 33.72 16.89 94.10
CA SER D 684 32.74 15.79 94.34
C SER D 684 31.36 16.37 94.67
N TYR D 685 31.26 17.66 94.98
CA TYR D 685 29.97 18.36 95.26
C TYR D 685 29.12 18.52 94.00
N PHE D 686 29.70 18.39 92.80
CA PHE D 686 28.95 18.54 91.53
C PHE D 686 27.94 17.40 91.35
N MET D 687 28.35 16.15 91.59
CA MET D 687 27.56 14.91 91.31
C MET D 687 26.10 15.07 91.80
N GLU D 688 25.89 15.54 93.04
CA GLU D 688 24.55 15.63 93.71
C GLU D 688 24.16 17.07 94.05
N GLY D 689 25.13 17.99 94.09
CA GLY D 689 24.93 19.39 94.48
C GLY D 689 24.56 20.27 93.29
N ILE D 690 25.37 20.21 92.22
CA ILE D 690 25.20 21.05 90.98
C ILE D 690 24.35 20.27 89.96
N ALA D 691 24.72 19.00 89.68
CA ALA D 691 24.22 18.22 88.51
C ALA D 691 22.69 18.18 88.48
N PRO D 692 21.98 17.68 89.51
CA PRO D 692 20.53 17.83 89.60
C PRO D 692 19.93 19.11 89.02
N THR D 693 20.45 20.26 89.42
CA THR D 693 19.91 21.61 89.09
C THR D 693 20.26 22.01 87.65
N LEU D 694 21.37 21.50 87.13
CA LEU D 694 21.88 21.80 85.77
C LEU D 694 21.08 20.96 84.75
N LEU D 695 21.00 19.64 84.98
CA LEU D 695 20.15 18.67 84.24
C LEU D 695 18.78 19.30 83.98
N GLN D 696 18.16 19.92 85.00
CA GLN D 696 16.80 20.53 84.94
C GLN D 696 16.77 21.74 83.99
N ALA D 697 17.84 22.55 83.97
CA ALA D 697 17.93 23.77 83.14
C ALA D 697 18.37 23.39 81.72
N LEU D 698 19.18 22.34 81.55
CA LEU D 698 19.57 21.80 80.22
C LEU D 698 18.41 21.02 79.58
N LYS D 699 17.47 20.48 80.38
CA LYS D 699 16.22 19.83 79.89
C LYS D 699 15.39 20.86 79.08
N LYS D 700 15.47 22.16 79.44
CA LYS D 700 14.67 23.25 78.81
C LYS D 700 15.36 23.79 77.55
N VAL D 701 16.69 23.67 77.47
CA VAL D 701 17.51 24.16 76.32
C VAL D 701 17.49 23.12 75.19
N ILE D 702 17.74 21.85 75.52
CA ILE D 702 17.74 20.70 74.59
C ILE D 702 16.41 19.93 74.78
N ARG D 703 15.32 20.51 74.26
CA ARG D 703 13.91 19.98 74.35
C ARG D 703 13.81 18.59 73.68
N GLU D 704 14.22 18.47 72.41
CA GLU D 704 14.15 17.19 71.64
C GLU D 704 15.57 16.74 71.31
N PRO D 705 16.22 15.97 72.22
CA PRO D 705 17.54 15.39 71.93
C PRO D 705 17.67 14.72 70.54
N ARG D 706 18.49 15.27 69.64
CA ARG D 706 18.87 14.72 68.31
C ARG D 706 19.98 13.68 68.45
N PRO D 707 20.13 12.73 67.50
CA PRO D 707 21.17 11.70 67.58
C PRO D 707 22.58 12.22 67.25
N ARG D 708 23.57 11.34 67.22
CA ARG D 708 25.01 11.66 67.02
C ARG D 708 25.57 10.73 65.95
N SER D 709 26.11 11.30 64.86
CA SER D 709 26.73 10.56 63.72
C SER D 709 27.85 9.62 64.20
N ALA D 710 28.16 8.59 63.42
CA ALA D 710 29.31 7.69 63.65
C ALA D 710 30.61 8.51 63.63
N ARG D 711 30.54 9.77 63.20
CA ARG D 711 31.73 10.63 62.94
C ARG D 711 32.22 11.22 64.26
N TRP D 712 31.32 11.70 65.11
CA TRP D 712 31.65 12.37 66.40
C TRP D 712 31.95 11.32 67.47
N LEU D 713 33.22 11.13 67.82
CA LEU D 713 33.69 10.20 68.88
C LEU D 713 33.60 10.86 70.27
N SER D 714 32.86 10.23 71.19
CA SER D 714 32.77 10.63 72.62
C SER D 714 34.14 10.42 73.27
N THR D 715 34.62 11.46 73.95
CA THR D 715 35.75 11.42 74.91
C THR D 715 35.16 11.31 76.32
N SER D 716 33.89 11.67 76.51
CA SER D 716 33.20 11.73 77.81
C SER D 716 32.71 10.33 78.19
N ILE D 717 32.40 9.51 77.18
CA ILE D 717 31.88 8.11 77.33
C ILE D 717 32.87 7.15 76.69
N PRO D 718 33.30 6.06 77.36
CA PRO D 718 34.28 5.15 76.77
C PRO D 718 33.65 4.42 75.58
N GLU D 719 34.50 3.88 74.70
CA GLU D 719 34.10 3.29 73.41
C GLU D 719 33.09 2.16 73.65
N ALA D 720 33.44 1.20 74.52
CA ALA D 720 32.55 0.11 74.98
C ALA D 720 31.09 0.60 75.00
N GLN D 721 30.82 1.74 75.64
CA GLN D 721 29.45 2.24 75.93
C GLN D 721 28.93 3.21 74.84
N TRP D 722 29.62 3.38 73.70
CA TRP D 722 29.13 4.25 72.60
C TRP D 722 27.76 3.77 72.10
N GLN D 723 27.44 2.47 72.26
CA GLN D 723 26.18 1.88 71.75
C GLN D 723 25.07 2.11 72.79
N SER D 724 25.42 2.63 73.98
CA SER D 724 24.48 2.97 75.10
C SER D 724 23.57 4.15 74.72
N SER D 725 22.48 4.33 75.47
CA SER D 725 21.31 5.18 75.11
C SER D 725 21.52 6.64 75.57
N LEU D 726 22.43 6.87 76.53
CA LEU D 726 22.96 8.20 76.93
C LEU D 726 23.79 8.77 75.76
N ALA D 727 24.66 7.91 75.21
CA ALA D 727 25.65 8.16 74.13
C ALA D 727 25.00 8.30 72.74
N ARG D 728 23.76 7.84 72.53
CA ARG D 728 23.05 7.96 71.23
C ARG D 728 22.83 9.44 70.86
N THR D 729 22.60 10.31 71.85
CA THR D 729 21.95 11.64 71.70
C THR D 729 22.78 12.73 72.42
N SER D 730 22.91 13.93 71.85
CA SER D 730 23.43 15.15 72.55
C SER D 730 22.30 15.75 73.39
N SER D 731 22.02 15.09 74.52
CA SER D 731 20.89 15.34 75.45
C SER D 731 21.33 16.30 76.56
N ALA D 732 20.38 16.84 77.34
CA ALA D 732 20.70 17.43 78.66
C ALA D 732 21.62 16.46 79.39
N GLU D 733 21.29 15.17 79.40
CA GLU D 733 22.01 14.11 80.16
C GLU D 733 23.46 14.04 79.67
N TYR D 734 23.68 13.92 78.36
CA TYR D 734 25.03 13.69 77.76
C TYR D 734 25.98 14.79 78.24
N ASN D 735 25.46 16.04 78.28
CA ASN D 735 26.17 17.35 78.43
C ASN D 735 26.24 17.75 79.92
N VAL D 736 25.64 16.95 80.82
CA VAL D 736 25.90 17.01 82.29
C VAL D 736 27.01 15.98 82.60
N ASN D 737 26.90 14.76 82.08
CA ASN D 737 27.88 13.67 82.29
C ASN D 737 29.26 14.10 81.74
N ASN D 738 29.25 15.00 80.75
CA ASN D 738 30.43 15.63 80.08
C ASN D 738 31.38 16.31 81.06
N LEU D 739 30.83 17.11 82.00
CA LEU D 739 31.53 18.04 82.92
C LEU D 739 32.33 17.27 83.99
N VAL D 740 32.08 15.98 84.16
CA VAL D 740 32.58 15.20 85.33
C VAL D 740 33.16 13.86 84.90
N SER D 741 32.92 13.40 83.67
CA SER D 741 33.46 12.12 83.18
C SER D 741 34.88 12.38 82.70
N PRO D 742 35.89 11.64 83.22
CA PRO D 742 37.28 11.87 82.83
C PRO D 742 37.39 11.87 81.30
N VAL D 743 38.21 12.78 80.76
CA VAL D 743 38.38 13.03 79.30
C VAL D 743 39.26 11.92 78.70
N LEU D 744 38.61 11.00 77.97
CA LEU D 744 39.19 9.83 77.26
C LEU D 744 39.57 10.27 75.83
N PHE D 745 40.61 11.09 75.75
CA PHE D 745 41.03 11.85 74.54
C PHE D 745 41.96 11.00 73.68
N GLN D 746 43.12 10.56 74.18
CA GLN D 746 44.07 9.72 73.38
C GLN D 746 43.39 8.45 72.93
N GLU D 747 42.34 8.00 73.64
CA GLU D 747 41.51 6.82 73.29
C GLU D 747 40.90 7.03 71.89
N ALA D 748 40.26 8.18 71.67
CA ALA D 748 39.57 8.55 70.41
C ALA D 748 40.56 9.02 69.33
N LEU D 749 41.86 9.19 69.65
CA LEU D 749 42.90 9.68 68.71
C LEU D 749 43.51 8.48 67.98
N TRP D 750 43.41 7.29 68.58
CA TRP D 750 43.81 6.01 67.94
C TRP D 750 42.96 5.81 66.70
N HIS D 751 41.69 6.27 66.73
CA HIS D 751 40.69 6.06 65.65
C HIS D 751 40.93 6.96 64.43
N ILE D 752 41.82 7.95 64.52
CA ILE D 752 42.11 8.84 63.37
C ILE D 752 42.99 8.06 62.39
N PRO D 753 42.55 7.90 61.11
CA PRO D 753 43.21 7.03 60.15
C PRO D 753 44.55 7.59 59.66
N GLU D 754 45.35 6.79 58.95
CA GLU D 754 46.66 7.23 58.39
C GLU D 754 46.42 8.41 57.43
N HIS D 755 47.42 9.26 57.25
CA HIS D 755 47.49 10.32 56.20
C HIS D 755 46.33 11.31 56.35
N ALA D 756 45.85 11.57 57.57
CA ALA D 756 44.70 12.44 57.85
C ALA D 756 45.16 13.87 58.10
N VAL D 757 44.19 14.78 58.15
CA VAL D 757 44.42 16.26 58.29
C VAL D 757 43.54 16.73 59.45
N VAL D 758 44.17 17.14 60.53
CA VAL D 758 43.46 17.42 61.81
C VAL D 758 43.51 18.91 62.11
N LEU D 759 42.34 19.54 62.26
CA LEU D 759 42.22 20.97 62.61
C LEU D 759 41.87 21.08 64.11
N GLU D 760 42.69 21.78 64.89
CA GLU D 760 42.29 22.23 66.26
C GLU D 760 41.42 23.49 66.15
N ILE D 761 40.13 23.37 66.48
CA ILE D 761 39.13 24.48 66.53
C ILE D 761 39.08 25.04 67.95
N ALA D 762 39.97 25.99 68.23
CA ALA D 762 40.13 26.67 69.53
C ALA D 762 40.69 28.07 69.28
N PRO D 763 40.32 29.04 70.15
CA PRO D 763 40.86 30.39 70.03
C PRO D 763 42.37 30.39 70.31
N HIS D 764 42.90 29.35 70.93
CA HIS D 764 44.35 29.08 70.94
C HIS D 764 44.53 27.56 70.79
N ALA D 765 45.49 27.17 69.95
CA ALA D 765 45.75 25.77 69.58
C ALA D 765 46.60 25.12 70.67
N LEU D 766 45.95 24.87 71.83
CA LEU D 766 46.60 24.31 73.05
C LEU D 766 47.07 22.86 72.81
N LEU D 767 46.26 22.06 72.11
CA LEU D 767 46.40 20.58 72.07
C LEU D 767 47.42 20.15 71.02
N GLN D 768 48.08 21.09 70.34
CA GLN D 768 48.96 20.80 69.15
C GLN D 768 50.00 19.73 69.49
N ALA D 769 50.78 19.95 70.56
CA ALA D 769 51.86 19.05 71.02
C ALA D 769 51.26 17.69 71.43
N VAL D 770 50.00 17.69 71.89
CA VAL D 770 49.25 16.48 72.33
C VAL D 770 48.83 15.66 71.11
N LEU D 771 48.22 16.32 70.12
CA LEU D 771 47.74 15.70 68.84
C LEU D 771 48.95 15.10 68.09
N LYS D 772 50.10 15.81 68.09
CA LYS D 772 51.38 15.37 67.44
C LYS D 772 51.78 13.98 67.96
N ARG D 773 51.87 13.86 69.29
CA ARG D 773 52.12 12.61 70.06
C ARG D 773 50.99 11.60 69.80
N GLY D 774 49.75 12.05 69.96
CA GLY D 774 48.55 11.22 70.08
C GLY D 774 48.17 10.54 68.78
N VAL D 775 48.31 11.22 67.64
CA VAL D 775 47.89 10.69 66.31
C VAL D 775 49.13 10.21 65.54
N LYS D 776 48.89 9.35 64.54
CA LYS D 776 49.93 8.69 63.69
C LYS D 776 50.88 9.72 63.10
N SER D 777 52.15 9.35 62.90
CA SER D 777 53.24 10.21 62.37
C SER D 777 52.84 10.84 61.02
N SER D 778 52.09 10.11 60.18
CA SER D 778 51.77 10.48 58.77
C SER D 778 50.80 11.67 58.71
N CYS D 779 50.19 12.05 59.84
CA CYS D 779 49.08 13.02 59.90
C CYS D 779 49.61 14.45 59.86
N THR D 780 48.80 15.33 59.27
CA THR D 780 48.97 16.80 59.29
C THR D 780 48.02 17.37 60.35
N ILE D 781 48.60 18.13 61.27
CA ILE D 781 47.91 18.79 62.41
C ILE D 781 47.98 20.29 62.11
N ILE D 782 46.83 20.96 62.10
CA ILE D 782 46.75 22.40 61.72
C ILE D 782 46.12 23.22 62.85
N PRO D 783 46.84 24.20 63.42
CA PRO D 783 46.20 25.16 64.31
C PRO D 783 45.20 26.01 63.52
N LEU D 784 44.34 26.75 64.19
CA LEU D 784 43.55 27.78 63.48
C LEU D 784 43.79 29.14 64.12
N MET D 785 44.15 29.19 65.40
CA MET D 785 44.42 30.46 66.13
C MET D 785 45.57 30.28 67.12
N LYS D 786 46.36 31.34 67.31
CA LYS D 786 47.48 31.39 68.28
C LYS D 786 47.21 32.56 69.23
N ARG D 787 47.59 32.39 70.50
CA ARG D 787 47.33 33.32 71.62
C ARG D 787 48.38 34.43 71.57
N ASP D 788 47.92 35.69 71.62
CA ASP D 788 48.71 36.95 71.74
C ASP D 788 49.27 37.34 70.36
N HIS D 789 49.60 36.37 69.49
CA HIS D 789 49.91 36.55 68.04
C HIS D 789 49.38 37.88 67.50
N LYS D 790 50.18 38.57 66.67
CA LYS D 790 49.92 39.98 66.27
C LYS D 790 48.58 40.05 65.51
N ASP D 791 48.40 39.21 64.48
CA ASP D 791 47.18 39.19 63.61
C ASP D 791 46.70 37.74 63.43
N ASN D 792 45.62 37.34 64.10
CA ASN D 792 45.11 35.94 64.08
C ASN D 792 44.41 35.68 62.74
N LEU D 793 43.93 36.73 62.07
CA LEU D 793 43.33 36.59 60.72
C LEU D 793 44.40 36.11 59.72
N GLU D 794 45.59 36.71 59.71
CA GLU D 794 46.72 36.19 58.90
C GLU D 794 47.01 34.74 59.30
N PHE D 795 46.94 34.43 60.59
CA PHE D 795 47.28 33.07 61.12
C PHE D 795 46.26 32.06 60.61
N PHE D 796 45.00 32.48 60.50
CA PHE D 796 43.87 31.63 60.07
C PHE D 796 44.01 31.32 58.59
N LEU D 797 44.08 32.38 57.79
CA LEU D 797 44.21 32.28 56.31
C LEU D 797 45.46 31.47 56.00
N THR D 798 46.51 31.60 56.80
CA THR D 798 47.78 30.87 56.58
C THR D 798 47.56 29.37 56.73
N ASN D 799 46.63 28.98 57.59
CA ASN D 799 46.44 27.57 58.00
C ASN D 799 45.41 26.90 57.08
N LEU D 800 44.33 27.59 56.67
CA LEU D 800 43.44 27.14 55.56
C LEU D 800 44.30 26.80 54.33
N GLY D 801 45.19 27.72 53.94
CA GLY D 801 46.21 27.50 52.91
C GLY D 801 46.93 26.18 53.09
N LYS D 802 47.38 25.88 54.31
CA LYS D 802 48.12 24.62 54.61
C LYS D 802 47.22 23.40 54.34
N VAL D 803 45.90 23.59 54.44
CA VAL D 803 44.86 22.55 54.19
C VAL D 803 44.76 22.35 52.67
N HIS D 804 44.55 23.43 51.93
CA HIS D 804 44.53 23.45 50.44
C HIS D 804 45.75 22.69 49.92
N LEU D 805 46.87 22.82 50.62
CA LEU D 805 48.19 22.22 50.28
C LEU D 805 48.14 20.70 50.42
N THR D 806 47.18 20.16 51.16
CA THR D 806 47.11 18.71 51.52
C THR D 806 46.43 17.97 50.37
N GLY D 807 45.63 18.68 49.58
CA GLY D 807 44.79 18.12 48.51
C GLY D 807 43.33 18.38 48.78
N ILE D 808 42.99 18.64 50.03
CA ILE D 808 41.59 18.98 50.43
C ILE D 808 41.25 20.34 49.82
N ASN D 809 40.09 20.46 49.17
CA ASN D 809 39.66 21.72 48.50
C ASN D 809 39.06 22.68 49.54
N VAL D 810 39.52 23.93 49.47
CA VAL D 810 39.11 25.08 50.32
C VAL D 810 38.82 26.28 49.40
N ASN D 811 37.68 26.95 49.56
CA ASN D 811 37.37 28.13 48.72
C ASN D 811 37.29 29.35 49.62
N PRO D 812 38.43 30.06 49.77
CA PRO D 812 38.48 31.25 50.61
C PRO D 812 37.46 32.33 50.21
N ASN D 813 36.88 32.27 49.01
CA ASN D 813 36.05 33.41 48.53
C ASN D 813 34.94 33.70 49.56
N ALA D 814 34.36 32.69 50.21
CA ALA D 814 33.17 32.82 51.09
C ALA D 814 33.47 33.59 52.40
N LEU D 815 34.73 33.59 52.87
CA LEU D 815 35.17 34.30 54.09
C LEU D 815 34.92 35.80 53.92
N PHE D 816 34.86 36.29 52.68
CA PHE D 816 34.80 37.73 52.35
C PHE D 816 33.49 38.00 51.61
N PRO D 817 33.08 39.28 51.51
CA PRO D 817 31.79 39.62 50.94
C PRO D 817 31.85 39.27 49.46
N PRO D 818 30.80 38.68 48.85
CA PRO D 818 30.94 38.08 47.52
C PRO D 818 31.17 39.19 46.50
N VAL D 819 32.09 39.01 45.57
CA VAL D 819 32.33 39.94 44.42
C VAL D 819 31.08 39.90 43.52
N GLU D 820 30.64 41.03 43.00
CA GLU D 820 29.56 41.05 41.98
C GLU D 820 30.23 40.89 40.61
N PHE D 821 29.85 39.86 39.87
CA PHE D 821 30.22 39.63 38.44
C PHE D 821 29.05 40.10 37.58
N PRO D 822 29.20 40.25 36.25
CA PRO D 822 30.47 40.08 35.55
C PRO D 822 31.65 40.87 36.15
N ALA D 823 32.82 40.24 36.24
CA ALA D 823 34.09 40.91 36.63
C ALA D 823 34.30 42.14 35.76
N PRO D 824 35.05 43.14 36.25
CA PRO D 824 35.16 44.39 35.53
C PRO D 824 36.13 44.19 34.35
N ARG D 825 35.92 44.99 33.32
CA ARG D 825 36.73 45.02 32.07
C ARG D 825 38.19 45.27 32.39
N GLY D 826 39.08 44.61 31.66
CA GLY D 826 40.53 44.77 31.85
C GLY D 826 41.03 43.95 33.02
N THR D 827 40.19 43.10 33.62
CA THR D 827 40.69 42.04 34.51
C THR D 827 41.77 41.30 33.72
N PRO D 828 42.95 41.02 34.30
CA PRO D 828 44.02 40.34 33.57
C PRO D 828 43.59 39.02 32.91
N LEU D 829 44.20 38.69 31.77
CA LEU D 829 44.10 37.35 31.15
C LEU D 829 44.67 36.31 32.13
N ILE D 830 44.03 35.15 32.19
CA ILE D 830 44.47 33.94 32.95
C ILE D 830 45.05 32.92 31.97
N SER D 831 44.54 32.84 30.74
CA SER D 831 44.90 31.79 29.74
C SER D 831 46.41 31.70 29.61
N PRO D 832 47.13 32.83 29.53
CA PRO D 832 48.58 32.77 29.33
C PRO D 832 49.41 32.31 30.55
N HIS D 833 48.83 32.21 31.74
CA HIS D 833 49.57 31.79 32.95
C HIS D 833 49.25 30.35 33.31
N ILE D 834 48.63 29.60 32.41
CA ILE D 834 48.40 28.14 32.58
C ILE D 834 49.59 27.39 31.98
N LYS D 835 50.52 26.91 32.80
CA LYS D 835 51.72 26.20 32.31
C LYS D 835 51.47 24.70 32.41
N TRP D 836 51.87 23.97 31.39
CA TRP D 836 51.74 22.50 31.29
C TRP D 836 53.09 21.90 31.59
N ASP D 837 53.12 20.59 31.75
CA ASP D 837 54.34 19.75 31.72
C ASP D 837 54.53 19.40 30.26
N HIS D 838 55.54 20.01 29.62
CA HIS D 838 55.89 19.84 28.20
C HIS D 838 57.28 19.22 28.09
N SER D 839 57.63 18.35 29.03
CA SER D 839 58.94 17.63 29.02
C SER D 839 59.00 16.72 27.79
N GLN D 840 57.87 16.15 27.38
CA GLN D 840 57.79 15.15 26.30
C GLN D 840 57.71 15.87 24.95
N THR D 841 58.13 15.19 23.88
CA THR D 841 58.02 15.64 22.47
C THR D 841 57.36 14.55 21.63
N TRP D 842 56.29 14.90 20.90
CA TRP D 842 55.47 13.96 20.10
C TRP D 842 55.70 14.13 18.58
N ASP D 843 55.47 13.06 17.81
CA ASP D 843 55.67 13.09 16.33
C ASP D 843 54.77 14.19 15.78
N VAL D 844 55.27 14.96 14.82
CA VAL D 844 54.49 15.85 13.94
C VAL D 844 54.71 15.38 12.50
N PRO D 845 53.64 15.25 11.69
CA PRO D 845 53.78 14.91 10.28
C PRO D 845 54.63 15.97 9.60
N VAL D 846 55.46 15.53 8.65
CA VAL D 846 56.39 16.39 7.86
C VAL D 846 56.04 16.22 6.38
N ALA D 847 56.55 17.09 5.51
CA ALA D 847 56.12 17.22 4.10
C ALA D 847 56.45 15.91 3.35
N GLU D 848 57.58 15.28 3.68
CA GLU D 848 57.99 13.99 3.07
C GLU D 848 56.93 12.91 3.32
N ASP D 849 56.04 13.06 4.31
CA ASP D 849 54.96 12.07 4.62
C ASP D 849 53.82 12.14 3.60
N PHE D 850 53.74 13.22 2.84
CA PHE D 850 52.73 13.38 1.77
C PHE D 850 53.34 12.99 0.43
N PRO D 851 52.50 12.74 -0.59
CA PRO D 851 53.00 12.48 -1.95
C PRO D 851 53.53 13.70 -2.75
N ASN D 852 54.47 13.49 -3.68
CA ASN D 852 55.22 14.57 -4.41
C ASN D 852 55.48 14.22 -5.89
#